data_6SIH
#
_entry.id   6SIH
#
_entity_poly.entity_id   1
_entity_poly.type   'polypeptide(L)'
_entity_poly.pdbx_seq_one_letter_code
;MGSSHHHHHHSSGLVPRGSHMAFGSLSSLGFGSGVLTQDTIDKLKEAEQKARIDPYTKKIEENTTKQKDLTEIKTKLLSF
QTAVSSLADATVFAKRKVVGSISDNPPASLTVNSGVALQSMNINVTQLAQKDVYQSKGLANDSGFVNANLTGTTDLTFFS
NGKEYTVTVDKNTTYRDLADKINEASGGEIVAKIVNTGEKGTPYRLTLTSKETGEDSAISFYAGKKDAQGQYQSDPEAEN
IFSNLGWELDKTTQTIDPAKDKKGYGIKDASLHIQTAQNAEFTLDGIKMFRSSNTVTDLGVGMTLTLNKTGEINFDVQQD
FEGVTKAMQDLVDAYNDLVTNLNAATDYNSETGTKGTLQGISEVNSIRSSILADLFDSQVVDGTTEDANGNKVNTKVMLS
MQDFGLSLNDAGTLSFDSSKFEQKVKEDPDSTESFFSNITKYEDINHTGEVIKQGSLNQYLDSSGTGNKGLDFKPGDFTI
VFNNQTYDLSKNSDGTNFKLTGKTEEELLQNLANHINSKGIEGLKVKVESYDQNGVKGFKLNFSGDGSSDFSIKGNATIL
QELGLSDVNITSKPIEGKGIFSKLKATLQEMTGKDGSITKYDESLTNDIKSLNTSKDSTQAMIDTRYDTMANQWLQYESI
LNKLNQQLNTVTNMINAANNSNN
;
_entity_poly.pdbx_strand_id   A,H,B,F,C,G,D,I,E,J
#
# COMPACT_ATOMS: atom_id res chain seq x y z
N MET A 21 7.70 0.27 26.94
CA MET A 21 6.32 0.83 27.02
C MET A 21 6.35 2.35 26.99
N ALA A 22 7.52 2.93 27.26
CA ALA A 22 7.66 4.37 27.17
C ALA A 22 7.17 4.89 25.83
N PHE A 23 7.19 4.04 24.80
CA PHE A 23 6.69 4.39 23.48
C PHE A 23 5.45 3.60 23.12
N GLY A 24 4.99 2.72 24.00
CA GLY A 24 3.75 2.01 23.75
C GLY A 24 2.65 3.01 23.51
N SER A 25 2.23 3.11 22.26
CA SER A 25 1.24 4.10 21.89
C SER A 25 0.58 3.67 20.59
N LEU A 26 -0.56 4.25 20.33
CA LEU A 26 -1.29 4.00 19.11
C LEU A 26 -1.60 5.33 18.45
N SER A 27 -1.80 5.29 17.15
CA SER A 27 -1.83 6.49 16.34
C SER A 27 -3.21 7.11 16.20
N SER A 28 -4.26 6.30 16.14
CA SER A 28 -5.56 6.83 15.75
C SER A 28 -6.67 5.98 16.32
N LEU A 29 -7.90 6.46 16.08
CA LEU A 29 -9.12 5.73 16.36
C LEU A 29 -9.97 5.77 15.10
N GLY A 30 -10.40 4.60 14.62
CA GLY A 30 -11.00 4.52 13.31
C GLY A 30 -12.24 3.66 13.30
N PHE A 31 -12.99 3.80 12.21
CA PHE A 31 -14.17 2.99 11.96
C PHE A 31 -14.31 2.80 10.45
N GLY A 32 -15.24 1.92 10.09
CA GLY A 32 -15.72 1.81 8.72
C GLY A 32 -14.65 1.74 7.66
N SER A 33 -13.42 1.43 8.03
CA SER A 33 -12.32 1.38 7.08
C SER A 33 -12.53 0.23 6.11
N GLY A 34 -12.92 0.54 4.88
CA GLY A 34 -13.11 -0.48 3.88
C GLY A 34 -14.27 -0.21 2.95
N VAL A 35 -14.65 -1.25 2.20
CA VAL A 35 -15.71 -1.17 1.21
C VAL A 35 -16.69 -2.31 1.45
N LEU A 36 -17.96 -2.05 1.25
CA LEU A 36 -18.97 -3.08 1.38
C LEU A 36 -18.84 -4.11 0.27
N THR A 37 -18.96 -5.38 0.65
CA THR A 37 -19.08 -6.47 -0.30
C THR A 37 -20.10 -7.47 0.22
N GLN A 38 -20.72 -8.17 -0.71
CA GLN A 38 -21.66 -9.21 -0.31
C GLN A 38 -21.02 -10.19 0.64
N ASP A 39 -19.70 -10.40 0.50
CA ASP A 39 -19.01 -11.32 1.41
C ASP A 39 -19.07 -10.80 2.84
N THR A 40 -18.88 -9.49 3.01
CA THR A 40 -18.99 -8.91 4.34
C THR A 40 -20.42 -9.07 4.85
N ILE A 41 -21.39 -8.95 3.95
CA ILE A 41 -22.77 -9.14 4.35
C ILE A 41 -22.96 -10.55 4.87
N ASP A 42 -22.37 -11.52 4.19
CA ASP A 42 -22.51 -12.91 4.61
C ASP A 42 -21.85 -13.12 5.97
N LYS A 43 -20.69 -12.51 6.17
CA LYS A 43 -20.02 -12.65 7.46
C LYS A 43 -20.87 -12.08 8.57
N LEU A 44 -21.45 -10.90 8.34
CA LEU A 44 -22.31 -10.31 9.35
C LEU A 44 -23.52 -11.20 9.61
N LYS A 45 -24.08 -11.78 8.55
CA LYS A 45 -25.21 -12.68 8.71
C LYS A 45 -24.83 -13.86 9.58
N GLU A 46 -23.63 -14.41 9.36
CA GLU A 46 -23.20 -15.54 10.16
C GLU A 46 -23.03 -15.16 11.62
N ALA A 47 -22.44 -13.99 11.85
CA ALA A 47 -22.22 -13.54 13.22
C ALA A 47 -23.56 -13.38 13.94
N GLU A 48 -24.51 -12.74 13.26
CA GLU A 48 -25.83 -12.56 13.84
C GLU A 48 -26.47 -13.90 14.13
N GLN A 49 -26.42 -14.80 13.16
CA GLN A 49 -26.97 -16.13 13.35
C GLN A 49 -26.40 -16.76 14.61
N LYS A 50 -25.08 -16.73 14.75
CA LYS A 50 -24.47 -17.31 15.93
C LYS A 50 -25.08 -16.67 17.17
N ALA A 51 -24.84 -15.37 17.32
CA ALA A 51 -25.18 -14.69 18.55
C ALA A 51 -26.67 -14.71 18.86
N ARG A 52 -27.50 -15.08 17.90
CA ARG A 52 -28.94 -15.08 18.11
C ARG A 52 -29.52 -16.46 18.33
N ILE A 53 -29.00 -17.49 17.66
CA ILE A 53 -29.62 -18.81 17.67
C ILE A 53 -28.72 -19.88 18.25
N ASP A 54 -27.57 -19.53 18.80
CA ASP A 54 -26.77 -20.55 19.47
C ASP A 54 -27.42 -21.05 20.76
N PRO A 55 -27.93 -20.19 21.63
CA PRO A 55 -28.56 -20.70 22.86
C PRO A 55 -29.69 -21.68 22.59
N TYR A 56 -30.46 -21.46 21.52
CA TYR A 56 -31.52 -22.39 21.18
C TYR A 56 -30.93 -23.77 20.92
N THR A 57 -29.87 -23.83 20.11
CA THR A 57 -29.23 -25.10 19.83
C THR A 57 -28.74 -25.75 21.11
N LYS A 58 -28.14 -24.95 22.00
CA LYS A 58 -27.57 -25.50 23.21
C LYS A 58 -28.65 -26.10 24.09
N LYS A 59 -29.75 -25.38 24.27
CA LYS A 59 -30.85 -25.89 25.08
C LYS A 59 -31.44 -27.13 24.44
N ILE A 60 -31.49 -27.16 23.11
CA ILE A 60 -32.02 -28.33 22.42
C ILE A 60 -31.16 -29.54 22.74
N GLU A 61 -29.84 -29.38 22.66
CA GLU A 61 -28.95 -30.48 22.96
C GLU A 61 -29.09 -30.92 24.41
N GLU A 62 -29.21 -29.96 25.32
CA GLU A 62 -29.40 -30.28 26.72
C GLU A 62 -30.63 -31.16 26.90
N ASN A 63 -31.75 -30.72 26.33
CA ASN A 63 -32.99 -31.47 26.50
C ASN A 63 -32.88 -32.85 25.87
N THR A 64 -32.21 -32.95 24.74
CA THR A 64 -32.07 -34.25 24.09
C THR A 64 -31.26 -35.20 24.95
N THR A 65 -30.16 -34.72 25.51
CA THR A 65 -29.36 -35.54 26.40
C THR A 65 -30.19 -35.99 27.60
N LYS A 66 -30.93 -35.06 28.19
CA LYS A 66 -31.78 -35.41 29.33
C LYS A 66 -32.76 -36.50 28.94
N GLN A 67 -33.34 -36.39 27.75
CA GLN A 67 -34.36 -37.35 27.34
C GLN A 67 -33.75 -38.72 27.09
N LYS A 68 -32.55 -38.75 26.50
CA LYS A 68 -31.86 -40.02 26.34
C LYS A 68 -31.64 -40.70 27.68
N ASP A 69 -31.12 -39.95 28.64
CA ASP A 69 -30.83 -40.53 29.94
C ASP A 69 -32.11 -41.01 30.62
N LEU A 70 -33.18 -40.22 30.52
CA LEU A 70 -34.43 -40.63 31.14
C LEU A 70 -34.97 -41.88 30.50
N THR A 71 -34.84 -41.99 29.17
CA THR A 71 -35.28 -43.20 28.50
C THR A 71 -34.49 -44.41 28.98
N GLU A 72 -33.18 -44.27 29.12
CA GLU A 72 -32.38 -45.37 29.60
C GLU A 72 -32.83 -45.83 30.97
N ILE A 73 -32.94 -44.88 31.91
CA ILE A 73 -33.32 -45.27 33.26
C ILE A 73 -34.73 -45.80 33.27
N LYS A 74 -35.57 -45.36 32.33
CA LYS A 74 -36.92 -45.89 32.25
C LYS A 74 -36.90 -47.35 31.86
N THR A 75 -36.09 -47.69 30.85
CA THR A 75 -35.97 -49.08 30.46
C THR A 75 -35.48 -49.93 31.64
N LYS A 76 -34.48 -49.42 32.36
CA LYS A 76 -33.96 -50.17 33.50
C LYS A 76 -35.04 -50.37 34.56
N LEU A 77 -35.78 -49.30 34.88
CA LEU A 77 -36.82 -49.39 35.88
C LEU A 77 -37.91 -50.36 35.43
N LEU A 78 -38.20 -50.39 34.14
CA LEU A 78 -39.22 -51.30 33.65
C LEU A 78 -38.77 -52.74 33.76
N SER A 79 -37.50 -53.00 33.44
CA SER A 79 -36.97 -54.34 33.62
C SER A 79 -37.04 -54.78 35.08
N PHE A 80 -36.67 -53.87 35.98
CA PHE A 80 -36.71 -54.20 37.39
C PHE A 80 -38.13 -54.46 37.85
N GLN A 81 -39.07 -53.63 37.40
CA GLN A 81 -40.47 -53.84 37.76
C GLN A 81 -40.98 -55.16 37.22
N THR A 82 -40.52 -55.52 36.02
CA THR A 82 -40.87 -56.82 35.46
C THR A 82 -40.41 -57.94 36.38
N ALA A 83 -39.15 -57.86 36.80
CA ALA A 83 -38.61 -58.89 37.69
C ALA A 83 -39.42 -58.98 38.97
N VAL A 84 -39.68 -57.83 39.58
CA VAL A 84 -40.37 -57.82 40.87
C VAL A 84 -41.79 -58.35 40.72
N SER A 85 -42.50 -57.89 39.69
CA SER A 85 -43.87 -58.34 39.51
C SER A 85 -43.92 -59.82 39.16
N SER A 86 -42.88 -60.34 38.52
CA SER A 86 -42.87 -61.75 38.18
C SER A 86 -42.63 -62.62 39.40
N LEU A 87 -41.70 -62.20 40.27
CA LEU A 87 -41.32 -62.99 41.43
C LEU A 87 -41.89 -62.45 42.73
N ALA A 88 -42.97 -61.68 42.66
CA ALA A 88 -43.61 -61.17 43.87
C ALA A 88 -44.65 -62.14 44.39
N ASP A 89 -45.32 -62.86 43.51
CA ASP A 89 -46.35 -63.81 43.91
C ASP A 89 -45.67 -65.09 44.40
N ALA A 90 -45.58 -65.24 45.72
CA ALA A 90 -44.93 -66.42 46.29
C ALA A 90 -45.67 -67.70 45.96
N THR A 91 -46.94 -67.61 45.55
CA THR A 91 -47.70 -68.80 45.21
C THR A 91 -47.11 -69.52 44.01
N VAL A 92 -46.25 -68.87 43.24
CA VAL A 92 -45.61 -69.55 42.12
C VAL A 92 -44.79 -70.73 42.60
N PHE A 93 -44.32 -70.70 43.85
CA PHE A 93 -43.50 -71.78 44.39
C PHE A 93 -44.39 -72.92 44.91
N ALA A 94 -45.30 -73.37 44.07
CA ALA A 94 -46.13 -74.53 44.36
C ALA A 94 -45.48 -75.82 43.89
N LYS A 95 -44.26 -75.76 43.38
CA LYS A 95 -43.61 -76.95 42.88
C LYS A 95 -43.45 -77.98 43.98
N ARG A 96 -43.42 -79.24 43.56
CA ARG A 96 -43.22 -80.36 44.47
C ARG A 96 -42.16 -81.27 43.88
N LYS A 97 -41.34 -81.84 44.75
CA LYS A 97 -40.29 -82.76 44.35
C LYS A 97 -40.46 -84.07 45.09
N VAL A 98 -40.26 -85.17 44.37
CA VAL A 98 -40.48 -86.51 44.89
C VAL A 98 -39.13 -87.06 45.36
N VAL A 99 -39.06 -87.43 46.63
CA VAL A 99 -37.89 -88.05 47.21
C VAL A 99 -38.34 -89.25 48.03
N GLY A 100 -37.37 -89.94 48.61
CA GLY A 100 -37.66 -91.09 49.45
C GLY A 100 -36.49 -92.06 49.43
N SER A 101 -36.77 -93.27 49.91
CA SER A 101 -35.78 -94.34 49.97
C SER A 101 -35.83 -95.15 48.67
N ILE A 102 -35.43 -94.49 47.60
CA ILE A 102 -35.39 -95.10 46.27
C ILE A 102 -33.94 -95.39 45.95
N SER A 103 -33.66 -96.65 45.61
CA SER A 103 -32.30 -97.08 45.33
C SER A 103 -32.02 -96.96 43.84
N ASP A 104 -30.91 -97.58 43.40
CA ASP A 104 -30.47 -97.51 42.01
C ASP A 104 -31.63 -97.66 41.04
N ASN A 105 -32.35 -98.78 41.12
CA ASN A 105 -33.43 -99.07 40.18
C ASN A 105 -34.77 -98.85 40.86
N PRO A 106 -35.51 -97.80 40.53
CA PRO A 106 -36.84 -97.63 41.09
C PRO A 106 -37.80 -98.66 40.52
N PRO A 107 -38.32 -99.55 41.35
CA PRO A 107 -39.28 -100.54 40.83
C PRO A 107 -40.53 -99.90 40.29
N ALA A 108 -40.89 -98.72 40.80
CA ALA A 108 -42.00 -97.95 40.25
C ALA A 108 -41.65 -96.48 40.35
N SER A 109 -42.21 -95.69 39.44
CA SER A 109 -41.92 -94.27 39.34
C SER A 109 -43.20 -93.48 39.59
N LEU A 110 -43.14 -92.58 40.56
CA LEU A 110 -44.27 -91.75 40.94
C LEU A 110 -43.99 -90.32 40.50
N THR A 111 -44.84 -89.80 39.60
CA THR A 111 -44.73 -88.42 39.14
C THR A 111 -45.87 -87.62 39.72
N VAL A 112 -45.54 -86.46 40.29
CA VAL A 112 -46.50 -85.61 40.97
C VAL A 112 -46.45 -84.23 40.33
N ASN A 113 -47.64 -83.67 40.07
CA ASN A 113 -47.73 -82.35 39.50
C ASN A 113 -47.62 -81.30 40.60
N SER A 114 -47.90 -80.05 40.26
CA SER A 114 -47.78 -78.96 41.21
C SER A 114 -49.06 -78.81 42.02
N GLY A 115 -48.91 -78.22 43.21
CA GLY A 115 -50.03 -77.92 44.07
C GLY A 115 -50.44 -79.04 44.98
N VAL A 116 -49.99 -80.27 44.74
CA VAL A 116 -50.39 -81.39 45.56
C VAL A 116 -49.80 -81.23 46.95
N ALA A 117 -50.59 -81.61 47.96
CA ALA A 117 -50.13 -81.51 49.34
C ALA A 117 -49.00 -82.49 49.60
N LEU A 118 -48.26 -82.23 50.67
CA LEU A 118 -47.13 -83.08 51.02
C LEU A 118 -47.61 -84.35 51.68
N GLN A 119 -46.90 -85.45 51.41
CA GLN A 119 -47.27 -86.76 51.92
C GLN A 119 -46.13 -87.72 51.66
N SER A 120 -46.29 -88.95 52.16
CA SER A 120 -45.35 -90.03 51.91
C SER A 120 -46.13 -91.29 51.65
N MET A 121 -45.62 -92.12 50.74
CA MET A 121 -46.32 -93.29 50.26
C MET A 121 -45.50 -94.54 50.54
N ASN A 122 -46.09 -95.48 51.28
CA ASN A 122 -45.50 -96.79 51.50
C ASN A 122 -46.11 -97.74 50.50
N ILE A 123 -45.40 -97.96 49.40
CA ILE A 123 -45.91 -98.72 48.26
C ILE A 123 -45.13 -100.01 48.16
N ASN A 124 -45.84 -101.11 47.94
CA ASN A 124 -45.23 -102.40 47.67
C ASN A 124 -45.90 -103.01 46.45
N VAL A 125 -45.09 -103.50 45.53
CA VAL A 125 -45.56 -104.14 44.31
C VAL A 125 -45.27 -105.63 44.42
N THR A 126 -46.20 -106.44 43.95
CA THR A 126 -46.06 -107.88 44.01
C THR A 126 -46.22 -108.57 42.67
N GLN A 127 -46.86 -107.94 41.69
CA GLN A 127 -46.99 -108.56 40.39
C GLN A 127 -47.24 -107.48 39.35
N LEU A 128 -46.62 -107.66 38.18
CA LEU A 128 -46.81 -106.74 37.08
C LEU A 128 -48.04 -107.12 36.26
N ALA A 129 -48.61 -106.13 35.60
CA ALA A 129 -49.67 -106.39 34.65
C ALA A 129 -49.09 -107.04 33.40
N GLN A 130 -49.86 -107.94 32.82
CA GLN A 130 -49.41 -108.72 31.68
C GLN A 130 -50.50 -108.76 30.62
N LYS A 131 -50.13 -109.27 29.45
CA LYS A 131 -51.07 -109.54 28.38
C LYS A 131 -51.06 -111.03 28.07
N ASP A 132 -52.10 -111.47 27.40
CA ASP A 132 -52.24 -112.89 27.04
C ASP A 132 -51.51 -113.14 25.73
N VAL A 133 -50.66 -114.17 25.72
CA VAL A 133 -49.84 -114.51 24.57
C VAL A 133 -50.21 -115.90 24.08
N TYR A 134 -50.33 -116.05 22.76
CA TYR A 134 -50.63 -117.32 22.13
C TYR A 134 -49.65 -117.53 20.99
N GLN A 135 -48.83 -118.57 21.09
CA GLN A 135 -47.87 -118.93 20.06
C GLN A 135 -48.26 -120.27 19.47
N SER A 136 -48.56 -120.28 18.18
CA SER A 136 -49.09 -121.48 17.54
C SER A 136 -48.08 -122.61 17.61
N LYS A 137 -48.55 -123.78 18.03
CA LYS A 137 -47.69 -124.96 18.04
C LYS A 137 -47.63 -125.61 16.66
N GLY A 138 -48.63 -125.38 15.83
CA GLY A 138 -48.55 -125.80 14.45
C GLY A 138 -47.43 -125.06 13.75
N LEU A 139 -46.34 -125.76 13.50
CA LEU A 139 -45.12 -125.16 12.97
C LEU A 139 -45.04 -125.42 11.48
N ALA A 140 -45.41 -124.43 10.69
CA ALA A 140 -45.34 -124.53 9.24
C ALA A 140 -43.99 -124.03 8.75
N ASN A 141 -43.42 -124.74 7.78
CA ASN A 141 -42.17 -124.35 7.17
C ASN A 141 -42.38 -123.44 5.96
N ASP A 142 -43.58 -122.89 5.80
CA ASP A 142 -43.88 -122.01 4.68
C ASP A 142 -45.00 -121.07 5.10
N SER A 143 -44.74 -119.76 5.01
CA SER A 143 -45.77 -118.78 5.32
C SER A 143 -46.93 -118.85 4.34
N GLY A 144 -46.71 -119.40 3.15
CA GLY A 144 -47.75 -119.51 2.17
C GLY A 144 -48.46 -120.85 2.20
N PHE A 145 -48.50 -121.47 3.39
CA PHE A 145 -49.18 -122.75 3.54
C PHE A 145 -50.67 -122.58 3.28
N VAL A 146 -51.21 -123.37 2.35
CA VAL A 146 -52.62 -123.33 1.99
C VAL A 146 -53.24 -124.67 2.34
N ASN A 147 -54.29 -124.64 3.16
CA ASN A 147 -55.07 -125.82 3.48
C ASN A 147 -56.22 -125.89 2.46
N ALA A 148 -55.94 -126.53 1.32
CA ALA A 148 -56.90 -126.55 0.23
C ALA A 148 -58.17 -127.30 0.58
N ASN A 149 -58.15 -128.16 1.60
CA ASN A 149 -59.32 -128.94 1.94
C ASN A 149 -60.40 -128.10 2.62
N LEU A 150 -60.11 -126.86 2.97
CA LEU A 150 -61.10 -125.98 3.58
C LEU A 150 -62.01 -125.42 2.49
N THR A 151 -62.75 -126.33 1.85
CA THR A 151 -63.68 -125.93 0.80
C THR A 151 -64.84 -125.16 1.42
N GLY A 152 -65.29 -124.14 0.72
CA GLY A 152 -66.30 -123.25 1.26
C GLY A 152 -65.66 -122.12 2.05
N THR A 153 -66.48 -121.51 2.91
CA THR A 153 -66.04 -120.41 3.75
C THR A 153 -66.34 -120.71 5.20
N THR A 154 -65.63 -120.00 6.08
CA THR A 154 -65.86 -120.05 7.51
C THR A 154 -65.57 -118.68 8.08
N ASP A 155 -65.87 -118.49 9.36
CA ASP A 155 -65.72 -117.19 10.01
C ASP A 155 -64.97 -117.37 11.31
N LEU A 156 -63.76 -116.82 11.37
CA LEU A 156 -62.93 -116.85 12.56
C LEU A 156 -63.46 -115.81 13.54
N THR A 157 -64.32 -116.26 14.45
CA THR A 157 -64.97 -115.38 15.41
C THR A 157 -64.14 -115.30 16.67
N PHE A 158 -63.72 -114.09 17.04
CA PHE A 158 -62.88 -113.87 18.20
C PHE A 158 -63.61 -113.02 19.22
N PHE A 159 -63.13 -113.09 20.46
CA PHE A 159 -63.76 -112.40 21.59
C PHE A 159 -62.67 -111.95 22.55
N SER A 160 -62.36 -110.65 22.52
CA SER A 160 -61.32 -110.06 23.36
C SER A 160 -61.96 -109.01 24.25
N ASN A 161 -61.86 -109.21 25.56
CA ASN A 161 -62.38 -108.25 26.52
C ASN A 161 -63.84 -107.91 26.20
N GLY A 162 -64.61 -108.92 25.85
CA GLY A 162 -66.02 -108.73 25.54
C GLY A 162 -66.30 -108.15 24.18
N LYS A 163 -65.30 -107.99 23.34
CA LYS A 163 -65.46 -107.44 22.00
C LYS A 163 -65.30 -108.55 20.98
N GLU A 164 -66.32 -108.74 20.16
CA GLU A 164 -66.32 -109.78 19.15
C GLU A 164 -65.68 -109.28 17.87
N TYR A 165 -64.92 -110.15 17.23
CA TYR A 165 -64.33 -109.86 15.93
C TYR A 165 -64.40 -111.10 15.08
N THR A 166 -64.73 -110.93 13.81
CA THR A 166 -64.97 -112.03 12.90
C THR A 166 -64.11 -111.87 11.66
N VAL A 167 -63.58 -112.99 11.17
CA VAL A 167 -62.72 -113.01 10.00
C VAL A 167 -63.13 -114.18 9.13
N THR A 168 -63.44 -113.90 7.87
CA THR A 168 -63.82 -114.96 6.94
C THR A 168 -62.57 -115.61 6.36
N VAL A 169 -62.64 -116.92 6.17
CA VAL A 169 -61.52 -117.70 5.65
C VAL A 169 -62.03 -118.57 4.51
N ASP A 170 -61.20 -118.72 3.49
CA ASP A 170 -61.55 -119.47 2.29
C ASP A 170 -60.52 -120.56 2.04
N LYS A 171 -60.66 -121.23 0.90
CA LYS A 171 -59.76 -122.31 0.53
C LYS A 171 -58.35 -121.79 0.28
N ASN A 172 -58.21 -120.55 -0.17
CA ASN A 172 -56.92 -119.97 -0.51
C ASN A 172 -56.19 -119.42 0.71
N THR A 173 -56.57 -119.86 1.90
CA THR A 173 -56.00 -119.30 3.11
C THR A 173 -54.49 -119.50 3.16
N THR A 174 -53.78 -118.44 3.52
CA THR A 174 -52.36 -118.51 3.83
C THR A 174 -52.12 -117.85 5.16
N TYR A 175 -51.02 -118.24 5.81
CA TYR A 175 -50.73 -117.70 7.13
C TYR A 175 -50.57 -116.19 7.08
N ARG A 176 -49.94 -115.67 6.03
CA ARG A 176 -49.80 -114.22 5.89
C ARG A 176 -51.18 -113.58 5.70
N ASP A 177 -51.96 -114.14 4.78
CA ASP A 177 -53.32 -113.64 4.56
C ASP A 177 -54.11 -113.70 5.86
N LEU A 178 -53.97 -114.80 6.61
CA LEU A 178 -54.69 -114.91 7.86
C LEU A 178 -54.28 -113.80 8.82
N ALA A 179 -52.98 -113.64 9.04
CA ALA A 179 -52.52 -112.63 9.98
C ALA A 179 -53.02 -111.25 9.57
N ASP A 180 -52.98 -110.95 8.28
CA ASP A 180 -53.45 -109.65 7.81
C ASP A 180 -54.94 -109.49 8.11
N LYS A 181 -55.72 -110.52 7.82
CA LYS A 181 -57.16 -110.44 8.05
C LYS A 181 -57.46 -110.25 9.53
N ILE A 182 -56.71 -110.94 10.39
CA ILE A 182 -56.91 -110.80 11.82
C ILE A 182 -56.61 -109.37 12.25
N ASN A 183 -55.43 -108.87 11.89
CA ASN A 183 -55.04 -107.54 12.32
C ASN A 183 -55.91 -106.45 11.71
N GLU A 184 -56.61 -106.74 10.62
CA GLU A 184 -57.48 -105.74 10.00
C GLU A 184 -58.89 -105.78 10.58
N ALA A 185 -59.52 -106.96 10.60
CA ALA A 185 -60.85 -107.07 11.18
C ALA A 185 -60.84 -106.58 12.62
N SER A 186 -59.94 -107.13 13.44
CA SER A 186 -59.68 -106.58 14.76
C SER A 186 -58.73 -105.40 14.56
N GLY A 187 -59.27 -104.20 14.68
CA GLY A 187 -58.51 -103.01 14.35
C GLY A 187 -57.41 -102.74 15.35
N GLY A 188 -56.40 -103.62 15.36
CA GLY A 188 -55.30 -103.49 16.28
C GLY A 188 -55.55 -104.11 17.64
N GLU A 189 -56.80 -104.46 17.96
CA GLU A 189 -57.08 -105.06 19.26
C GLU A 189 -56.39 -106.41 19.38
N ILE A 190 -56.39 -107.19 18.32
CA ILE A 190 -55.76 -108.50 18.28
C ILE A 190 -54.53 -108.40 17.40
N VAL A 191 -53.38 -108.72 17.97
CA VAL A 191 -52.12 -108.64 17.25
C VAL A 191 -51.85 -109.98 16.60
N ALA A 192 -51.52 -109.95 15.31
CA ALA A 192 -51.18 -111.15 14.55
C ALA A 192 -49.88 -110.91 13.80
N LYS A 193 -48.94 -111.83 13.96
CA LYS A 193 -47.65 -111.67 13.29
C LYS A 193 -46.98 -113.02 13.16
N ILE A 194 -46.27 -113.19 12.06
CA ILE A 194 -45.54 -114.43 11.77
C ILE A 194 -44.09 -114.22 12.14
N VAL A 195 -43.52 -115.17 12.86
CA VAL A 195 -42.13 -115.12 13.29
C VAL A 195 -41.40 -116.30 12.67
N ASN A 196 -40.30 -116.02 11.98
CA ASN A 196 -39.47 -117.07 11.40
C ASN A 196 -38.66 -117.70 12.51
N THR A 197 -39.17 -118.80 13.05
CA THR A 197 -38.48 -119.48 14.14
C THR A 197 -37.06 -119.83 13.73
N GLY A 198 -36.11 -119.54 14.62
CA GLY A 198 -34.70 -119.77 14.32
C GLY A 198 -34.28 -121.21 14.46
N GLU A 199 -34.91 -122.11 13.72
CA GLU A 199 -34.60 -123.53 13.76
C GLU A 199 -34.32 -124.02 12.35
N LYS A 200 -34.08 -125.33 12.23
CA LYS A 200 -33.56 -125.87 10.98
C LYS A 200 -34.63 -125.89 9.89
N GLY A 201 -35.87 -126.16 10.25
CA GLY A 201 -36.94 -126.23 9.29
C GLY A 201 -37.75 -124.95 9.12
N THR A 202 -37.22 -123.81 9.55
CA THR A 202 -37.93 -122.54 9.57
C THR A 202 -39.38 -122.78 10.04
N PRO A 203 -39.55 -123.38 11.20
CA PRO A 203 -40.91 -123.72 11.68
C PRO A 203 -41.70 -122.48 12.09
N TYR A 204 -42.22 -121.80 11.07
CA TYR A 204 -43.00 -120.59 11.31
C TYR A 204 -44.18 -120.89 12.21
N ARG A 205 -44.42 -120.00 13.17
CA ARG A 205 -45.60 -120.06 14.02
C ARG A 205 -46.21 -118.69 14.10
N LEU A 206 -47.54 -118.65 14.12
CA LEU A 206 -48.28 -117.40 14.17
C LEU A 206 -48.44 -116.98 15.62
N THR A 207 -48.03 -115.75 15.92
CA THR A 207 -48.11 -115.21 17.27
C THR A 207 -49.35 -114.33 17.40
N LEU A 208 -50.16 -114.59 18.41
CA LEU A 208 -51.39 -113.85 18.64
C LEU A 208 -51.41 -113.36 20.08
N THR A 209 -51.45 -112.04 20.25
CA THR A 209 -51.45 -111.43 21.57
C THR A 209 -52.49 -110.33 21.64
N SER A 210 -52.85 -109.97 22.86
CA SER A 210 -53.79 -108.89 23.09
C SER A 210 -53.07 -107.55 23.10
N LYS A 211 -53.75 -106.54 22.57
CA LYS A 211 -53.18 -105.20 22.58
C LYS A 211 -53.16 -104.61 23.98
N GLU A 212 -54.12 -105.00 24.83
CA GLU A 212 -54.21 -104.48 26.17
C GLU A 212 -53.66 -105.48 27.18
N THR A 213 -53.49 -105.01 28.41
CA THR A 213 -53.01 -105.82 29.51
C THR A 213 -54.09 -105.94 30.57
N GLY A 214 -54.00 -106.99 31.36
CA GLY A 214 -55.02 -107.30 32.34
C GLY A 214 -55.79 -108.54 31.94
N GLU A 215 -56.21 -109.30 32.95
CA GLU A 215 -56.87 -110.57 32.69
C GLU A 215 -58.12 -110.39 31.84
N ASP A 216 -58.80 -109.25 31.98
CA ASP A 216 -60.02 -109.03 31.22
C ASP A 216 -59.78 -109.05 29.72
N SER A 217 -58.54 -108.82 29.30
CA SER A 217 -58.20 -108.80 27.88
C SER A 217 -58.05 -110.19 27.29
N ALA A 218 -58.49 -111.22 28.00
CA ALA A 218 -58.36 -112.58 27.51
C ALA A 218 -59.06 -112.72 26.15
N ILE A 219 -58.43 -113.47 25.26
CA ILE A 219 -58.94 -113.67 23.91
C ILE A 219 -59.14 -115.16 23.66
N SER A 220 -60.24 -115.48 22.99
CA SER A 220 -60.52 -116.84 22.54
C SER A 220 -60.73 -116.80 21.02
N PHE A 221 -59.89 -117.53 20.31
CA PHE A 221 -59.99 -117.60 18.85
C PHE A 221 -60.87 -118.78 18.51
N TYR A 222 -62.11 -118.50 18.13
CA TYR A 222 -63.17 -119.48 18.05
C TYR A 222 -63.54 -119.75 16.60
N ALA A 223 -63.58 -121.02 16.23
CA ALA A 223 -63.97 -121.44 14.88
C ALA A 223 -65.43 -121.85 14.94
N GLY A 224 -66.32 -120.93 14.61
CA GLY A 224 -67.74 -121.18 14.73
C GLY A 224 -68.60 -120.77 13.56
N LYS A 225 -68.02 -120.08 12.58
CA LYS A 225 -68.76 -119.55 11.44
C LYS A 225 -69.90 -118.65 11.92
N LYS A 226 -69.53 -117.67 12.75
CA LYS A 226 -70.51 -116.78 13.38
C LYS A 226 -71.48 -117.55 14.26
N ASP A 227 -70.99 -118.63 14.87
CA ASP A 227 -71.79 -119.37 15.83
C ASP A 227 -72.10 -118.55 17.07
N ALA A 228 -71.38 -117.44 17.28
CA ALA A 228 -71.44 -116.73 18.54
C ALA A 228 -72.75 -115.97 18.69
N GLN A 229 -72.96 -114.97 17.81
CA GLN A 229 -74.22 -114.24 17.82
C GLN A 229 -74.77 -113.90 16.45
N GLY A 230 -74.06 -114.21 15.36
CA GLY A 230 -74.63 -114.01 14.04
C GLY A 230 -75.78 -114.97 13.84
N GLN A 231 -75.50 -116.25 14.08
CA GLN A 231 -76.51 -117.30 14.09
C GLN A 231 -75.86 -118.55 14.65
N TYR A 232 -76.57 -119.24 15.53
CA TYR A 232 -76.01 -120.39 16.21
C TYR A 232 -75.67 -121.49 15.21
N GLN A 233 -74.38 -121.81 15.12
CA GLN A 233 -73.90 -122.90 14.27
C GLN A 233 -73.39 -124.08 15.07
N SER A 234 -73.36 -123.99 16.40
CA SER A 234 -72.93 -125.08 17.27
C SER A 234 -71.51 -125.56 16.89
N ASP A 235 -70.60 -124.59 16.76
CA ASP A 235 -69.18 -124.87 16.58
C ASP A 235 -68.92 -125.81 15.41
N PRO A 236 -69.14 -125.37 14.17
CA PRO A 236 -68.76 -126.22 13.03
C PRO A 236 -67.27 -126.43 12.96
N GLU A 237 -66.88 -127.59 12.45
CA GLU A 237 -65.47 -127.98 12.38
C GLU A 237 -64.87 -127.55 11.04
N ALA A 238 -64.62 -126.25 10.94
CA ALA A 238 -63.85 -125.75 9.80
C ALA A 238 -62.46 -126.33 9.86
N GLU A 239 -62.12 -127.18 8.88
CA GLU A 239 -60.96 -128.06 8.99
C GLU A 239 -59.69 -127.28 9.36
N ASN A 240 -59.31 -126.32 8.53
CA ASN A 240 -57.99 -125.70 8.67
C ASN A 240 -57.83 -125.02 10.02
N ILE A 241 -58.74 -124.12 10.36
CA ILE A 241 -58.60 -123.38 11.60
C ILE A 241 -58.80 -124.30 12.79
N PHE A 242 -59.80 -125.18 12.71
CA PHE A 242 -60.04 -126.13 13.79
C PHE A 242 -58.87 -127.07 14.01
N SER A 243 -58.01 -127.22 13.02
CA SER A 243 -56.90 -128.18 13.07
C SER A 243 -55.55 -127.53 13.28
N ASN A 244 -55.44 -126.21 13.12
CA ASN A 244 -54.14 -125.57 13.27
C ASN A 244 -54.15 -124.37 14.22
N LEU A 245 -55.26 -123.63 14.29
CA LEU A 245 -55.23 -122.33 14.96
C LEU A 245 -56.44 -122.13 15.87
N GLY A 246 -56.87 -123.16 16.57
CA GLY A 246 -57.87 -122.98 17.62
C GLY A 246 -57.21 -122.72 18.97
N TRP A 247 -57.80 -121.82 19.75
CA TRP A 247 -57.11 -121.22 20.88
C TRP A 247 -57.97 -121.19 22.13
N GLU A 248 -58.55 -122.32 22.50
CA GLU A 248 -58.98 -122.57 23.86
C GLU A 248 -58.14 -123.72 24.39
N LEU A 249 -57.32 -123.44 25.39
CA LEU A 249 -56.15 -124.25 25.68
C LEU A 249 -56.39 -125.75 25.47
N ASP A 250 -57.44 -126.29 26.09
CA ASP A 250 -57.68 -127.72 26.06
C ASP A 250 -59.15 -128.03 25.86
N LYS A 251 -59.82 -127.29 24.99
CA LYS A 251 -61.27 -127.44 24.81
C LYS A 251 -61.57 -128.03 23.44
N THR A 252 -61.85 -129.33 23.42
CA THR A 252 -62.67 -129.94 22.39
C THR A 252 -64.06 -130.23 22.91
N THR A 253 -64.16 -130.54 24.21
CA THR A 253 -65.46 -130.66 24.86
C THR A 253 -66.06 -129.28 25.06
N GLN A 254 -67.38 -129.20 24.91
CA GLN A 254 -68.09 -127.92 25.00
C GLN A 254 -68.24 -127.56 26.47
N THR A 255 -67.15 -127.09 27.07
CA THR A 255 -67.20 -126.57 28.42
C THR A 255 -67.84 -125.19 28.46
N ILE A 256 -67.35 -124.28 27.62
CA ILE A 256 -67.90 -122.94 27.51
C ILE A 256 -68.88 -122.93 26.35
N ASP A 257 -70.16 -122.91 26.65
CA ASP A 257 -71.16 -122.81 25.61
C ASP A 257 -71.06 -121.45 24.92
N PRO A 258 -71.15 -121.40 23.59
CA PRO A 258 -71.08 -120.09 22.92
C PRO A 258 -72.32 -119.27 23.19
N ALA A 259 -72.44 -118.79 24.42
CA ALA A 259 -73.59 -117.99 24.82
C ALA A 259 -73.58 -116.66 24.09
N LYS A 260 -74.55 -115.82 24.43
CA LYS A 260 -74.62 -114.48 23.84
C LYS A 260 -73.59 -113.55 24.47
N ASP A 261 -73.40 -113.65 25.79
CA ASP A 261 -72.50 -112.78 26.52
C ASP A 261 -71.20 -113.51 26.83
N LYS A 262 -70.08 -112.82 26.66
CA LYS A 262 -68.76 -113.39 26.90
C LYS A 262 -68.63 -114.72 26.17
N LYS A 263 -68.65 -114.59 24.85
CA LYS A 263 -68.77 -115.70 23.92
C LYS A 263 -67.46 -116.43 23.72
N GLY A 264 -66.54 -116.30 24.68
CA GLY A 264 -65.18 -116.75 24.51
C GLY A 264 -64.94 -118.24 24.66
N TYR A 265 -65.42 -119.03 23.71
CA TYR A 265 -65.03 -120.43 23.59
C TYR A 265 -63.94 -120.55 22.52
N GLY A 266 -63.42 -121.76 22.36
CA GLY A 266 -62.49 -122.02 21.30
C GLY A 266 -62.19 -123.50 21.17
N ILE A 267 -60.99 -123.80 20.68
CA ILE A 267 -60.59 -125.17 20.38
C ILE A 267 -59.30 -125.48 21.13
N LYS A 268 -59.11 -126.78 21.39
CA LYS A 268 -57.89 -127.33 21.98
C LYS A 268 -56.73 -127.36 21.00
N ASP A 269 -56.88 -126.75 19.83
CA ASP A 269 -56.20 -127.18 18.62
C ASP A 269 -54.73 -127.56 18.77
N ALA A 270 -53.86 -126.59 19.05
CA ALA A 270 -52.43 -126.80 18.83
C ALA A 270 -51.58 -126.64 20.08
N SER A 271 -51.66 -125.50 20.77
CA SER A 271 -50.57 -125.05 21.63
C SER A 271 -50.94 -125.12 23.11
N LEU A 272 -49.93 -124.91 23.93
CA LEU A 272 -50.09 -124.60 25.34
C LEU A 272 -49.95 -123.09 25.50
N HIS A 273 -50.84 -122.50 26.31
CA HIS A 273 -50.85 -121.05 26.47
C HIS A 273 -49.51 -120.58 26.99
N ILE A 274 -48.99 -119.50 26.40
CA ILE A 274 -47.61 -119.09 26.62
C ILE A 274 -47.52 -118.16 27.83
N GLN A 275 -48.14 -117.00 27.73
CA GLN A 275 -48.07 -115.99 28.78
C GLN A 275 -49.47 -115.52 29.13
N THR A 276 -49.78 -115.53 30.42
CA THR A 276 -51.11 -115.17 30.89
C THR A 276 -51.18 -113.68 31.20
N ALA A 277 -52.24 -113.04 30.72
CA ALA A 277 -52.49 -111.65 31.07
C ALA A 277 -52.66 -111.53 32.58
N GLN A 278 -52.21 -110.40 33.12
CA GLN A 278 -52.24 -110.20 34.56
C GLN A 278 -52.61 -108.77 34.88
N ASN A 279 -53.19 -108.58 36.06
CA ASN A 279 -53.42 -107.26 36.61
C ASN A 279 -52.31 -106.92 37.59
N ALA A 280 -51.73 -105.74 37.42
CA ALA A 280 -50.68 -105.29 38.31
C ALA A 280 -51.18 -105.30 39.74
N GLU A 281 -50.30 -105.68 40.67
CA GLU A 281 -50.63 -105.83 42.08
C GLU A 281 -49.85 -104.84 42.90
N PHE A 282 -50.56 -103.96 43.59
CA PHE A 282 -49.95 -102.94 44.43
C PHE A 282 -50.39 -103.12 45.87
N THR A 283 -49.63 -102.50 46.77
CA THR A 283 -49.95 -102.48 48.20
C THR A 283 -49.66 -101.08 48.71
N LEU A 284 -50.71 -100.28 48.86
CA LEU A 284 -50.58 -98.90 49.33
C LEU A 284 -50.98 -98.88 50.79
N ASP A 285 -49.99 -98.76 51.66
CA ASP A 285 -50.23 -98.66 53.09
C ASP A 285 -51.00 -99.86 53.61
N GLY A 286 -50.68 -101.04 53.06
CA GLY A 286 -51.35 -102.25 53.45
C GLY A 286 -52.64 -102.54 52.73
N ILE A 287 -52.98 -101.73 51.73
CA ILE A 287 -54.20 -101.93 50.96
C ILE A 287 -53.83 -102.59 49.65
N LYS A 288 -54.38 -103.79 49.42
CA LYS A 288 -54.16 -104.48 48.16
C LYS A 288 -54.89 -103.75 47.05
N MET A 289 -54.13 -103.28 46.06
CA MET A 289 -54.68 -102.55 44.94
C MET A 289 -54.27 -103.21 43.64
N PHE A 290 -55.22 -103.26 42.71
CA PHE A 290 -55.00 -103.91 41.42
C PHE A 290 -55.56 -103.04 40.32
N ARG A 291 -54.88 -103.03 39.19
CA ARG A 291 -55.30 -102.24 38.04
C ARG A 291 -55.10 -103.06 36.78
N SER A 292 -55.62 -102.53 35.68
CA SER A 292 -55.47 -103.20 34.40
C SER A 292 -54.05 -103.08 33.89
N SER A 293 -53.51 -101.86 33.86
CA SER A 293 -52.21 -101.58 33.28
C SER A 293 -51.20 -101.23 34.36
N ASN A 294 -49.93 -101.28 33.97
CA ASN A 294 -48.85 -100.87 34.86
C ASN A 294 -48.93 -99.41 35.23
N THR A 295 -49.59 -98.61 34.39
CA THR A 295 -49.71 -97.17 34.62
C THR A 295 -50.91 -96.92 35.53
N VAL A 296 -50.65 -96.38 36.72
CA VAL A 296 -51.69 -96.04 37.67
C VAL A 296 -51.79 -94.52 37.69
N THR A 297 -52.92 -94.01 37.22
CA THR A 297 -53.15 -92.58 37.14
C THR A 297 -54.11 -92.07 38.21
N ASP A 298 -54.73 -92.96 38.98
CA ASP A 298 -55.73 -92.58 39.97
C ASP A 298 -55.24 -92.80 41.39
N LEU A 299 -53.93 -92.96 41.57
CA LEU A 299 -53.39 -93.15 42.91
C LEU A 299 -53.79 -92.01 43.83
N GLY A 300 -53.74 -90.78 43.31
CA GLY A 300 -54.10 -89.62 44.08
C GLY A 300 -54.33 -88.44 43.16
N VAL A 301 -54.65 -87.30 43.76
CA VAL A 301 -54.93 -86.10 42.99
C VAL A 301 -53.62 -85.55 42.44
N GLY A 302 -53.54 -85.43 41.12
CA GLY A 302 -52.37 -84.84 40.50
C GLY A 302 -51.12 -85.68 40.59
N MET A 303 -51.26 -86.98 40.83
CA MET A 303 -50.14 -87.89 40.92
C MET A 303 -50.32 -89.03 39.93
N THR A 304 -49.21 -89.48 39.37
CA THR A 304 -49.21 -90.57 38.41
C THR A 304 -48.11 -91.55 38.77
N LEU A 305 -48.46 -92.83 38.85
CA LEU A 305 -47.52 -93.89 39.19
C LEU A 305 -47.27 -94.76 37.96
N THR A 306 -46.01 -95.02 37.69
CA THR A 306 -45.59 -95.90 36.60
C THR A 306 -44.80 -97.06 37.20
N LEU A 307 -45.12 -98.27 36.75
CA LEU A 307 -44.53 -99.47 37.32
C LEU A 307 -43.42 -100.00 36.43
N ASN A 308 -42.34 -100.46 37.07
CA ASN A 308 -41.22 -101.08 36.38
C ASN A 308 -40.97 -102.50 36.81
N LYS A 309 -40.90 -102.76 38.12
CA LYS A 309 -40.71 -104.10 38.64
C LYS A 309 -41.31 -104.14 40.05
N THR A 310 -41.28 -105.33 40.65
CA THR A 310 -41.87 -105.51 41.97
C THR A 310 -40.89 -105.09 43.06
N GLY A 311 -41.40 -104.97 44.27
CA GLY A 311 -40.59 -104.67 45.42
C GLY A 311 -41.29 -103.71 46.35
N GLU A 312 -40.51 -103.14 47.26
CA GLU A 312 -41.00 -102.18 48.24
C GLU A 312 -40.37 -100.83 47.96
N ILE A 313 -41.18 -99.78 48.04
CA ILE A 313 -40.72 -98.41 47.81
C ILE A 313 -41.36 -97.50 48.85
N ASN A 314 -40.65 -96.44 49.20
CA ASN A 314 -41.15 -95.43 50.13
C ASN A 314 -40.91 -94.05 49.52
N PHE A 315 -41.94 -93.50 48.91
CA PHE A 315 -41.87 -92.16 48.34
C PHE A 315 -42.19 -91.12 49.40
N ASP A 316 -41.70 -89.91 49.17
CA ASP A 316 -41.94 -88.79 50.06
C ASP A 316 -42.08 -87.52 49.24
N VAL A 317 -43.23 -86.88 49.35
CA VAL A 317 -43.52 -85.65 48.63
C VAL A 317 -43.09 -84.48 49.50
N GLN A 318 -42.14 -83.69 49.00
CA GLN A 318 -41.71 -82.48 49.65
C GLN A 318 -41.96 -81.29 48.73
N GLN A 319 -42.18 -80.13 49.34
CA GLN A 319 -42.38 -78.91 48.57
C GLN A 319 -41.04 -78.44 48.02
N ASP A 320 -40.99 -78.23 46.71
CA ASP A 320 -39.79 -77.76 46.04
C ASP A 320 -39.85 -76.24 45.94
N PHE A 321 -38.98 -75.57 46.70
CA PHE A 321 -38.94 -74.11 46.73
C PHE A 321 -37.53 -73.59 46.44
N GLU A 322 -36.80 -74.29 45.58
CA GLU A 322 -35.44 -73.87 45.24
C GLU A 322 -35.43 -72.59 44.42
N GLY A 323 -36.49 -72.28 43.69
CA GLY A 323 -36.51 -71.12 42.83
C GLY A 323 -36.45 -69.80 43.57
N VAL A 324 -36.71 -69.81 44.88
CA VAL A 324 -36.70 -68.56 45.63
C VAL A 324 -35.30 -67.96 45.63
N THR A 325 -34.27 -68.80 45.66
CA THR A 325 -32.91 -68.28 45.63
C THR A 325 -32.64 -67.56 44.34
N LYS A 326 -33.00 -68.17 43.21
CA LYS A 326 -32.84 -67.51 41.92
C LYS A 326 -33.65 -66.23 41.87
N ALA A 327 -34.85 -66.25 42.44
CA ALA A 327 -35.68 -65.06 42.47
C ALA A 327 -34.97 -63.91 43.16
N MET A 328 -34.52 -64.16 44.40
CA MET A 328 -33.85 -63.12 45.16
C MET A 328 -32.60 -62.64 44.45
N GLN A 329 -31.85 -63.56 43.85
CA GLN A 329 -30.63 -63.19 43.16
C GLN A 329 -30.93 -62.26 41.99
N ASP A 330 -31.92 -62.63 41.18
CA ASP A 330 -32.31 -61.80 40.06
C ASP A 330 -32.76 -60.43 40.52
N LEU A 331 -33.55 -60.39 41.60
CA LEU A 331 -34.06 -59.12 42.09
C LEU A 331 -32.92 -58.22 42.52
N VAL A 332 -32.00 -58.77 43.32
CA VAL A 332 -30.91 -57.94 43.82
C VAL A 332 -30.03 -57.49 42.67
N ASP A 333 -29.83 -58.35 41.68
CA ASP A 333 -28.98 -57.97 40.55
C ASP A 333 -29.61 -56.83 39.77
N ALA A 334 -30.89 -56.97 39.45
CA ALA A 334 -31.57 -55.91 38.70
C ALA A 334 -31.56 -54.61 39.48
N TYR A 335 -31.82 -54.67 40.78
CA TYR A 335 -31.83 -53.45 41.57
C TYR A 335 -30.45 -52.82 41.61
N ASN A 336 -29.41 -53.64 41.76
CA ASN A 336 -28.06 -53.11 41.78
C ASN A 336 -27.75 -52.39 40.48
N ASP A 337 -28.08 -53.02 39.36
CA ASP A 337 -27.78 -52.39 38.08
C ASP A 337 -28.58 -51.11 37.90
N LEU A 338 -29.86 -51.13 38.28
CA LEU A 338 -30.71 -49.95 38.10
C LEU A 338 -30.22 -48.80 38.95
N VAL A 339 -29.89 -49.06 40.21
CA VAL A 339 -29.45 -47.98 41.10
C VAL A 339 -28.09 -47.49 40.68
N THR A 340 -27.25 -48.38 40.14
CA THR A 340 -25.98 -47.93 39.60
C THR A 340 -26.19 -46.98 38.43
N ASN A 341 -27.11 -47.34 37.53
CA ASN A 341 -27.41 -46.46 36.41
C ASN A 341 -27.94 -45.13 36.89
N LEU A 342 -28.79 -45.15 37.91
CA LEU A 342 -29.37 -43.91 38.41
C LEU A 342 -28.30 -43.02 39.03
N ASN A 343 -27.45 -43.61 39.87
CA ASN A 343 -26.35 -42.85 40.45
C ASN A 343 -25.48 -42.26 39.36
N ALA A 344 -25.06 -43.09 38.41
CA ALA A 344 -24.28 -42.60 37.28
C ALA A 344 -25.01 -41.49 36.55
N ALA A 345 -26.34 -41.51 36.57
CA ALA A 345 -27.11 -40.46 35.94
C ALA A 345 -27.00 -39.16 36.72
N THR A 346 -27.00 -39.24 38.04
CA THR A 346 -26.90 -38.06 38.89
C THR A 346 -25.70 -38.15 39.83
N ASP A 347 -24.60 -38.72 39.34
CA ASP A 347 -23.35 -38.71 40.09
C ASP A 347 -22.56 -37.46 39.78
N TYR A 348 -22.01 -36.84 40.82
CA TYR A 348 -21.13 -35.69 40.65
C TYR A 348 -19.75 -36.20 40.24
N ASN A 349 -19.31 -35.80 39.06
CA ASN A 349 -18.05 -36.24 38.48
C ASN A 349 -17.05 -35.10 38.55
N SER A 350 -15.98 -35.30 39.32
CA SER A 350 -14.95 -34.27 39.44
C SER A 350 -14.39 -33.88 38.08
N GLU A 351 -14.52 -34.75 37.08
CA GLU A 351 -14.19 -34.35 35.73
C GLU A 351 -15.13 -33.28 35.20
N THR A 352 -16.30 -33.13 35.81
CA THR A 352 -17.30 -32.11 35.50
C THR A 352 -17.92 -32.30 34.12
N GLY A 353 -17.59 -33.37 33.42
CA GLY A 353 -18.21 -33.62 32.13
C GLY A 353 -19.65 -34.06 32.26
N THR A 354 -19.96 -34.82 33.31
CA THR A 354 -21.31 -35.29 33.57
C THR A 354 -21.68 -35.10 35.04
N LYS A 355 -21.11 -34.08 35.67
CA LYS A 355 -21.37 -33.81 37.09
C LYS A 355 -22.82 -33.39 37.27
N GLY A 356 -23.64 -34.29 37.81
CA GLY A 356 -25.04 -34.01 38.01
C GLY A 356 -25.77 -33.74 36.72
N THR A 357 -25.72 -34.70 35.79
CA THR A 357 -26.37 -34.53 34.50
C THR A 357 -27.85 -34.22 34.68
N LEU A 358 -28.58 -35.11 35.35
CA LEU A 358 -29.99 -34.92 35.64
C LEU A 358 -30.22 -34.38 37.03
N GLN A 359 -29.21 -33.73 37.61
CA GLN A 359 -29.35 -33.19 38.95
C GLN A 359 -30.46 -32.15 38.96
N GLY A 360 -31.17 -32.08 40.09
CA GLY A 360 -32.35 -31.25 40.20
C GLY A 360 -33.64 -31.98 39.89
N ILE A 361 -33.56 -33.12 39.22
CA ILE A 361 -34.72 -33.95 38.95
C ILE A 361 -34.96 -34.81 40.17
N SER A 362 -36.02 -34.51 40.92
CA SER A 362 -36.35 -35.27 42.12
C SER A 362 -36.78 -36.69 41.82
N GLU A 363 -37.06 -37.01 40.56
CA GLU A 363 -37.55 -38.34 40.21
C GLU A 363 -36.57 -39.42 40.65
N VAL A 364 -35.28 -39.24 40.31
CA VAL A 364 -34.30 -40.28 40.57
C VAL A 364 -34.13 -40.50 42.06
N ASN A 365 -34.00 -39.41 42.81
CA ASN A 365 -33.80 -39.52 44.25
C ASN A 365 -35.02 -40.11 44.93
N SER A 366 -36.21 -39.66 44.51
CA SER A 366 -37.44 -40.23 45.05
C SER A 366 -37.50 -41.74 44.78
N ILE A 367 -37.18 -42.16 43.55
CA ILE A 367 -37.20 -43.57 43.23
C ILE A 367 -36.26 -44.35 44.13
N ARG A 368 -34.99 -43.93 44.17
CA ARG A 368 -34.00 -44.66 44.96
C ARG A 368 -34.44 -44.76 46.41
N SER A 369 -34.80 -43.63 47.01
CA SER A 369 -35.19 -43.63 48.42
C SER A 369 -36.43 -44.48 48.66
N SER A 370 -37.39 -44.42 47.74
CA SER A 370 -38.65 -45.14 47.95
C SER A 370 -38.45 -46.64 47.85
N ILE A 371 -37.65 -47.10 46.89
CA ILE A 371 -37.39 -48.53 46.80
C ILE A 371 -36.57 -48.99 47.99
N LEU A 372 -35.61 -48.18 48.42
CA LEU A 372 -34.85 -48.55 49.61
C LEU A 372 -35.77 -48.67 50.82
N ALA A 373 -36.73 -47.77 50.94
CA ALA A 373 -37.66 -47.81 52.06
C ALA A 373 -38.53 -49.06 51.99
N ASP A 374 -39.20 -49.26 50.86
CA ASP A 374 -40.07 -50.42 50.72
C ASP A 374 -39.30 -51.71 50.96
N LEU A 375 -38.04 -51.77 50.57
CA LEU A 375 -37.24 -52.95 50.85
C LEU A 375 -36.92 -53.04 52.33
N PHE A 376 -36.47 -51.95 52.92
CA PHE A 376 -36.24 -51.91 54.35
C PHE A 376 -37.55 -51.93 55.13
N ASP A 377 -38.69 -51.81 54.45
CA ASP A 377 -39.98 -51.82 55.12
C ASP A 377 -40.31 -53.22 55.62
N SER A 378 -41.19 -53.29 56.61
CA SER A 378 -41.63 -54.55 57.18
C SER A 378 -42.92 -54.32 57.95
N GLN A 379 -43.45 -55.40 58.53
CA GLN A 379 -44.67 -55.36 59.31
C GLN A 379 -44.40 -55.89 60.71
N VAL A 380 -45.31 -55.57 61.62
CA VAL A 380 -45.17 -55.97 63.01
C VAL A 380 -45.70 -57.38 63.19
N VAL A 381 -45.01 -58.16 64.02
CA VAL A 381 -45.42 -59.53 64.29
C VAL A 381 -46.67 -59.54 65.15
N VAL A 397 -44.13 -63.06 60.47
CA VAL A 397 -43.98 -61.67 60.06
C VAL A 397 -42.51 -61.27 60.15
N MET A 398 -41.97 -60.75 59.05
CA MET A 398 -40.57 -60.36 59.01
C MET A 398 -40.39 -59.00 59.67
N LEU A 399 -39.40 -58.91 60.54
CA LEU A 399 -39.03 -57.61 61.09
C LEU A 399 -38.26 -56.79 60.07
N SER A 400 -37.56 -57.45 59.16
CA SER A 400 -36.81 -56.78 58.10
C SER A 400 -36.37 -57.85 57.11
N MET A 401 -36.04 -57.41 55.90
CA MET A 401 -35.60 -58.35 54.88
C MET A 401 -34.37 -59.12 55.32
N GLN A 402 -33.54 -58.53 56.18
CA GLN A 402 -32.36 -59.22 56.68
C GLN A 402 -32.71 -60.40 57.56
N ASP A 403 -33.99 -60.57 57.89
CA ASP A 403 -34.40 -61.72 58.68
C ASP A 403 -34.12 -63.02 57.94
N PHE A 404 -34.23 -63.02 56.61
CA PHE A 404 -34.02 -64.21 55.80
C PHE A 404 -32.77 -64.07 54.94
N GLY A 405 -31.74 -63.42 55.48
CA GLY A 405 -30.47 -63.34 54.81
C GLY A 405 -30.34 -62.27 53.75
N LEU A 406 -31.42 -61.56 53.43
CA LEU A 406 -31.32 -60.50 52.45
C LEU A 406 -30.60 -59.31 53.07
N SER A 407 -29.28 -59.29 52.95
CA SER A 407 -28.48 -58.27 53.61
C SER A 407 -28.66 -56.94 52.92
N LEU A 408 -29.63 -56.15 53.37
CA LEU A 408 -29.91 -54.86 52.75
C LEU A 408 -28.80 -53.88 53.09
N ASN A 409 -27.80 -53.79 52.22
CA ASN A 409 -26.64 -52.92 52.44
C ASN A 409 -26.91 -51.56 51.79
N ASP A 410 -25.86 -50.75 51.67
CA ASP A 410 -25.99 -49.46 51.02
C ASP A 410 -26.48 -49.64 49.58
N ALA A 411 -26.87 -48.52 48.98
CA ALA A 411 -27.36 -48.55 47.61
C ALA A 411 -26.29 -49.13 46.68
N GLY A 412 -26.66 -50.19 45.96
CA GLY A 412 -25.77 -50.84 45.03
C GLY A 412 -24.88 -51.91 45.64
N THR A 413 -24.84 -52.02 46.97
CA THR A 413 -24.02 -53.01 47.64
C THR A 413 -24.87 -54.10 48.29
N LEU A 414 -26.13 -54.23 47.88
CA LEU A 414 -26.99 -55.25 48.45
C LEU A 414 -26.43 -56.64 48.16
N SER A 415 -26.58 -57.54 49.11
CA SER A 415 -26.14 -58.91 48.96
C SER A 415 -27.22 -59.85 49.49
N PHE A 416 -27.29 -61.04 48.89
CA PHE A 416 -28.28 -62.05 49.24
C PHE A 416 -27.58 -63.23 49.88
N ASP A 417 -27.71 -63.35 51.19
CA ASP A 417 -27.10 -64.44 51.94
C ASP A 417 -27.97 -65.68 51.74
N SER A 418 -27.63 -66.49 50.74
CA SER A 418 -28.44 -67.67 50.43
C SER A 418 -28.56 -68.59 51.62
N SER A 419 -27.50 -68.70 52.42
CA SER A 419 -27.51 -69.62 53.55
C SER A 419 -28.65 -69.32 54.50
N LYS A 420 -28.75 -68.06 54.93
CA LYS A 420 -29.76 -67.69 55.91
C LYS A 420 -31.17 -67.87 55.36
N PHE A 421 -31.38 -67.42 54.12
CA PHE A 421 -32.70 -67.57 53.52
C PHE A 421 -33.09 -69.04 53.45
N GLU A 422 -32.22 -69.87 52.87
CA GLU A 422 -32.53 -71.28 52.74
C GLU A 422 -32.80 -71.92 54.10
N GLN A 423 -31.96 -71.60 55.09
CA GLN A 423 -32.12 -72.20 56.40
C GLN A 423 -33.44 -71.80 57.04
N LYS A 424 -33.71 -70.49 57.09
CA LYS A 424 -34.92 -70.02 57.74
C LYS A 424 -36.17 -70.43 56.99
N VAL A 425 -36.07 -70.74 55.71
CA VAL A 425 -37.24 -71.21 54.98
C VAL A 425 -37.44 -72.69 55.22
N LYS A 426 -36.36 -73.47 55.21
CA LYS A 426 -36.48 -74.89 55.50
C LYS A 426 -36.95 -75.13 56.92
N GLU A 427 -36.59 -74.23 57.84
CA GLU A 427 -37.04 -74.37 59.22
C GLU A 427 -38.54 -74.19 59.34
N ASP A 428 -39.08 -73.20 58.63
CA ASP A 428 -40.52 -72.92 58.68
C ASP A 428 -40.92 -72.29 57.37
N PRO A 429 -41.22 -73.11 56.35
CA PRO A 429 -41.67 -72.55 55.07
C PRO A 429 -43.06 -71.95 55.14
N ASP A 430 -43.85 -72.28 56.15
CA ASP A 430 -45.24 -71.83 56.20
C ASP A 430 -45.34 -70.34 56.53
N SER A 431 -44.62 -69.91 57.56
CA SER A 431 -44.63 -68.49 57.91
C SER A 431 -44.10 -67.65 56.74
N THR A 432 -43.02 -68.11 56.12
CA THR A 432 -42.44 -67.39 54.99
C THR A 432 -43.45 -67.32 53.84
N GLU A 433 -44.05 -68.46 53.49
CA GLU A 433 -45.01 -68.47 52.41
C GLU A 433 -46.18 -67.56 52.71
N SER A 434 -46.63 -67.52 53.96
CA SER A 434 -47.73 -66.65 54.33
C SER A 434 -47.35 -65.19 54.17
N PHE A 435 -46.21 -64.80 54.71
CA PHE A 435 -45.82 -63.39 54.66
C PHE A 435 -45.53 -62.94 53.25
N PHE A 436 -45.06 -63.83 52.39
CA PHE A 436 -44.76 -63.48 51.02
C PHE A 436 -45.93 -63.70 50.08
N SER A 437 -46.98 -64.38 50.54
CA SER A 437 -48.23 -64.46 49.79
C SER A 437 -49.19 -63.35 50.16
N ASN A 438 -49.01 -62.73 51.33
CA ASN A 438 -49.68 -61.47 51.59
C ASN A 438 -49.44 -60.48 50.47
N ILE A 439 -48.34 -60.63 49.74
CA ILE A 439 -48.12 -59.86 48.53
C ILE A 439 -49.27 -60.11 47.57
N THR A 440 -49.85 -59.03 47.05
CA THR A 440 -50.94 -59.13 46.09
C THR A 440 -50.73 -58.11 44.98
N GLU A 576 -55.76 -56.89 55.44
CA GLU A 576 -55.03 -57.49 54.33
C GLU A 576 -53.54 -57.61 54.66
N GLY A 577 -52.95 -56.49 55.09
CA GLY A 577 -51.53 -56.47 55.39
C GLY A 577 -50.72 -56.90 54.18
N LYS A 578 -50.86 -56.15 53.09
CA LYS A 578 -50.20 -56.53 51.85
C LYS A 578 -48.71 -56.70 52.08
N GLY A 579 -48.15 -57.74 51.48
CA GLY A 579 -46.81 -58.17 51.78
C GLY A 579 -45.77 -57.18 51.30
N ILE A 580 -44.54 -57.67 51.25
CA ILE A 580 -43.39 -56.83 50.98
C ILE A 580 -43.41 -56.36 49.53
N PHE A 581 -43.32 -57.30 48.59
CA PHE A 581 -43.16 -56.96 47.18
C PHE A 581 -44.42 -56.36 46.58
N SER A 582 -45.56 -56.47 47.25
CA SER A 582 -46.76 -55.79 46.77
C SER A 582 -46.58 -54.29 46.80
N LYS A 583 -45.96 -53.77 47.87
CA LYS A 583 -45.70 -52.35 47.95
C LYS A 583 -44.81 -51.90 46.80
N LEU A 584 -43.83 -52.72 46.42
CA LEU A 584 -43.02 -52.38 45.27
C LEU A 584 -43.83 -52.40 44.00
N LYS A 585 -44.68 -53.41 43.83
CA LYS A 585 -45.51 -53.48 42.63
C LYS A 585 -46.40 -52.26 42.52
N ALA A 586 -46.79 -51.69 43.66
CA ALA A 586 -47.60 -50.48 43.64
C ALA A 586 -46.76 -49.24 43.34
N THR A 587 -45.62 -49.12 44.02
CA THR A 587 -44.79 -47.93 43.89
C THR A 587 -44.23 -47.81 42.47
N LEU A 588 -43.57 -48.86 42.00
CA LEU A 588 -43.07 -48.87 40.64
C LEU A 588 -44.18 -48.68 39.63
N GLN A 589 -45.39 -49.14 39.95
CA GLN A 589 -46.51 -48.92 39.05
C GLN A 589 -46.85 -47.45 38.96
N GLU A 590 -46.92 -46.77 40.11
CA GLU A 590 -47.20 -45.34 40.10
C GLU A 590 -46.12 -44.58 39.35
N MET A 591 -44.87 -45.02 39.47
CA MET A 591 -43.79 -44.32 38.78
C MET A 591 -43.85 -44.54 37.28
N THR A 592 -43.77 -45.80 36.84
CA THR A 592 -43.76 -46.13 35.43
C THR A 592 -45.14 -46.02 34.79
N GLY A 593 -46.17 -45.69 35.56
CA GLY A 593 -47.49 -45.54 34.99
C GLY A 593 -47.53 -44.48 33.91
N LYS A 594 -48.51 -44.60 33.03
CA LYS A 594 -48.64 -43.65 31.94
C LYS A 594 -48.89 -42.24 32.46
N ASP A 595 -49.48 -42.12 33.65
CA ASP A 595 -49.67 -40.84 34.31
C ASP A 595 -48.71 -40.67 35.48
N GLY A 596 -47.57 -41.35 35.43
CA GLY A 596 -46.59 -41.28 36.49
C GLY A 596 -45.59 -40.18 36.28
N SER A 597 -44.77 -39.98 37.32
CA SER A 597 -43.82 -38.86 37.33
C SER A 597 -42.84 -38.94 36.18
N ILE A 598 -42.38 -40.16 35.86
CA ILE A 598 -41.46 -40.33 34.75
C ILE A 598 -42.02 -39.69 33.51
N THR A 599 -43.30 -39.93 33.22
CA THR A 599 -43.95 -39.32 32.07
C THR A 599 -44.09 -37.82 32.22
N LYS A 600 -44.20 -37.32 33.45
CA LYS A 600 -44.27 -35.87 33.64
C LYS A 600 -42.98 -35.20 33.19
N TYR A 601 -41.86 -35.67 33.72
CA TYR A 601 -40.58 -35.10 33.29
C TYR A 601 -40.36 -35.31 31.81
N ASP A 602 -40.71 -36.49 31.30
CA ASP A 602 -40.53 -36.76 29.89
C ASP A 602 -41.34 -35.80 29.03
N GLU A 603 -42.59 -35.56 29.39
CA GLU A 603 -43.45 -34.70 28.60
C GLU A 603 -43.00 -33.25 28.68
N SER A 604 -42.59 -32.82 29.86
CA SER A 604 -42.06 -31.47 29.97
C SER A 604 -40.87 -31.29 29.05
N LEU A 605 -39.92 -32.23 29.09
CA LEU A 605 -38.73 -32.10 28.25
C LEU A 605 -39.08 -32.23 26.78
N THR A 606 -40.13 -32.98 26.46
CA THR A 606 -40.52 -33.17 25.07
C THR A 606 -41.17 -31.92 24.52
N ASN A 607 -41.96 -31.22 25.33
CA ASN A 607 -42.58 -29.99 24.88
C ASN A 607 -41.56 -28.85 24.83
N ASP A 608 -40.56 -28.92 25.69
CA ASP A 608 -39.54 -27.88 25.70
C ASP A 608 -38.88 -27.73 24.34
N ILE A 609 -38.55 -28.86 23.71
CA ILE A 609 -37.88 -28.79 22.42
C ILE A 609 -38.82 -28.27 21.35
N LYS A 610 -40.10 -28.58 21.45
CA LYS A 610 -41.07 -28.01 20.52
C LYS A 610 -41.00 -26.50 20.58
N SER A 611 -41.17 -25.94 21.78
CA SER A 611 -41.17 -24.49 21.92
C SER A 611 -39.84 -23.91 21.49
N LEU A 612 -38.74 -24.60 21.78
CA LEU A 612 -37.43 -24.10 21.41
C LEU A 612 -37.27 -24.03 19.91
N ASN A 613 -37.62 -25.10 19.20
CA ASN A 613 -37.55 -25.09 17.76
C ASN A 613 -38.42 -23.99 17.18
N THR A 614 -39.61 -23.81 17.76
CA THR A 614 -40.52 -22.80 17.24
C THR A 614 -39.90 -21.40 17.36
N SER A 615 -39.40 -21.07 18.55
CA SER A 615 -38.81 -19.75 18.75
C SER A 615 -37.59 -19.56 17.87
N LYS A 616 -36.74 -20.59 17.78
CA LYS A 616 -35.57 -20.50 16.94
C LYS A 616 -35.97 -20.23 15.50
N ASP A 617 -37.04 -20.88 15.04
CA ASP A 617 -37.48 -20.68 13.66
C ASP A 617 -38.02 -19.28 13.45
N SER A 618 -38.71 -18.74 14.45
CA SER A 618 -39.19 -17.37 14.35
C SER A 618 -38.03 -16.40 14.14
N THR A 619 -37.03 -16.50 15.03
CA THR A 619 -35.89 -15.60 14.89
C THR A 619 -35.14 -15.87 13.58
N GLN A 620 -35.12 -17.12 13.14
CA GLN A 620 -34.51 -17.44 11.86
C GLN A 620 -35.19 -16.69 10.74
N ALA A 621 -36.53 -16.70 10.75
CA ALA A 621 -37.27 -15.92 9.77
C ALA A 621 -36.86 -14.45 9.82
N MET A 622 -36.84 -13.88 11.02
CA MET A 622 -36.45 -12.48 11.15
C MET A 622 -35.07 -12.24 10.56
N ILE A 623 -34.17 -13.22 10.69
CA ILE A 623 -32.82 -13.05 10.21
C ILE A 623 -32.83 -12.77 8.71
N ASP A 624 -33.31 -13.74 7.93
CA ASP A 624 -33.26 -13.60 6.49
C ASP A 624 -34.19 -12.49 6.02
N THR A 625 -35.16 -12.11 6.83
CA THR A 625 -36.04 -11.01 6.45
C THR A 625 -35.23 -9.77 6.11
N ARG A 626 -34.27 -9.42 6.97
CA ARG A 626 -33.45 -8.23 6.72
C ARG A 626 -32.59 -8.42 5.47
N TYR A 627 -31.87 -9.53 5.40
CA TYR A 627 -30.88 -9.69 4.35
C TYR A 627 -31.51 -9.84 2.98
N ASP A 628 -32.78 -10.25 2.91
CA ASP A 628 -33.46 -10.25 1.62
C ASP A 628 -33.60 -8.83 1.08
N THR A 629 -34.09 -7.91 1.91
CA THR A 629 -34.15 -6.53 1.51
C THR A 629 -32.77 -5.99 1.19
N MET A 630 -31.77 -6.42 1.95
CA MET A 630 -30.41 -5.97 1.67
C MET A 630 -29.96 -6.43 0.30
N ALA A 631 -30.31 -7.65 -0.08
CA ALA A 631 -30.00 -8.14 -1.42
C ALA A 631 -30.68 -7.28 -2.47
N ASN A 632 -31.94 -6.94 -2.23
CA ASN A 632 -32.64 -6.05 -3.13
C ASN A 632 -31.91 -4.72 -3.26
N GLN A 633 -31.39 -4.21 -2.15
CA GLN A 633 -30.64 -2.96 -2.19
C GLN A 633 -29.37 -3.12 -3.01
N TRP A 634 -28.70 -4.26 -2.86
CA TRP A 634 -27.47 -4.49 -3.60
C TRP A 634 -27.73 -4.46 -5.09
N LEU A 635 -28.71 -5.22 -5.54
CA LEU A 635 -29.04 -5.18 -6.97
C LEU A 635 -29.55 -3.81 -7.36
N GLN A 636 -30.18 -3.10 -6.44
CA GLN A 636 -30.67 -1.76 -6.74
C GLN A 636 -29.52 -0.84 -7.11
N TYR A 637 -28.52 -0.79 -6.26
CA TYR A 637 -27.39 0.07 -6.57
C TYR A 637 -26.55 -0.51 -7.69
N GLU A 638 -26.64 -1.81 -7.93
CA GLU A 638 -26.01 -2.34 -9.14
C GLU A 638 -26.64 -1.70 -10.36
N SER A 639 -27.97 -1.60 -10.36
CA SER A 639 -28.65 -0.97 -11.48
C SER A 639 -28.33 0.51 -11.55
N ILE A 640 -28.22 1.15 -10.39
CA ILE A 640 -27.98 2.60 -10.38
C ILE A 640 -26.57 2.89 -10.85
N LEU A 641 -25.61 2.09 -10.41
CA LEU A 641 -24.24 2.27 -10.85
C LEU A 641 -24.09 1.85 -12.28
N ASN A 642 -24.96 0.97 -12.77
CA ASN A 642 -24.98 0.70 -14.19
C ASN A 642 -25.51 1.89 -14.95
N LYS A 643 -26.53 2.54 -14.40
CA LYS A 643 -27.04 3.76 -15.02
C LYS A 643 -25.95 4.82 -15.07
N LEU A 644 -25.23 5.00 -13.97
CA LEU A 644 -24.22 6.04 -13.92
C LEU A 644 -22.99 5.66 -14.73
N ASN A 645 -22.65 4.38 -14.77
CA ASN A 645 -21.50 3.97 -15.57
C ASN A 645 -21.82 4.07 -17.04
N GLN A 646 -23.03 3.67 -17.42
CA GLN A 646 -23.45 3.82 -18.81
C GLN A 646 -23.58 5.28 -19.16
N GLN A 647 -23.94 6.14 -18.22
CA GLN A 647 -24.08 7.56 -18.51
C GLN A 647 -22.73 8.25 -18.51
N LEU A 648 -21.80 7.76 -17.72
CA LEU A 648 -20.44 8.22 -17.81
C LEU A 648 -19.84 7.82 -19.15
N ASN A 649 -20.12 6.60 -19.58
CA ASN A 649 -19.76 6.18 -20.92
C ASN A 649 -20.53 6.95 -21.96
N THR A 650 -21.70 7.46 -21.61
CA THR A 650 -22.50 8.23 -22.56
C THR A 650 -21.91 9.61 -22.76
N VAL A 651 -21.59 10.29 -21.66
CA VAL A 651 -20.91 11.56 -21.74
C VAL A 651 -19.52 11.38 -22.32
N THR A 652 -18.92 10.20 -22.11
CA THR A 652 -17.62 9.91 -22.73
C THR A 652 -17.77 9.66 -24.22
N ASN A 653 -18.89 9.06 -24.62
CA ASN A 653 -19.19 8.87 -26.03
C ASN A 653 -19.47 10.20 -26.70
N MET A 654 -20.05 11.14 -25.96
CA MET A 654 -20.24 12.49 -26.48
C MET A 654 -18.93 13.27 -26.50
N ILE A 655 -18.09 13.03 -25.49
CA ILE A 655 -16.77 13.63 -25.43
C ILE A 655 -15.94 13.20 -26.62
N ASN A 656 -16.00 11.91 -26.96
CA ASN A 656 -15.29 11.40 -28.12
C ASN A 656 -15.97 11.84 -29.41
N ALA A 657 -17.30 11.80 -29.44
CA ALA A 657 -18.05 12.19 -30.62
C ALA A 657 -18.13 13.71 -30.73
N ALA A 658 -18.67 14.36 -29.70
CA ALA A 658 -18.79 15.81 -29.69
C ALA A 658 -17.57 16.44 -29.03
N MET B 21 -23.55 15.56 1.54
CA MET B 21 -22.95 15.78 2.89
C MET B 21 -23.52 14.82 3.91
N ALA B 22 -24.65 14.20 3.57
CA ALA B 22 -25.22 13.19 4.45
C ALA B 22 -24.19 12.13 4.81
N PHE B 23 -23.19 11.94 3.96
CA PHE B 23 -22.11 11.01 4.20
C PHE B 23 -20.78 11.72 4.43
N GLY B 24 -20.77 13.04 4.35
CA GLY B 24 -19.56 13.77 4.64
C GLY B 24 -19.07 13.41 6.03
N SER B 25 -18.00 12.64 6.08
CA SER B 25 -17.49 12.14 7.34
C SER B 25 -16.04 11.76 7.16
N LEU B 26 -15.36 11.66 8.29
CA LEU B 26 -13.98 11.24 8.32
C LEU B 26 -13.84 10.08 9.28
N SER B 27 -12.80 9.29 9.06
CA SER B 27 -12.68 7.99 9.71
C SER B 27 -11.96 8.03 11.04
N SER B 28 -10.96 8.89 11.20
CA SER B 28 -10.08 8.77 12.34
C SER B 28 -9.46 10.12 12.68
N LEU B 29 -8.70 10.11 13.77
CA LEU B 29 -7.85 11.22 14.18
C LEU B 29 -6.48 10.65 14.48
N GLY B 30 -5.44 11.20 13.84
CA GLY B 30 -4.14 10.58 13.88
C GLY B 30 -3.03 11.58 14.13
N PHE B 31 -1.87 11.02 14.47
CA PHE B 31 -0.66 11.79 14.65
C PHE B 31 0.53 10.94 14.25
N GLY B 32 1.69 11.58 14.20
CA GLY B 32 2.97 10.88 14.10
C GLY B 32 3.05 9.79 13.06
N SER B 33 2.14 9.79 12.10
CA SER B 33 2.12 8.74 11.08
C SER B 33 3.35 8.88 10.19
N GLY B 34 4.31 7.98 10.37
CA GLY B 34 5.51 7.99 9.55
C GLY B 34 6.77 7.63 10.30
N VAL B 35 7.90 7.90 9.67
CA VAL B 35 9.21 7.58 10.20
C VAL B 35 10.09 8.81 10.13
N LEU B 36 10.94 8.98 11.14
CA LEU B 36 11.86 10.11 11.16
C LEU B 36 12.92 9.93 10.08
N THR B 37 13.23 11.02 9.38
CA THR B 37 14.35 11.09 8.49
C THR B 37 15.01 12.45 8.61
N GLN B 38 16.30 12.49 8.34
CA GLN B 38 17.01 13.76 8.36
C GLN B 38 16.33 14.79 7.48
N ASP B 39 15.68 14.33 6.41
CA ASP B 39 14.98 15.26 5.53
C ASP B 39 13.83 15.94 6.28
N THR B 40 13.10 15.17 7.08
CA THR B 40 12.06 15.76 7.90
C THR B 40 12.66 16.75 8.89
N ILE B 41 13.83 16.42 9.41
CA ILE B 41 14.50 17.33 10.32
C ILE B 41 14.78 18.64 9.61
N ASP B 42 15.25 18.56 8.37
CA ASP B 42 15.57 19.76 7.62
C ASP B 42 14.31 20.57 7.36
N LYS B 43 13.22 19.90 7.04
CA LYS B 43 11.97 20.61 6.80
C LYS B 43 11.53 21.35 8.06
N LEU B 44 11.61 20.69 9.20
CA LEU B 44 11.24 21.34 10.45
C LEU B 44 12.15 22.51 10.73
N LYS B 45 13.44 22.35 10.44
CA LYS B 45 14.37 23.45 10.64
C LYS B 45 13.99 24.64 9.78
N GLU B 46 13.60 24.38 8.54
CA GLU B 46 13.21 25.48 7.66
C GLU B 46 11.96 26.17 8.17
N ALA B 47 10.99 25.38 8.62
CA ALA B 47 9.75 25.96 9.12
C ALA B 47 10.03 26.85 10.33
N GLU B 48 10.85 26.35 11.25
CA GLU B 48 11.21 27.13 12.42
C GLU B 48 11.92 28.41 12.00
N GLN B 49 12.90 28.28 11.11
CA GLN B 49 13.61 29.45 10.61
C GLN B 49 12.63 30.49 10.12
N LYS B 50 11.70 30.07 9.26
CA LYS B 50 10.73 31.02 8.75
C LYS B 50 10.02 31.69 9.90
N ALA B 51 9.28 30.90 10.66
CA ALA B 51 8.39 31.45 11.68
C ALA B 51 9.12 32.24 12.75
N ARG B 52 10.44 32.12 12.83
CA ARG B 52 11.19 32.81 13.87
C ARG B 52 11.94 34.04 13.37
N ILE B 53 12.45 34.02 12.14
CA ILE B 53 13.32 35.08 11.67
C ILE B 53 12.77 35.81 10.45
N ASP B 54 11.54 35.53 10.04
CA ASP B 54 10.97 36.32 8.96
C ASP B 54 10.69 37.76 9.38
N PRO B 55 10.08 38.03 10.54
CA PRO B 55 9.84 39.43 10.92
C PRO B 55 11.09 40.27 10.95
N TYR B 56 12.21 39.68 11.37
CA TYR B 56 13.46 40.43 11.37
C TYR B 56 13.81 40.88 9.95
N THR B 57 13.72 39.97 8.99
CA THR B 57 13.98 40.33 7.61
C THR B 57 13.04 41.42 7.15
N LYS B 58 11.76 41.31 7.51
CA LYS B 58 10.78 42.27 7.03
C LYS B 58 11.08 43.66 7.58
N LYS B 59 11.38 43.74 8.88
CA LYS B 59 11.71 45.03 9.47
C LYS B 59 12.99 45.58 8.87
N ILE B 60 13.93 44.71 8.55
CA ILE B 60 15.18 45.16 7.93
C ILE B 60 14.88 45.81 6.59
N GLU B 61 14.04 45.15 5.78
CA GLU B 61 13.69 45.72 4.48
C GLU B 61 12.96 47.03 4.65
N GLU B 62 12.05 47.11 5.61
CA GLU B 62 11.33 48.35 5.87
C GLU B 62 12.31 49.47 6.16
N ASN B 63 13.24 49.23 7.08
CA ASN B 63 14.18 50.27 7.45
C ASN B 63 15.05 50.67 6.28
N THR B 64 15.46 49.70 5.46
CA THR B 64 16.30 50.01 4.32
C THR B 64 15.56 50.88 3.32
N THR B 65 14.30 50.56 3.05
CA THR B 65 13.51 51.38 2.15
C THR B 65 13.38 52.79 2.70
N LYS B 66 13.09 52.90 4.00
CA LYS B 66 12.98 54.22 4.62
C LYS B 66 14.26 55.00 4.45
N GLN B 67 15.40 54.33 4.62
CA GLN B 67 16.68 55.02 4.55
C GLN B 67 16.97 55.48 3.14
N LYS B 68 16.65 54.64 2.15
CA LYS B 68 16.81 55.05 0.76
C LYS B 68 16.01 56.32 0.49
N ASP B 69 14.74 56.32 0.88
CA ASP B 69 13.89 57.47 0.60
C ASP B 69 14.41 58.71 1.32
N LEU B 70 14.85 58.56 2.57
CA LEU B 70 15.36 59.70 3.30
C LEU B 70 16.62 60.25 2.64
N THR B 71 17.48 59.36 2.15
CA THR B 71 18.67 59.80 1.45
C THR B 71 18.31 60.59 0.21
N GLU B 72 17.33 60.11 -0.55
CA GLU B 72 16.92 60.82 -1.75
C GLU B 72 16.43 62.22 -1.41
N ILE B 73 15.51 62.31 -0.46
CA ILE B 73 14.97 63.63 -0.14
C ILE B 73 16.05 64.50 0.48
N LYS B 74 17.05 63.90 1.12
CA LYS B 74 18.14 64.67 1.66
C LYS B 74 18.95 65.30 0.54
N THR B 75 19.27 64.52 -0.49
CA THR B 75 19.97 65.07 -1.63
C THR B 75 19.19 66.22 -2.25
N LYS B 76 17.87 66.03 -2.40
CA LYS B 76 17.06 67.08 -2.99
C LYS B 76 17.09 68.33 -2.13
N LEU B 77 16.92 68.16 -0.82
CA LEU B 77 16.93 69.31 0.09
C LEU B 77 18.28 70.01 0.06
N LEU B 78 19.35 69.25 -0.08
CA LEU B 78 20.67 69.86 -0.13
C LEU B 78 20.85 70.66 -1.41
N SER B 79 20.38 70.13 -2.53
CA SER B 79 20.43 70.88 -3.78
C SER B 79 19.64 72.18 -3.66
N PHE B 80 18.45 72.11 -3.07
CA PHE B 80 17.63 73.30 -2.93
C PHE B 80 18.31 74.31 -2.01
N GLN B 81 18.89 73.84 -0.91
CA GLN B 81 19.60 74.74 -0.01
C GLN B 81 20.78 75.36 -0.71
N THR B 82 21.45 74.60 -1.56
CA THR B 82 22.55 75.15 -2.34
C THR B 82 22.05 76.31 -3.21
N ALA B 83 20.95 76.08 -3.93
CA ALA B 83 20.40 77.13 -4.77
C ALA B 83 20.06 78.37 -3.95
N VAL B 84 19.37 78.17 -2.84
CA VAL B 84 18.92 79.31 -2.05
C VAL B 84 20.10 80.06 -1.48
N SER B 85 21.08 79.34 -0.93
CA SER B 85 22.23 80.01 -0.34
C SER B 85 23.06 80.71 -1.40
N SER B 86 23.04 80.21 -2.63
CA SER B 86 23.80 80.84 -3.71
C SER B 86 23.13 82.13 -4.16
N LEU B 87 21.81 82.12 -4.29
CA LEU B 87 21.08 83.26 -4.81
C LEU B 87 20.34 84.03 -3.72
N ALA B 88 20.78 83.92 -2.47
CA ALA B 88 20.16 84.67 -1.39
C ALA B 88 20.81 86.02 -1.21
N ASP B 89 22.11 86.11 -1.47
CA ASP B 89 22.84 87.37 -1.32
C ASP B 89 22.56 88.25 -2.54
N ALA B 90 21.66 89.22 -2.38
CA ALA B 90 21.31 90.10 -3.49
C ALA B 90 22.49 90.95 -3.95
N THR B 91 23.52 91.08 -3.12
CA THR B 91 24.68 91.86 -3.51
C THR B 91 25.40 91.28 -4.70
N VAL B 92 25.14 90.02 -5.04
CA VAL B 92 25.76 89.43 -6.21
C VAL B 92 25.36 90.18 -7.46
N PHE B 93 24.21 90.84 -7.46
CA PHE B 93 23.73 91.59 -8.62
C PHE B 93 24.36 92.98 -8.67
N ALA B 94 25.67 93.02 -8.57
CA ALA B 94 26.43 94.26 -8.72
C ALA B 94 26.84 94.50 -10.17
N LYS B 95 26.40 93.64 -11.08
CA LYS B 95 26.78 93.79 -12.48
C LYS B 95 26.33 95.14 -13.01
N ARG B 96 27.06 95.63 -14.00
CA ARG B 96 26.73 96.86 -14.69
C ARG B 96 26.82 96.64 -16.18
N LYS B 97 25.92 97.27 -16.92
CA LYS B 97 25.90 97.17 -18.37
C LYS B 97 25.98 98.56 -18.97
N VAL B 98 26.76 98.67 -20.04
CA VAL B 98 27.05 99.94 -20.68
C VAL B 98 26.11 100.11 -21.86
N VAL B 99 25.33 101.18 -21.85
CA VAL B 99 24.43 101.52 -22.94
C VAL B 99 24.60 103.01 -23.24
N GLY B 100 23.87 103.47 -24.24
CA GLY B 100 23.90 104.87 -24.62
C GLY B 100 23.55 105.02 -26.09
N SER B 101 23.86 106.20 -26.61
CA SER B 101 23.59 106.54 -28.01
C SER B 101 24.81 106.17 -28.85
N ILE B 102 25.06 104.87 -28.94
CA ILE B 102 26.17 104.33 -29.71
C ILE B 102 25.59 103.73 -30.99
N SER B 103 26.12 104.17 -32.12
CA SER B 103 25.62 103.75 -33.42
C SER B 103 26.42 102.53 -33.90
N ASP B 104 26.26 102.20 -35.19
CA ASP B 104 26.90 101.05 -35.78
C ASP B 104 28.35 100.90 -35.34
N ASN B 105 29.16 101.92 -35.60
CA ASN B 105 30.58 101.87 -35.28
C ASN B 105 30.88 102.70 -34.05
N PRO B 106 31.18 102.09 -32.91
CA PRO B 106 31.57 102.88 -31.74
C PRO B 106 32.94 103.49 -31.94
N PRO B 107 33.03 104.82 -31.99
CA PRO B 107 34.36 105.43 -32.14
C PRO B 107 35.27 105.13 -30.97
N ALA B 108 34.71 104.88 -29.79
CA ALA B 108 35.48 104.45 -28.63
C ALA B 108 34.64 103.45 -27.85
N SER B 109 35.32 102.55 -27.15
CA SER B 109 34.68 101.49 -26.39
C SER B 109 35.00 101.65 -24.91
N LEU B 110 33.96 101.75 -24.09
CA LEU B 110 34.11 101.90 -22.65
C LEU B 110 33.69 100.60 -21.97
N THR B 111 34.62 100.00 -21.26
CA THR B 111 34.37 98.78 -20.50
C THR B 111 34.37 99.12 -19.02
N VAL B 112 33.35 98.65 -18.31
CA VAL B 112 33.16 98.95 -16.91
C VAL B 112 33.05 97.63 -16.15
N ASN B 113 33.75 97.56 -15.03
CA ASN B 113 33.70 96.37 -14.19
C ASN B 113 32.49 96.45 -13.27
N SER B 114 32.42 95.53 -12.32
CA SER B 114 31.29 95.47 -11.40
C SER B 114 31.47 96.42 -10.23
N GLY B 115 30.35 96.80 -9.63
CA GLY B 115 30.35 97.63 -8.45
C GLY B 115 30.41 99.12 -8.71
N VAL B 116 30.76 99.53 -9.92
CA VAL B 116 30.87 100.96 -10.22
C VAL B 116 29.49 101.59 -10.16
N ALA B 117 29.43 102.81 -9.63
CA ALA B 117 28.17 103.52 -9.54
C ALA B 117 27.65 103.88 -10.93
N LEU B 118 26.36 104.18 -11.00
CA LEU B 118 25.74 104.52 -12.26
C LEU B 118 26.06 105.95 -12.65
N GLN B 119 26.22 106.17 -13.95
CA GLN B 119 26.59 107.49 -14.47
C GLN B 119 26.42 107.47 -15.98
N SER B 120 26.64 108.64 -16.58
CA SER B 120 26.63 108.79 -18.02
C SER B 120 27.78 109.69 -18.43
N MET B 121 28.38 109.38 -19.58
CA MET B 121 29.60 110.06 -20.01
C MET B 121 29.35 110.71 -21.36
N ASN B 122 29.59 112.02 -21.43
CA ASN B 122 29.54 112.77 -22.68
C ASN B 122 30.98 112.90 -23.16
N ILE B 123 31.37 112.01 -24.07
CA ILE B 123 32.75 111.90 -24.52
C ILE B 123 32.82 112.33 -25.97
N ASN B 124 33.83 113.13 -26.28
CA ASN B 124 34.13 113.52 -27.65
C ASN B 124 35.60 113.31 -27.91
N VAL B 125 35.91 112.68 -29.04
CA VAL B 125 37.28 112.42 -29.46
C VAL B 125 37.57 113.30 -30.65
N THR B 126 38.79 113.83 -30.69
CA THR B 126 39.20 114.72 -31.76
C THR B 126 40.49 114.29 -32.45
N GLN B 127 41.31 113.47 -31.82
CA GLN B 127 42.51 112.99 -32.47
C GLN B 127 42.98 111.70 -31.82
N LEU B 128 43.46 110.79 -32.65
CA LEU B 128 43.98 109.52 -32.18
C LEU B 128 45.44 109.67 -31.80
N ALA B 129 45.88 108.80 -30.89
CA ALA B 129 47.29 108.72 -30.58
C ALA B 129 48.04 108.05 -31.73
N GLN B 130 49.25 108.50 -31.96
CA GLN B 130 50.04 108.02 -33.09
C GLN B 130 51.46 107.73 -32.63
N LYS B 131 52.22 107.11 -33.52
CA LYS B 131 53.64 106.89 -33.34
C LYS B 131 54.40 107.60 -34.44
N ASP B 132 55.69 107.80 -34.20
CA ASP B 132 56.54 108.49 -35.17
C ASP B 132 57.09 107.48 -36.17
N VAL B 133 56.95 107.79 -37.45
CA VAL B 133 57.35 106.89 -38.53
C VAL B 133 58.44 107.57 -39.35
N TYR B 134 59.46 106.80 -39.70
CA TYR B 134 60.56 107.26 -40.52
C TYR B 134 60.81 106.25 -41.62
N GLN B 135 60.61 106.65 -42.87
CA GLN B 135 60.85 105.80 -44.03
C GLN B 135 62.02 106.38 -44.82
N SER B 136 63.09 105.61 -44.95
CA SER B 136 64.30 106.12 -45.56
C SER B 136 64.05 106.48 -47.02
N LYS B 137 64.49 107.68 -47.40
CA LYS B 137 64.40 108.09 -48.79
C LYS B 137 65.55 107.53 -49.61
N GLY B 138 66.66 107.19 -48.97
CA GLY B 138 67.71 106.47 -49.67
C GLY B 138 67.20 105.12 -50.10
N LEU B 139 66.95 104.97 -51.39
CA LEU B 139 66.33 103.77 -51.94
C LEU B 139 67.40 102.88 -52.54
N ALA B 140 67.80 101.86 -51.79
CA ALA B 140 68.78 100.90 -52.28
C ALA B 140 68.07 99.75 -52.97
N ASN B 141 68.64 99.31 -54.08
CA ASN B 141 68.14 98.17 -54.82
C ASN B 141 68.75 96.85 -54.36
N ASP B 142 69.41 96.86 -53.21
CA ASP B 142 70.03 95.65 -52.67
C ASP B 142 70.08 95.77 -51.15
N SER B 143 69.49 94.81 -50.46
CA SER B 143 69.55 94.79 -49.00
C SER B 143 70.97 94.60 -48.50
N GLY B 144 71.86 94.05 -49.33
CA GLY B 144 73.23 93.83 -48.94
C GLY B 144 74.15 94.95 -49.35
N PHE B 145 73.60 96.16 -49.46
CA PHE B 145 74.40 97.31 -49.83
C PHE B 145 75.44 97.59 -48.77
N VAL B 146 76.71 97.65 -49.17
CA VAL B 146 77.82 97.90 -48.27
C VAL B 146 78.49 99.21 -48.68
N ASN B 147 78.56 100.15 -47.73
CA ASN B 147 79.29 101.40 -47.94
C ASN B 147 80.72 101.18 -47.45
N ALA B 148 81.57 100.68 -48.35
CA ALA B 148 82.93 100.30 -47.99
C ALA B 148 83.77 101.49 -47.56
N ASN B 149 83.38 102.71 -47.91
CA ASN B 149 84.17 103.88 -47.54
C ASN B 149 84.07 104.23 -46.07
N LEU B 150 83.17 103.59 -45.33
CA LEU B 150 83.05 103.83 -43.89
C LEU B 150 84.15 103.07 -43.16
N THR B 151 85.39 103.48 -43.44
CA THR B 151 86.53 102.86 -42.79
C THR B 151 86.55 103.25 -41.31
N GLY B 152 86.93 102.29 -40.47
CA GLY B 152 86.85 102.49 -39.04
C GLY B 152 85.50 102.10 -38.51
N THR B 153 85.19 102.61 -37.31
CA THR B 153 83.93 102.34 -36.66
C THR B 153 83.23 103.64 -36.31
N THR B 154 81.92 103.53 -36.08
CA THR B 154 81.10 104.64 -35.61
C THR B 154 80.02 104.06 -34.71
N ASP B 155 79.26 104.94 -34.06
CA ASP B 155 78.24 104.52 -33.11
C ASP B 155 76.94 105.25 -33.43
N LEU B 156 75.94 104.49 -33.86
CA LEU B 156 74.61 105.02 -34.15
C LEU B 156 73.88 105.25 -32.84
N THR B 157 73.97 106.47 -32.33
CA THR B 157 73.40 106.82 -31.04
C THR B 157 71.98 107.34 -31.24
N PHE B 158 71.02 106.68 -30.60
CA PHE B 158 69.61 107.02 -30.76
C PHE B 158 69.05 107.47 -29.42
N PHE B 159 67.93 108.18 -29.48
CA PHE B 159 67.30 108.76 -28.30
C PHE B 159 65.79 108.74 -28.51
N SER B 160 65.13 107.80 -27.83
CA SER B 160 63.69 107.62 -27.93
C SER B 160 63.09 107.82 -26.55
N ASN B 161 62.20 108.80 -26.43
CA ASN B 161 61.50 109.07 -25.18
C ASN B 161 62.49 109.18 -24.02
N GLY B 162 63.61 109.85 -24.28
CA GLY B 162 64.62 110.06 -23.27
C GLY B 162 65.51 108.87 -23.01
N LYS B 163 65.40 107.81 -23.79
CA LYS B 163 66.21 106.61 -23.63
C LYS B 163 67.22 106.54 -24.75
N GLU B 164 68.49 106.47 -24.39
CA GLU B 164 69.57 106.44 -25.35
C GLU B 164 69.86 105.00 -25.76
N TYR B 165 70.15 104.81 -27.04
CA TYR B 165 70.56 103.51 -27.56
C TYR B 165 71.65 103.73 -28.58
N THR B 166 72.66 102.87 -28.55
CA THR B 166 73.85 103.03 -29.37
C THR B 166 74.09 101.75 -30.15
N VAL B 167 74.51 101.91 -31.41
CA VAL B 167 74.78 100.78 -32.30
C VAL B 167 76.08 101.08 -33.04
N THR B 168 77.03 100.16 -32.94
CA THR B 168 78.29 100.31 -33.64
C THR B 168 78.16 99.84 -35.08
N VAL B 169 78.82 100.56 -35.99
CA VAL B 169 78.78 100.27 -37.41
C VAL B 169 80.20 100.22 -37.95
N ASP B 170 80.44 99.30 -38.86
CA ASP B 170 81.76 99.07 -39.43
C ASP B 170 81.69 99.18 -40.96
N LYS B 171 82.82 98.88 -41.60
CA LYS B 171 82.90 98.96 -43.05
C LYS B 171 82.01 97.93 -43.72
N ASN B 172 81.76 96.80 -43.07
CA ASN B 172 80.96 95.72 -43.64
C ASN B 172 79.47 95.94 -43.45
N THR B 173 79.05 97.17 -43.21
CA THR B 173 77.66 97.45 -42.91
C THR B 173 76.75 97.03 -44.07
N THR B 174 75.66 96.35 -43.74
CA THR B 174 74.60 96.06 -44.68
C THR B 174 73.28 96.48 -44.05
N TYR B 175 72.30 96.77 -44.91
CA TYR B 175 71.01 97.23 -44.42
C TYR B 175 70.37 96.20 -43.50
N ARG B 176 70.51 94.91 -43.84
CA ARG B 176 69.97 93.87 -42.97
C ARG B 176 70.72 93.85 -41.65
N ASP B 177 72.06 93.85 -41.71
CA ASP B 177 72.86 93.92 -40.50
C ASP B 177 72.48 95.14 -39.68
N LEU B 178 72.31 96.27 -40.34
CA LEU B 178 71.95 97.49 -39.62
C LEU B 178 70.62 97.30 -38.90
N ALA B 179 69.60 96.87 -39.63
CA ALA B 179 68.28 96.70 -39.01
C ALA B 179 68.35 95.77 -37.82
N ASP B 180 69.09 94.67 -37.97
CA ASP B 180 69.22 93.73 -36.87
C ASP B 180 69.88 94.38 -35.67
N LYS B 181 70.96 95.11 -35.90
CA LYS B 181 71.67 95.77 -34.81
C LYS B 181 70.78 96.78 -34.12
N ILE B 182 69.98 97.51 -34.89
CA ILE B 182 69.08 98.49 -34.30
C ILE B 182 68.06 97.79 -33.42
N ASN B 183 67.38 96.77 -33.96
CA ASN B 183 66.34 96.10 -33.22
C ASN B 183 66.88 95.33 -32.03
N GLU B 184 68.18 95.03 -32.01
CA GLU B 184 68.77 94.31 -30.89
C GLU B 184 69.27 95.25 -29.81
N ALA B 185 70.09 96.24 -30.19
CA ALA B 185 70.56 97.21 -29.20
C ALA B 185 69.39 97.89 -28.52
N SER B 186 68.49 98.46 -29.31
CA SER B 186 67.20 98.93 -28.79
C SER B 186 66.31 97.70 -28.68
N GLY B 187 66.11 97.24 -27.45
CA GLY B 187 65.41 95.99 -27.24
C GLY B 187 63.94 96.09 -27.56
N GLY B 188 63.63 96.26 -28.84
CA GLY B 188 62.27 96.41 -29.28
C GLY B 188 61.73 97.82 -29.20
N GLU B 189 62.42 98.72 -28.51
CA GLU B 189 61.94 100.09 -28.41
C GLU B 189 61.93 100.76 -29.77
N ILE B 190 62.95 100.51 -30.57
CA ILE B 190 63.07 101.07 -31.91
C ILE B 190 62.87 99.94 -32.91
N VAL B 191 61.88 100.08 -33.77
CA VAL B 191 61.56 99.08 -34.76
C VAL B 191 62.34 99.36 -36.02
N ALA B 192 63.01 98.34 -36.54
CA ALA B 192 63.75 98.43 -37.79
C ALA B 192 63.36 97.28 -38.69
N LYS B 193 63.01 97.59 -39.93
CA LYS B 193 62.60 96.56 -40.86
C LYS B 193 62.78 97.07 -42.28
N ILE B 194 63.16 96.15 -43.17
CA ILE B 194 63.36 96.44 -44.57
C ILE B 194 62.12 96.00 -45.34
N VAL B 195 61.64 96.89 -46.20
CA VAL B 195 60.45 96.63 -47.01
C VAL B 195 60.86 96.67 -48.47
N ASN B 196 60.55 95.59 -49.20
CA ASN B 196 60.82 95.54 -50.62
C ASN B 196 59.79 96.39 -51.35
N THR B 197 60.15 97.63 -51.62
CA THR B 197 59.24 98.55 -52.29
C THR B 197 58.76 97.95 -53.61
N GLY B 198 57.45 98.02 -53.84
CA GLY B 198 56.86 97.44 -55.02
C GLY B 198 57.04 98.26 -56.27
N GLU B 199 58.28 98.55 -56.64
CA GLU B 199 58.59 99.35 -57.81
C GLU B 199 59.56 98.58 -58.69
N LYS B 200 59.99 99.22 -59.78
CA LYS B 200 60.72 98.49 -60.82
C LYS B 200 62.14 98.16 -60.38
N GLY B 201 62.78 99.05 -59.62
CA GLY B 201 64.13 98.83 -59.17
C GLY B 201 64.27 98.23 -57.79
N THR B 202 63.21 97.62 -57.25
CA THR B 202 63.16 97.10 -55.89
C THR B 202 63.84 98.12 -54.95
N PRO B 203 63.37 99.36 -54.95
CA PRO B 203 64.03 100.41 -54.15
C PRO B 203 63.79 100.21 -52.66
N TYR B 204 64.55 99.29 -52.08
CA TYR B 204 64.41 98.99 -50.66
C TYR B 204 64.65 100.24 -49.83
N ARG B 205 63.81 100.44 -48.83
CA ARG B 205 63.99 101.51 -47.85
C ARG B 205 63.80 100.93 -46.46
N LEU B 206 64.61 101.42 -45.53
CA LEU B 206 64.56 100.96 -44.15
C LEU B 206 63.50 101.76 -43.40
N THR B 207 62.59 101.05 -42.75
CA THR B 207 61.51 101.67 -42.00
C THR B 207 61.87 101.66 -40.51
N LEU B 208 61.78 102.83 -39.89
CA LEU B 208 62.11 102.99 -38.48
C LEU B 208 60.96 103.68 -37.78
N THR B 209 60.37 103.00 -36.80
CA THR B 209 59.24 103.53 -36.06
C THR B 209 59.43 103.28 -34.57
N SER B 210 58.68 104.03 -33.78
CA SER B 210 58.71 103.87 -32.34
C SER B 210 57.75 102.78 -31.91
N LYS B 211 58.15 102.03 -30.88
CA LYS B 211 57.28 101.00 -30.35
C LYS B 211 56.09 101.59 -29.60
N GLU B 212 56.26 102.77 -29.02
CA GLU B 212 55.20 103.41 -28.25
C GLU B 212 54.55 104.52 -29.07
N THR B 213 53.42 105.00 -28.56
CA THR B 213 52.68 106.08 -29.18
C THR B 213 52.68 107.29 -28.25
N GLY B 214 52.48 108.45 -28.84
CA GLY B 214 52.56 109.70 -28.11
C GLY B 214 53.79 110.49 -28.54
N GLU B 215 53.64 111.82 -28.54
CA GLU B 215 54.71 112.67 -29.01
C GLU B 215 56.00 112.45 -28.24
N ASP B 216 55.91 112.09 -26.96
CA ASP B 216 57.09 111.88 -26.15
C ASP B 216 57.98 110.78 -26.70
N SER B 217 57.41 109.88 -27.50
CA SER B 217 58.16 108.76 -28.08
C SER B 217 58.99 109.17 -29.28
N ALA B 218 59.16 110.47 -29.51
CA ALA B 218 59.95 110.92 -30.66
C ALA B 218 61.35 110.34 -30.61
N ILE B 219 61.86 109.95 -31.77
CA ILE B 219 63.17 109.34 -31.89
C ILE B 219 64.03 110.17 -32.83
N SER B 220 65.30 110.31 -32.48
CA SER B 220 66.30 110.96 -33.33
C SER B 220 67.43 109.98 -33.53
N PHE B 221 67.69 109.63 -34.79
CA PHE B 221 68.76 108.71 -35.12
C PHE B 221 70.00 109.55 -35.42
N TYR B 222 70.92 109.57 -34.47
CA TYR B 222 72.01 110.53 -34.44
C TYR B 222 73.34 109.83 -34.72
N ALA B 223 74.09 110.37 -35.67
CA ALA B 223 75.42 109.86 -36.03
C ALA B 223 76.44 110.71 -35.29
N GLY B 224 76.88 110.24 -34.13
CA GLY B 224 77.78 111.02 -33.30
C GLY B 224 78.96 110.27 -32.72
N LYS B 225 79.00 108.95 -32.89
CA LYS B 225 80.05 108.12 -32.29
C LYS B 225 80.09 108.32 -30.78
N LYS B 226 78.93 108.14 -30.15
CA LYS B 226 78.77 108.39 -28.72
C LYS B 226 79.07 109.84 -28.37
N ASP B 227 78.75 110.74 -29.30
CA ASP B 227 78.88 112.17 -29.02
C ASP B 227 77.91 112.62 -27.95
N ALA B 228 76.91 111.80 -27.62
CA ALA B 228 75.82 112.26 -26.78
C ALA B 228 76.25 112.37 -25.32
N GLN B 229 76.60 111.23 -24.70
CA GLN B 229 77.10 111.26 -23.34
C GLN B 229 78.26 110.31 -23.08
N GLY B 230 78.68 109.48 -24.03
CA GLY B 230 79.86 108.66 -23.85
C GLY B 230 81.08 109.57 -23.77
N GLN B 231 81.22 110.42 -24.78
CA GLN B 231 82.23 111.45 -24.80
C GLN B 231 81.92 112.38 -25.98
N TYR B 232 82.03 113.68 -25.73
CA TYR B 232 81.65 114.64 -26.74
C TYR B 232 82.52 114.50 -27.98
N GLN B 233 81.90 114.16 -29.11
CA GLN B 233 82.59 114.07 -30.39
C GLN B 233 82.18 115.17 -31.35
N SER B 234 81.22 116.01 -30.98
CA SER B 234 80.76 117.12 -31.82
C SER B 234 80.30 116.64 -33.19
N ASP B 235 79.48 115.59 -33.19
CA ASP B 235 78.80 115.12 -34.39
C ASP B 235 79.79 114.80 -35.51
N PRO B 236 80.61 113.75 -35.37
CA PRO B 236 81.48 113.35 -36.48
C PRO B 236 80.66 112.88 -37.67
N GLU B 237 81.21 113.10 -38.86
CA GLU B 237 80.53 112.77 -40.11
C GLU B 237 80.91 111.36 -40.55
N ALA B 238 80.33 110.38 -39.87
CA ALA B 238 80.44 109.00 -40.32
C ALA B 238 79.74 108.89 -41.66
N GLU B 239 80.52 108.61 -42.71
CA GLU B 239 80.05 108.79 -44.08
C GLU B 239 78.71 108.09 -44.32
N ASN B 240 78.67 106.77 -44.14
CA ASN B 240 77.52 105.99 -44.58
C ASN B 240 76.24 106.43 -43.89
N ILE B 241 76.24 106.44 -42.55
CA ILE B 241 75.01 106.79 -41.84
C ILE B 241 74.68 108.26 -42.04
N PHE B 242 75.69 109.13 -41.99
CA PHE B 242 75.47 110.55 -42.19
C PHE B 242 74.94 110.84 -43.59
N SER B 243 75.13 109.93 -44.53
CA SER B 243 74.77 110.15 -45.92
C SER B 243 73.54 109.37 -46.35
N ASN B 244 73.08 108.40 -45.56
CA ASN B 244 71.92 107.62 -45.98
C ASN B 244 70.83 107.54 -44.91
N LEU B 245 71.19 107.54 -43.63
CA LEU B 245 70.23 107.19 -42.60
C LEU B 245 70.29 108.13 -41.40
N GLY B 246 70.47 109.42 -41.63
CA GLY B 246 70.31 110.40 -40.58
C GLY B 246 68.88 110.93 -40.52
N TRP B 247 68.38 111.12 -39.30
CA TRP B 247 66.94 111.26 -39.07
C TRP B 247 66.61 112.43 -38.15
N GLU B 248 67.16 113.60 -38.45
CA GLU B 248 66.59 114.86 -37.98
C GLU B 248 66.14 115.62 -39.22
N LEU B 249 64.83 115.82 -39.34
CA LEU B 249 64.20 116.09 -40.64
C LEU B 249 65.06 116.97 -41.54
N ASP B 250 65.51 118.12 -41.04
CA ASP B 250 66.22 119.08 -41.88
C ASP B 250 67.39 119.69 -41.12
N LYS B 251 68.12 118.89 -40.38
CA LYS B 251 69.21 119.40 -39.53
C LYS B 251 70.56 118.93 -40.07
N THR B 252 71.23 119.83 -40.78
CA THR B 252 72.67 119.81 -40.89
C THR B 252 73.31 120.88 -40.01
N THR B 253 72.60 121.99 -39.83
CA THR B 253 73.01 123.00 -38.88
C THR B 253 72.72 122.51 -37.46
N GLN B 254 73.63 122.85 -36.54
CA GLN B 254 73.52 122.39 -35.16
C GLN B 254 72.48 123.23 -34.43
N THR B 255 71.21 122.94 -34.72
CA THR B 255 70.13 123.57 -33.99
C THR B 255 69.98 122.99 -32.60
N ILE B 256 69.90 121.66 -32.51
CA ILE B 256 69.81 120.95 -31.24
C ILE B 256 71.22 120.50 -30.86
N ASP B 257 71.80 121.19 -29.88
CA ASP B 257 73.11 120.79 -29.39
C ASP B 257 73.00 119.43 -28.70
N PRO B 258 73.94 118.52 -28.94
CA PRO B 258 73.87 117.21 -28.25
C PRO B 258 74.15 117.35 -26.77
N ALA B 259 73.21 117.95 -26.05
CA ALA B 259 73.35 118.17 -24.62
C ALA B 259 73.33 116.83 -23.89
N LYS B 260 73.39 116.90 -22.57
CA LYS B 260 73.33 115.70 -21.76
C LYS B 260 71.90 115.16 -21.65
N ASP B 261 70.93 116.06 -21.53
CA ASP B 261 69.53 115.69 -21.37
C ASP B 261 68.80 115.87 -22.69
N LYS B 262 67.94 114.90 -23.01
CA LYS B 262 67.17 114.91 -24.24
C LYS B 262 68.09 115.19 -25.43
N LYS B 263 68.96 114.21 -25.66
CA LYS B 263 70.08 114.30 -26.57
C LYS B 263 69.67 114.13 -28.02
N GLY B 264 68.39 114.37 -28.32
CA GLY B 264 67.83 114.02 -29.60
C GLY B 264 68.13 114.96 -30.75
N TYR B 265 69.39 114.97 -31.19
CA TYR B 265 69.75 115.61 -32.45
C TYR B 265 69.86 114.55 -33.55
N GLY B 266 70.09 115.00 -34.77
CA GLY B 266 70.33 114.08 -35.85
C GLY B 266 70.77 114.80 -37.10
N ILE B 267 70.48 114.20 -38.25
CA ILE B 267 70.94 114.68 -39.53
C ILE B 267 69.75 114.91 -40.45
N LYS B 268 69.93 115.82 -41.40
CA LYS B 268 68.98 116.11 -42.47
C LYS B 268 68.93 115.02 -43.53
N ASP B 269 69.60 113.90 -43.29
CA ASP B 269 70.17 113.07 -44.35
C ASP B 269 69.29 112.86 -45.58
N ALA B 270 68.19 112.13 -45.44
CA ALA B 270 67.52 111.57 -46.61
C ALA B 270 66.06 112.01 -46.78
N SER B 271 65.22 111.81 -45.77
CA SER B 271 63.78 111.70 -45.99
C SER B 271 63.04 112.91 -45.42
N LEU B 272 61.76 112.96 -45.77
CA LEU B 272 60.78 113.80 -45.09
C LEU B 272 60.02 112.92 -44.11
N HIS B 273 59.80 113.44 -42.90
CA HIS B 273 59.14 112.65 -41.87
C HIS B 273 57.77 112.21 -42.33
N ILE B 274 57.45 110.94 -42.09
CA ILE B 274 56.28 110.32 -42.69
C ILE B 274 55.05 110.53 -41.82
N GLN B 275 55.06 109.99 -40.62
CA GLN B 275 53.92 110.05 -39.72
C GLN B 275 54.39 110.52 -38.35
N THR B 276 53.70 111.52 -37.82
CA THR B 276 54.06 112.13 -36.55
C THR B 276 53.34 111.45 -35.40
N ALA B 277 54.09 111.12 -34.36
CA ALA B 277 53.48 110.59 -33.15
C ALA B 277 52.52 111.61 -32.57
N GLN B 278 51.44 111.12 -31.97
CA GLN B 278 50.40 111.99 -31.46
C GLN B 278 49.87 111.46 -30.14
N ASN B 279 49.36 112.37 -29.33
CA ASN B 279 48.63 112.01 -28.12
C ASN B 279 47.14 112.06 -28.41
N ALA B 280 46.45 110.99 -28.03
CA ALA B 280 45.01 110.93 -28.23
C ALA B 280 44.34 112.12 -27.54
N GLU B 281 43.31 112.65 -28.18
CA GLU B 281 42.61 113.84 -27.70
C GLU B 281 41.18 113.49 -27.35
N PHE B 282 40.82 113.69 -26.09
CA PHE B 282 39.49 113.40 -25.60
C PHE B 282 38.85 114.67 -25.06
N THR B 283 37.53 114.62 -24.94
CA THR B 283 36.74 115.70 -24.35
C THR B 283 35.69 115.07 -23.47
N LEU B 284 35.93 115.07 -22.17
CA LEU B 284 35.01 114.50 -21.19
C LEU B 284 34.25 115.63 -20.53
N ASP B 285 32.99 115.79 -20.92
CA ASP B 285 32.12 116.80 -20.32
C ASP B 285 32.72 118.20 -20.51
N GLY B 286 33.33 118.42 -21.66
CA GLY B 286 33.94 119.70 -21.95
C GLY B 286 35.35 119.86 -21.43
N ILE B 287 35.94 118.81 -20.90
CA ILE B 287 37.31 118.86 -20.38
C ILE B 287 38.22 118.23 -21.42
N LYS B 288 39.16 119.02 -21.92
CA LYS B 288 40.14 118.51 -22.86
C LYS B 288 41.09 117.55 -22.14
N MET B 289 41.12 116.30 -22.58
CA MET B 289 41.95 115.28 -21.97
C MET B 289 42.83 114.65 -23.02
N PHE B 290 44.08 114.40 -22.65
CA PHE B 290 45.06 113.83 -23.55
C PHE B 290 45.84 112.75 -22.84
N ARG B 291 46.18 111.71 -23.59
CA ARG B 291 46.94 110.59 -23.04
C ARG B 291 47.98 110.16 -24.06
N SER B 292 48.85 109.27 -23.60
CA SER B 292 49.88 108.75 -24.48
C SER B 292 49.30 107.78 -25.50
N SER B 293 48.52 106.80 -25.04
CA SER B 293 48.01 105.75 -25.88
C SER B 293 46.51 105.89 -26.06
N ASN B 294 45.99 105.16 -27.06
CA ASN B 294 44.55 105.13 -27.30
C ASN B 294 43.80 104.49 -26.15
N THR B 295 44.48 103.67 -25.35
CA THR B 295 43.86 102.99 -24.23
C THR B 295 43.90 103.90 -23.01
N VAL B 296 42.72 104.29 -22.53
CA VAL B 296 42.58 105.12 -21.34
C VAL B 296 42.07 104.23 -20.23
N THR B 297 42.91 104.01 -19.22
CA THR B 297 42.57 103.15 -18.10
C THR B 297 42.24 103.93 -16.83
N ASP B 298 42.45 105.25 -16.83
CA ASP B 298 42.25 106.07 -15.64
C ASP B 298 41.05 107.00 -15.77
N LEU B 299 40.18 106.73 -16.72
CA LEU B 299 38.99 107.56 -16.90
C LEU B 299 38.19 107.63 -15.62
N GLY B 300 38.04 106.50 -14.94
CA GLY B 300 37.30 106.44 -13.69
C GLY B 300 37.63 105.16 -12.96
N VAL B 301 36.99 104.98 -11.82
CA VAL B 301 37.24 103.82 -10.99
C VAL B 301 36.58 102.60 -11.63
N GLY B 302 37.39 101.58 -11.94
CA GLY B 302 36.86 100.36 -12.48
C GLY B 302 36.34 100.48 -13.90
N MET B 303 36.75 101.50 -14.63
CA MET B 303 36.33 101.70 -16.00
C MET B 303 37.54 101.80 -16.90
N THR B 304 37.40 101.28 -18.12
CA THR B 304 38.48 101.30 -19.10
C THR B 304 37.91 101.75 -20.44
N LEU B 305 38.56 102.72 -21.06
CA LEU B 305 38.14 103.26 -22.34
C LEU B 305 39.15 102.86 -23.40
N THR B 306 38.64 102.36 -24.52
CA THR B 306 39.45 102.02 -25.68
C THR B 306 38.99 102.85 -26.86
N LEU B 307 39.94 103.40 -27.59
CA LEU B 307 39.66 104.32 -28.68
C LEU B 307 39.75 103.62 -30.03
N ASN B 308 38.82 103.94 -30.92
CA ASN B 308 38.82 103.42 -32.28
C ASN B 308 38.91 104.52 -33.32
N LYS B 309 38.07 105.54 -33.22
CA LYS B 309 38.09 106.68 -34.14
C LYS B 309 37.52 107.89 -33.42
N THR B 310 37.55 109.03 -34.10
CA THR B 310 37.08 110.27 -33.50
C THR B 310 35.56 110.38 -33.61
N GLY B 311 35.01 111.33 -32.87
CA GLY B 311 33.60 111.63 -32.94
C GLY B 311 33.05 111.94 -31.57
N GLU B 312 31.73 111.93 -31.49
CA GLU B 312 30.99 112.19 -30.25
C GLU B 312 30.28 110.91 -29.82
N ILE B 313 30.34 110.62 -28.53
CA ILE B 313 29.70 109.44 -27.96
C ILE B 313 29.04 109.83 -26.64
N ASN B 314 27.95 109.15 -26.31
CA ASN B 314 27.25 109.35 -25.05
C ASN B 314 27.00 107.99 -24.42
N PHE B 315 27.85 107.60 -23.48
CA PHE B 315 27.69 106.35 -22.76
C PHE B 315 26.78 106.55 -21.56
N ASP B 316 26.17 105.45 -21.13
CA ASP B 316 25.29 105.47 -19.96
C ASP B 316 25.46 104.17 -19.20
N VAL B 317 25.87 104.28 -17.94
CA VAL B 317 26.07 103.12 -17.08
C VAL B 317 24.77 102.83 -16.37
N GLN B 318 24.22 101.64 -16.59
CA GLN B 318 23.05 101.17 -15.90
C GLN B 318 23.38 99.90 -15.14
N GLN B 319 22.68 99.68 -14.04
CA GLN B 319 22.86 98.47 -13.25
C GLN B 319 22.23 97.29 -13.98
N ASP B 320 23.02 96.24 -14.18
CA ASP B 320 22.54 95.04 -14.85
C ASP B 320 22.07 94.05 -13.79
N PHE B 321 20.75 93.82 -13.74
CA PHE B 321 20.15 92.93 -12.76
C PHE B 321 19.29 91.88 -13.44
N GLU B 322 19.67 91.44 -14.64
CA GLU B 322 18.90 90.45 -15.35
C GLU B 322 18.97 89.07 -14.69
N GLY B 323 20.02 88.79 -13.93
CA GLY B 323 20.18 87.48 -13.33
C GLY B 323 19.14 87.14 -12.29
N VAL B 324 18.40 88.14 -11.79
CA VAL B 324 17.42 87.88 -10.76
C VAL B 324 16.32 86.97 -11.30
N THR B 325 15.96 87.13 -12.57
CA THR B 325 14.94 86.29 -13.15
C THR B 325 15.38 84.83 -13.16
N LYS B 326 16.60 84.58 -13.62
CA LYS B 326 17.15 83.23 -13.59
C LYS B 326 17.19 82.70 -12.16
N ALA B 327 17.57 83.55 -11.22
CA ALA B 327 17.63 83.13 -9.82
C ALA B 327 16.26 82.65 -9.35
N MET B 328 15.24 83.48 -9.52
CA MET B 328 13.90 83.10 -9.07
C MET B 328 13.42 81.84 -9.78
N GLN B 329 13.71 81.72 -11.07
CA GLN B 329 13.28 80.56 -11.83
C GLN B 329 13.92 79.29 -11.27
N ASP B 330 15.23 79.34 -11.04
CA ASP B 330 15.92 78.19 -10.49
C ASP B 330 15.38 77.83 -9.11
N LEU B 331 15.12 78.85 -8.29
CA LEU B 331 14.63 78.58 -6.95
C LEU B 331 13.27 77.89 -7.00
N VAL B 332 12.36 78.43 -7.81
CA VAL B 332 11.03 77.86 -7.87
C VAL B 332 11.08 76.45 -8.45
N ASP B 333 11.96 76.23 -9.41
CA ASP B 333 12.07 74.90 -10.02
C ASP B 333 12.56 73.89 -8.99
N ALA B 334 13.64 74.23 -8.29
CA ALA B 334 14.17 73.32 -7.28
C ALA B 334 13.14 73.04 -6.20
N TYR B 335 12.44 74.08 -5.75
CA TYR B 335 11.44 73.87 -4.71
C TYR B 335 10.31 72.98 -5.21
N ASN B 336 9.87 73.21 -6.44
CA ASN B 336 8.82 72.39 -7.00
C ASN B 336 9.23 70.92 -7.03
N ASP B 337 10.44 70.66 -7.52
CA ASP B 337 10.90 69.28 -7.61
C ASP B 337 11.04 68.66 -6.22
N LEU B 338 11.58 69.43 -5.27
CA LEU B 338 11.79 68.88 -3.94
C LEU B 338 10.47 68.57 -3.26
N VAL B 339 9.51 69.48 -3.36
CA VAL B 339 8.23 69.25 -2.69
C VAL B 339 7.47 68.14 -3.40
N THR B 340 7.65 68.01 -4.72
CA THR B 340 7.06 66.88 -5.41
C THR B 340 7.63 65.57 -4.90
N ASN B 341 8.95 65.52 -4.74
CA ASN B 341 9.58 64.32 -4.21
C ASN B 341 9.07 64.02 -2.81
N LEU B 342 8.92 65.06 -1.99
CA LEU B 342 8.47 64.84 -0.61
C LEU B 342 7.04 64.31 -0.59
N ASN B 343 6.16 64.93 -1.36
CA ASN B 343 4.79 64.44 -1.45
C ASN B 343 4.77 62.99 -1.90
N ALA B 344 5.47 62.71 -3.00
CA ALA B 344 5.56 61.34 -3.48
C ALA B 344 6.10 60.41 -2.40
N ALA B 345 6.92 60.95 -1.50
CA ALA B 345 7.44 60.15 -0.40
C ALA B 345 6.35 59.83 0.60
N THR B 346 5.47 60.79 0.87
CA THR B 346 4.39 60.61 1.82
C THR B 346 3.03 60.86 1.17
N ASP B 347 2.89 60.46 -0.08
CA ASP B 347 1.60 60.50 -0.75
C ASP B 347 0.84 59.21 -0.50
N TYR B 348 -0.45 59.34 -0.20
CA TYR B 348 -1.32 58.18 -0.06
C TYR B 348 -1.70 57.69 -1.45
N ASN B 349 -1.33 56.46 -1.76
CA ASN B 349 -1.56 55.87 -3.07
C ASN B 349 -2.65 54.84 -2.96
N SER B 350 -3.77 55.08 -3.64
CA SER B 350 -4.88 54.14 -3.60
C SER B 350 -4.46 52.75 -4.04
N GLU B 351 -3.37 52.65 -4.81
CA GLU B 351 -2.81 51.34 -5.10
C GLU B 351 -2.25 50.68 -3.85
N THR B 352 -2.00 51.45 -2.79
CA THR B 352 -1.54 50.96 -1.50
C THR B 352 -0.14 50.38 -1.54
N GLY B 353 0.53 50.43 -2.68
CA GLY B 353 1.89 49.93 -2.73
C GLY B 353 2.87 50.83 -2.01
N THR B 354 2.63 52.15 -2.07
CA THR B 354 3.48 53.13 -1.41
C THR B 354 2.64 54.15 -0.65
N LYS B 355 1.46 53.74 -0.19
CA LYS B 355 0.56 54.65 0.52
C LYS B 355 1.19 55.05 1.85
N GLY B 356 1.66 56.30 1.92
CA GLY B 356 2.30 56.78 3.13
C GLY B 356 3.54 56.00 3.48
N THR B 357 4.50 55.94 2.56
CA THR B 357 5.73 55.20 2.81
C THR B 357 6.41 55.69 4.08
N LEU B 358 6.76 56.97 4.12
CA LEU B 358 7.37 57.58 5.29
C LEU B 358 6.35 58.29 6.17
N GLN B 359 5.08 57.90 6.06
CA GLN B 359 4.06 58.53 6.86
C GLN B 359 4.34 58.32 8.34
N GLY B 360 3.99 59.32 9.15
CA GLY B 360 4.34 59.32 10.55
C GLY B 360 5.62 60.05 10.85
N ILE B 361 6.47 60.26 9.86
CA ILE B 361 7.69 61.03 10.02
C ILE B 361 7.33 62.50 9.89
N SER B 362 7.38 63.23 11.01
CA SER B 362 7.04 64.65 11.00
C SER B 362 8.05 65.48 10.25
N GLU B 363 9.20 64.91 9.91
CA GLU B 363 10.25 65.69 9.24
C GLU B 363 9.75 66.29 7.93
N VAL B 364 9.11 65.46 7.10
CA VAL B 364 8.71 65.92 5.77
C VAL B 364 7.67 67.02 5.88
N ASN B 365 6.66 66.81 6.73
CA ASN B 365 5.60 67.79 6.86
C ASN B 365 6.13 69.08 7.46
N SER B 366 6.98 68.97 8.48
CA SER B 366 7.61 70.15 9.05
C SER B 366 8.38 70.93 8.00
N ILE B 367 9.18 70.22 7.19
CA ILE B 367 9.96 70.88 6.15
C ILE B 367 9.04 71.63 5.20
N ARG B 368 8.06 70.92 4.64
CA ARG B 368 7.18 71.55 3.66
C ARG B 368 6.50 72.78 4.24
N SER B 369 5.89 72.62 5.41
CA SER B 369 5.17 73.72 6.02
C SER B 369 6.10 74.88 6.34
N SER B 370 7.31 74.59 6.81
CA SER B 370 8.22 75.64 7.23
C SER B 370 8.72 76.44 6.05
N ILE B 371 9.06 75.76 4.95
CA ILE B 371 9.50 76.48 3.77
C ILE B 371 8.35 77.29 3.19
N LEU B 372 7.14 76.72 3.20
CA LEU B 372 5.99 77.48 2.71
C LEU B 372 5.78 78.73 3.55
N ALA B 373 5.97 78.61 4.86
CA ALA B 373 5.80 79.76 5.74
C ALA B 373 6.87 80.81 5.47
N ASP B 374 8.14 80.42 5.51
CA ASP B 374 9.21 81.36 5.27
C ASP B 374 9.05 82.06 3.92
N LEU B 375 8.55 81.34 2.92
CA LEU B 375 8.30 81.97 1.63
C LEU B 375 7.13 82.92 1.71
N PHE B 376 6.02 82.47 2.30
CA PHE B 376 4.90 83.35 2.53
C PHE B 376 5.20 84.39 3.60
N ASP B 377 6.32 84.28 4.29
CA ASP B 377 6.67 85.23 5.33
C ASP B 377 7.08 86.57 4.72
N SER B 378 6.96 87.63 5.52
CA SER B 378 7.33 88.97 5.09
C SER B 378 7.54 89.83 6.33
N GLN B 379 7.87 91.10 6.09
CA GLN B 379 8.08 92.07 7.15
C GLN B 379 7.16 93.26 6.95
N VAL B 380 6.98 94.03 8.01
CA VAL B 380 6.10 95.18 7.97
C VAL B 380 6.84 96.39 7.41
N VAL B 381 6.14 97.18 6.62
CA VAL B 381 6.72 98.37 6.02
C VAL B 381 6.92 99.44 7.09
N VAL B 397 9.86 97.46 1.78
CA VAL B 397 9.52 96.25 2.51
C VAL B 397 8.39 95.51 1.82
N MET B 398 8.61 94.23 1.53
CA MET B 398 7.61 93.42 0.83
C MET B 398 6.53 92.97 1.80
N LEU B 399 5.28 93.14 1.41
CA LEU B 399 4.19 92.56 2.18
C LEU B 399 4.09 91.07 1.97
N SER B 400 4.52 90.59 0.81
CA SER B 400 4.54 89.17 0.49
C SER B 400 5.33 88.99 -0.78
N MET B 401 5.79 87.76 -1.01
CA MET B 401 6.56 87.47 -2.21
C MET B 401 5.79 87.80 -3.47
N GLN B 402 4.46 87.71 -3.42
CA GLN B 402 3.64 88.03 -4.57
C GLN B 402 3.70 89.51 -4.92
N ASP B 403 4.34 90.32 -4.08
CA ASP B 403 4.49 91.73 -4.40
C ASP B 403 5.31 91.93 -5.67
N PHE B 404 6.28 91.06 -5.92
CA PHE B 404 7.15 91.15 -7.08
C PHE B 404 6.91 90.00 -8.05
N GLY B 405 5.65 89.58 -8.18
CA GLY B 405 5.28 88.60 -9.16
C GLY B 405 5.52 87.17 -8.77
N LEU B 406 6.15 86.91 -7.62
CA LEU B 406 6.36 85.53 -7.21
C LEU B 406 5.03 84.96 -6.73
N SER B 407 4.28 84.36 -7.64
CA SER B 407 2.94 83.88 -7.33
C SER B 407 3.03 82.64 -6.47
N LEU B 408 3.03 82.83 -5.15
CA LEU B 408 3.14 81.71 -4.23
C LEU B 408 1.85 80.90 -4.22
N ASN B 409 1.78 79.88 -5.06
CA ASN B 409 0.59 79.06 -5.21
C ASN B 409 0.67 77.87 -4.25
N ASP B 410 -0.21 76.88 -4.44
CA ASP B 410 -0.17 75.69 -3.63
C ASP B 410 1.19 75.00 -3.77
N ALA B 411 1.42 74.03 -2.89
CA ALA B 411 2.69 73.30 -2.91
C ALA B 411 2.87 72.62 -4.26
N GLY B 412 3.99 72.92 -4.92
CA GLY B 412 4.31 72.34 -6.20
C GLY B 412 3.74 73.09 -7.39
N THR B 413 2.85 74.06 -7.17
CA THR B 413 2.26 74.83 -8.25
C THR B 413 2.75 76.27 -8.26
N LEU B 414 3.86 76.54 -7.58
CA LEU B 414 4.40 77.89 -7.55
C LEU B 414 4.78 78.34 -8.96
N SER B 415 4.55 79.62 -9.24
CA SER B 415 4.91 80.20 -10.52
C SER B 415 5.57 81.56 -10.30
N PHE B 416 6.46 81.91 -11.22
CA PHE B 416 7.23 83.15 -11.14
C PHE B 416 6.80 84.06 -12.28
N ASP B 417 6.03 85.08 -11.94
CA ASP B 417 5.55 86.04 -12.93
C ASP B 417 6.69 87.00 -13.23
N SER B 418 7.48 86.69 -14.26
CA SER B 418 8.63 87.52 -14.59
C SER B 418 8.24 88.97 -14.86
N SER B 419 7.07 89.17 -15.46
CA SER B 419 6.66 90.53 -15.80
C SER B 419 6.61 91.42 -14.57
N LYS B 420 5.90 90.97 -13.54
CA LYS B 420 5.73 91.81 -12.36
C LYS B 420 7.05 92.05 -11.65
N PHE B 421 7.86 91.01 -11.51
CA PHE B 421 9.15 91.18 -10.86
C PHE B 421 10.01 92.19 -11.62
N GLU B 422 10.17 91.99 -12.92
CA GLU B 422 10.98 92.90 -13.71
C GLU B 422 10.46 94.32 -13.63
N GLN B 423 9.14 94.48 -13.74
CA GLN B 423 8.56 95.82 -13.72
C GLN B 423 8.81 96.50 -12.38
N LYS B 424 8.45 95.83 -11.29
CA LYS B 424 8.58 96.43 -9.97
C LYS B 424 10.04 96.66 -9.59
N VAL B 425 10.96 95.91 -10.19
CA VAL B 425 12.37 96.14 -9.89
C VAL B 425 12.89 97.32 -10.71
N LYS B 426 12.51 97.39 -11.99
CA LYS B 426 12.93 98.51 -12.81
C LYS B 426 12.34 99.82 -12.30
N GLU B 427 11.16 99.76 -11.69
CA GLU B 427 10.54 100.96 -11.15
C GLU B 427 11.34 101.49 -9.97
N ASP B 428 11.78 100.59 -9.08
CA ASP B 428 12.54 100.99 -7.90
C ASP B 428 13.45 99.85 -7.53
N PRO B 429 14.64 99.77 -8.14
CA PRO B 429 15.58 98.71 -7.76
C PRO B 429 16.18 98.91 -6.38
N ASP B 430 16.11 100.12 -5.82
CA ASP B 430 16.77 100.39 -4.54
C ASP B 430 16.05 99.73 -3.38
N SER B 431 14.73 99.89 -3.31
CA SER B 431 13.97 99.25 -2.25
C SER B 431 14.11 97.73 -2.32
N THR B 432 14.04 97.18 -3.54
CA THR B 432 14.18 95.74 -3.71
C THR B 432 15.56 95.28 -3.26
N GLU B 433 16.60 95.97 -3.71
CA GLU B 433 17.95 95.60 -3.34
C GLU B 433 18.14 95.68 -1.83
N SER B 434 17.55 96.69 -1.19
CA SER B 434 17.66 96.81 0.25
C SER B 434 16.98 95.66 0.96
N PHE B 435 15.74 95.35 0.58
CA PHE B 435 15.01 94.30 1.26
C PHE B 435 15.63 92.93 1.02
N PHE B 436 16.25 92.74 -0.12
CA PHE B 436 16.86 91.46 -0.43
C PHE B 436 18.33 91.38 0.00
N SER B 437 18.92 92.51 0.36
CA SER B 437 20.24 92.52 0.97
C SER B 437 20.17 92.44 2.48
N ASN B 438 19.03 92.80 3.07
CA ASN B 438 18.78 92.45 4.46
C ASN B 438 19.03 90.97 4.70
N ILE B 439 18.91 90.15 3.66
CA ILE B 439 19.30 88.75 3.75
C ILE B 439 20.77 88.68 4.13
N THR B 440 21.09 87.88 5.13
CA THR B 440 22.46 87.68 5.57
C THR B 440 22.70 86.21 5.85
N GLU B 576 18.25 94.53 12.71
CA GLU B 576 18.77 93.87 11.54
C GLU B 576 17.66 93.61 10.51
N GLY B 577 16.58 92.99 10.98
CA GLY B 577 15.48 92.64 10.10
C GLY B 577 15.95 91.77 8.95
N LYS B 578 16.51 90.61 9.29
CA LYS B 578 17.08 89.75 8.27
C LYS B 578 16.05 89.46 7.19
N GLY B 579 16.52 89.48 5.95
CA GLY B 579 15.62 89.45 4.82
C GLY B 579 14.93 88.11 4.66
N ILE B 580 14.38 87.92 3.47
CA ILE B 580 13.53 86.77 3.19
C ILE B 580 14.35 85.49 3.18
N PHE B 581 15.29 85.40 2.24
CA PHE B 581 16.02 84.17 2.01
C PHE B 581 17.00 83.84 3.14
N SER B 582 17.30 84.81 4.01
CA SER B 582 18.12 84.51 5.18
C SER B 582 17.41 83.53 6.09
N LYS B 583 16.11 83.70 6.28
CA LYS B 583 15.35 82.78 7.10
C LYS B 583 15.41 81.37 6.52
N LEU B 584 15.37 81.26 5.20
CA LEU B 584 15.51 79.94 4.59
C LEU B 584 16.91 79.39 4.81
N LYS B 585 17.93 80.22 4.65
CA LYS B 585 19.29 79.76 4.88
C LYS B 585 19.46 79.26 6.30
N ALA B 586 18.71 79.83 7.24
CA ALA B 586 18.79 79.37 8.62
C ALA B 586 17.99 78.08 8.82
N THR B 587 16.77 78.04 8.31
CA THR B 587 15.89 76.90 8.50
C THR B 587 16.46 75.65 7.87
N LEU B 588 16.77 75.72 6.58
CA LEU B 588 17.39 74.60 5.89
C LEU B 588 18.70 74.20 6.54
N GLN B 589 19.41 75.16 7.12
CA GLN B 589 20.65 74.83 7.81
C GLN B 589 20.36 73.98 9.04
N GLU B 590 19.37 74.38 9.83
CA GLU B 590 19.01 73.59 11.00
C GLU B 590 18.57 72.20 10.60
N MET B 591 17.86 72.08 9.47
CA MET B 591 17.39 70.78 9.04
C MET B 591 18.53 69.90 8.57
N THR B 592 19.25 70.34 7.54
CA THR B 592 20.35 69.58 6.96
C THR B 592 21.60 69.59 7.82
N GLY B 593 21.59 70.30 8.95
CA GLY B 593 22.75 70.32 9.81
C GLY B 593 23.11 68.92 10.29
N LYS B 594 24.39 68.77 10.67
CA LYS B 594 24.84 67.47 11.14
C LYS B 594 24.11 67.04 12.40
N ASP B 595 23.63 68.01 13.18
CA ASP B 595 22.82 67.74 14.36
C ASP B 595 21.35 68.08 14.11
N GLY B 596 20.93 68.04 12.84
CA GLY B 596 19.57 68.36 12.48
C GLY B 596 18.65 67.15 12.50
N SER B 597 17.36 67.42 12.33
CA SER B 597 16.34 66.40 12.46
C SER B 597 16.55 65.28 11.44
N ILE B 598 16.93 65.64 10.22
CA ILE B 598 17.18 64.64 9.20
C ILE B 598 18.14 63.60 9.72
N THR B 599 19.23 64.03 10.35
CA THR B 599 20.19 63.11 10.94
C THR B 599 19.61 62.34 12.09
N LYS B 600 18.65 62.91 12.82
CA LYS B 600 18.02 62.16 13.90
C LYS B 600 17.27 60.96 13.37
N TYR B 601 16.37 61.18 12.42
CA TYR B 601 15.65 60.06 11.83
C TYR B 601 16.61 59.08 11.17
N ASP B 602 17.62 59.60 10.47
CA ASP B 602 18.58 58.72 9.81
C ASP B 602 19.30 57.85 10.81
N GLU B 603 19.75 58.42 11.92
CA GLU B 603 20.51 57.66 12.90
C GLU B 603 19.64 56.65 13.61
N SER B 604 18.40 57.03 13.92
CA SER B 604 17.48 56.07 14.51
C SER B 604 17.30 54.87 13.59
N LEU B 605 17.03 55.13 12.31
CA LEU B 605 16.81 54.03 11.38
C LEU B 605 18.08 53.23 11.17
N THR B 606 19.24 53.89 11.28
CA THR B 606 20.50 53.19 11.08
C THR B 606 20.83 52.27 12.25
N ASN B 607 20.50 52.69 13.47
CA ASN B 607 20.72 51.85 14.63
C ASN B 607 19.70 50.72 14.70
N ASP B 608 18.50 50.98 14.18
CA ASP B 608 17.47 49.96 14.20
C ASP B 608 17.93 48.69 13.51
N ILE B 609 18.58 48.83 12.36
CA ILE B 609 19.01 47.65 11.63
C ILE B 609 20.14 46.94 12.36
N LYS B 610 20.99 47.69 13.06
CA LYS B 610 22.01 47.05 13.88
C LYS B 610 21.36 46.13 14.89
N SER B 611 20.43 46.68 15.68
CA SER B 611 19.79 45.87 16.71
C SER B 611 19.04 44.70 16.09
N LEU B 612 18.42 44.93 14.93
CA LEU B 612 17.65 43.88 14.29
C LEU B 612 18.56 42.73 13.86
N ASN B 613 19.66 43.05 13.19
CA ASN B 613 20.60 42.01 12.79
C ASN B 613 21.12 41.27 14.00
N THR B 614 21.41 42.00 15.08
CA THR B 614 21.95 41.35 16.27
C THR B 614 20.95 40.33 16.83
N SER B 615 19.71 40.76 17.01
CA SER B 615 18.69 39.86 17.57
C SER B 615 18.45 38.67 16.64
N LYS B 616 18.38 38.94 15.33
CA LYS B 616 18.19 37.86 14.39
C LYS B 616 19.32 36.85 14.48
N ASP B 617 20.55 37.34 14.66
CA ASP B 617 21.69 36.43 14.76
C ASP B 617 21.64 35.63 16.04
N SER B 618 21.19 36.24 17.12
CA SER B 618 21.04 35.49 18.37
C SER B 618 20.09 34.32 18.18
N THR B 619 18.90 34.61 17.66
CA THR B 619 17.94 33.52 17.46
C THR B 619 18.46 32.52 16.45
N GLN B 620 19.23 32.98 15.46
CA GLN B 620 19.84 32.07 14.51
C GLN B 620 20.75 31.09 15.21
N ALA B 621 21.59 31.59 16.12
CA ALA B 621 22.42 30.73 16.92
C ALA B 621 21.58 29.70 17.65
N MET B 622 20.52 30.16 18.34
CA MET B 622 19.67 29.22 19.06
C MET B 622 19.12 28.16 18.14
N ILE B 623 18.84 28.52 16.89
CA ILE B 623 18.26 27.57 15.96
C ILE B 623 19.19 26.37 15.78
N ASP B 624 20.38 26.62 15.25
CA ASP B 624 21.28 25.52 14.97
C ASP B 624 21.76 24.85 16.24
N THR B 625 21.67 25.55 17.38
CA THR B 625 22.07 24.93 18.63
C THR B 625 21.33 23.61 18.84
N ARG B 626 20.01 23.62 18.64
CA ARG B 626 19.22 22.41 18.83
C ARG B 626 19.60 21.35 17.82
N TYR B 627 19.62 21.72 16.54
CA TYR B 627 19.78 20.73 15.49
C TYR B 627 21.17 20.12 15.48
N ASP B 628 22.15 20.79 16.05
CA ASP B 628 23.46 20.17 16.19
C ASP B 628 23.39 18.97 17.13
N THR B 629 22.78 19.15 18.30
CA THR B 629 22.57 18.03 19.21
C THR B 629 21.73 16.96 18.54
N MET B 630 20.74 17.38 17.75
CA MET B 630 19.91 16.39 17.06
C MET B 630 20.74 15.56 16.10
N ALA B 631 21.68 16.20 15.40
CA ALA B 631 22.57 15.46 14.53
C ALA B 631 23.40 14.47 15.33
N ASN B 632 23.89 14.90 16.48
CA ASN B 632 24.61 13.98 17.34
C ASN B 632 23.74 12.80 17.72
N GLN B 633 22.47 13.04 17.99
CA GLN B 633 21.56 11.96 18.32
C GLN B 633 21.38 11.02 17.15
N TRP B 634 21.30 11.58 15.95
CA TRP B 634 21.11 10.75 14.77
C TRP B 634 22.28 9.80 14.61
N LEU B 635 23.49 10.34 14.63
CA LEU B 635 24.65 9.46 14.54
C LEU B 635 24.73 8.52 15.72
N GLN B 636 24.22 8.95 16.88
CA GLN B 636 24.23 8.10 18.06
C GLN B 636 23.42 6.84 17.81
N TYR B 637 22.18 7.01 17.37
CA TYR B 637 21.37 5.84 17.11
C TYR B 637 21.83 5.12 15.86
N GLU B 638 22.54 5.79 14.98
CA GLU B 638 23.16 5.05 13.88
C GLU B 638 24.15 4.06 14.45
N SER B 639 24.95 4.49 15.41
CA SER B 639 25.91 3.59 16.04
C SER B 639 25.19 2.50 16.83
N ILE B 640 24.09 2.85 17.48
CA ILE B 640 23.38 1.87 18.30
C ILE B 640 22.71 0.83 17.42
N LEU B 641 22.12 1.28 16.33
CA LEU B 641 21.49 0.35 15.41
C LEU B 641 22.53 -0.43 14.66
N ASN B 642 23.74 0.11 14.54
CA ASN B 642 24.82 -0.69 14.01
C ASN B 642 25.23 -1.76 15.00
N LYS B 643 25.25 -1.40 16.29
CA LYS B 643 25.53 -2.41 17.30
C LYS B 643 24.48 -3.51 17.28
N LEU B 644 23.21 -3.12 17.19
CA LEU B 644 22.15 -4.11 17.22
C LEU B 644 22.08 -4.90 15.93
N ASN B 645 22.38 -4.26 14.80
CA ASN B 645 22.36 -4.97 13.53
C ASN B 645 23.53 -5.94 13.46
N GLN B 646 24.69 -5.50 13.92
CA GLN B 646 25.85 -6.37 13.97
C GLN B 646 25.63 -7.50 14.97
N GLN B 647 24.88 -7.22 16.04
CA GLN B 647 24.63 -8.26 17.04
C GLN B 647 23.53 -9.20 16.60
N LEU B 648 22.59 -8.70 15.80
CA LEU B 648 21.61 -9.57 15.17
C LEU B 648 22.31 -10.46 14.16
N ASN B 649 23.25 -9.90 13.40
CA ASN B 649 24.09 -10.68 12.54
C ASN B 649 25.00 -11.60 13.34
N THR B 650 25.30 -11.23 14.58
CA THR B 650 26.15 -12.06 15.42
C THR B 650 25.40 -13.27 15.91
N VAL B 651 24.19 -13.06 16.43
CA VAL B 651 23.34 -14.17 16.83
C VAL B 651 22.94 -14.97 15.59
N THR B 652 22.87 -14.33 14.43
CA THR B 652 22.58 -15.06 13.20
C THR B 652 23.78 -15.86 12.76
N ASN B 653 24.99 -15.35 13.01
CA ASN B 653 26.21 -16.09 12.73
C ASN B 653 26.34 -17.28 13.67
N MET B 654 25.85 -17.13 14.90
CA MET B 654 25.82 -18.25 15.82
C MET B 654 24.71 -19.23 15.47
N ILE B 655 23.58 -18.71 14.97
CA ILE B 655 22.48 -19.55 14.49
C ILE B 655 22.95 -20.41 13.33
N ASN B 656 23.71 -19.82 12.41
CA ASN B 656 24.24 -20.56 11.28
C ASN B 656 25.38 -21.47 11.73
N ALA B 657 26.25 -20.95 12.60
CA ALA B 657 27.37 -21.73 13.10
C ALA B 657 26.93 -22.72 14.17
N ALA B 658 26.33 -22.21 15.24
CA ALA B 658 25.84 -23.07 16.32
C ALA B 658 24.40 -23.47 16.08
N MET C 21 -22.34 2.75 17.16
CA MET C 21 -22.99 2.56 15.85
C MET C 21 -23.32 3.88 15.19
N ALA C 22 -23.32 4.96 15.98
CA ALA C 22 -23.54 6.28 15.43
C ALA C 22 -22.59 6.56 14.27
N PHE C 23 -21.45 5.88 14.25
CA PHE C 23 -20.48 6.00 13.18
C PHE C 23 -20.36 4.72 12.37
N GLY C 24 -21.12 3.69 12.73
CA GLY C 24 -21.12 2.48 11.95
C GLY C 24 -21.49 2.80 10.52
N SER C 25 -20.51 2.75 9.64
CA SER C 25 -20.73 3.14 8.26
C SER C 25 -19.65 2.50 7.41
N LEU C 26 -19.93 2.45 6.12
CA LEU C 26 -18.98 1.94 5.16
C LEU C 26 -18.80 2.97 4.06
N SER C 27 -17.66 2.90 3.40
CA SER C 27 -17.22 3.97 2.53
C SER C 27 -17.70 3.83 1.09
N SER C 28 -17.78 2.61 0.57
CA SER C 28 -17.97 2.45 -0.86
C SER C 28 -18.66 1.14 -1.16
N LEU C 29 -18.94 0.96 -2.45
CA LEU C 29 -19.44 -0.29 -3.01
C LEU C 29 -18.57 -0.61 -4.23
N GLY C 30 -17.99 -1.80 -4.24
CA GLY C 30 -16.97 -2.11 -5.23
C GLY C 30 -17.15 -3.48 -5.85
N PHE C 31 -16.44 -3.67 -6.95
CA PHE C 31 -16.40 -4.94 -7.64
C PHE C 31 -15.02 -5.11 -8.28
N GLY C 32 -14.78 -6.31 -8.80
CA GLY C 32 -13.66 -6.57 -9.67
C GLY C 32 -12.32 -6.05 -9.22
N SER C 33 -12.19 -5.74 -7.94
CA SER C 33 -10.95 -5.19 -7.40
C SER C 33 -9.86 -6.25 -7.46
N GLY C 34 -8.93 -6.09 -8.40
CA GLY C 34 -7.83 -7.03 -8.50
C GLY C 34 -7.43 -7.33 -9.94
N VAL C 35 -6.62 -8.37 -10.09
CA VAL C 35 -6.08 -8.79 -11.37
C VAL C 35 -6.34 -10.27 -11.56
N LEU C 36 -6.62 -10.65 -12.80
CA LEU C 36 -6.84 -12.06 -13.11
C LEU C 36 -5.54 -12.84 -12.99
N THR C 37 -5.61 -14.02 -12.39
CA THR C 37 -4.53 -14.97 -12.39
C THR C 37 -5.10 -16.37 -12.55
N GLN C 38 -4.29 -17.25 -13.13
CA GLN C 38 -4.71 -18.63 -13.28
C GLN C 38 -5.13 -19.22 -11.95
N ASP C 39 -4.53 -18.74 -10.85
CA ASP C 39 -4.92 -19.24 -9.53
C ASP C 39 -6.37 -18.89 -9.24
N THR C 40 -6.77 -17.66 -9.57
CA THR C 40 -8.16 -17.29 -9.40
C THR C 40 -9.06 -18.15 -10.26
N ILE C 41 -8.59 -18.47 -11.46
CA ILE C 41 -9.35 -19.35 -12.33
C ILE C 41 -9.55 -20.69 -11.66
N ASP C 42 -8.51 -21.21 -11.04
CA ASP C 42 -8.61 -22.50 -10.37
C ASP C 42 -9.59 -22.43 -9.22
N LYS C 43 -9.54 -21.33 -8.46
CA LYS C 43 -10.47 -21.18 -7.34
C LYS C 43 -11.90 -21.17 -7.84
N LEU C 44 -12.16 -20.43 -8.90
CA LEU C 44 -13.51 -20.39 -9.46
C LEU C 44 -13.92 -21.77 -9.94
N LYS C 45 -12.99 -22.49 -10.56
CA LYS C 45 -13.30 -23.84 -11.01
C LYS C 45 -13.69 -24.72 -9.84
N GLU C 46 -12.97 -24.60 -8.73
CA GLU C 46 -13.29 -25.41 -7.56
C GLU C 46 -14.65 -25.06 -7.02
N ALA C 47 -14.96 -23.76 -6.95
CA ALA C 47 -16.25 -23.34 -6.43
C ALA C 47 -17.38 -23.88 -7.29
N GLU C 48 -17.22 -23.77 -8.61
CA GLU C 48 -18.22 -24.30 -9.51
C GLU C 48 -18.38 -25.79 -9.32
N GLN C 49 -17.25 -26.50 -9.28
CA GLN C 49 -17.29 -27.94 -9.06
C GLN C 49 -18.11 -28.26 -7.83
N LYS C 50 -17.82 -27.60 -6.73
CA LYS C 50 -18.56 -27.85 -5.52
C LYS C 50 -20.05 -27.66 -5.78
N ALA C 51 -20.41 -26.42 -6.10
CA ALA C 51 -21.82 -26.05 -6.17
C ALA C 51 -22.57 -26.82 -7.24
N ARG C 52 -21.88 -27.51 -8.13
CA ARG C 52 -22.54 -28.24 -9.21
C ARG C 52 -22.60 -29.74 -9.00
N ILE C 53 -21.58 -30.34 -8.39
CA ILE C 53 -21.49 -31.78 -8.31
C ILE C 53 -21.46 -32.30 -6.89
N ASP C 54 -21.68 -31.45 -5.89
CA ASP C 54 -21.78 -31.97 -4.54
C ASP C 54 -23.05 -32.80 -4.33
N PRO C 55 -24.23 -32.35 -4.76
CA PRO C 55 -25.43 -33.16 -4.57
C PRO C 55 -25.31 -34.55 -5.15
N TYR C 56 -24.65 -34.68 -6.30
CA TYR C 56 -24.46 -36.00 -6.86
C TYR C 56 -23.69 -36.90 -5.91
N THR C 57 -22.60 -36.39 -5.36
CA THR C 57 -21.83 -37.16 -4.38
C THR C 57 -22.69 -37.54 -3.20
N LYS C 58 -23.49 -36.59 -2.71
CA LYS C 58 -24.29 -36.86 -1.52
C LYS C 58 -25.30 -37.95 -1.78
N LYS C 59 -25.99 -37.88 -2.92
CA LYS C 59 -26.96 -38.90 -3.25
C LYS C 59 -26.29 -40.24 -3.44
N ILE C 60 -25.07 -40.24 -4.00
CA ILE C 60 -24.34 -41.47 -4.19
C ILE C 60 -24.06 -42.12 -2.84
N GLU C 61 -23.59 -41.32 -1.89
CA GLU C 61 -23.31 -41.85 -0.56
C GLU C 61 -24.58 -42.37 0.10
N GLU C 62 -25.68 -41.64 -0.06
CA GLU C 62 -26.96 -42.08 0.50
C GLU C 62 -27.31 -43.46 -0.05
N ASN C 63 -27.27 -43.61 -1.36
CA ASN C 63 -27.63 -44.87 -1.98
C ASN C 63 -26.71 -45.99 -1.54
N THR C 64 -25.42 -45.69 -1.40
CA THR C 64 -24.47 -46.72 -0.99
C THR C 64 -24.76 -47.18 0.43
N THR C 65 -25.05 -46.25 1.33
CA THR C 65 -25.41 -46.61 2.69
C THR C 65 -26.66 -47.47 2.70
N LYS C 66 -27.66 -47.06 1.93
CA LYS C 66 -28.90 -47.84 1.86
C LYS C 66 -28.61 -49.25 1.38
N GLN C 67 -27.74 -49.39 0.38
CA GLN C 67 -27.45 -50.70 -0.18
C GLN C 67 -26.71 -51.57 0.81
N LYS C 68 -25.77 -50.99 1.55
CA LYS C 68 -25.09 -51.73 2.60
C LYS C 68 -26.08 -52.28 3.61
N ASP C 69 -26.98 -51.42 4.09
CA ASP C 69 -27.94 -51.85 5.09
C ASP C 69 -28.85 -52.93 4.54
N LEU C 70 -29.30 -52.76 3.30
CA LEU C 70 -30.18 -53.76 2.71
C LEU C 70 -29.46 -55.09 2.58
N THR C 71 -28.18 -55.06 2.20
CA THR C 71 -27.42 -56.29 2.09
C THR C 71 -27.33 -56.98 3.44
N GLU C 72 -27.07 -56.21 4.50
CA GLU C 72 -26.97 -56.80 5.82
C GLU C 72 -28.27 -57.48 6.21
N ILE C 73 -29.38 -56.77 6.08
CA ILE C 73 -30.65 -57.36 6.49
C ILE C 73 -31.00 -58.52 5.58
N LYS C 74 -30.51 -58.50 4.34
CA LYS C 74 -30.75 -59.62 3.45
C LYS C 74 -30.04 -60.86 3.94
N THR C 75 -28.77 -60.70 4.34
CA THR C 75 -28.05 -61.84 4.89
C THR C 75 -28.76 -62.39 6.13
N LYS C 76 -29.23 -61.49 6.99
CA LYS C 76 -29.92 -61.94 8.19
C LYS C 76 -31.19 -62.69 7.84
N LEU C 77 -31.97 -62.15 6.91
CA LEU C 77 -33.20 -62.79 6.50
C LEU C 77 -32.93 -64.14 5.88
N LEU C 78 -31.83 -64.26 5.13
CA LEU C 78 -31.50 -65.52 4.50
C LEU C 78 -31.12 -66.56 5.55
N SER C 79 -30.35 -66.14 6.56
CA SER C 79 -30.01 -67.05 7.64
C SER C 79 -31.27 -67.53 8.35
N PHE C 80 -32.19 -66.61 8.62
CA PHE C 80 -33.42 -66.99 9.30
C PHE C 80 -34.23 -67.94 8.45
N GLN C 81 -34.33 -67.66 7.14
CA GLN C 81 -35.07 -68.55 6.25
C GLN C 81 -34.41 -69.91 6.21
N THR C 82 -33.09 -69.94 6.25
CA THR C 82 -32.38 -71.22 6.30
C THR C 82 -32.81 -72.00 7.54
N ALA C 83 -32.79 -71.34 8.69
CA ALA C 83 -33.18 -72.02 9.92
C ALA C 83 -34.60 -72.55 9.82
N VAL C 84 -35.53 -71.72 9.36
CA VAL C 84 -36.93 -72.11 9.31
C VAL C 84 -37.12 -73.26 8.35
N SER C 85 -36.53 -73.17 7.16
CA SER C 85 -36.70 -74.22 6.17
C SER C 85 -36.05 -75.51 6.64
N SER C 86 -35.00 -75.42 7.45
CA SER C 86 -34.35 -76.62 7.94
C SER C 86 -35.18 -77.30 9.00
N LEU C 87 -35.78 -76.54 9.91
CA LEU C 87 -36.52 -77.09 11.03
C LEU C 87 -38.03 -76.97 10.85
N ALA C 88 -38.49 -76.84 9.62
CA ALA C 88 -39.92 -76.77 9.37
C ALA C 88 -40.52 -78.14 9.16
N ASP C 89 -39.76 -79.06 8.59
CA ASP C 89 -40.24 -80.42 8.33
C ASP C 89 -40.15 -81.22 9.63
N ALA C 90 -41.30 -81.37 10.29
CA ALA C 90 -41.34 -82.10 11.56
C ALA C 90 -40.96 -83.56 11.39
N THR C 91 -41.02 -84.08 10.16
CA THR C 91 -40.67 -85.48 9.94
C THR C 91 -39.22 -85.75 10.24
N VAL C 92 -38.39 -84.73 10.35
CA VAL C 92 -37.00 -84.94 10.71
C VAL C 92 -36.88 -85.58 12.08
N PHE C 93 -37.87 -85.39 12.94
CA PHE C 93 -37.85 -85.95 14.28
C PHE C 93 -38.35 -87.40 14.28
N ALA C 94 -37.76 -88.21 13.40
CA ALA C 94 -38.03 -89.63 13.36
C ALA C 94 -37.08 -90.42 14.25
N LYS C 95 -36.23 -89.73 15.00
CA LYS C 95 -35.27 -90.42 15.85
C LYS C 95 -35.98 -91.29 16.86
N ARG C 96 -35.30 -92.34 17.28
CA ARG C 96 -35.80 -93.25 18.29
C ARG C 96 -34.69 -93.50 19.30
N LYS C 97 -35.08 -93.62 20.57
CA LYS C 97 -34.15 -93.89 21.65
C LYS C 97 -34.58 -95.15 22.38
N VAL C 98 -33.59 -95.97 22.73
CA VAL C 98 -33.82 -97.26 23.35
C VAL C 98 -33.68 -97.11 24.85
N VAL C 99 -34.74 -97.45 25.59
CA VAL C 99 -34.74 -97.44 27.03
C VAL C 99 -35.35 -98.75 27.53
N GLY C 100 -35.40 -98.90 28.84
CA GLY C 100 -35.99 -100.07 29.44
C GLY C 100 -35.36 -100.33 30.79
N SER C 101 -35.60 -101.55 31.29
CA SER C 101 -35.08 -101.99 32.58
C SER C 101 -33.72 -102.66 32.37
N ILE C 102 -32.75 -101.84 31.97
CA ILE C 102 -31.39 -102.29 31.75
C ILE C 102 -30.55 -101.79 32.90
N SER C 103 -29.85 -102.73 33.55
CA SER C 103 -29.05 -102.43 34.72
C SER C 103 -27.62 -102.10 34.31
N ASP C 104 -26.72 -102.07 35.29
CA ASP C 104 -25.32 -101.73 35.06
C ASP C 104 -24.76 -102.38 33.80
N ASN C 105 -24.81 -103.70 33.74
CA ASN C 105 -24.23 -104.45 32.62
C ASN C 105 -25.35 -104.96 31.72
N PRO C 106 -25.53 -104.40 30.53
CA PRO C 106 -26.51 -104.93 29.60
C PRO C 106 -26.06 -106.27 29.06
N PRO C 107 -26.78 -107.35 29.36
CA PRO C 107 -26.39 -108.65 28.81
C PRO C 107 -26.44 -108.68 27.29
N ALA C 108 -27.31 -107.87 26.70
CA ALA C 108 -27.36 -107.71 25.26
C ALA C 108 -27.68 -106.27 24.93
N SER C 109 -27.21 -105.81 23.77
CA SER C 109 -27.37 -104.44 23.34
C SER C 109 -28.20 -104.39 22.07
N LEU C 110 -29.28 -103.64 22.11
CA LEU C 110 -30.19 -103.48 20.98
C LEU C 110 -30.03 -102.09 20.41
N THR C 111 -29.63 -102.01 19.15
CA THR C 111 -29.50 -100.75 18.45
C THR C 111 -30.59 -100.63 17.41
N VAL C 112 -31.28 -99.50 17.40
CA VAL C 112 -32.42 -99.26 16.53
C VAL C 112 -32.13 -98.02 15.70
N ASN C 113 -32.41 -98.10 14.41
CA ASN C 113 -32.24 -96.96 13.52
C ASN C 113 -33.48 -96.06 13.60
N SER C 114 -33.53 -95.09 12.70
CA SER C 114 -34.64 -94.14 12.69
C SER C 114 -35.83 -94.68 11.92
N GLY C 115 -37.01 -94.15 12.26
CA GLY C 115 -38.23 -94.48 11.57
C GLY C 115 -38.93 -95.71 12.10
N VAL C 116 -38.27 -96.54 12.89
CA VAL C 116 -38.89 -97.76 13.39
C VAL C 116 -40.00 -97.40 14.35
N ALA C 117 -41.09 -98.15 14.29
CA ALA C 117 -42.22 -97.91 15.16
C ALA C 117 -41.86 -98.22 16.61
N LEU C 118 -42.67 -97.68 17.52
CA LEU C 118 -42.42 -97.87 18.94
C LEU C 118 -42.87 -99.26 19.38
N GLN C 119 -42.13 -99.83 20.32
CA GLN C 119 -42.41 -101.19 20.79
C GLN C 119 -41.57 -101.45 22.03
N SER C 120 -41.79 -102.61 22.63
CA SER C 120 -41.01 -103.08 23.76
C SER C 120 -40.71 -104.54 23.58
N MET C 121 -39.52 -104.96 23.99
CA MET C 121 -39.03 -106.31 23.75
C MET C 121 -38.72 -106.99 25.06
N ASN C 122 -39.35 -108.14 25.29
CA ASN C 122 -39.07 -109.00 26.44
C ASN C 122 -38.11 -110.08 25.95
N ILE C 123 -36.83 -109.86 26.18
CA ILE C 123 -35.78 -110.71 25.64
C ILE C 123 -35.12 -111.45 26.79
N ASN C 124 -34.88 -112.74 26.61
CA ASN C 124 -34.14 -113.54 27.55
C ASN C 124 -33.09 -114.34 26.79
N VAL C 125 -31.87 -114.32 27.29
CA VAL C 125 -30.76 -115.06 26.71
C VAL C 125 -30.41 -116.20 27.63
N THR C 126 -30.09 -117.34 27.04
CA THR C 126 -29.75 -118.53 27.82
C THR C 126 -28.42 -119.15 27.44
N GLN C 127 -27.88 -118.86 26.27
CA GLN C 127 -26.59 -119.40 25.90
C GLN C 127 -25.96 -118.52 24.82
N LEU C 128 -24.66 -118.33 24.93
CA LEU C 128 -23.92 -117.56 23.93
C LEU C 128 -23.49 -118.47 22.78
N ALA C 129 -23.31 -117.85 21.62
CA ALA C 129 -22.73 -118.56 20.51
C ALA C 129 -21.24 -118.77 20.75
N GLN C 130 -20.74 -119.91 20.29
CA GLN C 130 -19.36 -120.30 20.54
C GLN C 130 -18.74 -120.82 19.26
N LYS C 131 -17.43 -121.02 19.31
CA LYS C 131 -16.69 -121.67 18.24
C LYS C 131 -16.05 -122.95 18.78
N ASP C 132 -15.66 -123.82 17.86
CA ASP C 132 -15.05 -125.08 18.22
C ASP C 132 -13.54 -124.89 18.39
N VAL C 133 -13.02 -125.36 19.52
CA VAL C 133 -11.62 -125.18 19.86
C VAL C 133 -10.97 -126.55 19.99
N TYR C 134 -9.76 -126.67 19.43
CA TYR C 134 -8.98 -127.89 19.48
C TYR C 134 -7.57 -127.54 19.91
N GLN C 135 -7.15 -128.04 21.07
CA GLN C 135 -5.80 -127.82 21.58
C GLN C 135 -5.07 -129.15 21.62
N SER C 136 -3.98 -129.24 20.86
CA SER C 136 -3.29 -130.52 20.70
C SER C 136 -2.75 -131.00 22.04
N LYS C 137 -3.01 -132.27 22.35
CA LYS C 137 -2.46 -132.86 23.55
C LYS C 137 -1.03 -133.33 23.34
N GLY C 138 -0.65 -133.59 22.08
CA GLY C 138 0.75 -133.85 21.79
C GLY C 138 1.57 -132.62 22.09
N LEU C 139 2.33 -132.67 23.17
CA LEU C 139 3.06 -131.52 23.68
C LEU C 139 4.52 -131.64 23.26
N ALA C 140 4.89 -130.92 22.20
CA ALA C 140 6.26 -130.90 21.74
C ALA C 140 7.02 -129.76 22.41
N ASN C 141 8.26 -130.06 22.79
CA ASN C 141 9.14 -129.07 23.38
C ASN C 141 9.96 -128.33 22.33
N ASP C 142 9.59 -128.44 21.05
CA ASP C 142 10.31 -127.76 19.99
C ASP C 142 9.33 -127.52 18.85
N SER C 143 9.18 -126.25 18.45
CA SER C 143 8.33 -125.93 17.31
C SER C 143 8.87 -126.50 16.01
N GLY C 144 10.16 -126.83 15.96
CA GLY C 144 10.75 -127.38 14.77
C GLY C 144 10.81 -128.90 14.80
N PHE C 145 9.86 -129.51 15.51
CA PHE C 145 9.80 -130.97 15.58
C PHE C 145 9.50 -131.54 14.20
N VAL C 146 10.36 -132.45 13.75
CA VAL C 146 10.23 -133.09 12.44
C VAL C 146 10.03 -134.58 12.67
N ASN C 147 8.93 -135.10 12.13
CA ASN C 147 8.67 -136.54 12.14
C ASN C 147 9.24 -137.11 10.85
N ALA C 148 10.52 -137.48 10.90
CA ALA C 148 11.22 -137.92 9.70
C ALA C 148 10.67 -139.22 9.14
N ASN C 149 9.94 -139.99 9.94
CA ASN C 149 9.43 -141.27 9.46
C ASN C 149 8.26 -141.12 8.51
N LEU C 150 7.73 -139.90 8.34
CA LEU C 150 6.64 -139.66 7.39
C LEU C 150 7.22 -139.57 5.98
N THR C 151 7.78 -140.68 5.53
CA THR C 151 8.33 -140.76 4.19
C THR C 151 7.21 -140.70 3.16
N GLY C 152 7.46 -139.99 2.07
CA GLY C 152 6.43 -139.74 1.09
C GLY C 152 5.64 -138.49 1.42
N THR C 153 4.45 -138.41 0.85
CA THR C 153 3.56 -137.28 1.06
C THR C 153 2.20 -137.76 1.54
N THR C 154 1.47 -136.83 2.14
CA THR C 154 0.09 -137.07 2.56
C THR C 154 -0.67 -135.75 2.41
N ASP C 155 -1.98 -135.81 2.61
CA ASP C 155 -2.83 -134.64 2.41
C ASP C 155 -3.74 -134.48 3.62
N LEU C 156 -3.53 -133.41 4.37
CA LEU C 156 -4.34 -133.08 5.54
C LEU C 156 -5.65 -132.50 5.05
N THR C 157 -6.66 -133.35 4.92
CA THR C 157 -7.96 -132.96 4.38
C THR C 157 -8.87 -132.54 5.53
N PHE C 158 -9.35 -131.31 5.48
CA PHE C 158 -10.19 -130.76 6.54
C PHE C 158 -11.56 -130.43 5.98
N PHE C 159 -12.52 -130.31 6.90
CA PHE C 159 -13.92 -130.09 6.53
C PHE C 159 -14.55 -129.20 7.60
N SER C 160 -14.74 -127.92 7.28
CA SER C 160 -15.31 -126.94 8.19
C SER C 160 -16.58 -126.40 7.58
N ASN C 161 -17.70 -126.58 8.27
CA ASN C 161 -18.98 -126.05 7.82
C ASN C 161 -19.25 -126.45 6.38
N GLY C 162 -18.93 -127.70 6.05
CA GLY C 162 -19.16 -128.21 4.71
C GLY C 162 -18.14 -127.78 3.68
N LYS C 163 -17.08 -127.10 4.09
CA LYS C 163 -16.04 -126.64 3.17
C LYS C 163 -14.79 -127.48 3.38
N GLU C 164 -14.32 -128.10 2.31
CA GLU C 164 -13.16 -128.96 2.36
C GLU C 164 -11.90 -128.14 2.14
N TYR C 165 -10.85 -128.48 2.88
CA TYR C 165 -9.54 -127.87 2.70
C TYR C 165 -8.48 -128.96 2.85
N THR C 166 -7.48 -128.90 2.00
CA THR C 166 -6.46 -129.93 1.92
C THR C 166 -5.08 -129.31 2.06
N VAL C 167 -4.20 -129.99 2.78
CA VAL C 167 -2.84 -129.52 3.01
C VAL C 167 -1.90 -130.70 2.84
N THR C 168 -0.91 -130.55 1.96
CA THR C 168 0.06 -131.60 1.75
C THR C 168 1.16 -131.53 2.81
N VAL C 169 1.62 -132.69 3.24
CA VAL C 169 2.64 -132.79 4.28
C VAL C 169 3.73 -133.74 3.80
N ASP C 170 4.97 -133.41 4.11
CA ASP C 170 6.13 -134.17 3.67
C ASP C 170 6.96 -134.60 4.89
N LYS C 171 8.11 -135.19 4.60
CA LYS C 171 9.00 -135.66 5.67
C LYS C 171 9.57 -134.51 6.47
N ASN C 172 9.72 -133.34 5.85
CA ASN C 172 10.32 -132.18 6.51
C ASN C 172 9.32 -131.40 7.34
N THR C 173 8.21 -132.02 7.72
CA THR C 173 7.14 -131.33 8.41
C THR C 173 7.65 -130.75 9.73
N THR C 174 7.30 -129.50 9.99
CA THR C 174 7.50 -128.87 11.28
C THR C 174 6.19 -128.24 11.73
N TYR C 175 6.05 -128.08 13.03
CA TYR C 175 4.81 -127.53 13.57
C TYR C 175 4.54 -126.13 13.02
N ARG C 176 5.59 -125.32 12.88
CA ARG C 176 5.41 -123.99 12.30
C ARG C 176 5.00 -124.11 10.84
N ASP C 177 5.71 -124.93 10.07
CA ASP C 177 5.34 -125.16 8.69
C ASP C 177 3.92 -125.66 8.59
N LEU C 178 3.54 -126.58 9.48
CA LEU C 178 2.18 -127.11 9.46
C LEU C 178 1.18 -125.99 9.68
N ALA C 179 1.36 -125.22 10.74
CA ALA C 179 0.41 -124.16 11.05
C ALA C 179 0.28 -123.18 9.89
N ASP C 180 1.41 -122.84 9.27
CA ASP C 180 1.37 -121.92 8.14
C ASP C 180 0.59 -122.53 6.99
N LYS C 181 0.84 -123.79 6.68
CA LYS C 181 0.14 -124.44 5.59
C LYS C 181 -1.36 -124.51 5.86
N ILE C 182 -1.73 -124.78 7.10
CA ILE C 182 -3.14 -124.83 7.46
C ILE C 182 -3.78 -123.46 7.25
N ASN C 183 -3.18 -122.42 7.82
CA ASN C 183 -3.76 -121.09 7.74
C ASN C 183 -3.74 -120.55 6.32
N GLU C 184 -2.91 -121.10 5.45
CA GLU C 184 -2.86 -120.62 4.07
C GLU C 184 -3.83 -121.38 3.17
N ALA C 185 -3.78 -122.72 3.19
CA ALA C 185 -4.72 -123.50 2.40
C ALA C 185 -6.16 -123.14 2.77
N SER C 186 -6.48 -123.23 4.06
CA SER C 186 -7.74 -122.68 4.57
C SER C 186 -7.53 -121.18 4.73
N GLY C 187 -8.10 -120.41 3.82
CA GLY C 187 -7.82 -118.98 3.79
C GLY C 187 -8.44 -118.26 4.95
N GLY C 188 -7.92 -118.52 6.15
CA GLY C 188 -8.44 -117.91 7.36
C GLY C 188 -9.61 -118.65 7.97
N GLU C 189 -10.22 -119.57 7.24
CA GLU C 189 -11.36 -120.29 7.80
C GLU C 189 -10.94 -121.13 8.98
N ILE C 190 -9.77 -121.76 8.90
CA ILE C 190 -9.23 -122.58 9.97
C ILE C 190 -8.04 -121.85 10.57
N VAL C 191 -8.11 -121.58 11.86
CA VAL C 191 -7.06 -120.85 12.55
C VAL C 191 -6.05 -121.86 13.09
N ALA C 192 -4.77 -121.61 12.83
CA ALA C 192 -3.69 -122.44 13.32
C ALA C 192 -2.64 -121.54 13.97
N LYS C 193 -2.25 -121.88 15.19
CA LYS C 193 -1.27 -121.07 15.89
C LYS C 193 -0.60 -121.92 16.97
N ILE C 194 0.67 -121.66 17.18
CA ILE C 194 1.46 -122.36 18.18
C ILE C 194 1.57 -121.47 19.41
N VAL C 195 1.31 -122.06 20.58
CA VAL C 195 1.36 -121.35 21.85
C VAL C 195 2.45 -121.98 22.70
N ASN C 196 3.37 -121.16 23.18
CA ASN C 196 4.42 -121.63 24.07
C ASN C 196 3.82 -121.83 25.45
N THR C 197 3.42 -123.06 25.74
CA THR C 197 2.81 -123.37 27.03
C THR C 197 3.74 -122.95 28.16
N GLY C 198 3.16 -122.28 29.15
CA GLY C 198 3.93 -121.76 30.26
C GLY C 198 4.29 -122.81 31.30
N GLU C 199 4.98 -123.87 30.88
CA GLU C 199 5.38 -124.95 31.76
C GLU C 199 6.88 -125.17 31.65
N LYS C 200 7.38 -126.17 32.35
CA LYS C 200 8.82 -126.33 32.51
C LYS C 200 9.47 -126.82 31.23
N GLY C 201 8.79 -127.68 30.49
CA GLY C 201 9.36 -128.22 29.27
C GLY C 201 8.94 -127.51 28.00
N THR C 202 8.45 -126.28 28.09
CA THR C 202 7.89 -125.53 26.97
C THR C 202 7.05 -126.47 26.10
N PRO C 203 6.07 -127.13 26.69
CA PRO C 203 5.28 -128.13 25.94
C PRO C 203 4.35 -127.46 24.91
N TYR C 204 4.95 -127.08 23.79
CA TYR C 204 4.19 -126.42 22.73
C TYR C 204 3.05 -127.32 22.27
N ARG C 205 1.88 -126.71 22.08
CA ARG C 205 0.73 -127.39 21.49
C ARG C 205 0.13 -126.50 20.42
N LEU C 206 -0.32 -127.13 19.35
CA LEU C 206 -0.91 -126.41 18.23
C LEU C 206 -2.39 -126.20 18.50
N THR C 207 -2.83 -124.95 18.41
CA THR C 207 -4.22 -124.58 18.66
C THR C 207 -4.93 -124.42 17.32
N LEU C 208 -6.06 -125.10 17.19
CA LEU C 208 -6.85 -125.08 15.97
C LEU C 208 -8.29 -124.74 16.31
N THR C 209 -8.78 -123.63 15.77
CA THR C 209 -10.13 -123.17 16.04
C THR C 209 -10.79 -122.72 14.74
N SER C 210 -12.12 -122.65 14.78
CA SER C 210 -12.89 -122.18 13.65
C SER C 210 -12.97 -120.67 13.65
N LYS C 211 -12.96 -120.09 12.45
CA LYS C 211 -13.10 -118.65 12.33
C LYS C 211 -14.52 -118.20 12.64
N GLU C 212 -15.51 -119.05 12.39
CA GLU C 212 -16.90 -118.72 12.61
C GLU C 212 -17.40 -119.37 13.90
N THR C 213 -18.58 -118.93 14.33
CA THR C 213 -19.24 -119.45 15.51
C THR C 213 -20.53 -120.15 15.11
N GLY C 214 -20.98 -121.06 15.96
CA GLY C 214 -22.13 -121.87 15.66
C GLY C 214 -21.73 -123.32 15.43
N GLU C 215 -22.60 -124.23 15.82
CA GLU C 215 -22.27 -125.65 15.74
C GLU C 215 -21.95 -126.06 14.32
N ASP C 216 -22.57 -125.42 13.32
CA ASP C 216 -22.33 -125.79 11.94
C ASP C 216 -20.88 -125.60 11.55
N SER C 217 -20.13 -124.78 12.26
CA SER C 217 -18.74 -124.53 11.97
C SER C 217 -17.81 -125.62 12.47
N ALA C 218 -18.37 -126.78 12.85
CA ALA C 218 -17.54 -127.87 13.34
C ALA C 218 -16.50 -128.27 12.30
N ILE C 219 -15.30 -128.57 12.77
CA ILE C 219 -14.18 -128.91 11.91
C ILE C 219 -13.67 -130.30 12.29
N SER C 220 -13.32 -131.09 11.28
CA SER C 220 -12.68 -132.39 11.46
C SER C 220 -11.38 -132.37 10.67
N PHE C 221 -10.27 -132.57 11.38
CA PHE C 221 -8.96 -132.60 10.75
C PHE C 221 -8.65 -134.05 10.43
N TYR C 222 -8.78 -134.39 9.15
CA TYR C 222 -8.82 -135.77 8.69
C TYR C 222 -7.55 -136.11 7.92
N ALA C 223 -6.92 -137.21 8.30
CA ALA C 223 -5.71 -137.70 7.63
C ALA C 223 -6.15 -138.79 6.66
N GLY C 224 -6.35 -138.40 5.40
CA GLY C 224 -6.87 -139.34 4.41
C GLY C 224 -6.16 -139.34 3.07
N LYS C 225 -5.25 -138.41 2.85
CA LYS C 225 -4.57 -138.26 1.56
C LYS C 225 -5.60 -138.06 0.45
N LYS C 226 -6.47 -137.07 0.65
CA LYS C 226 -7.58 -136.80 -0.28
C LYS C 226 -8.51 -138.01 -0.37
N ASP C 227 -8.66 -138.73 0.74
CA ASP C 227 -9.62 -139.81 0.80
C ASP C 227 -11.05 -139.31 0.70
N ALA C 228 -11.26 -138.01 0.88
CA ALA C 228 -12.62 -137.49 1.01
C ALA C 228 -13.36 -137.47 -0.32
N GLN C 229 -12.86 -136.68 -1.27
CA GLN C 229 -13.45 -136.67 -2.60
C GLN C 229 -12.46 -136.58 -3.74
N GLY C 230 -11.15 -136.43 -3.47
CA GLY C 230 -10.18 -136.49 -4.54
C GLY C 230 -10.15 -137.88 -5.13
N GLN C 231 -9.96 -138.85 -4.24
CA GLN C 231 -10.06 -140.27 -4.60
C GLN C 231 -10.06 -141.06 -3.31
N TYR C 232 -10.93 -142.05 -3.24
CA TYR C 232 -11.10 -142.81 -1.99
C TYR C 232 -9.81 -143.53 -1.65
N GLN C 233 -9.23 -143.18 -0.50
CA GLN C 233 -8.04 -143.84 0.02
C GLN C 233 -8.32 -144.67 1.26
N SER C 234 -9.55 -144.62 1.78
CA SER C 234 -9.94 -145.40 2.95
C SER C 234 -9.04 -145.10 4.14
N ASP C 235 -8.84 -143.81 4.40
CA ASP C 235 -8.16 -143.34 5.61
C ASP C 235 -6.77 -143.96 5.76
N PRO C 236 -5.80 -143.63 4.90
CA PRO C 236 -4.45 -144.12 5.10
C PRO C 236 -3.84 -143.56 6.38
N GLU C 237 -2.97 -144.36 6.99
CA GLU C 237 -2.36 -143.99 8.27
C GLU C 237 -1.03 -143.26 8.03
N ALA C 238 -1.16 -142.00 7.63
CA ALA C 238 0.00 -141.13 7.56
C ALA C 238 0.54 -140.95 8.98
N GLU C 239 1.74 -141.47 9.22
CA GLU C 239 2.23 -141.66 10.58
C GLU C 239 2.13 -140.39 11.41
N ASN C 240 2.79 -139.32 10.98
CA ASN C 240 2.94 -138.14 11.82
C ASN C 240 1.59 -137.53 12.19
N ILE C 241 0.77 -137.21 11.20
CA ILE C 241 -0.50 -136.56 11.49
C ILE C 241 -1.44 -137.52 12.21
N PHE C 242 -1.48 -138.78 11.75
CA PHE C 242 -2.32 -139.78 12.40
C PHE C 242 -1.92 -140.03 13.84
N SER C 243 -0.69 -139.68 14.21
CA SER C 243 -0.16 -139.97 15.53
C SER C 243 -0.06 -138.75 16.43
N ASN C 244 -0.19 -137.54 15.88
CA ASN C 244 -0.05 -136.35 16.71
C ASN C 244 -1.21 -135.37 16.56
N LEU C 245 -1.82 -135.27 15.37
CA LEU C 245 -2.73 -134.16 15.10
C LEU C 245 -4.00 -134.63 14.38
N GLY C 246 -4.54 -135.77 14.78
CA GLY C 246 -5.86 -136.16 14.31
C GLY C 246 -6.94 -135.68 15.28
N TRP C 247 -8.06 -135.23 14.71
CA TRP C 247 -9.01 -134.41 15.45
C TRP C 247 -10.45 -134.88 15.25
N GLU C 248 -10.70 -136.17 15.43
CA GLU C 248 -12.03 -136.67 15.73
C GLU C 248 -11.97 -137.28 17.12
N LEU C 249 -12.69 -136.67 18.07
CA LEU C 249 -12.38 -136.82 19.48
C LEU C 249 -11.91 -138.22 19.85
N ASP C 250 -12.68 -139.24 19.49
CA ASP C 250 -12.39 -140.60 19.91
C ASP C 250 -12.62 -141.58 18.78
N LYS C 251 -12.22 -141.23 17.56
CA LYS C 251 -12.49 -142.07 16.39
C LYS C 251 -11.20 -142.66 15.86
N THR C 252 -10.95 -143.93 16.20
CA THR C 252 -10.13 -144.81 15.39
C THR C 252 -11.00 -145.79 14.60
N THR C 253 -12.14 -146.15 15.17
CA THR C 253 -13.13 -146.93 14.44
C THR C 253 -13.85 -146.05 13.44
N GLN C 254 -14.16 -146.62 12.28
CA GLN C 254 -14.77 -145.86 11.18
C GLN C 254 -16.26 -145.70 11.49
N THR C 255 -16.55 -144.78 12.41
CA THR C 255 -17.94 -144.44 12.68
C THR C 255 -18.51 -143.55 11.57
N ILE C 256 -17.80 -142.48 11.23
CA ILE C 256 -18.19 -141.57 10.17
C ILE C 256 -17.44 -141.99 8.91
N ASP C 257 -18.16 -142.62 7.99
CA ASP C 257 -17.55 -142.98 6.72
C ASP C 257 -17.21 -141.71 5.94
N PRO C 258 -16.03 -141.65 5.32
CA PRO C 258 -15.70 -140.45 4.52
C PRO C 258 -16.55 -140.35 3.27
N ALA C 259 -17.83 -140.06 3.46
CA ALA C 259 -18.75 -139.96 2.35
C ALA C 259 -18.40 -138.75 1.49
N LYS C 260 -19.24 -138.52 0.47
CA LYS C 260 -19.04 -137.37 -0.39
C LYS C 260 -19.50 -136.08 0.28
N ASP C 261 -20.61 -136.14 1.00
CA ASP C 261 -21.20 -134.99 1.64
C ASP C 261 -20.87 -134.99 3.13
N LYS C 262 -20.53 -133.82 3.65
CA LYS C 262 -20.18 -133.67 5.07
C LYS C 262 -19.15 -134.73 5.46
N LYS C 263 -17.99 -134.57 4.86
CA LYS C 263 -16.91 -135.54 4.87
C LYS C 263 -16.13 -135.51 6.17
N GLY C 264 -16.73 -135.00 7.24
CA GLY C 264 -16.03 -134.71 8.46
C GLY C 264 -15.73 -135.88 9.37
N TYR C 265 -14.83 -136.76 8.94
CA TYR C 265 -14.26 -137.78 9.81
C TYR C 265 -12.90 -137.31 10.31
N GLY C 266 -12.30 -138.08 11.21
CA GLY C 266 -10.96 -137.80 11.65
C GLY C 266 -10.41 -138.93 12.48
N ILE C 267 -9.50 -138.57 13.38
CA ILE C 267 -8.76 -139.54 14.19
C ILE C 267 -8.94 -139.22 15.66
N LYS C 268 -8.82 -140.25 16.48
CA LYS C 268 -8.83 -140.17 17.94
C LYS C 268 -7.54 -139.56 18.50
N ASP C 269 -6.66 -139.05 17.64
CA ASP C 269 -5.23 -139.03 17.89
C ASP C 269 -4.80 -138.64 19.30
N ALA C 270 -5.01 -137.39 19.69
CA ALA C 270 -4.30 -136.85 20.85
C ALA C 270 -5.20 -136.35 21.97
N SER C 271 -6.13 -135.44 21.68
CA SER C 271 -6.67 -134.54 22.69
C SER C 271 -8.12 -134.87 23.02
N LEU C 272 -8.59 -134.23 24.09
CA LEU C 272 -10.01 -134.11 24.38
C LEU C 272 -10.47 -132.74 23.89
N HIS C 273 -11.63 -132.70 23.25
CA HIS C 273 -12.13 -131.46 22.67
C HIS C 273 -12.29 -130.41 23.76
N ILE C 274 -11.83 -129.19 23.47
CA ILE C 274 -11.68 -128.16 24.49
C ILE C 274 -12.98 -127.37 24.64
N GLN C 275 -13.37 -126.66 23.59
CA GLN C 275 -14.55 -125.80 23.64
C GLN C 275 -15.43 -126.11 22.44
N THR C 276 -16.72 -126.33 22.70
CA THR C 276 -17.67 -126.70 21.67
C THR C 276 -18.33 -125.46 21.09
N ALA C 277 -18.39 -125.40 19.76
CA ALA C 277 -19.11 -124.33 19.10
C ALA C 277 -20.58 -124.38 19.50
N GLN C 278 -21.20 -123.22 19.59
CA GLN C 278 -22.57 -123.13 20.06
C GLN C 278 -23.33 -122.08 19.26
N ASN C 279 -24.64 -122.27 19.19
CA ASN C 279 -25.53 -121.26 18.65
C ASN C 279 -26.15 -120.46 19.78
N ALA C 280 -26.09 -119.15 19.67
CA ALA C 280 -26.66 -118.29 20.68
C ALA C 280 -28.14 -118.61 20.86
N GLU C 281 -28.59 -118.55 22.11
CA GLU C 281 -29.96 -118.91 22.46
C GLU C 281 -30.69 -117.70 22.99
N PHE C 282 -31.78 -117.32 22.31
CA PHE C 282 -32.58 -116.19 22.69
C PHE C 282 -34.01 -116.63 22.99
N THR C 283 -34.72 -115.77 23.70
CA THR C 283 -36.14 -115.97 24.00
C THR C 283 -36.84 -114.63 23.83
N LEU C 284 -37.51 -114.47 22.69
CA LEU C 284 -38.22 -113.24 22.39
C LEU C 284 -39.70 -113.48 22.64
N ASP C 285 -40.21 -112.93 23.74
CA ASP C 285 -41.63 -113.03 24.07
C ASP C 285 -42.06 -114.49 24.19
N GLY C 286 -41.17 -115.32 24.72
CA GLY C 286 -41.46 -116.73 24.88
C GLY C 286 -41.15 -117.57 23.67
N ILE C 287 -40.54 -117.00 22.65
CA ILE C 287 -40.18 -117.73 21.44
C ILE C 287 -38.70 -118.07 21.50
N LYS C 288 -38.39 -119.35 21.49
CA LYS C 288 -37.01 -119.78 21.47
C LYS C 288 -36.39 -119.46 20.12
N MET C 289 -35.35 -118.63 20.12
CA MET C 289 -34.68 -118.20 18.91
C MET C 289 -33.21 -118.52 19.00
N PHE C 290 -32.64 -118.97 17.90
CA PHE C 290 -31.24 -119.37 17.84
C PHE C 290 -30.63 -118.83 16.57
N ARG C 291 -29.37 -118.43 16.65
CA ARG C 291 -28.65 -117.91 15.52
C ARG C 291 -27.23 -118.45 15.53
N SER C 292 -26.52 -118.20 14.44
CA SER C 292 -25.14 -118.64 14.35
C SER C 292 -24.24 -117.80 15.23
N SER C 293 -24.33 -116.47 15.12
CA SER C 293 -23.44 -115.57 15.82
C SER C 293 -24.18 -114.82 16.91
N ASN C 294 -23.40 -114.21 17.80
CA ASN C 294 -23.96 -113.38 18.86
C ASN C 294 -24.66 -112.16 18.29
N THR C 295 -24.31 -111.75 17.08
CA THR C 295 -24.90 -110.58 16.44
C THR C 295 -26.18 -110.99 15.74
N VAL C 296 -27.31 -110.46 16.19
CA VAL C 296 -28.60 -110.72 15.57
C VAL C 296 -29.02 -109.45 14.84
N THR C 297 -29.07 -109.54 13.51
CA THR C 297 -29.42 -108.41 12.67
C THR C 297 -30.83 -108.50 12.11
N ASP C 298 -31.52 -109.62 12.30
CA ASP C 298 -32.84 -109.83 11.72
C ASP C 298 -33.93 -109.85 12.79
N LEU C 299 -33.64 -109.35 13.99
CA LEU C 299 -34.64 -109.32 15.04
C LEU C 299 -35.88 -108.56 14.58
N GLY C 300 -35.68 -107.45 13.88
CA GLY C 300 -36.79 -106.66 13.39
C GLY C 300 -36.29 -105.70 12.32
N VAL C 301 -37.22 -104.90 11.81
CA VAL C 301 -36.89 -103.96 10.76
C VAL C 301 -36.09 -102.80 11.35
N GLY C 302 -34.89 -102.59 10.84
CA GLY C 302 -34.08 -101.48 11.28
C GLY C 302 -33.55 -101.59 12.69
N MET C 303 -33.52 -102.80 13.23
CA MET C 303 -33.01 -103.04 14.57
C MET C 303 -31.89 -104.07 14.52
N THR C 304 -30.91 -103.88 15.40
CA THR C 304 -29.77 -104.79 15.48
C THR C 304 -29.51 -105.11 16.94
N LEU C 305 -29.39 -106.40 17.25
CA LEU C 305 -29.15 -106.86 18.60
C LEU C 305 -27.74 -107.44 18.69
N THR C 306 -27.01 -107.03 19.71
CA THR C 306 -25.68 -107.54 20.00
C THR C 306 -25.69 -108.17 21.37
N LEU C 307 -25.09 -109.35 21.47
CA LEU C 307 -25.13 -110.14 22.69
C LEU C 307 -23.83 -110.00 23.47
N ASN C 308 -23.95 -109.91 24.79
CA ASN C 308 -22.81 -109.85 25.70
C ASN C 308 -22.79 -110.99 26.70
N LYS C 309 -23.90 -111.24 27.38
CA LYS C 309 -24.01 -112.33 28.32
C LYS C 309 -25.47 -112.73 28.43
N THR C 310 -25.74 -113.78 29.20
CA THR C 310 -27.08 -114.30 29.34
C THR C 310 -27.86 -113.50 30.38
N GLY C 311 -29.16 -113.71 30.40
CA GLY C 311 -30.03 -113.10 31.39
C GLY C 311 -31.33 -112.67 30.76
N GLU C 312 -32.05 -111.84 31.52
CA GLU C 312 -33.33 -111.28 31.10
C GLU C 312 -33.20 -109.79 30.90
N ILE C 313 -33.78 -109.28 29.83
CA ILE C 313 -33.75 -107.86 29.51
C ILE C 313 -35.12 -107.44 29.01
N ASN C 314 -35.47 -106.18 29.26
CA ASN C 314 -36.73 -105.59 28.79
C ASN C 314 -36.42 -104.25 28.14
N PHE C 315 -36.32 -104.25 26.82
CA PHE C 315 -36.09 -103.03 26.08
C PHE C 315 -37.41 -102.33 25.78
N ASP C 316 -37.32 -101.03 25.56
CA ASP C 316 -38.50 -100.22 25.24
C ASP C 316 -38.09 -99.15 24.24
N VAL C 317 -38.72 -99.17 23.07
CA VAL C 317 -38.44 -98.21 22.01
C VAL C 317 -39.37 -97.02 22.20
N GLN C 318 -38.79 -95.85 22.42
CA GLN C 318 -39.54 -94.60 22.50
C GLN C 318 -39.06 -93.65 21.42
N GLN C 319 -39.96 -92.79 20.97
CA GLN C 319 -39.62 -91.79 19.97
C GLN C 319 -38.78 -90.69 20.62
N ASP C 320 -37.62 -90.42 20.04
CA ASP C 320 -36.73 -89.39 20.54
C ASP C 320 -37.03 -88.10 19.79
N PHE C 321 -37.59 -87.11 20.50
CA PHE C 321 -37.96 -85.83 19.92
C PHE C 321 -37.35 -84.68 20.71
N GLU C 322 -36.16 -84.87 21.26
CA GLU C 322 -35.51 -83.82 22.03
C GLU C 322 -35.06 -82.66 21.17
N GLY C 323 -34.81 -82.90 19.87
CA GLY C 323 -34.30 -81.85 19.01
C GLY C 323 -35.28 -80.70 18.78
N VAL C 324 -36.56 -80.91 19.10
CA VAL C 324 -37.53 -79.86 18.86
C VAL C 324 -37.23 -78.64 19.73
N THR C 325 -36.72 -78.86 20.94
CA THR C 325 -36.37 -77.74 21.80
C THR C 325 -35.27 -76.91 21.18
N LYS C 326 -34.21 -77.57 20.71
CA LYS C 326 -33.14 -76.86 20.03
C LYS C 326 -33.66 -76.14 18.80
N ALA C 327 -34.57 -76.78 18.07
CA ALA C 327 -35.15 -76.16 16.88
C ALA C 327 -35.83 -74.84 17.24
N MET C 328 -36.75 -74.89 18.21
CA MET C 328 -37.48 -73.70 18.59
C MET C 328 -36.52 -72.63 19.11
N GLN C 329 -35.52 -73.04 19.87
CA GLN C 329 -34.58 -72.07 20.42
C GLN C 329 -33.82 -71.36 19.31
N ASP C 330 -33.33 -72.13 18.35
CA ASP C 330 -32.61 -71.54 17.23
C ASP C 330 -33.52 -70.60 16.44
N LEU C 331 -34.76 -71.01 16.22
CA LEU C 331 -35.68 -70.18 15.45
C LEU C 331 -35.93 -68.86 16.16
N VAL C 332 -36.22 -68.92 17.45
CA VAL C 332 -36.52 -67.69 18.18
C VAL C 332 -35.29 -66.80 18.23
N ASP C 333 -34.11 -67.40 18.37
CA ASP C 333 -32.90 -66.60 18.43
C ASP C 333 -32.65 -65.87 17.12
N ALA C 334 -32.74 -66.61 16.01
CA ALA C 334 -32.54 -66.00 14.71
C ALA C 334 -33.55 -64.90 14.46
N TYR C 335 -34.81 -65.15 14.80
CA TYR C 335 -35.83 -64.14 14.58
C TYR C 335 -35.57 -62.91 15.43
N ASN C 336 -35.17 -63.11 16.68
CA ASN C 336 -34.88 -61.98 17.56
C ASN C 336 -33.76 -61.14 16.97
N ASP C 337 -32.68 -61.79 16.53
CA ASP C 337 -31.56 -61.03 15.97
C ASP C 337 -31.97 -60.31 14.70
N LEU C 338 -32.73 -60.98 13.83
CA LEU C 338 -33.12 -60.36 12.57
C LEU C 338 -34.01 -59.17 12.80
N VAL C 339 -35.00 -59.30 13.68
CA VAL C 339 -35.92 -58.19 13.92
C VAL C 339 -35.20 -57.07 14.64
N THR C 340 -34.24 -57.39 15.49
CA THR C 340 -33.42 -56.35 16.10
C THR C 340 -32.65 -55.58 15.05
N ASN C 341 -32.04 -56.30 14.10
CA ASN C 341 -31.32 -55.64 13.03
C ASN C 341 -32.26 -54.76 12.21
N LEU C 342 -33.47 -55.24 11.94
CA LEU C 342 -34.41 -54.48 11.13
C LEU C 342 -34.83 -53.21 11.85
N ASN C 343 -35.19 -53.33 13.13
CA ASN C 343 -35.54 -52.16 13.92
C ASN C 343 -34.39 -51.17 13.92
N ALA C 344 -33.19 -51.64 14.24
CA ALA C 344 -32.03 -50.77 14.22
C ALA C 344 -31.85 -50.13 12.85
N ALA C 345 -32.30 -50.81 11.80
CA ALA C 345 -32.23 -50.25 10.46
C ALA C 345 -33.21 -49.10 10.29
N THR C 346 -34.41 -49.24 10.86
CA THR C 346 -35.43 -48.21 10.77
C THR C 346 -35.87 -47.74 12.15
N ASP C 347 -34.94 -47.66 13.09
CA ASP C 347 -35.22 -47.08 14.39
C ASP C 347 -34.97 -45.58 14.36
N TYR C 348 -35.90 -44.83 14.95
CA TYR C 348 -35.73 -43.39 15.10
C TYR C 348 -34.79 -43.13 16.26
N ASN C 349 -33.65 -42.50 15.97
CA ASN C 349 -32.60 -42.24 16.94
C ASN C 349 -32.62 -40.75 17.29
N SER C 350 -32.92 -40.44 18.54
CA SER C 350 -32.95 -39.05 18.96
C SER C 350 -31.61 -38.35 18.70
N GLU C 351 -30.53 -39.12 18.58
CA GLU C 351 -29.27 -38.54 18.13
C GLU C 351 -29.36 -38.05 16.69
N THR C 352 -30.34 -38.54 15.93
CA THR C 352 -30.61 -38.12 14.56
C THR C 352 -29.52 -38.54 13.58
N GLY C 353 -28.50 -39.26 14.04
CA GLY C 353 -27.46 -39.72 13.14
C GLY C 353 -27.96 -40.82 12.21
N THR C 354 -28.84 -41.68 12.71
CA THR C 354 -29.40 -42.77 11.94
C THR C 354 -30.91 -42.86 12.13
N LYS C 355 -31.55 -41.73 12.41
CA LYS C 355 -32.98 -41.70 12.65
C LYS C 355 -33.72 -42.06 11.36
N GLY C 356 -34.27 -43.26 11.32
CA GLY C 356 -34.99 -43.73 10.14
C GLY C 356 -34.09 -43.79 8.92
N THR C 357 -33.02 -44.56 9.01
CA THR C 357 -32.08 -44.66 7.89
C THR C 357 -32.81 -45.13 6.64
N LEU C 358 -33.43 -46.30 6.71
CA LEU C 358 -34.21 -46.85 5.60
C LEU C 358 -35.69 -46.56 5.74
N GLN C 359 -36.03 -45.53 6.50
CA GLN C 359 -37.43 -45.19 6.69
C GLN C 359 -38.06 -44.83 5.36
N GLY C 360 -39.33 -45.18 5.19
CA GLY C 360 -40.03 -45.05 3.94
C GLY C 360 -39.99 -46.30 3.09
N ILE C 361 -39.08 -47.23 3.38
CA ILE C 361 -39.01 -48.51 2.69
C ILE C 361 -40.00 -49.43 3.37
N SER C 362 -41.11 -49.74 2.68
CA SER C 362 -42.13 -50.60 3.23
C SER C 362 -41.66 -52.05 3.38
N GLU C 363 -40.52 -52.39 2.79
CA GLU C 363 -40.04 -53.76 2.84
C GLU C 363 -39.86 -54.24 4.27
N VAL C 364 -39.17 -53.44 5.09
CA VAL C 364 -38.85 -53.86 6.44
C VAL C 364 -40.11 -54.05 7.27
N ASN C 365 -41.01 -53.07 7.21
CA ASN C 365 -42.24 -53.15 7.99
C ASN C 365 -43.11 -54.30 7.53
N SER C 366 -43.22 -54.48 6.22
CA SER C 366 -43.98 -55.61 5.69
C SER C 366 -43.40 -56.93 6.18
N ILE C 367 -42.08 -57.07 6.14
CA ILE C 367 -41.44 -58.29 6.60
C ILE C 367 -41.78 -58.54 8.07
N ARG C 368 -41.50 -57.56 8.92
CA ARG C 368 -41.73 -57.74 10.35
C ARG C 368 -43.18 -58.12 10.62
N SER C 369 -44.11 -57.34 10.07
CA SER C 369 -45.53 -57.61 10.32
C SER C 369 -45.94 -58.97 9.80
N SER C 370 -45.43 -59.35 8.63
CA SER C 370 -45.87 -60.60 8.02
C SER C 370 -45.36 -61.80 8.79
N ILE C 371 -44.11 -61.76 9.24
CA ILE C 371 -43.59 -62.87 10.03
C ILE C 371 -44.30 -62.92 11.37
N LEU C 372 -44.60 -61.77 11.97
CA LEU C 372 -45.34 -61.78 13.22
C LEU C 372 -46.72 -62.38 13.02
N ALA C 373 -47.34 -62.08 11.89
CA ALA C 373 -48.67 -62.63 11.62
C ALA C 373 -48.59 -64.14 11.43
N ASP C 374 -47.73 -64.59 10.52
CA ASP C 374 -47.60 -66.03 10.27
C ASP C 374 -47.28 -66.78 11.55
N LEU C 375 -46.49 -66.18 12.44
CA LEU C 375 -46.20 -66.84 13.72
C LEU C 375 -47.43 -66.82 14.60
N PHE C 376 -48.08 -65.68 14.73
CA PHE C 376 -49.33 -65.62 15.46
C PHE C 376 -50.46 -66.32 14.73
N ASP C 377 -50.24 -66.73 13.49
CA ASP C 377 -51.27 -67.42 12.73
C ASP C 377 -51.50 -68.83 13.26
N SER C 378 -52.68 -69.36 12.98
CA SER C 378 -53.05 -70.70 13.41
C SER C 378 -54.22 -71.18 12.56
N GLN C 379 -54.67 -72.40 12.85
CA GLN C 379 -55.79 -73.01 12.15
C GLN C 379 -56.85 -73.41 13.16
N VAL C 380 -58.06 -73.63 12.65
CA VAL C 380 -59.19 -73.98 13.50
C VAL C 380 -59.19 -75.48 13.77
N VAL C 381 -59.55 -75.85 14.98
CA VAL C 381 -59.60 -77.25 15.37
C VAL C 381 -60.79 -77.93 14.70
N VAL C 397 -54.85 -79.49 16.41
CA VAL C 397 -54.75 -78.18 15.77
C VAL C 397 -54.45 -77.11 16.81
N MET C 398 -53.39 -76.34 16.58
CA MET C 398 -52.99 -75.32 17.52
C MET C 398 -53.85 -74.08 17.34
N LEU C 399 -54.35 -73.55 18.45
CA LEU C 399 -55.04 -72.27 18.40
C LEU C 399 -54.06 -71.12 18.25
N SER C 400 -52.84 -71.31 18.73
CA SER C 400 -51.78 -70.31 18.63
C SER C 400 -50.48 -70.97 19.05
N MET C 401 -49.37 -70.37 18.64
CA MET C 401 -48.06 -70.90 19.01
C MET C 401 -47.89 -71.00 20.51
N GLN C 402 -48.54 -70.12 21.26
CA GLN C 402 -48.46 -70.15 22.71
C GLN C 402 -49.09 -71.39 23.29
N ASP C 403 -49.77 -72.19 22.47
CA ASP C 403 -50.35 -73.43 22.95
C ASP C 403 -49.28 -74.39 23.46
N PHE C 404 -48.11 -74.37 22.83
CA PHE C 404 -47.00 -75.26 23.19
C PHE C 404 -45.84 -74.47 23.79
N GLY C 405 -46.16 -73.43 24.56
CA GLY C 405 -45.15 -72.70 25.29
C GLY C 405 -44.39 -71.66 24.49
N LEU C 406 -44.62 -71.57 23.19
CA LEU C 406 -43.93 -70.54 22.42
C LEU C 406 -44.56 -69.19 22.73
N SER C 407 -44.03 -68.51 23.73
CA SER C 407 -44.62 -67.26 24.21
C SER C 407 -44.34 -66.16 23.20
N LEU C 408 -45.26 -65.98 22.25
CA LEU C 408 -45.10 -64.97 21.22
C LEU C 408 -45.28 -63.57 21.81
N ASN C 409 -44.18 -62.96 22.24
CA ASN C 409 -44.21 -61.66 22.88
C ASN C 409 -44.03 -60.58 21.81
N ASP C 410 -43.77 -59.35 22.25
CA ASP C 410 -43.53 -58.25 21.33
C ASP C 410 -42.33 -58.58 20.44
N ALA C 411 -42.16 -57.77 19.40
CA ALA C 411 -41.06 -57.97 18.46
C ALA C 411 -39.74 -57.91 19.20
N GLY C 412 -38.94 -58.97 19.08
CA GLY C 412 -37.64 -59.04 19.71
C GLY C 412 -37.65 -59.56 21.13
N THR C 413 -38.82 -59.71 21.74
CA THR C 413 -38.94 -60.20 23.11
C THR C 413 -39.55 -61.60 23.16
N LEU C 414 -39.55 -62.30 22.04
CA LEU C 414 -40.11 -63.64 22.01
C LEU C 414 -39.34 -64.56 22.95
N SER C 415 -40.05 -65.47 23.60
CA SER C 415 -39.44 -66.44 24.49
C SER C 415 -40.05 -67.80 24.25
N PHE C 416 -39.24 -68.83 24.48
CA PHE C 416 -39.64 -70.22 24.25
C PHE C 416 -39.72 -70.93 25.59
N ASP C 417 -40.94 -71.16 26.06
CA ASP C 417 -41.16 -71.85 27.33
C ASP C 417 -40.98 -73.35 27.09
N SER C 418 -39.75 -73.83 27.31
CA SER C 418 -39.46 -75.23 27.04
C SER C 418 -40.36 -76.16 27.84
N SER C 419 -40.73 -75.77 29.06
CA SER C 419 -41.54 -76.64 29.90
C SER C 419 -42.85 -76.98 29.22
N LYS C 420 -43.58 -75.96 28.78
CA LYS C 420 -44.90 -76.19 28.20
C LYS C 420 -44.80 -77.00 26.92
N PHE C 421 -43.85 -76.66 26.05
CA PHE C 421 -43.68 -77.41 24.82
C PHE C 421 -43.40 -78.87 25.10
N GLU C 422 -42.39 -79.14 25.94
CA GLU C 422 -42.04 -80.52 26.25
C GLU C 422 -43.22 -81.26 26.86
N GLN C 423 -43.93 -80.62 27.79
CA GLN C 423 -45.04 -81.28 28.45
C GLN C 423 -46.14 -81.62 27.47
N LYS C 424 -46.60 -80.62 26.70
CA LYS C 424 -47.69 -80.84 25.78
C LYS C 424 -47.32 -81.78 24.65
N VAL C 425 -46.03 -81.93 24.36
CA VAL C 425 -45.63 -82.88 23.32
C VAL C 425 -45.57 -84.29 23.90
N LYS C 426 -45.03 -84.42 25.11
CA LYS C 426 -44.98 -85.73 25.76
C LYS C 426 -46.39 -86.24 26.05
N GLU C 427 -47.33 -85.33 26.31
CA GLU C 427 -48.70 -85.74 26.57
C GLU C 427 -49.34 -86.33 25.31
N ASP C 428 -49.12 -85.70 24.16
CA ASP C 428 -49.69 -86.17 22.90
C ASP C 428 -48.76 -85.76 21.78
N PRO C 429 -47.74 -86.57 21.50
CA PRO C 429 -46.85 -86.24 20.38
C PRO C 429 -47.50 -86.42 19.01
N ASP C 430 -48.61 -87.15 18.93
CA ASP C 430 -49.21 -87.44 17.63
C ASP C 430 -49.90 -86.21 17.04
N SER C 431 -50.72 -85.52 17.84
CA SER C 431 -51.37 -84.31 17.35
C SER C 431 -50.33 -83.27 16.95
N THR C 432 -49.30 -83.11 17.77
CA THR C 432 -48.25 -82.15 17.46
C THR C 432 -47.54 -82.52 16.17
N GLU C 433 -47.15 -83.78 16.04
CA GLU C 433 -46.47 -84.22 14.84
C GLU C 433 -47.34 -84.02 13.61
N SER C 434 -48.65 -84.27 13.74
CA SER C 434 -49.55 -84.09 12.61
C SER C 434 -49.62 -82.62 12.22
N PHE C 435 -49.84 -81.74 13.19
CA PHE C 435 -50.01 -80.33 12.88
C PHE C 435 -48.72 -79.71 12.34
N PHE C 436 -47.57 -80.22 12.77
CA PHE C 436 -46.30 -79.69 12.31
C PHE C 436 -45.78 -80.41 11.08
N SER C 437 -46.37 -81.54 10.71
CA SER C 437 -46.07 -82.20 9.45
C SER C 437 -46.99 -81.72 8.34
N ASN C 438 -48.15 -81.16 8.68
CA ASN C 438 -48.91 -80.40 7.71
C ASN C 438 -48.04 -79.37 7.01
N ILE C 439 -46.97 -78.93 7.67
CA ILE C 439 -45.97 -78.09 7.03
C ILE C 439 -45.42 -78.83 5.82
N THR C 440 -45.39 -78.15 4.68
CA THR C 440 -44.84 -78.73 3.45
C THR C 440 -43.99 -77.68 2.74
N GLU C 576 -55.50 -79.63 2.34
CA GLU C 576 -54.11 -79.73 2.75
C GLU C 576 -53.90 -79.12 4.12
N GLY C 577 -54.35 -77.88 4.29
CA GLY C 577 -54.17 -77.18 5.54
C GLY C 577 -52.70 -77.09 5.90
N LYS C 578 -51.93 -76.46 5.02
CA LYS C 578 -50.49 -76.39 5.22
C LYS C 578 -50.17 -75.81 6.60
N GLY C 579 -49.19 -76.42 7.26
CA GLY C 579 -48.93 -76.14 8.65
C GLY C 579 -48.38 -74.74 8.86
N ILE C 580 -47.82 -74.56 10.05
CA ILE C 580 -47.40 -73.25 10.50
C ILE C 580 -46.19 -72.77 9.69
N PHE C 581 -45.08 -73.50 9.81
CA PHE C 581 -43.83 -73.06 9.21
C PHE C 581 -43.82 -73.13 7.70
N SER C 582 -44.78 -73.83 7.10
CA SER C 582 -44.89 -73.80 5.64
C SER C 582 -45.22 -72.41 5.15
N LYS C 583 -46.11 -71.70 5.85
CA LYS C 583 -46.44 -70.35 5.48
C LYS C 583 -45.21 -69.46 5.53
N LEU C 584 -44.36 -69.67 6.52
CA LEU C 584 -43.11 -68.91 6.58
C LEU C 584 -42.20 -69.27 5.41
N LYS C 585 -42.08 -70.56 5.11
CA LYS C 585 -41.26 -70.97 3.99
C LYS C 585 -41.73 -70.34 2.70
N ALA C 586 -43.03 -70.10 2.58
CA ALA C 586 -43.56 -69.45 1.39
C ALA C 586 -43.31 -67.95 1.41
N THR C 587 -43.60 -67.31 2.55
CA THR C 587 -43.49 -65.87 2.66
C THR C 587 -42.04 -65.41 2.48
N LEU C 588 -41.13 -65.97 3.29
CA LEU C 588 -39.73 -65.66 3.15
C LEU C 588 -39.21 -66.00 1.77
N GLN C 589 -39.78 -67.01 1.11
CA GLN C 589 -39.38 -67.33 -0.24
C GLN C 589 -39.76 -66.21 -1.19
N GLU C 590 -40.99 -65.72 -1.09
CA GLU C 590 -41.41 -64.61 -1.94
C GLU C 590 -40.56 -63.38 -1.70
N MET C 591 -40.15 -63.16 -0.45
CA MET C 591 -39.34 -61.98 -0.15
C MET C 591 -37.93 -62.13 -0.71
N THR C 592 -37.22 -63.16 -0.27
CA THR C 592 -35.84 -63.37 -0.70
C THR C 592 -35.73 -63.92 -2.10
N GLY C 593 -36.85 -64.18 -2.77
CA GLY C 593 -36.79 -64.67 -4.13
C GLY C 593 -36.07 -63.72 -5.05
N LYS C 594 -35.56 -64.27 -6.15
CA LYS C 594 -34.82 -63.46 -7.10
C LYS C 594 -35.72 -62.38 -7.70
N ASP C 595 -37.03 -62.62 -7.77
CA ASP C 595 -38.00 -61.64 -8.22
C ASP C 595 -38.79 -61.07 -7.05
N GLY C 596 -38.22 -61.11 -5.85
CA GLY C 596 -38.88 -60.62 -4.66
C GLY C 596 -38.63 -59.14 -4.41
N SER C 597 -39.35 -58.61 -3.42
CA SER C 597 -39.32 -57.18 -3.15
C SER C 597 -37.93 -56.72 -2.78
N ILE C 598 -37.20 -57.52 -2.01
CA ILE C 598 -35.85 -57.17 -1.63
C ILE C 598 -35.04 -56.83 -2.87
N THR C 599 -35.13 -57.65 -3.91
CA THR C 599 -34.45 -57.38 -5.15
C THR C 599 -34.99 -56.16 -5.86
N LYS C 600 -36.26 -55.83 -5.68
CA LYS C 600 -36.80 -54.63 -6.29
C LYS C 600 -36.13 -53.39 -5.72
N TYR C 601 -36.14 -53.26 -4.40
CA TYR C 601 -35.47 -52.12 -3.80
C TYR C 601 -33.98 -52.11 -4.12
N ASP C 602 -33.36 -53.29 -4.09
CA ASP C 602 -31.94 -53.36 -4.38
C ASP C 602 -31.65 -52.88 -5.80
N GLU C 603 -32.45 -53.32 -6.77
CA GLU C 603 -32.19 -52.96 -8.16
C GLU C 603 -32.47 -51.49 -8.40
N SER C 604 -33.52 -50.95 -7.78
CA SER C 604 -33.77 -49.53 -7.89
C SER C 604 -32.57 -48.74 -7.38
N LEU C 605 -32.09 -49.08 -6.19
CA LEU C 605 -30.97 -48.35 -5.62
C LEU C 605 -29.70 -48.56 -6.44
N THR C 606 -29.57 -49.72 -7.09
CA THR C 606 -28.38 -50.00 -7.87
C THR C 606 -28.38 -49.22 -9.17
N ASN C 607 -29.56 -49.04 -9.77
CA ASN C 607 -29.64 -48.25 -10.99
C ASN C 607 -29.53 -46.76 -10.70
N ASP C 608 -29.97 -46.36 -9.51
CA ASP C 608 -29.90 -44.95 -9.14
C ASP C 608 -28.48 -44.44 -9.22
N ILE C 609 -27.52 -45.22 -8.70
CA ILE C 609 -26.14 -44.77 -8.71
C ILE C 609 -25.59 -44.73 -10.12
N LYS C 610 -26.03 -45.64 -11.00
CA LYS C 610 -25.62 -45.57 -12.39
C LYS C 610 -26.02 -44.22 -12.97
N SER C 611 -27.31 -43.89 -12.87
CA SER C 611 -27.78 -42.63 -13.44
C SER C 611 -27.08 -41.44 -12.80
N LEU C 612 -26.83 -41.53 -11.49
CA LEU C 612 -26.19 -40.42 -10.80
C LEU C 612 -24.78 -40.20 -11.31
N ASN C 613 -23.99 -41.27 -11.40
CA ASN C 613 -22.64 -41.16 -11.93
C ASN C 613 -22.67 -40.61 -13.35
N THR C 614 -23.61 -41.07 -14.16
CA THR C 614 -23.68 -40.60 -15.53
C THR C 614 -23.92 -39.10 -15.60
N SER C 615 -24.92 -38.63 -14.86
CA SER C 615 -25.23 -37.20 -14.87
C SER C 615 -24.07 -36.38 -14.32
N LYS C 616 -23.48 -36.85 -13.23
CA LYS C 616 -22.34 -36.16 -12.66
C LYS C 616 -21.22 -36.05 -13.67
N ASP C 617 -20.98 -37.12 -14.44
CA ASP C 617 -19.92 -37.10 -15.43
C ASP C 617 -20.24 -36.13 -16.56
N SER C 618 -21.51 -36.06 -16.96
CA SER C 618 -21.89 -35.09 -17.99
C SER C 618 -21.57 -33.68 -17.55
N THR C 619 -22.01 -33.31 -16.35
CA THR C 619 -21.73 -31.96 -15.88
C THR C 619 -20.24 -31.76 -15.68
N GLN C 620 -19.52 -32.82 -15.29
CA GLN C 620 -18.08 -32.72 -15.17
C GLN C 620 -17.45 -32.36 -16.51
N ALA C 621 -17.89 -33.02 -17.56
CA ALA C 621 -17.43 -32.67 -18.90
C ALA C 621 -17.69 -31.20 -19.18
N MET C 622 -18.91 -30.75 -18.94
CA MET C 622 -19.23 -29.34 -19.19
C MET C 622 -18.31 -28.43 -18.41
N ILE C 623 -17.90 -28.84 -17.22
CA ILE C 623 -17.05 -28.00 -16.39
C ILE C 623 -15.75 -27.69 -17.11
N ASP C 624 -14.97 -28.73 -17.38
CA ASP C 624 -13.67 -28.51 -18.00
C ASP C 624 -13.80 -27.97 -19.42
N THR C 625 -14.96 -28.17 -20.04
CA THR C 625 -15.15 -27.63 -21.38
C THR C 625 -14.87 -26.14 -21.40
N ARG C 626 -15.42 -25.40 -20.44
CA ARG C 626 -15.21 -23.95 -20.39
C ARG C 626 -13.75 -23.63 -20.12
N TYR C 627 -13.18 -24.24 -19.08
CA TYR C 627 -11.87 -23.83 -18.63
C TYR C 627 -10.78 -24.21 -19.63
N ASP C 628 -11.03 -25.18 -20.50
CA ASP C 628 -10.07 -25.46 -21.57
C ASP C 628 -9.97 -24.27 -22.51
N THR C 629 -11.10 -23.76 -22.97
CA THR C 629 -11.09 -22.56 -23.79
C THR C 629 -10.47 -21.40 -23.04
N MET C 630 -10.74 -21.31 -21.74
CA MET C 630 -10.14 -20.23 -20.95
C MET C 630 -8.63 -20.34 -20.93
N ALA C 631 -8.11 -21.57 -20.84
CA ALA C 631 -6.66 -21.76 -20.90
C ALA C 631 -6.13 -21.31 -22.25
N ASN C 632 -6.85 -21.64 -23.32
CA ASN C 632 -6.46 -21.17 -24.64
C ASN C 632 -6.42 -19.65 -24.68
N GLN C 633 -7.39 -19.01 -24.03
CA GLN C 633 -7.39 -17.56 -23.99
C GLN C 633 -6.20 -17.02 -23.22
N TRP C 634 -5.85 -17.69 -22.13
CA TRP C 634 -4.72 -17.24 -21.33
C TRP C 634 -3.45 -17.27 -22.16
N LEU C 635 -3.17 -18.40 -22.80
CA LEU C 635 -1.99 -18.45 -23.65
C LEU C 635 -2.11 -17.49 -24.82
N GLN C 636 -3.34 -17.23 -25.26
CA GLN C 636 -3.54 -16.30 -26.36
C GLN C 636 -3.04 -14.91 -25.99
N TYR C 637 -3.51 -14.40 -24.85
CA TYR C 637 -3.05 -13.09 -24.45
C TYR C 637 -1.62 -13.13 -23.97
N GLU C 638 -1.12 -14.29 -23.57
CA GLU C 638 0.31 -14.37 -23.32
C GLU C 638 1.07 -14.06 -24.59
N SER C 639 0.63 -14.64 -25.70
CA SER C 639 1.28 -14.38 -26.97
C SER C 639 1.09 -12.93 -27.39
N ILE C 640 -0.09 -12.38 -27.12
CA ILE C 640 -0.36 -11.00 -27.55
C ILE C 640 0.46 -10.02 -26.72
N LEU C 641 0.56 -10.27 -25.42
CA LEU C 641 1.36 -9.41 -24.58
C LEU C 641 2.83 -9.63 -24.84
N ASN C 642 3.19 -10.81 -25.36
CA ASN C 642 4.56 -10.98 -25.82
C ASN C 642 4.79 -10.17 -27.08
N LYS C 643 3.81 -10.13 -27.97
CA LYS C 643 3.93 -9.30 -29.15
C LYS C 643 4.07 -7.84 -28.76
N LEU C 644 3.25 -7.39 -27.82
CA LEU C 644 3.28 -5.98 -27.43
C LEU C 644 4.52 -5.66 -26.61
N ASN C 645 4.98 -6.60 -25.79
CA ASN C 645 6.16 -6.35 -25.00
C ASN C 645 7.39 -6.35 -25.89
N GLN C 646 7.44 -7.27 -26.85
CA GLN C 646 8.53 -7.29 -27.80
C GLN C 646 8.48 -6.06 -28.69
N GLN C 647 7.28 -5.54 -28.97
CA GLN C 647 7.17 -4.37 -29.83
C GLN C 647 7.45 -3.10 -29.04
N LEU C 648 7.14 -3.11 -27.75
CA LEU C 648 7.56 -2.02 -26.89
C LEU C 648 9.07 -2.01 -26.78
N ASN C 649 9.67 -3.19 -26.64
CA ASN C 649 11.11 -3.31 -26.70
C ASN C 649 11.63 -2.96 -28.08
N THR C 650 10.80 -3.12 -29.11
CA THR C 650 11.23 -2.81 -30.46
C THR C 650 11.27 -1.30 -30.67
N VAL C 651 10.21 -0.61 -30.27
CA VAL C 651 10.21 0.84 -30.31
C VAL C 651 11.23 1.39 -29.34
N THR C 652 11.52 0.65 -28.26
CA THR C 652 12.56 1.08 -27.33
C THR C 652 13.95 0.86 -27.94
N ASN C 653 14.10 -0.19 -28.74
CA ASN C 653 15.33 -0.43 -29.46
C ASN C 653 15.54 0.62 -30.53
N MET C 654 14.45 1.10 -31.11
CA MET C 654 14.54 2.21 -32.07
C MET C 654 14.79 3.53 -31.36
N ILE C 655 14.21 3.69 -30.17
CA ILE C 655 14.43 4.86 -29.34
C ILE C 655 15.91 4.95 -28.96
N ASN C 656 16.50 3.82 -28.59
CA ASN C 656 17.91 3.79 -28.26
C ASN C 656 18.77 3.91 -29.51
N ALA C 657 18.38 3.20 -30.57
CA ALA C 657 19.11 3.23 -31.83
C ALA C 657 18.82 4.52 -32.58
N ALA C 658 17.56 4.77 -32.90
CA ALA C 658 17.16 5.96 -33.64
C ALA C 658 16.80 7.09 -32.66
N MET D 21 -12.93 1.80 -24.97
CA MET D 21 -14.01 2.21 -24.04
C MET D 21 -14.90 1.04 -23.66
N ALA D 22 -14.83 -0.04 -24.44
CA ALA D 22 -15.58 -1.24 -24.10
C ALA D 22 -15.31 -1.66 -22.67
N PHE D 23 -14.15 -1.29 -22.12
CA PHE D 23 -13.79 -1.58 -20.75
C PHE D 23 -13.73 -0.32 -19.91
N GLY D 24 -13.97 0.84 -20.50
CA GLY D 24 -14.01 2.06 -19.73
C GLY D 24 -15.02 1.91 -18.61
N SER D 25 -14.53 1.78 -17.39
CA SER D 25 -15.40 1.54 -16.26
C SER D 25 -14.67 1.94 -15.00
N LEU D 26 -15.44 2.13 -13.94
CA LEU D 26 -14.91 2.45 -12.65
C LEU D 26 -15.46 1.46 -11.64
N SER D 27 -14.72 1.30 -10.55
CA SER D 27 -14.97 0.20 -9.63
C SER D 27 -15.96 0.54 -8.53
N SER D 28 -15.97 1.76 -8.03
CA SER D 28 -16.70 2.04 -6.81
C SER D 28 -17.11 3.50 -6.75
N LEU D 29 -17.86 3.82 -5.70
CA LEU D 29 -18.22 5.18 -5.34
C LEU D 29 -17.90 5.35 -3.86
N GLY D 30 -17.10 6.37 -3.53
CA GLY D 30 -16.56 6.48 -2.19
C GLY D 30 -16.66 7.87 -1.63
N PHE D 31 -16.44 7.95 -0.33
CA PHE D 31 -16.40 9.21 0.39
C PHE D 31 -15.43 9.07 1.56
N GLY D 32 -15.15 10.20 2.19
CA GLY D 32 -14.48 10.25 3.47
C GLY D 32 -13.24 9.39 3.60
N SER D 33 -12.66 8.98 2.48
CA SER D 33 -11.49 8.11 2.50
C SER D 33 -10.31 8.88 3.07
N GLY D 34 -9.93 8.57 4.30
CA GLY D 34 -8.80 9.21 4.92
C GLY D 34 -8.96 9.49 6.39
N VAL D 35 -8.08 10.31 6.93
CA VAL D 35 -8.05 10.64 8.34
C VAL D 35 -8.00 12.16 8.48
N LEU D 36 -8.67 12.68 9.50
CA LEU D 36 -8.65 14.10 9.76
C LEU D 36 -7.28 14.53 10.25
N THR D 37 -6.80 15.66 9.74
CA THR D 37 -5.62 16.32 10.25
C THR D 37 -5.86 17.83 10.24
N GLN D 38 -5.18 18.51 11.15
CA GLN D 38 -5.27 19.95 11.17
C GLN D 38 -4.94 20.55 9.82
N ASP D 39 -4.07 19.88 9.06
CA ASP D 39 -3.73 20.38 7.73
C ASP D 39 -4.94 20.38 6.83
N THR D 40 -5.73 19.31 6.89
CA THR D 40 -6.96 19.27 6.13
C THR D 40 -7.90 20.38 6.58
N ILE D 41 -7.92 20.65 7.88
CA ILE D 41 -8.75 21.73 8.38
C ILE D 41 -8.32 23.03 7.77
N ASP D 42 -7.01 23.25 7.66
CA ASP D 42 -6.51 24.49 7.09
C ASP D 42 -6.88 24.58 5.63
N LYS D 43 -6.80 23.47 4.91
CA LYS D 43 -7.16 23.50 3.50
C LYS D 43 -8.63 23.86 3.33
N LEU D 44 -9.49 23.26 4.15
CA LEU D 44 -10.89 23.58 4.08
C LEU D 44 -11.13 25.04 4.41
N LYS D 45 -10.41 25.55 5.41
CA LYS D 45 -10.54 26.95 5.76
C LYS D 45 -10.17 27.84 4.58
N GLU D 46 -9.10 27.48 3.87
CA GLU D 46 -8.69 28.28 2.73
C GLU D 46 -9.73 28.23 1.64
N ALA D 47 -10.28 27.06 1.37
CA ALA D 47 -11.29 26.93 0.33
C ALA D 47 -12.50 27.77 0.66
N GLU D 48 -12.95 27.70 1.91
CA GLU D 48 -14.09 28.51 2.33
C GLU D 48 -13.78 29.98 2.17
N GLN D 49 -12.61 30.40 2.65
CA GLN D 49 -12.21 31.78 2.52
C GLN D 49 -12.32 32.22 1.08
N LYS D 50 -11.76 31.45 0.17
CA LYS D 50 -11.83 31.81 -1.24
C LYS D 50 -13.28 32.00 -1.63
N ALA D 51 -14.03 30.91 -1.57
CA ALA D 51 -15.38 30.89 -2.11
C ALA D 51 -16.31 31.88 -1.44
N ARG D 52 -15.92 32.43 -0.30
CA ARG D 52 -16.78 33.35 0.43
C ARG D 52 -16.37 34.80 0.30
N ILE D 53 -15.07 35.11 0.21
CA ILE D 53 -14.61 36.48 0.26
C ILE D 53 -13.86 36.89 -0.99
N ASP D 54 -13.83 36.07 -2.03
CA ASP D 54 -13.21 36.53 -3.27
C ASP D 54 -14.04 37.61 -3.95
N PRO D 55 -15.36 37.48 -4.08
CA PRO D 55 -16.13 38.56 -4.73
C PRO D 55 -15.94 39.91 -4.08
N TYR D 56 -15.81 39.94 -2.76
CA TYR D 56 -15.57 41.20 -2.08
C TYR D 56 -14.27 41.83 -2.57
N THR D 57 -13.20 41.04 -2.63
CA THR D 57 -11.94 41.55 -3.14
C THR D 57 -12.09 42.05 -4.56
N LYS D 58 -12.81 41.30 -5.39
CA LYS D 58 -12.95 41.69 -6.79
C LYS D 58 -13.67 43.02 -6.93
N LYS D 59 -14.78 43.17 -6.20
CA LYS D 59 -15.52 44.42 -6.26
C LYS D 59 -14.68 45.56 -5.72
N ILE D 60 -13.86 45.29 -4.71
CA ILE D 60 -13.00 46.32 -4.15
C ILE D 60 -12.03 46.81 -5.23
N GLU D 61 -11.41 45.87 -5.94
CA GLU D 61 -10.48 46.24 -6.98
C GLU D 61 -11.18 47.01 -8.09
N GLU D 62 -12.39 46.57 -8.45
CA GLU D 62 -13.14 47.29 -9.47
C GLU D 62 -13.37 48.73 -9.06
N ASN D 63 -13.84 48.94 -7.84
CA ASN D 63 -14.12 50.29 -7.38
C ASN D 63 -12.84 51.12 -7.32
N THR D 64 -11.74 50.51 -6.90
CA THR D 64 -10.49 51.26 -6.83
C THR D 64 -10.03 51.70 -8.21
N THR D 65 -10.12 50.80 -9.18
CA THR D 65 -9.76 51.17 -10.55
C THR D 65 -10.65 52.31 -11.04
N LYS D 66 -11.95 52.19 -10.80
CA LYS D 66 -12.87 53.25 -11.21
C LYS D 66 -12.47 54.58 -10.59
N GLN D 67 -12.10 54.55 -9.31
CA GLN D 67 -11.77 55.79 -8.62
C GLN D 67 -10.49 56.39 -9.15
N LYS D 68 -9.50 55.56 -9.45
CA LYS D 68 -8.28 56.07 -10.06
C LYS D 68 -8.59 56.78 -11.37
N ASP D 69 -9.38 56.12 -12.23
CA ASP D 69 -9.68 56.72 -13.53
C ASP D 69 -10.46 58.03 -13.36
N LEU D 70 -11.41 58.04 -12.42
CA LEU D 70 -12.18 59.26 -12.22
C LEU D 70 -11.29 60.37 -11.72
N THR D 71 -10.35 60.06 -10.84
CA THR D 71 -9.43 61.07 -10.36
C THR D 71 -8.61 61.64 -11.50
N GLU D 72 -8.12 60.76 -12.38
CA GLU D 72 -7.33 61.24 -13.51
C GLU D 72 -8.13 62.19 -14.36
N ILE D 73 -9.34 61.77 -14.76
CA ILE D 73 -10.12 62.63 -15.63
C ILE D 73 -10.53 63.89 -14.90
N LYS D 74 -10.64 63.83 -13.58
CA LYS D 74 -10.95 65.03 -12.81
C LYS D 74 -9.81 66.02 -12.89
N THR D 75 -8.59 65.54 -12.73
CA THR D 75 -7.44 66.44 -12.86
C THR D 75 -7.41 67.06 -14.23
N LYS D 76 -7.66 66.26 -15.27
CA LYS D 76 -7.65 66.80 -16.63
C LYS D 76 -8.72 67.86 -16.80
N LEU D 77 -9.93 67.57 -16.32
CA LEU D 77 -11.03 68.52 -16.45
C LEU D 77 -10.72 69.80 -15.69
N LEU D 78 -10.05 69.68 -14.54
CA LEU D 78 -9.72 70.86 -13.77
C LEU D 78 -8.70 71.71 -14.50
N SER D 79 -7.69 71.06 -15.11
CA SER D 79 -6.72 71.81 -15.89
C SER D 79 -7.40 72.54 -17.04
N PHE D 80 -8.31 71.85 -17.72
CA PHE D 80 -9.01 72.47 -18.84
C PHE D 80 -9.86 73.64 -18.36
N GLN D 81 -10.55 73.47 -17.25
CA GLN D 81 -11.36 74.56 -16.70
C GLN D 81 -10.48 75.72 -16.31
N THR D 82 -9.30 75.43 -15.79
CA THR D 82 -8.35 76.49 -15.47
C THR D 82 -8.00 77.28 -16.72
N ALA D 83 -7.66 76.58 -17.79
CA ALA D 83 -7.32 77.25 -19.04
C ALA D 83 -8.47 78.12 -19.52
N VAL D 84 -9.68 77.56 -19.53
CA VAL D 84 -10.82 78.28 -20.08
C VAL D 84 -11.13 79.50 -19.22
N SER D 85 -11.13 79.33 -17.89
CA SER D 85 -11.44 80.45 -17.03
C SER D 85 -10.37 81.52 -17.09
N SER D 86 -9.13 81.13 -17.39
CA SER D 86 -8.05 82.10 -17.48
C SER D 86 -8.17 82.91 -18.77
N LEU D 87 -8.49 82.25 -19.88
CA LEU D 87 -8.53 82.92 -21.18
C LEU D 87 -9.95 83.17 -21.67
N ALA D 88 -10.91 83.22 -20.75
CA ALA D 88 -12.28 83.51 -21.14
C ALA D 88 -12.55 85.01 -21.13
N ASP D 89 -11.91 85.74 -20.25
CA ASP D 89 -12.10 87.19 -20.14
C ASP D 89 -11.29 87.87 -21.23
N ALA D 90 -11.97 88.26 -22.32
CA ALA D 90 -11.29 88.90 -23.43
C ALA D 90 -10.68 90.23 -23.05
N THR D 91 -11.13 90.82 -21.93
CA THR D 91 -10.58 92.10 -21.51
C THR D 91 -9.11 92.01 -21.14
N VAL D 92 -8.59 90.79 -20.95
CA VAL D 92 -7.17 90.65 -20.68
C VAL D 92 -6.33 91.16 -21.83
N PHE D 93 -6.89 91.17 -23.04
CA PHE D 93 -6.16 91.64 -24.22
C PHE D 93 -6.24 93.15 -24.34
N ALA D 94 -5.90 93.84 -23.26
CA ALA D 94 -5.81 95.29 -23.25
C ALA D 94 -4.42 95.76 -23.62
N LYS D 95 -3.52 94.86 -23.97
CA LYS D 95 -2.16 95.24 -24.30
C LYS D 95 -2.14 96.20 -25.47
N ARG D 96 -1.11 97.04 -25.49
CA ARG D 96 -0.90 97.98 -26.57
C ARG D 96 0.56 97.90 -27.01
N LYS D 97 0.77 98.04 -28.31
CA LYS D 97 2.12 98.02 -28.87
C LYS D 97 2.36 99.30 -29.65
N VAL D 98 3.57 99.83 -29.50
CA VAL D 98 3.94 101.11 -30.09
C VAL D 98 4.68 100.84 -31.40
N VAL D 99 4.14 101.38 -32.48
CA VAL D 99 4.75 101.29 -33.80
C VAL D 99 4.74 102.67 -34.44
N GLY D 100 5.30 102.76 -35.63
CA GLY D 100 5.33 104.00 -36.37
C GLY D 100 6.51 104.03 -37.31
N SER D 101 6.80 105.24 -37.79
CA SER D 101 7.91 105.47 -38.72
C SER D 101 9.17 105.79 -37.92
N ILE D 102 9.65 104.79 -37.19
CA ILE D 102 10.85 104.91 -36.38
C ILE D 102 11.96 104.16 -37.10
N SER D 103 13.07 104.86 -37.33
CA SER D 103 14.18 104.31 -38.07
C SER D 103 15.18 103.67 -37.11
N ASP D 104 16.38 103.37 -37.61
CA ASP D 104 17.41 102.71 -36.82
C ASP D 104 17.53 103.28 -35.42
N ASN D 105 17.79 104.58 -35.31
CA ASN D 105 17.98 105.22 -34.02
C ASN D 105 16.77 106.03 -33.64
N PRO D 106 15.96 105.60 -32.68
CA PRO D 106 14.84 106.41 -32.23
C PRO D 106 15.32 107.62 -31.48
N PRO D 107 15.09 108.83 -32.00
CA PRO D 107 15.51 110.02 -31.26
C PRO D 107 14.82 110.15 -29.92
N ALA D 108 13.62 109.61 -29.79
CA ALA D 108 12.93 109.56 -28.52
C ALA D 108 12.16 108.24 -28.43
N SER D 109 11.97 107.76 -27.22
CA SER D 109 11.31 106.50 -26.97
C SER D 109 10.04 106.72 -26.17
N LEU D 110 8.93 106.24 -26.71
CA LEU D 110 7.62 106.39 -26.08
C LEU D 110 7.18 105.03 -25.57
N THR D 111 6.97 104.92 -24.26
CA THR D 111 6.49 103.71 -23.64
C THR D 111 5.06 103.92 -23.17
N VAL D 112 4.19 102.98 -23.51
CA VAL D 112 2.76 103.08 -23.22
C VAL D 112 2.36 101.86 -22.43
N ASN D 113 1.59 102.07 -21.37
CA ASN D 113 1.08 100.99 -20.56
C ASN D 113 -0.17 100.40 -21.20
N SER D 114 -0.85 99.53 -20.46
CA SER D 114 -2.04 98.87 -20.97
C SER D 114 -3.28 99.73 -20.76
N GLY D 115 -4.29 99.48 -21.59
CA GLY D 115 -5.57 100.15 -21.47
C GLY D 115 -5.66 101.48 -22.17
N VAL D 116 -4.54 102.07 -22.56
CA VAL D 116 -4.57 103.37 -23.22
C VAL D 116 -5.23 103.24 -24.58
N ALA D 117 -6.03 104.24 -24.94
CA ALA D 117 -6.70 104.23 -26.23
C ALA D 117 -5.69 104.35 -27.37
N LEU D 118 -6.14 103.98 -28.56
CA LEU D 118 -5.27 104.03 -29.73
C LEU D 118 -5.15 105.45 -30.24
N GLN D 119 -3.97 105.78 -30.74
CA GLN D 119 -3.68 107.13 -31.22
C GLN D 119 -2.36 107.10 -31.96
N SER D 120 -2.01 108.25 -32.54
CA SER D 120 -0.73 108.45 -33.21
C SER D 120 -0.20 109.81 -32.83
N MET D 121 1.12 109.90 -32.68
CA MET D 121 1.76 111.10 -32.18
C MET D 121 2.76 111.62 -33.20
N ASN D 122 2.58 112.87 -33.61
CA ASN D 122 3.53 113.56 -34.48
C ASN D 122 4.41 114.40 -33.58
N ILE D 123 5.58 113.87 -33.25
CA ILE D 123 6.48 114.48 -32.28
C ILE D 123 7.72 114.97 -32.99
N ASN D 124 8.16 116.17 -32.66
CA ASN D 124 9.41 116.71 -33.14
C ASN D 124 10.19 117.27 -31.97
N VAL D 125 11.47 116.93 -31.91
CA VAL D 125 12.36 117.41 -30.87
C VAL D 125 13.34 118.37 -31.51
N THR D 126 13.66 119.45 -30.77
CA THR D 126 14.55 120.47 -31.27
C THR D 126 15.71 120.76 -30.33
N GLN D 127 15.61 120.42 -29.05
CA GLN D 127 16.72 120.64 -28.14
C GLN D 127 16.59 119.72 -26.94
N LEU D 128 17.72 119.19 -26.50
CA LEU D 128 17.76 118.34 -25.33
C LEU D 128 17.87 119.17 -24.06
N ALA D 129 17.39 118.60 -22.97
CA ALA D 129 17.60 119.21 -21.67
C ALA D 129 19.05 119.03 -21.25
N GLN D 130 19.57 120.05 -20.56
CA GLN D 130 20.96 120.08 -20.18
C GLN D 130 21.09 120.51 -18.73
N LYS D 131 22.30 120.38 -18.21
CA LYS D 131 22.66 120.89 -16.90
C LYS D 131 23.75 121.93 -17.05
N ASP D 132 23.91 122.74 -16.00
CA ASP D 132 24.90 123.79 -16.01
C ASP D 132 26.24 123.23 -15.53
N VAL D 133 27.30 123.50 -16.30
CA VAL D 133 28.62 122.97 -16.03
C VAL D 133 29.56 124.13 -15.78
N TYR D 134 30.42 123.99 -14.77
CA TYR D 134 31.42 124.98 -14.42
C TYR D 134 32.75 124.26 -14.22
N GLN D 135 33.73 124.58 -15.05
CA GLN D 135 35.06 124.02 -14.97
C GLN D 135 36.04 125.13 -14.62
N SER D 136 36.69 125.00 -13.46
CA SER D 136 37.53 126.07 -12.96
C SER D 136 38.69 126.33 -13.91
N LYS D 137 38.90 127.61 -14.24
CA LYS D 137 40.03 127.99 -15.06
C LYS D 137 41.30 128.11 -14.23
N GLY D 138 41.17 128.33 -12.92
CA GLY D 138 42.32 128.27 -12.05
C GLY D 138 42.87 126.86 -12.04
N LEU D 139 44.00 126.66 -12.70
CA LEU D 139 44.58 125.34 -12.91
C LEU D 139 45.70 125.13 -11.90
N ALA D 140 45.40 124.40 -10.83
CA ALA D 140 46.39 124.07 -9.82
C ALA D 140 47.07 122.76 -10.17
N ASN D 141 48.38 122.72 -9.97
CA ASN D 141 49.16 121.52 -10.19
C ASN D 141 49.25 120.65 -8.93
N ASP D 142 48.42 120.92 -7.93
CA ASP D 142 48.42 120.15 -6.68
C ASP D 142 47.03 120.21 -6.08
N SER D 143 46.43 119.04 -5.86
CA SER D 143 45.12 119.00 -5.21
C SER D 143 45.18 119.51 -3.78
N GLY D 144 46.36 119.51 -3.16
CA GLY D 144 46.50 119.97 -1.81
C GLY D 144 46.94 121.43 -1.73
N PHE D 145 46.56 122.21 -2.74
CA PHE D 145 46.89 123.63 -2.75
C PHE D 145 46.19 124.33 -1.60
N VAL D 146 46.97 125.03 -0.77
CA VAL D 146 46.45 125.76 0.38
C VAL D 146 46.73 127.24 0.17
N ASN D 147 45.68 128.05 0.21
CA ASN D 147 45.80 129.50 0.17
C ASN D 147 45.89 129.99 1.61
N ALA D 148 47.11 130.03 2.13
CA ALA D 148 47.32 130.35 3.54
C ALA D 148 46.92 131.77 3.88
N ASN D 149 46.82 132.66 2.89
CA ASN D 149 46.47 134.05 3.17
C ASN D 149 45.01 134.23 3.54
N LEU D 150 44.18 133.20 3.39
CA LEU D 150 42.78 133.28 3.77
C LEU D 150 42.66 133.13 5.29
N THR D 151 43.22 134.10 5.99
CA THR D 151 43.15 134.11 7.44
C THR D 151 41.72 134.39 7.89
N GLY D 152 41.31 133.70 8.95
CA GLY D 152 39.94 133.76 9.39
C GLY D 152 39.08 132.73 8.68
N THR D 153 37.78 132.96 8.69
CA THR D 153 36.82 132.07 8.06
C THR D 153 35.95 132.84 7.08
N THR D 154 35.34 132.09 6.18
CA THR D 154 34.37 132.62 5.22
C THR D 154 33.34 131.54 4.97
N ASP D 155 32.29 131.90 4.24
CA ASP D 155 31.17 130.99 3.98
C ASP D 155 30.86 130.99 2.49
N LEU D 156 31.10 129.85 1.84
CA LEU D 156 30.80 129.67 0.43
C LEU D 156 29.31 129.44 0.28
N THR D 157 28.59 130.53 0.03
CA THR D 157 27.14 130.49 -0.07
C THR D 157 26.73 130.25 -1.51
N PHE D 158 25.98 129.17 -1.74
CA PHE D 158 25.56 128.77 -3.08
C PHE D 158 24.05 128.82 -3.18
N PHE D 159 23.57 128.89 -4.41
CA PHE D 159 22.13 129.02 -4.70
C PHE D 159 21.84 128.27 -5.98
N SER D 160 21.23 127.09 -5.83
CA SER D 160 20.88 126.22 -6.94
C SER D 160 19.37 126.04 -6.96
N ASN D 161 18.74 126.44 -8.05
CA ASN D 161 17.29 126.27 -8.22
C ASN D 161 16.55 126.81 -7.00
N GLY D 162 16.99 127.96 -6.50
CA GLY D 162 16.35 128.59 -5.37
C GLY D 162 16.69 127.98 -4.03
N LYS D 163 17.63 127.05 -3.98
CA LYS D 163 18.03 126.40 -2.74
C LYS D 163 19.41 126.89 -2.35
N GLU D 164 19.52 127.44 -1.15
CA GLU D 164 20.77 127.99 -0.66
C GLU D 164 21.58 126.90 0.03
N TYR D 165 22.89 126.94 -0.17
CA TYR D 165 23.80 126.05 0.51
C TYR D 165 25.05 126.83 0.88
N THR D 166 25.55 126.58 2.08
CA THR D 166 26.66 127.33 2.63
C THR D 166 27.77 126.38 3.06
N VAL D 167 29.01 126.79 2.82
CA VAL D 167 30.18 125.99 3.17
C VAL D 167 31.22 126.93 3.78
N THR D 168 31.66 126.59 4.99
CA THR D 168 32.69 127.39 5.66
C THR D 168 34.07 126.99 5.17
N VAL D 169 34.94 127.98 5.01
CA VAL D 169 36.30 127.78 4.52
C VAL D 169 37.27 128.45 5.47
N ASP D 170 38.40 127.81 5.70
CA ASP D 170 39.42 128.29 6.62
C ASP D 170 40.75 128.44 5.90
N LYS D 171 41.79 128.75 6.68
CA LYS D 171 43.12 128.93 6.12
C LYS D 171 43.69 127.63 5.57
N ASN D 172 43.27 126.49 6.13
CA ASN D 172 43.79 125.19 5.73
C ASN D 172 43.08 124.63 4.51
N THR D 173 42.42 125.48 3.74
CA THR D 173 41.62 125.03 2.62
C THR D 173 42.47 124.28 1.60
N THR D 174 41.98 123.12 1.17
CA THR D 174 42.55 122.40 0.04
C THR D 174 41.44 122.08 -0.94
N TYR D 175 41.84 121.88 -2.20
CA TYR D 175 40.85 121.62 -3.23
C TYR D 175 40.04 120.37 -2.93
N ARG D 176 40.70 119.34 -2.40
CA ARG D 176 39.98 118.13 -2.02
C ARG D 176 39.03 118.41 -0.88
N ASP D 177 39.53 119.08 0.16
CA ASP D 177 38.67 119.47 1.28
C ASP D 177 37.50 120.31 0.78
N LEU D 178 37.77 121.24 -0.12
CA LEU D 178 36.71 122.08 -0.65
C LEU D 178 35.66 121.23 -1.34
N ALA D 179 36.08 120.38 -2.27
CA ALA D 179 35.12 119.56 -3.02
C ALA D 179 34.28 118.72 -2.06
N ASP D 180 34.92 118.14 -1.05
CA ASP D 180 34.19 117.33 -0.09
C ASP D 180 33.16 118.17 0.65
N LYS D 181 33.56 119.36 1.11
CA LYS D 181 32.64 120.21 1.83
C LYS D 181 31.46 120.63 0.96
N ILE D 182 31.73 120.90 -0.32
CA ILE D 182 30.66 121.28 -1.24
C ILE D 182 29.69 120.12 -1.38
N ASN D 183 30.21 118.93 -1.70
CA ASN D 183 29.34 117.79 -1.95
C ASN D 183 28.62 117.34 -0.70
N GLU D 184 29.11 117.72 0.49
CA GLU D 184 28.45 117.33 1.72
C GLU D 184 27.41 118.34 2.16
N ALA D 185 27.78 119.63 2.24
CA ALA D 185 26.82 120.65 2.60
C ALA D 185 25.64 120.64 1.63
N SER D 186 25.91 120.72 0.34
CA SER D 186 24.91 120.47 -0.68
C SER D 186 24.80 118.96 -0.83
N GLY D 187 23.73 118.39 -0.29
CA GLY D 187 23.61 116.95 -0.21
C GLY D 187 23.38 116.33 -1.57
N GLY D 188 24.41 116.39 -2.42
CA GLY D 188 24.33 115.87 -3.75
C GLY D 188 23.74 116.82 -4.77
N GLU D 189 23.12 117.91 -4.32
CA GLU D 189 22.53 118.86 -5.27
C GLU D 189 23.62 119.49 -6.12
N ILE D 190 24.75 119.83 -5.52
CA ILE D 190 25.88 120.43 -6.21
C ILE D 190 26.99 119.40 -6.28
N VAL D 191 27.40 119.09 -7.49
CA VAL D 191 28.45 118.09 -7.72
C VAL D 191 29.79 118.78 -7.72
N ALA D 192 30.74 118.24 -6.95
CA ALA D 192 32.09 118.76 -6.89
C ALA D 192 33.06 117.61 -7.08
N LYS D 193 34.01 117.77 -8.00
CA LYS D 193 34.97 116.71 -8.26
C LYS D 193 36.20 117.31 -8.90
N ILE D 194 37.36 116.74 -8.56
CA ILE D 194 38.64 117.16 -9.10
C ILE D 194 39.03 116.21 -10.22
N VAL D 195 39.45 116.78 -11.34
CA VAL D 195 39.85 116.01 -12.51
C VAL D 195 41.32 116.31 -12.78
N ASN D 196 42.12 115.26 -12.88
CA ASN D 196 43.53 115.41 -13.21
C ASN D 196 43.65 115.68 -14.71
N THR D 197 43.72 116.95 -15.07
CA THR D 197 43.81 117.32 -16.47
C THR D 197 44.99 116.63 -17.13
N GLY D 198 44.74 116.05 -18.30
CA GLY D 198 45.77 115.31 -19.01
C GLY D 198 46.77 116.18 -19.73
N GLU D 199 47.45 117.06 -19.00
CA GLU D 199 48.43 117.96 -19.57
C GLU D 199 49.74 117.81 -18.82
N LYS D 200 50.73 118.63 -19.20
CA LYS D 200 52.09 118.42 -18.72
C LYS D 200 52.23 118.81 -17.26
N GLY D 201 51.54 119.86 -16.82
CA GLY D 201 51.64 120.31 -15.45
C GLY D 201 50.57 119.79 -14.51
N THR D 202 49.87 118.71 -14.88
CA THR D 202 48.74 118.18 -14.14
C THR D 202 47.86 119.35 -13.67
N PRO D 203 47.42 120.19 -14.58
CA PRO D 203 46.65 121.39 -14.18
C PRO D 203 45.25 121.03 -13.69
N TYR D 204 45.19 120.58 -12.44
CA TYR D 204 43.93 120.18 -11.84
C TYR D 204 42.95 121.35 -11.86
N ARG D 205 41.70 121.06 -12.21
CA ARG D 205 40.62 122.03 -12.13
C ARG D 205 39.42 121.37 -11.48
N LEU D 206 38.73 122.14 -10.65
CA LEU D 206 37.57 121.66 -9.94
C LEU D 206 36.34 121.80 -10.83
N THR D 207 35.61 120.70 -10.99
CA THR D 207 34.42 120.67 -11.83
C THR D 207 33.19 120.76 -10.93
N LEU D 208 32.30 121.70 -11.25
CA LEU D 208 31.09 121.94 -10.48
C LEU D 208 29.90 121.94 -11.42
N THR D 209 28.98 121.00 -11.21
CA THR D 209 27.80 120.87 -12.05
C THR D 209 26.57 120.67 -11.17
N SER D 210 25.42 120.93 -11.78
CA SER D 210 24.15 120.73 -11.10
C SER D 210 23.71 119.27 -11.22
N LYS D 211 23.06 118.78 -10.16
CA LYS D 211 22.54 117.42 -10.19
C LYS D 211 21.33 117.32 -11.10
N GLU D 212 20.57 118.39 -11.24
CA GLU D 212 19.37 118.40 -12.07
C GLU D 212 19.63 119.07 -13.40
N THR D 213 18.68 118.91 -14.31
CA THR D 213 18.73 119.52 -15.63
C THR D 213 17.60 120.52 -15.78
N GLY D 214 17.79 121.45 -16.69
CA GLY D 214 16.86 122.54 -16.87
C GLY D 214 17.46 123.85 -16.40
N GLU D 215 17.09 124.93 -17.09
CA GLU D 215 17.68 126.23 -16.80
C GLU D 215 17.46 126.63 -15.35
N ASP D 216 16.35 126.22 -14.76
CA ASP D 216 16.06 126.59 -13.37
C ASP D 216 17.11 126.09 -12.41
N SER D 217 17.87 125.07 -12.79
CA SER D 217 18.91 124.50 -11.95
C SER D 217 20.18 125.31 -11.95
N ALA D 218 20.14 126.54 -12.46
CA ALA D 218 21.33 127.37 -12.50
C ALA D 218 21.89 127.56 -11.09
N ILE D 219 23.22 127.54 -11.00
CA ILE D 219 23.91 127.66 -9.72
C ILE D 219 24.85 128.84 -9.78
N SER D 220 24.92 129.58 -8.68
CA SER D 220 25.87 130.68 -8.50
C SER D 220 26.67 130.40 -7.25
N PHE D 221 27.99 130.27 -7.40
CA PHE D 221 28.87 130.02 -6.27
C PHE D 221 29.35 131.38 -5.76
N TYR D 222 28.77 131.81 -4.64
CA TYR D 222 28.89 133.19 -4.17
C TYR D 222 29.75 133.24 -2.92
N ALA D 223 30.74 134.13 -2.93
CA ALA D 223 31.63 134.35 -1.79
C ALA D 223 31.09 135.57 -1.04
N GLY D 224 30.28 135.32 -0.01
CA GLY D 224 29.64 136.40 0.71
C GLY D 224 29.70 136.31 2.22
N LYS D 225 30.18 135.20 2.76
CA LYS D 225 30.17 134.97 4.21
C LYS D 225 28.75 135.08 4.77
N LYS D 226 27.84 134.33 4.16
CA LYS D 226 26.42 134.39 4.52
C LYS D 226 25.86 135.78 4.27
N ASP D 227 26.37 136.46 3.23
CA ASP D 227 25.82 137.75 2.83
C ASP D 227 24.41 137.61 2.29
N ALA D 228 23.98 136.38 1.98
CA ALA D 228 22.74 136.20 1.25
C ALA D 228 21.53 136.43 2.13
N GLN D 229 21.36 135.60 3.16
CA GLN D 229 20.27 135.80 4.12
C GLN D 229 20.64 135.54 5.56
N GLY D 230 21.86 135.07 5.86
CA GLY D 230 22.27 134.95 7.25
C GLY D 230 22.39 136.32 7.87
N GLN D 231 23.15 137.17 7.19
CA GLN D 231 23.27 138.58 7.55
C GLN D 231 24.00 139.28 6.43
N TYR D 232 23.51 140.45 6.04
CA TYR D 232 24.08 141.16 4.90
C TYR D 232 25.53 141.52 5.16
N GLN D 233 26.43 140.97 4.36
CA GLN D 233 27.85 141.30 4.43
C GLN D 233 28.33 142.09 3.23
N SER D 234 27.47 142.32 2.24
CA SER D 234 27.81 143.10 1.06
C SER D 234 29.03 142.53 0.34
N ASP D 235 29.00 141.21 0.12
CA ASP D 235 30.00 140.53 -0.69
C ASP D 235 31.42 140.79 -0.21
N PRO D 236 31.82 140.27 0.95
CA PRO D 236 33.21 140.42 1.37
C PRO D 236 34.14 139.66 0.44
N GLU D 237 35.36 140.18 0.31
CA GLU D 237 36.34 139.61 -0.62
C GLU D 237 37.21 138.60 0.13
N ALA D 238 36.64 137.42 0.37
CA ALA D 238 37.41 136.29 0.88
C ALA D 238 38.43 135.92 -0.19
N GLU D 239 39.72 136.11 0.14
CA GLU D 239 40.76 136.11 -0.88
C GLU D 239 40.72 134.85 -1.74
N ASN D 240 40.84 133.68 -1.12
CA ASN D 240 41.06 132.45 -1.88
C ASN D 240 39.89 132.17 -2.82
N ILE D 241 38.67 132.12 -2.30
CA ILE D 241 37.53 131.77 -3.13
C ILE D 241 37.26 132.90 -4.12
N PHE D 242 37.33 134.14 -3.67
CA PHE D 242 37.10 135.28 -4.56
C PHE D 242 38.13 135.33 -5.67
N SER D 243 39.27 134.68 -5.51
CA SER D 243 40.37 134.76 -6.46
C SER D 243 40.54 133.50 -7.28
N ASN D 244 39.90 132.40 -6.91
CA ASN D 244 40.08 131.16 -7.66
C ASN D 244 38.77 130.49 -8.08
N LEU D 245 37.71 130.62 -7.26
CA LEU D 245 36.53 129.79 -7.46
C LEU D 245 35.23 130.58 -7.33
N GLY D 246 35.21 131.80 -7.86
CA GLY D 246 33.95 132.52 -7.98
C GLY D 246 33.31 132.27 -9.33
N TRP D 247 31.97 132.13 -9.32
CA TRP D 247 31.26 131.53 -10.44
C TRP D 247 30.03 132.33 -10.84
N GLU D 248 30.20 133.64 -11.05
CA GLU D 248 29.28 134.42 -11.86
C GLU D 248 30.08 134.93 -13.05
N LEU D 249 29.72 134.46 -14.24
CA LEU D 249 30.62 134.44 -15.39
C LEU D 249 31.52 135.67 -15.44
N ASP D 250 30.94 136.86 -15.39
CA ASP D 250 31.70 138.09 -15.57
C ASP D 250 31.26 139.17 -14.59
N LYS D 251 31.01 138.80 -13.35
CA LYS D 251 30.49 139.73 -12.35
C LYS D 251 31.53 140.03 -11.29
N THR D 252 32.19 141.16 -11.42
CA THR D 252 32.77 141.87 -10.30
C THR D 252 31.92 143.06 -9.91
N THR D 253 31.26 143.67 -10.88
CA THR D 253 30.28 144.71 -10.61
C THR D 253 29.02 144.08 -10.04
N GLN D 254 28.39 144.78 -9.09
CA GLN D 254 27.20 144.25 -8.42
C GLN D 254 25.99 144.44 -9.33
N THR D 255 25.91 143.57 -10.33
CA THR D 255 24.73 143.55 -11.19
C THR D 255 23.55 142.90 -10.48
N ILE D 256 23.76 141.70 -9.93
CA ILE D 256 22.74 140.98 -9.18
C ILE D 256 22.97 141.28 -7.70
N ASP D 257 22.12 142.12 -7.14
CA ASP D 257 22.20 142.39 -5.71
C ASP D 257 21.85 141.13 -4.93
N PRO D 258 22.59 140.80 -3.86
CA PRO D 258 22.26 139.62 -3.07
C PRO D 258 20.96 139.79 -2.31
N ALA D 259 19.85 139.81 -3.04
CA ALA D 259 18.54 140.00 -2.44
C ALA D 259 18.19 138.80 -1.57
N LYS D 260 16.98 138.83 -1.02
CA LYS D 260 16.51 137.71 -0.21
C LYS D 260 16.08 136.54 -1.08
N ASP D 261 15.42 136.83 -2.20
CA ASP D 261 14.90 135.81 -3.10
C ASP D 261 15.82 135.66 -4.31
N LYS D 262 16.06 134.41 -4.70
CA LYS D 262 16.93 134.10 -5.83
C LYS D 262 18.25 134.86 -5.69
N LYS D 263 18.98 134.45 -4.67
CA LYS D 263 20.16 135.13 -4.17
C LYS D 263 21.39 134.84 -5.01
N GLY D 264 21.18 134.42 -6.26
CA GLY D 264 22.25 133.91 -7.09
C GLY D 264 23.17 134.93 -7.71
N TYR D 265 23.99 135.59 -6.89
CA TYR D 265 25.10 136.38 -7.39
C TYR D 265 26.39 135.55 -7.29
N GLY D 266 27.48 136.12 -7.80
CA GLY D 266 28.76 135.49 -7.65
C GLY D 266 29.88 136.41 -8.10
N ILE D 267 30.96 135.78 -8.55
CA ILE D 267 32.18 136.50 -8.91
C ILE D 267 32.58 136.16 -10.33
N LYS D 268 33.28 137.08 -10.97
CA LYS D 268 33.87 136.91 -12.30
C LYS D 268 35.08 135.99 -12.29
N ASP D 269 35.36 135.34 -11.16
CA ASP D 269 36.71 134.95 -10.79
C ASP D 269 37.59 134.39 -11.90
N ALA D 270 37.27 133.20 -12.41
CA ALA D 270 38.25 132.44 -13.18
C ALA D 270 37.82 132.11 -14.60
N SER D 271 36.67 131.47 -14.78
CA SER D 271 36.41 130.68 -15.98
C SER D 271 35.36 131.32 -16.88
N LEU D 272 35.24 130.76 -18.07
CA LEU D 272 34.10 130.97 -18.94
C LEU D 272 33.16 129.78 -18.78
N HIS D 273 31.86 130.07 -18.69
CA HIS D 273 30.89 129.02 -18.45
C HIS D 273 30.96 127.97 -19.55
N ILE D 274 30.94 126.70 -19.16
CA ILE D 274 31.24 125.62 -20.07
C ILE D 274 29.99 125.15 -20.81
N GLN D 275 29.02 124.62 -20.06
CA GLN D 275 27.81 124.07 -20.64
C GLN D 275 26.61 124.65 -19.92
N THR D 276 25.66 125.14 -20.69
CA THR D 276 24.47 125.80 -20.14
C THR D 276 23.35 124.79 -19.97
N ALA D 277 22.73 124.83 -18.79
CA ALA D 277 21.54 124.01 -18.56
C ALA D 277 20.45 124.39 -19.54
N GLN D 278 19.66 123.40 -19.95
CA GLN D 278 18.64 123.62 -20.97
C GLN D 278 17.40 122.84 -20.62
N ASN D 279 16.26 123.34 -21.10
CA ASN D 279 15.01 122.60 -21.04
C ASN D 279 14.76 121.92 -22.38
N ALA D 280 14.44 120.63 -22.31
CA ALA D 280 14.16 119.89 -23.52
C ALA D 280 13.03 120.55 -24.28
N GLU D 281 13.14 120.53 -25.61
CA GLU D 281 12.20 121.20 -26.50
C GLU D 281 11.48 120.16 -27.35
N PHE D 282 10.17 120.09 -27.21
CA PHE D 282 9.34 119.17 -27.97
C PHE D 282 8.33 119.93 -28.81
N THR D 283 7.79 119.23 -29.80
CA THR D 283 6.74 119.75 -30.67
C THR D 283 5.73 118.63 -30.88
N LEU D 284 4.63 118.69 -30.15
CA LEU D 284 3.57 117.70 -30.23
C LEU D 284 2.45 118.28 -31.08
N ASP D 285 2.34 117.80 -32.31
CA ASP D 285 1.27 118.23 -33.21
C ASP D 285 1.30 119.73 -33.42
N GLY D 286 2.50 120.30 -33.49
CA GLY D 286 2.66 121.72 -33.68
C GLY D 286 2.63 122.53 -32.40
N ILE D 287 2.58 121.88 -31.25
CA ILE D 287 2.55 122.57 -29.97
C ILE D 287 3.96 122.53 -29.38
N LYS D 288 4.53 123.70 -29.17
CA LYS D 288 5.84 123.79 -28.54
C LYS D 288 5.73 123.41 -27.08
N MET D 289 6.43 122.35 -26.68
CA MET D 289 6.39 121.85 -25.33
C MET D 289 7.80 121.78 -24.77
N PHE D 290 7.94 122.16 -23.51
CA PHE D 290 9.22 122.20 -22.84
C PHE D 290 9.09 121.61 -21.45
N ARG D 291 10.13 120.91 -21.02
CA ARG D 291 10.16 120.29 -19.71
C ARG D 291 11.52 120.48 -19.10
N SER D 292 11.62 120.11 -17.82
CA SER D 292 12.89 120.21 -17.13
C SER D 292 13.85 119.13 -17.59
N SER D 293 13.40 117.88 -17.60
CA SER D 293 14.26 116.75 -17.90
C SER D 293 13.89 116.13 -19.24
N ASN D 294 14.80 115.31 -19.74
CA ASN D 294 14.56 114.58 -20.98
C ASN D 294 13.40 113.60 -20.84
N THR D 295 13.10 113.19 -19.61
CA THR D 295 12.03 112.23 -19.35
C THR D 295 10.72 112.99 -19.24
N VAL D 296 9.80 112.72 -20.15
CA VAL D 296 8.46 113.31 -20.13
C VAL D 296 7.49 112.23 -19.71
N THR D 297 6.91 112.40 -18.54
CA THR D 297 5.97 111.44 -17.98
C THR D 297 4.51 111.89 -18.06
N ASP D 298 4.27 113.14 -18.47
CA ASP D 298 2.93 113.69 -18.50
C ASP D 298 2.42 113.92 -19.92
N LEU D 299 3.08 113.30 -20.90
CA LEU D 299 2.64 113.45 -22.28
C LEU D 299 1.18 113.04 -22.44
N GLY D 300 0.78 111.96 -21.79
CA GLY D 300 -0.58 111.48 -21.85
C GLY D 300 -0.83 110.49 -20.73
N VAL D 301 -2.05 109.97 -20.71
CA VAL D 301 -2.44 109.04 -19.66
C VAL D 301 -1.78 107.69 -19.92
N GLY D 302 -1.00 107.23 -18.95
CA GLY D 302 -0.37 105.93 -19.07
C GLY D 302 0.71 105.84 -20.11
N MET D 303 1.27 106.97 -20.52
CA MET D 303 2.33 106.99 -21.51
C MET D 303 3.54 107.72 -20.93
N THR D 304 4.73 107.26 -21.31
CA THR D 304 5.98 107.86 -20.86
C THR D 304 6.89 108.02 -22.05
N LEU D 305 7.44 109.23 -22.21
CA LEU D 305 8.35 109.54 -23.30
C LEU D 305 9.74 109.75 -22.76
N THR D 306 10.72 109.12 -23.40
CA THR D 306 12.12 109.28 -23.06
C THR D 306 12.86 109.82 -24.27
N LEU D 307 13.70 110.81 -24.05
CA LEU D 307 14.37 111.52 -25.13
C LEU D 307 15.81 111.02 -25.28
N ASN D 308 16.24 110.88 -26.54
CA ASN D 308 17.60 110.49 -26.86
C ASN D 308 18.32 111.54 -27.70
N LYS D 309 17.70 112.01 -28.78
CA LYS D 309 18.28 113.05 -29.62
C LYS D 309 17.14 113.78 -30.31
N THR D 310 17.50 114.82 -31.06
CA THR D 310 16.50 115.64 -31.74
C THR D 310 16.07 114.99 -33.05
N GLY D 311 14.99 115.51 -33.61
CA GLY D 311 14.51 115.08 -34.90
C GLY D 311 13.00 115.00 -34.92
N GLU D 312 12.49 114.33 -35.95
CA GLU D 312 11.06 114.13 -36.14
C GLU D 312 10.74 112.66 -35.99
N ILE D 313 9.64 112.36 -35.28
CA ILE D 313 9.20 111.00 -35.06
C ILE D 313 7.69 110.95 -35.22
N ASN D 314 7.18 109.80 -35.66
CA ASN D 314 5.75 109.57 -35.80
C ASN D 314 5.42 108.24 -35.15
N PHE D 315 4.93 108.28 -33.91
CA PHE D 315 4.53 107.08 -33.21
C PHE D 315 3.08 106.74 -33.55
N ASP D 316 2.74 105.47 -33.38
CA ASP D 316 1.38 104.99 -33.62
C ASP D 316 1.06 103.91 -32.60
N VAL D 317 0.02 104.15 -31.82
CA VAL D 317 -0.42 103.21 -30.80
C VAL D 317 -1.44 102.27 -31.43
N GLN D 318 -1.12 100.99 -31.44
CA GLN D 318 -2.04 99.96 -31.89
C GLN D 318 -2.31 98.98 -30.77
N GLN D 319 -3.50 98.39 -30.80
CA GLN D 319 -3.87 97.39 -29.80
C GLN D 319 -3.14 96.10 -30.08
N ASP D 320 -2.43 95.59 -29.08
CA ASP D 320 -1.69 94.34 -29.21
C ASP D 320 -2.59 93.19 -28.73
N PHE D 321 -3.01 92.35 -29.66
CA PHE D 321 -3.89 91.23 -29.37
C PHE D 321 -3.31 89.92 -29.88
N GLU D 322 -1.99 89.79 -29.86
CA GLU D 322 -1.35 88.57 -30.34
C GLU D 322 -1.60 87.38 -29.42
N GLY D 323 -1.88 87.62 -28.14
CA GLY D 323 -2.05 86.53 -27.20
C GLY D 323 -3.28 85.68 -27.47
N VAL D 324 -4.20 86.16 -28.28
CA VAL D 324 -5.42 85.39 -28.55
C VAL D 324 -5.08 84.10 -29.26
N THR D 325 -4.07 84.12 -30.12
CA THR D 325 -3.67 82.90 -30.82
C THR D 325 -3.18 81.86 -29.83
N LYS D 326 -2.29 82.27 -28.92
CA LYS D 326 -1.82 81.36 -27.89
C LYS D 326 -2.97 80.86 -27.04
N ALA D 327 -3.91 81.74 -26.73
CA ALA D 327 -5.07 81.34 -25.94
C ALA D 327 -5.83 80.22 -26.62
N MET D 328 -6.21 80.44 -27.88
CA MET D 328 -6.98 79.43 -28.60
C MET D 328 -6.19 78.14 -28.73
N GLN D 329 -4.88 78.24 -28.97
CA GLN D 329 -4.06 77.05 -29.12
C GLN D 329 -4.05 76.25 -27.83
N ASP D 330 -3.84 76.92 -26.70
CA ASP D 330 -3.84 76.24 -25.42
C ASP D 330 -5.19 75.60 -25.15
N LEU D 331 -6.27 76.30 -25.46
CA LEU D 331 -7.59 75.76 -25.19
C LEU D 331 -7.84 74.50 -26.00
N VAL D 332 -7.53 74.56 -27.29
CA VAL D 332 -7.78 73.40 -28.15
C VAL D 332 -6.90 72.24 -27.72
N ASP D 333 -5.66 72.53 -27.32
CA ASP D 333 -4.77 71.45 -26.90
C ASP D 333 -5.29 70.77 -25.64
N ALA D 334 -5.66 71.57 -24.63
CA ALA D 334 -6.18 71.00 -23.40
C ALA D 334 -7.44 70.19 -23.68
N TYR D 335 -8.34 70.72 -24.51
CA TYR D 335 -9.57 69.99 -24.79
C TYR D 335 -9.28 68.69 -25.51
N ASN D 336 -8.35 68.73 -26.47
CA ASN D 336 -8.00 67.51 -27.18
C ASN D 336 -7.48 66.46 -26.23
N ASP D 337 -6.56 66.86 -25.34
CA ASP D 337 -6.01 65.89 -24.41
C ASP D 337 -7.07 65.35 -23.46
N LEU D 338 -7.94 66.23 -22.96
CA LEU D 338 -8.96 65.80 -22.03
C LEU D 338 -9.95 64.84 -22.67
N VAL D 339 -10.40 65.17 -23.88
CA VAL D 339 -11.37 64.30 -24.54
C VAL D 339 -10.71 63.00 -24.95
N THR D 340 -9.42 63.03 -25.29
CA THR D 340 -8.71 61.79 -25.56
C THR D 340 -8.67 60.91 -24.32
N ASN D 341 -8.37 61.51 -23.17
CA ASN D 341 -8.36 60.76 -21.92
C ASN D 341 -9.73 60.18 -21.63
N LEU D 342 -10.78 60.96 -21.87
CA LEU D 342 -12.13 60.49 -21.58
C LEU D 342 -12.51 59.33 -22.49
N ASN D 343 -12.23 59.46 -23.79
CA ASN D 343 -12.50 58.37 -24.70
C ASN D 343 -11.74 57.12 -24.28
N ALA D 344 -10.44 57.27 -24.04
CA ALA D 344 -9.64 56.15 -23.55
C ALA D 344 -10.22 55.57 -22.29
N ALA D 345 -10.90 56.40 -21.49
CA ALA D 345 -11.55 55.90 -20.28
C ALA D 345 -12.75 55.04 -20.60
N THR D 346 -13.52 55.43 -21.62
CA THR D 346 -14.70 54.69 -22.02
C THR D 346 -14.61 54.26 -23.48
N ASP D 347 -13.42 53.91 -23.94
CA ASP D 347 -13.25 53.34 -25.27
C ASP D 347 -13.41 51.82 -25.22
N TYR D 348 -14.15 51.29 -26.19
CA TYR D 348 -14.29 49.85 -26.32
C TYR D 348 -13.04 49.30 -26.98
N ASN D 349 -12.33 48.43 -26.28
CA ASN D 349 -11.06 47.88 -26.72
C ASN D 349 -11.29 46.41 -27.12
N SER D 350 -11.10 46.11 -28.40
CA SER D 350 -11.28 44.75 -28.86
C SER D 350 -10.40 43.77 -28.10
N GLU D 351 -9.32 44.25 -27.49
CA GLU D 351 -8.54 43.41 -26.58
C GLU D 351 -9.35 43.05 -25.34
N THR D 352 -10.40 43.80 -25.05
CA THR D 352 -11.33 43.54 -23.94
C THR D 352 -10.70 43.73 -22.57
N GLY D 353 -9.43 44.16 -22.53
CA GLY D 353 -8.81 44.40 -21.23
C GLY D 353 -9.36 45.64 -20.55
N THR D 354 -9.70 46.66 -21.33
CA THR D 354 -10.26 47.90 -20.81
C THR D 354 -11.47 48.33 -21.62
N LYS D 355 -12.18 47.38 -22.20
CA LYS D 355 -13.35 47.69 -23.03
C LYS D 355 -14.45 48.28 -22.17
N GLY D 356 -14.65 49.59 -22.30
CA GLY D 356 -15.66 50.27 -21.51
C GLY D 356 -15.39 50.19 -20.02
N THR D 357 -14.22 50.66 -19.60
CA THR D 357 -13.86 50.61 -18.19
C THR D 357 -14.90 51.31 -17.34
N LEU D 358 -15.14 52.59 -17.61
CA LEU D 358 -16.15 53.36 -16.91
C LEU D 358 -17.46 53.43 -17.67
N GLN D 359 -17.68 52.47 -18.57
CA GLN D 359 -18.91 52.48 -19.35
C GLN D 359 -20.11 52.36 -18.43
N GLY D 360 -21.20 53.02 -18.81
CA GLY D 360 -22.37 53.13 -17.96
C GLY D 360 -22.39 54.38 -17.12
N ILE D 361 -21.25 55.03 -16.95
CA ILE D 361 -21.17 56.30 -16.23
C ILE D 361 -21.53 57.40 -17.22
N SER D 362 -22.72 58.00 -17.04
CA SER D 362 -23.15 59.06 -17.93
C SER D 362 -22.34 60.33 -17.78
N GLU D 363 -21.51 60.42 -16.75
CA GLU D 363 -20.74 61.63 -16.51
C GLU D 363 -19.86 61.96 -17.72
N VAL D 364 -19.10 60.99 -18.20
CA VAL D 364 -18.14 61.24 -19.26
C VAL D 364 -18.84 61.68 -20.54
N ASN D 365 -19.90 60.96 -20.91
CA ASN D 365 -20.62 61.27 -22.14
C ASN D 365 -21.29 62.63 -22.03
N SER D 366 -21.91 62.90 -20.89
CA SER D 366 -22.52 64.21 -20.67
C SER D 366 -21.47 65.32 -20.80
N ILE D 367 -20.31 65.14 -20.18
CA ILE D 367 -19.26 66.15 -20.27
C ILE D 367 -18.87 66.39 -21.72
N ARG D 368 -18.51 65.32 -22.43
CA ARG D 368 -18.06 65.47 -23.81
C ARG D 368 -19.11 66.17 -24.65
N SER D 369 -20.34 65.68 -24.60
CA SER D 369 -21.41 66.26 -25.41
C SER D 369 -21.67 67.71 -25.03
N SER D 370 -21.62 68.02 -23.74
CA SER D 370 -21.96 69.37 -23.30
C SER D 370 -20.90 70.37 -23.73
N ILE D 371 -19.62 70.00 -23.60
CA ILE D 371 -18.57 70.90 -24.04
C ILE D 371 -18.62 71.06 -25.56
N LEU D 372 -18.89 69.96 -26.28
CA LEU D 372 -19.01 70.08 -27.72
C LEU D 372 -20.14 71.02 -28.10
N ALA D 373 -21.25 70.96 -27.36
CA ALA D 373 -22.38 71.82 -27.64
C ALA D 373 -22.03 73.28 -27.36
N ASP D 374 -21.55 73.55 -26.15
CA ASP D 374 -21.20 74.93 -25.79
C ASP D 374 -20.20 75.50 -26.77
N LEU D 375 -19.27 74.68 -27.27
CA LEU D 375 -18.33 75.17 -28.26
C LEU D 375 -19.02 75.41 -29.59
N PHE D 376 -19.81 74.44 -30.04
CA PHE D 376 -20.61 74.65 -31.24
C PHE D 376 -21.74 75.64 -31.02
N ASP D 377 -21.97 76.07 -29.78
CA ASP D 377 -23.03 77.02 -29.49
C ASP D 377 -22.65 78.40 -30.00
N SER D 378 -23.67 79.23 -30.22
CA SER D 378 -23.49 80.59 -30.68
C SER D 378 -24.75 81.38 -30.40
N GLN D 379 -24.72 82.66 -30.78
CA GLN D 379 -25.86 83.56 -30.60
C GLN D 379 -26.27 84.14 -31.94
N VAL D 380 -27.48 84.69 -31.98
CA VAL D 380 -28.02 85.25 -33.21
C VAL D 380 -27.54 86.68 -33.36
N VAL D 381 -27.24 87.06 -34.59
CA VAL D 381 -26.78 88.41 -34.89
C VAL D 381 -27.94 89.38 -34.76
N VAL D 397 -21.65 89.37 -33.69
CA VAL D 397 -22.16 88.12 -33.15
C VAL D 397 -21.72 86.95 -34.02
N MET D 398 -21.08 85.96 -33.40
CA MET D 398 -20.58 84.81 -34.14
C MET D 398 -21.71 83.84 -34.40
N LEU D 399 -21.80 83.37 -35.64
CA LEU D 399 -22.74 82.30 -35.96
C LEU D 399 -22.22 80.96 -35.47
N SER D 400 -20.90 80.83 -35.38
CA SER D 400 -20.27 79.61 -34.89
C SER D 400 -18.79 79.91 -34.68
N MET D 401 -18.14 79.07 -33.87
CA MET D 401 -16.72 79.26 -33.62
C MET D 401 -15.91 79.23 -34.90
N GLN D 402 -16.37 78.49 -35.90
CA GLN D 402 -15.67 78.42 -37.17
C GLN D 402 -15.68 79.74 -37.91
N ASP D 403 -16.42 80.73 -37.41
CA ASP D 403 -16.43 82.04 -38.03
C ASP D 403 -15.04 82.68 -37.98
N PHE D 404 -14.29 82.42 -36.91
CA PHE D 404 -12.96 82.98 -36.72
C PHE D 404 -11.88 81.91 -36.82
N GLY D 405 -12.08 80.94 -37.69
CA GLY D 405 -11.07 79.94 -37.97
C GLY D 405 -11.01 78.80 -36.99
N LEU D 406 -11.78 78.83 -35.91
CA LEU D 406 -11.76 77.72 -34.97
C LEU D 406 -12.50 76.54 -35.59
N SER D 407 -11.77 75.70 -36.31
CA SER D 407 -12.38 74.60 -37.05
C SER D 407 -12.85 73.52 -36.08
N LEU D 408 -14.10 73.63 -35.63
CA LEU D 408 -14.63 72.67 -34.68
C LEU D 408 -14.88 71.33 -35.37
N ASN D 409 -13.89 70.45 -35.31
CA ASN D 409 -13.96 69.15 -35.97
C ASN D 409 -14.52 68.12 -35.00
N ASP D 410 -14.41 66.84 -35.35
CA ASP D 410 -14.85 65.78 -34.47
C ASP D 410 -14.10 65.86 -33.13
N ALA D 411 -14.59 65.09 -32.17
CA ALA D 411 -13.98 65.08 -30.84
C ALA D 411 -12.53 64.65 -30.95
N GLY D 412 -11.62 65.49 -30.45
CA GLY D 412 -10.21 65.21 -30.47
C GLY D 412 -9.49 65.64 -31.74
N THR D 413 -10.22 66.02 -32.78
CA THR D 413 -9.61 66.45 -34.03
C THR D 413 -9.79 67.95 -34.26
N LEU D 414 -10.10 68.70 -33.21
CA LEU D 414 -10.27 70.13 -33.35
C LEU D 414 -8.97 70.78 -33.82
N SER D 415 -9.10 71.80 -34.66
CA SER D 415 -7.95 72.54 -35.16
C SER D 415 -8.25 74.02 -35.12
N PHE D 416 -7.21 74.82 -34.94
CA PHE D 416 -7.31 76.27 -34.82
C PHE D 416 -6.64 76.90 -36.03
N ASP D 417 -7.45 77.39 -36.96
CA ASP D 417 -6.93 78.03 -38.16
C ASP D 417 -6.51 79.45 -37.79
N SER D 418 -5.23 79.62 -37.44
CA SER D 418 -4.75 80.92 -37.01
C SER D 418 -4.97 81.99 -38.05
N SER D 419 -4.87 81.63 -39.34
CA SER D 419 -5.01 82.62 -40.39
C SER D 419 -6.36 83.31 -40.32
N LYS D 420 -7.44 82.51 -40.28
CA LYS D 420 -8.78 83.10 -40.30
C LYS D 420 -9.03 83.93 -39.06
N PHE D 421 -8.66 83.42 -37.89
CA PHE D 421 -8.85 84.17 -36.66
C PHE D 421 -8.13 85.52 -36.73
N GLU D 422 -6.83 85.48 -37.04
CA GLU D 422 -6.05 86.71 -37.10
C GLU D 422 -6.65 87.68 -38.11
N GLN D 423 -7.03 87.18 -39.29
CA GLN D 423 -7.55 88.06 -40.32
C GLN D 423 -8.86 88.70 -39.88
N LYS D 424 -9.81 87.89 -39.43
CA LYS D 424 -11.12 88.41 -39.05
C LYS D 424 -11.04 89.30 -37.82
N VAL D 425 -10.00 89.15 -37.00
CA VAL D 425 -9.86 90.04 -35.86
C VAL D 425 -9.22 91.34 -36.27
N LYS D 426 -8.20 91.28 -37.13
CA LYS D 426 -7.58 92.50 -37.62
C LYS D 426 -8.55 93.32 -38.45
N GLU D 427 -9.48 92.65 -39.13
CA GLU D 427 -10.46 93.37 -39.93
C GLU D 427 -11.41 94.16 -39.04
N ASP D 428 -11.86 93.56 -37.94
CA ASP D 428 -12.78 94.23 -37.02
C ASP D 428 -12.55 93.67 -35.63
N PRO D 429 -11.57 94.22 -34.90
CA PRO D 429 -11.35 93.75 -33.52
C PRO D 429 -12.46 94.15 -32.56
N ASP D 430 -13.29 95.13 -32.92
CA ASP D 430 -14.29 95.64 -31.99
C ASP D 430 -15.44 94.65 -31.81
N SER D 431 -15.98 94.14 -32.92
CA SER D 431 -17.04 93.15 -32.81
C SER D 431 -16.56 91.91 -32.07
N THR D 432 -15.36 91.45 -32.38
CA THR D 432 -14.80 90.28 -31.71
C THR D 432 -14.65 90.54 -30.21
N GLU D 433 -14.06 91.68 -29.87
CA GLU D 433 -13.86 92.01 -28.46
C GLU D 433 -15.19 92.10 -27.74
N SER D 434 -16.21 92.64 -28.39
CA SER D 434 -17.53 92.75 -27.77
C SER D 434 -18.11 91.37 -27.52
N PHE D 435 -18.10 90.52 -28.54
CA PHE D 435 -18.72 89.21 -28.40
C PHE D 435 -17.98 88.33 -27.41
N PHE D 436 -16.67 88.52 -27.28
CA PHE D 436 -15.88 87.73 -26.35
C PHE D 436 -15.77 88.36 -24.98
N SER D 437 -16.18 89.63 -24.84
CA SER D 437 -16.29 90.26 -23.54
C SER D 437 -17.68 90.09 -22.95
N ASN D 438 -18.68 89.80 -23.78
CA ASN D 438 -19.94 89.31 -23.25
C ASN D 438 -19.72 88.14 -22.32
N ILE D 439 -18.62 87.42 -22.48
CA ILE D 439 -18.24 86.39 -21.52
C ILE D 439 -18.07 87.04 -20.15
N THR D 440 -18.71 86.45 -19.15
CA THR D 440 -18.60 86.94 -17.78
C THR D 440 -18.41 85.76 -16.83
N GLU D 576 -28.16 90.46 -21.24
CA GLU D 576 -26.75 90.19 -21.02
C GLU D 576 -26.13 89.47 -22.21
N GLY D 577 -26.76 88.37 -22.62
CA GLY D 577 -26.23 87.57 -23.71
C GLY D 577 -24.83 87.12 -23.42
N LYS D 578 -24.67 86.36 -22.33
CA LYS D 578 -23.34 85.94 -21.90
C LYS D 578 -22.62 85.23 -23.04
N GLY D 579 -21.34 85.54 -23.19
CA GLY D 579 -20.60 85.12 -24.34
C GLY D 579 -20.37 83.63 -24.38
N ILE D 580 -19.42 83.26 -25.22
CA ILE D 580 -19.18 81.84 -25.52
C ILE D 580 -18.58 81.15 -24.31
N PHE D 581 -17.39 81.57 -23.90
CA PHE D 581 -16.65 80.88 -22.86
C PHE D 581 -17.27 81.02 -21.48
N SER D 582 -18.20 81.97 -21.31
CA SER D 582 -18.92 82.05 -20.05
C SER D 582 -19.75 80.81 -19.81
N LYS D 583 -20.40 80.31 -20.87
CA LYS D 583 -21.18 79.09 -20.73
C LYS D 583 -20.30 77.93 -20.31
N LEU D 584 -19.07 77.88 -20.82
CA LEU D 584 -18.16 76.83 -20.39
C LEU D 584 -17.77 77.03 -18.94
N LYS D 585 -17.48 78.27 -18.54
CA LYS D 585 -17.13 78.53 -17.16
C LYS D 585 -18.25 78.11 -16.22
N ALA D 586 -19.49 78.19 -16.69
CA ALA D 586 -20.62 77.76 -15.87
C ALA D 586 -20.75 76.25 -15.87
N THR D 587 -20.67 75.63 -17.04
CA THR D 587 -20.88 74.20 -17.17
C THR D 587 -19.81 73.42 -16.43
N LEU D 588 -18.54 73.70 -16.73
CA LEU D 588 -17.44 73.06 -16.03
C LEU D 588 -17.50 73.34 -14.54
N GLN D 589 -18.03 74.49 -14.14
CA GLN D 589 -18.17 74.79 -12.73
C GLN D 589 -19.18 73.85 -12.09
N GLU D 590 -20.33 73.66 -12.73
CA GLU D 590 -21.33 72.75 -12.20
C GLU D 590 -20.78 71.33 -12.13
N MET D 591 -19.95 70.94 -13.09
CA MET D 591 -19.41 69.59 -13.08
C MET D 591 -18.38 69.42 -11.96
N THR D 592 -17.31 70.22 -12.00
CA THR D 592 -16.23 70.13 -11.03
C THR D 592 -16.60 70.70 -9.67
N GLY D 593 -17.80 71.26 -9.54
CA GLY D 593 -18.21 71.80 -8.26
C GLY D 593 -18.20 70.76 -7.17
N LYS D 594 -18.09 71.24 -5.93
CA LYS D 594 -18.05 70.32 -4.80
C LYS D 594 -19.34 69.52 -4.69
N ASP D 595 -20.45 70.08 -5.18
CA ASP D 595 -21.73 69.39 -5.24
C ASP D 595 -22.06 68.97 -6.67
N GLY D 596 -21.04 68.80 -7.50
CA GLY D 596 -21.24 68.42 -8.88
C GLY D 596 -21.28 66.91 -9.08
N SER D 597 -21.61 66.52 -10.30
CA SER D 597 -21.82 65.12 -10.62
C SER D 597 -20.56 64.30 -10.39
N ILE D 598 -19.40 64.86 -10.73
CA ILE D 598 -18.15 64.17 -10.52
C ILE D 598 -18.05 63.71 -9.07
N THR D 599 -18.37 64.59 -8.13
CA THR D 599 -18.37 64.24 -6.73
C THR D 599 -19.43 63.22 -6.38
N LYS D 600 -20.55 63.20 -7.10
CA LYS D 600 -21.57 62.20 -6.84
C LYS D 600 -21.04 60.81 -7.14
N TYR D 601 -20.52 60.61 -8.34
CA TYR D 601 -19.96 59.31 -8.67
C TYR D 601 -18.80 58.97 -7.75
N ASP D 602 -17.96 59.95 -7.45
CA ASP D 602 -16.82 59.69 -6.57
C ASP D 602 -17.29 59.23 -5.19
N GLU D 603 -18.29 59.90 -4.63
CA GLU D 603 -18.76 59.58 -3.30
C GLU D 603 -19.45 58.23 -3.27
N SER D 604 -20.23 57.93 -4.31
CA SER D 604 -20.85 56.61 -4.39
C SER D 604 -19.78 55.53 -4.38
N LEU D 605 -18.77 55.68 -5.23
CA LEU D 605 -17.73 54.67 -5.31
C LEU D 605 -16.92 54.61 -4.02
N THR D 606 -16.80 55.74 -3.32
CA THR D 606 -16.02 55.78 -2.09
C THR D 606 -16.76 55.08 -0.96
N ASN D 607 -18.08 55.23 -0.92
CA ASN D 607 -18.87 54.55 0.11
C ASN D 607 -19.01 53.07 -0.20
N ASP D 608 -18.99 52.72 -1.48
CA ASP D 608 -19.11 51.31 -1.86
C ASP D 608 -18.02 50.48 -1.21
N ILE D 609 -16.78 50.98 -1.23
CA ILE D 609 -15.69 50.20 -0.66
C ILE D 609 -15.82 50.12 0.86
N LYS D 610 -16.34 51.15 1.50
CA LYS D 610 -16.61 51.06 2.93
C LYS D 610 -17.53 49.89 3.22
N SER D 611 -18.69 49.87 2.55
CA SER D 611 -19.65 48.80 2.81
C SER D 611 -19.05 47.44 2.46
N LEU D 612 -18.25 47.39 1.39
CA LEU D 612 -17.67 46.13 0.97
C LEU D 612 -16.71 45.59 2.03
N ASN D 613 -15.81 46.46 2.51
CA ASN D 613 -14.88 46.05 3.55
C ASN D 613 -15.64 45.60 4.78
N THR D 614 -16.70 46.32 5.14
CA THR D 614 -17.44 45.96 6.34
C THR D 614 -18.05 44.57 6.21
N SER D 615 -18.72 44.31 5.09
CA SER D 615 -19.36 43.00 4.90
C SER D 615 -18.31 41.90 4.85
N LYS D 616 -17.20 42.16 4.14
CA LYS D 616 -16.14 41.16 4.07
C LYS D 616 -15.62 40.85 5.46
N ASP D 617 -15.48 41.87 6.30
CA ASP D 617 -14.98 41.65 7.64
C ASP D 617 -15.97 40.86 8.48
N SER D 618 -17.26 41.11 8.30
CA SER D 618 -18.27 40.33 9.02
C SER D 618 -18.13 38.86 8.68
N THR D 619 -18.11 38.54 7.39
CA THR D 619 -17.99 37.14 7.01
C THR D 619 -16.65 36.57 7.45
N GLN D 620 -15.61 37.40 7.47
CA GLN D 620 -14.32 36.96 7.96
C GLN D 620 -14.42 36.52 9.42
N ALA D 621 -15.09 37.33 10.22
CA ALA D 621 -15.35 36.95 11.60
C ALA D 621 -16.05 35.61 11.67
N MET D 622 -17.13 35.45 10.91
CA MET D 622 -17.85 34.19 10.93
C MET D 622 -16.94 33.03 10.57
N ILE D 623 -15.97 33.26 9.68
CA ILE D 623 -15.09 32.19 9.24
C ILE D 623 -14.34 31.63 10.43
N ASP D 624 -13.52 32.46 11.07
CA ASP D 624 -12.69 31.96 12.17
C ASP D 624 -13.53 31.56 13.35
N THR D 625 -14.77 32.06 13.44
CA THR D 625 -15.63 31.66 14.54
C THR D 625 -15.76 30.14 14.60
N ARG D 626 -16.01 29.51 13.46
CA ARG D 626 -16.16 28.06 13.43
C ARG D 626 -14.86 27.37 13.78
N TYR D 627 -13.77 27.77 13.12
CA TYR D 627 -12.53 27.03 13.25
C TYR D 627 -11.91 27.19 14.64
N ASP D 628 -12.26 28.24 15.36
CA ASP D 628 -11.82 28.34 16.75
C ASP D 628 -12.40 27.22 17.59
N THR D 629 -13.71 27.02 17.49
CA THR D 629 -14.34 25.90 18.17
C THR D 629 -13.77 24.58 17.70
N MET D 630 -13.47 24.50 16.40
CA MET D 630 -12.88 23.26 15.88
C MET D 630 -11.52 23.00 16.52
N ALA D 631 -10.73 24.05 16.72
CA ALA D 631 -9.45 23.90 17.40
C ALA D 631 -9.67 23.40 18.82
N ASN D 632 -10.66 23.97 19.50
CA ASN D 632 -10.99 23.48 20.83
C ASN D 632 -11.34 22.00 20.81
N GLN D 633 -12.08 21.58 19.78
CA GLN D 633 -12.42 20.17 19.66
C GLN D 633 -11.18 19.32 19.44
N TRP D 634 -10.25 19.82 18.64
CA TRP D 634 -9.04 19.07 18.38
C TRP D 634 -8.27 18.83 19.66
N LEU D 635 -8.02 19.90 20.42
CA LEU D 635 -7.34 19.71 21.69
C LEU D 635 -8.17 18.88 22.64
N GLN D 636 -9.50 18.94 22.51
CA GLN D 636 -10.37 18.15 23.37
C GLN D 636 -10.10 16.67 23.17
N TYR D 637 -10.16 16.23 21.92
CA TYR D 637 -9.91 14.82 21.67
C TYR D 637 -8.45 14.48 21.86
N GLU D 638 -7.56 15.46 21.76
CA GLU D 638 -6.19 15.19 22.15
C GLU D 638 -6.13 14.77 23.60
N SER D 639 -6.85 15.51 24.45
CA SER D 639 -6.89 15.17 25.86
C SER D 639 -7.58 13.83 26.08
N ILE D 640 -8.63 13.56 25.31
CA ILE D 640 -9.38 12.32 25.51
C ILE D 640 -8.55 11.13 25.06
N LEU D 641 -7.86 11.27 23.94
CA LEU D 641 -7.01 10.20 23.47
C LEU D 641 -5.78 10.07 24.35
N ASN D 642 -5.40 11.14 25.03
CA ASN D 642 -4.37 11.01 26.04
C ASN D 642 -4.89 10.25 27.22
N LYS D 643 -6.13 10.49 27.61
CA LYS D 643 -6.74 9.72 28.68
C LYS D 643 -6.80 8.25 28.31
N LEU D 644 -7.23 7.96 27.09
CA LEU D 644 -7.38 6.56 26.68
C LEU D 644 -6.03 5.91 26.45
N ASN D 645 -5.05 6.67 25.94
CA ASN D 645 -3.74 6.10 25.73
C ASN D 645 -3.05 5.85 27.05
N GLN D 646 -3.19 6.78 27.99
CA GLN D 646 -2.63 6.58 29.32
C GLN D 646 -3.36 5.46 30.03
N GLN D 647 -4.64 5.27 29.75
CA GLN D 647 -5.39 4.20 30.41
C GLN D 647 -5.12 2.86 29.75
N LEU D 648 -4.84 2.87 28.45
CA LEU D 648 -4.38 1.67 27.79
C LEU D 648 -3.01 1.29 28.33
N ASN D 649 -2.15 2.27 28.52
CA ASN D 649 -0.88 2.04 29.19
C ASN D 649 -1.10 1.67 30.65
N THR D 650 -2.22 2.07 31.24
CA THR D 650 -2.49 1.74 32.63
C THR D 650 -2.91 0.29 32.75
N VAL D 651 -3.83 -0.15 31.90
CA VAL D 651 -4.20 -1.56 31.86
C VAL D 651 -3.03 -2.39 31.39
N THR D 652 -2.14 -1.81 30.57
CA THR D 652 -0.95 -2.52 30.16
C THR D 652 0.06 -2.61 31.30
N ASN D 653 0.10 -1.58 32.14
CA ASN D 653 0.93 -1.60 33.34
C ASN D 653 0.40 -2.61 34.33
N MET D 654 -0.91 -2.78 34.38
CA MET D 654 -1.51 -3.82 35.22
C MET D 654 -1.30 -5.20 34.60
N ILE D 655 -1.36 -5.29 33.27
CA ILE D 655 -1.08 -6.53 32.56
C ILE D 655 0.33 -6.99 32.84
N ASN D 656 1.29 -6.06 32.81
CA ASN D 656 2.67 -6.39 33.11
C ASN D 656 2.86 -6.64 34.61
N ALA D 657 2.23 -5.81 35.44
CA ALA D 657 2.34 -5.94 36.88
C ALA D 657 1.45 -7.07 37.38
N ALA D 658 0.15 -6.98 37.12
CA ALA D 658 -0.79 -8.01 37.54
C ALA D 658 -0.97 -9.06 36.44
N MET E 21 -23.75 -9.26 -11.65
CA MET E 21 -22.73 -9.69 -12.65
C MET E 21 -22.58 -8.67 -13.76
N ALA E 22 -23.55 -7.77 -13.88
CA ALA E 22 -23.44 -6.70 -14.86
C ALA E 22 -22.14 -5.96 -14.72
N PHE E 23 -21.55 -5.98 -13.52
CA PHE E 23 -20.27 -5.35 -13.25
C PHE E 23 -19.19 -6.38 -12.96
N GLY E 24 -19.54 -7.66 -12.95
CA GLY E 24 -18.54 -8.69 -12.76
C GLY E 24 -17.46 -8.53 -13.81
N SER E 25 -16.30 -8.05 -13.37
CA SER E 25 -15.22 -7.77 -14.30
C SER E 25 -13.92 -7.75 -13.53
N LEU E 26 -12.83 -7.88 -14.27
CA LEU E 26 -11.51 -7.83 -13.71
C LEU E 26 -10.71 -6.79 -14.47
N SER E 27 -9.68 -6.27 -13.81
CA SER E 27 -9.00 -5.08 -14.28
C SER E 27 -7.83 -5.38 -15.21
N SER E 28 -7.10 -6.46 -14.98
CA SER E 28 -5.83 -6.64 -15.66
C SER E 28 -5.48 -8.11 -15.78
N LEU E 29 -4.38 -8.35 -16.47
CA LEU E 29 -3.73 -9.65 -16.56
C LEU E 29 -2.26 -9.46 -16.25
N GLY E 30 -1.75 -10.21 -15.27
CA GLY E 30 -0.44 -9.94 -14.75
C GLY E 30 0.39 -11.20 -14.57
N PHE E 31 1.69 -10.96 -14.38
CA PHE E 31 2.64 -12.02 -14.09
C PHE E 31 3.73 -11.47 -13.19
N GLY E 32 4.58 -12.37 -12.71
CA GLY E 32 5.82 -12.01 -12.07
C GLY E 32 5.75 -10.92 -11.03
N SER E 33 4.56 -10.63 -10.52
CA SER E 33 4.39 -9.57 -9.54
C SER E 33 5.07 -9.95 -8.25
N GLY E 34 6.22 -9.33 -7.97
CA GLY E 34 6.92 -9.59 -6.73
C GLY E 34 8.43 -9.60 -6.89
N VAL E 35 9.11 -10.11 -5.86
CA VAL E 35 10.55 -10.15 -5.80
C VAL E 35 11.00 -11.56 -5.45
N LEU E 36 12.10 -11.99 -6.03
CA LEU E 36 12.64 -13.30 -5.72
C LEU E 36 13.17 -13.34 -4.30
N THR E 37 12.89 -14.43 -3.60
CA THR E 37 13.50 -14.73 -2.33
C THR E 37 13.79 -16.22 -2.26
N GLN E 38 14.81 -16.56 -1.47
CA GLN E 38 15.12 -17.97 -1.27
C GLN E 38 13.91 -18.74 -0.80
N ASP E 39 13.02 -18.07 -0.06
CA ASP E 39 11.81 -18.75 0.40
C ASP E 39 10.94 -19.17 -0.78
N THR E 40 10.81 -18.29 -1.77
CA THR E 40 10.08 -18.65 -2.97
C THR E 40 10.76 -19.80 -3.67
N ILE E 41 12.09 -19.81 -3.66
CA ILE E 41 12.81 -20.91 -4.27
C ILE E 41 12.46 -22.21 -3.57
N ASP E 42 12.37 -22.16 -2.24
CA ASP E 42 12.05 -23.37 -1.50
C ASP E 42 10.65 -23.83 -1.81
N LYS E 43 9.72 -22.89 -1.93
CA LYS E 43 8.35 -23.27 -2.26
C LYS E 43 8.29 -23.93 -3.61
N LEU E 44 8.98 -23.37 -4.60
CA LEU E 44 9.01 -23.97 -5.91
C LEU E 44 9.63 -25.35 -5.86
N LYS E 45 10.69 -25.51 -5.06
CA LYS E 45 11.31 -26.81 -4.92
C LYS E 45 10.33 -27.82 -4.37
N GLU E 46 9.55 -27.40 -3.37
CA GLU E 46 8.57 -28.31 -2.79
C GLU E 46 7.52 -28.70 -3.80
N ALA E 47 7.04 -27.72 -4.56
CA ALA E 47 6.01 -28.01 -5.55
C ALA E 47 6.52 -29.00 -6.57
N GLU E 48 7.75 -28.78 -7.06
CA GLU E 48 8.34 -29.69 -8.02
C GLU E 48 8.47 -31.07 -7.43
N GLN E 49 8.99 -31.14 -6.21
CA GLN E 49 9.14 -32.41 -5.52
C GLN E 49 7.82 -33.14 -5.52
N LYS E 50 6.76 -32.47 -5.10
CA LYS E 50 5.45 -33.11 -5.07
C LYS E 50 5.14 -33.66 -6.45
N ALA E 51 4.99 -32.75 -7.41
CA ALA E 51 4.48 -33.12 -8.72
C ALA E 51 5.36 -34.12 -9.45
N ARG E 52 6.58 -34.34 -8.98
CA ARG E 52 7.49 -35.25 -9.65
C ARG E 52 7.64 -36.59 -8.96
N ILE E 53 7.60 -36.63 -7.63
CA ILE E 53 7.90 -37.85 -6.89
C ILE E 53 6.75 -38.35 -6.05
N ASP E 54 5.56 -37.75 -6.16
CA ASP E 54 4.42 -38.31 -5.45
C ASP E 54 3.99 -39.66 -6.02
N PRO E 55 3.86 -39.83 -7.34
CA PRO E 55 3.46 -41.14 -7.87
C PRO E 55 4.36 -42.27 -7.42
N TYR E 56 5.67 -42.01 -7.32
CA TYR E 56 6.58 -43.04 -6.84
C TYR E 56 6.19 -43.49 -5.44
N THR E 57 5.95 -42.53 -4.56
CA THR E 57 5.52 -42.86 -3.20
C THR E 57 4.24 -43.66 -3.22
N LYS E 58 3.29 -43.25 -4.06
CA LYS E 58 2.00 -43.91 -4.07
C LYS E 58 2.14 -45.36 -4.53
N LYS E 59 2.91 -45.59 -5.59
CA LYS E 59 3.11 -46.94 -6.06
C LYS E 59 3.85 -47.77 -5.02
N ILE E 60 4.78 -47.14 -4.31
CA ILE E 60 5.51 -47.86 -3.26
C ILE E 60 4.54 -48.33 -2.20
N GLU E 61 3.64 -47.45 -1.76
CA GLU E 61 2.67 -47.83 -0.75
C GLU E 61 1.75 -48.93 -1.26
N GLU E 62 1.33 -48.83 -2.52
CA GLU E 62 0.49 -49.87 -3.11
C GLU E 62 1.19 -51.22 -3.04
N ASN E 63 2.44 -51.26 -3.48
CA ASN E 63 3.17 -52.52 -3.50
C ASN E 63 3.35 -53.05 -2.09
N THR E 64 3.61 -52.17 -1.13
CA THR E 64 3.82 -52.62 0.24
C THR E 64 2.54 -53.22 0.80
N THR E 65 1.41 -52.57 0.55
CA THR E 65 0.14 -53.13 1.00
C THR E 65 -0.10 -54.50 0.38
N LYS E 66 0.15 -54.60 -0.93
CA LYS E 66 -0.04 -55.88 -1.60
C LYS E 66 0.84 -56.94 -0.97
N GLN E 67 2.07 -56.59 -0.64
CA GLN E 67 3.00 -57.58 -0.08
C GLN E 67 2.57 -58.01 1.31
N LYS E 68 2.09 -57.07 2.12
CA LYS E 68 1.56 -57.43 3.43
C LYS E 68 0.43 -58.44 3.29
N ASP E 69 -0.52 -58.14 2.41
CA ASP E 69 -1.67 -59.03 2.26
C ASP E 69 -1.24 -60.40 1.75
N LEU E 70 -0.31 -60.42 0.80
CA LEU E 70 0.16 -61.71 0.28
C LEU E 70 0.86 -62.50 1.37
N THR E 71 1.64 -61.83 2.21
CA THR E 71 2.29 -62.53 3.31
C THR E 71 1.27 -63.13 4.25
N GLU E 72 0.22 -62.37 4.57
CA GLU E 72 -0.80 -62.89 5.46
C GLU E 72 -1.44 -64.14 4.88
N ILE E 73 -1.88 -64.06 3.63
CA ILE E 73 -2.55 -65.21 3.05
C ILE E 73 -1.58 -66.35 2.89
N LYS E 74 -0.29 -66.06 2.73
CA LYS E 74 0.71 -67.11 2.65
C LYS E 74 0.80 -67.86 3.97
N THR E 75 0.85 -67.12 5.08
CA THR E 75 0.87 -67.77 6.37
C THR E 75 -0.36 -68.64 6.56
N LYS E 76 -1.52 -68.13 6.17
CA LYS E 76 -2.74 -68.91 6.32
C LYS E 76 -2.69 -70.18 5.48
N LEU E 77 -2.25 -70.05 4.23
CA LEU E 77 -2.16 -71.20 3.35
C LEU E 77 -1.17 -72.22 3.89
N LEU E 78 -0.09 -71.73 4.50
CA LEU E 78 0.90 -72.66 5.04
C LEU E 78 0.34 -73.41 6.24
N SER E 79 -0.40 -72.71 7.09
CA SER E 79 -1.04 -73.38 8.21
C SER E 79 -2.02 -74.45 7.72
N PHE E 80 -2.81 -74.11 6.71
CA PHE E 80 -3.76 -75.07 6.16
C PHE E 80 -3.04 -76.27 5.57
N GLN E 81 -1.97 -76.02 4.82
CA GLN E 81 -1.20 -77.11 4.24
C GLN E 81 -0.61 -77.98 5.32
N THR E 82 -0.17 -77.36 6.42
CA THR E 82 0.33 -78.12 7.55
C THR E 82 -0.74 -79.06 8.07
N ALA E 83 -1.94 -78.52 8.29
CA ALA E 83 -3.03 -79.36 8.78
C ALA E 83 -3.30 -80.52 7.84
N VAL E 84 -3.41 -80.22 6.54
CA VAL E 84 -3.77 -81.25 5.58
C VAL E 84 -2.69 -82.31 5.50
N SER E 85 -1.43 -81.88 5.44
CA SER E 85 -0.35 -82.85 5.34
C SER E 85 -0.22 -83.67 6.60
N SER E 86 -0.62 -83.11 7.75
CA SER E 86 -0.54 -83.85 9.00
C SER E 86 -1.63 -84.90 9.08
N LEU E 87 -2.84 -84.55 8.65
CA LEU E 87 -3.98 -85.46 8.78
C LEU E 87 -4.38 -86.08 7.44
N ALA E 88 -3.46 -86.14 6.49
CA ALA E 88 -3.75 -86.78 5.22
C ALA E 88 -3.44 -88.26 5.24
N ASP E 89 -2.43 -88.66 6.00
CA ASP E 89 -2.04 -90.06 6.10
C ASP E 89 -2.99 -90.77 7.05
N ALA E 90 -3.96 -91.50 6.48
CA ALA E 90 -4.95 -92.20 7.31
C ALA E 90 -4.31 -93.28 8.16
N THR E 91 -3.10 -93.71 7.82
CA THR E 91 -2.44 -94.75 8.60
C THR E 91 -2.13 -94.28 10.02
N VAL E 92 -2.19 -92.98 10.28
CA VAL E 92 -1.98 -92.50 11.63
C VAL E 92 -3.03 -93.06 12.58
N PHE E 93 -4.20 -93.42 12.07
CA PHE E 93 -5.27 -93.95 12.90
C PHE E 93 -5.09 -95.45 13.12
N ALA E 94 -3.90 -95.82 13.56
CA ALA E 94 -3.61 -97.20 13.94
C ALA E 94 -3.90 -97.45 15.42
N LYS E 95 -4.44 -96.47 16.12
CA LYS E 95 -4.71 -96.63 17.53
C LYS E 95 -5.66 -97.79 17.77
N ARG E 96 -5.55 -98.39 18.94
CA ARG E 96 -6.42 -99.46 19.37
C ARG E 96 -6.89 -99.17 20.79
N LYS E 97 -8.14 -99.53 21.06
CA LYS E 97 -8.73 -99.35 22.37
C LYS E 97 -9.23 -100.68 22.89
N VAL E 98 -9.01 -100.92 24.17
CA VAL E 98 -9.34 -102.19 24.81
C VAL E 98 -10.69 -102.04 25.49
N VAL E 99 -11.64 -102.89 25.11
CA VAL E 99 -12.95 -102.94 25.71
C VAL E 99 -13.30 -104.40 25.99
N GLY E 100 -14.47 -104.61 26.57
CA GLY E 100 -14.94 -105.94 26.86
C GLY E 100 -15.88 -105.92 28.05
N SER E 101 -16.12 -107.12 28.59
CA SER E 101 -17.00 -107.30 29.75
C SER E 101 -16.18 -107.20 31.03
N ILE E 102 -15.67 -106.00 31.27
CA ILE E 102 -14.89 -105.70 32.46
C ILE E 102 -15.75 -104.92 33.41
N SER E 103 -15.87 -105.41 34.64
CA SER E 103 -16.72 -104.81 35.65
C SER E 103 -15.93 -103.80 36.47
N ASP E 104 -16.50 -103.37 37.59
CA ASP E 104 -15.89 -102.38 38.46
C ASP E 104 -14.39 -102.62 38.65
N ASN E 105 -14.04 -103.80 39.17
CA ASN E 105 -12.65 -104.11 39.46
C ASN E 105 -12.10 -105.06 38.42
N PRO E 106 -11.23 -104.61 37.53
CA PRO E 106 -10.60 -105.53 36.58
C PRO E 106 -9.63 -106.45 37.28
N PRO E 107 -9.89 -107.75 37.30
CA PRO E 107 -8.93 -108.67 37.94
C PRO E 107 -7.59 -108.67 37.27
N ALA E 108 -7.54 -108.36 35.98
CA ALA E 108 -6.29 -108.19 35.26
C ALA E 108 -6.46 -107.07 34.25
N SER E 109 -5.35 -106.40 33.94
CA SER E 109 -5.35 -105.27 33.04
C SER E 109 -4.51 -105.58 31.81
N LEU E 110 -5.11 -105.46 30.64
CA LEU E 110 -4.44 -105.72 29.38
C LEU E 110 -4.20 -104.40 28.66
N THR E 111 -2.94 -104.09 28.42
CA THR E 111 -2.56 -102.89 27.69
C THR E 111 -2.02 -103.30 26.31
N VAL E 112 -2.53 -102.64 25.29
CA VAL E 112 -2.20 -102.95 23.91
C VAL E 112 -1.65 -101.70 23.25
N ASN E 113 -0.56 -101.86 22.51
CA ASN E 113 0.03 -100.75 21.78
C ASN E 113 -0.68 -100.57 20.45
N SER E 114 -0.12 -99.72 19.60
CA SER E 114 -0.73 -99.43 18.31
C SER E 114 -0.33 -100.46 17.26
N GLY E 115 -1.16 -100.59 16.24
CA GLY E 115 -0.90 -101.45 15.11
C GLY E 115 -1.31 -102.89 15.30
N VAL E 116 -1.61 -103.31 16.53
CA VAL E 116 -1.99 -104.70 16.77
C VAL E 116 -3.34 -104.97 16.12
N ALA E 117 -3.47 -106.16 15.56
CA ALA E 117 -4.72 -106.54 14.92
C ALA E 117 -5.83 -106.68 15.95
N LEU E 118 -7.07 -106.66 15.47
CA LEU E 118 -8.22 -106.76 16.35
C LEU E 118 -8.44 -108.20 16.76
N GLN E 119 -8.89 -108.38 18.00
CA GLN E 119 -9.09 -109.72 18.57
C GLN E 119 -9.86 -109.58 19.87
N SER E 120 -10.20 -110.73 20.45
CA SER E 120 -10.84 -110.79 21.76
C SER E 120 -10.21 -111.92 22.54
N MET E 121 -10.07 -111.71 23.85
CA MET E 121 -9.35 -112.64 24.71
C MET E 121 -10.27 -113.14 25.81
N ASN E 122 -10.43 -114.45 25.89
CA ASN E 122 -11.16 -115.10 26.98
C ASN E 122 -10.12 -115.56 27.99
N ILE E 123 -9.93 -114.74 29.03
CA ILE E 123 -8.87 -114.95 30.00
C ILE E 123 -9.50 -115.31 31.33
N ASN E 124 -8.94 -116.32 31.99
CA ASN E 124 -9.34 -116.68 33.34
C ASN E 124 -8.10 -116.83 34.19
N VAL E 125 -8.13 -116.23 35.37
CA VAL E 125 -7.03 -116.30 36.32
C VAL E 125 -7.47 -117.17 37.49
N THR E 126 -6.55 -117.99 37.99
CA THR E 126 -6.85 -118.88 39.09
C THR E 126 -5.90 -118.75 40.25
N GLN E 127 -4.71 -118.19 40.06
CA GLN E 127 -3.79 -118.00 41.18
C GLN E 127 -2.81 -116.90 40.84
N LEU E 128 -2.49 -116.08 41.84
CA LEU E 128 -1.53 -115.02 41.68
C LEU E 128 -0.12 -115.55 41.92
N ALA E 129 0.85 -114.87 41.32
CA ALA E 129 2.24 -115.16 41.62
C ALA E 129 2.59 -114.62 43.00
N GLN E 130 3.46 -115.35 43.69
CA GLN E 130 3.80 -115.02 45.06
C GLN E 130 5.31 -115.12 45.23
N LYS E 131 5.76 -114.66 46.39
CA LYS E 131 7.15 -114.81 46.80
C LYS E 131 7.19 -115.63 48.09
N ASP E 132 8.38 -116.16 48.39
CA ASP E 132 8.57 -116.97 49.58
C ASP E 132 8.89 -116.08 50.77
N VAL E 133 8.17 -116.28 51.87
CA VAL E 133 8.30 -115.44 53.05
C VAL E 133 8.76 -116.32 54.20
N TYR E 134 9.70 -115.81 54.98
CA TYR E 134 10.23 -116.50 56.16
C TYR E 134 10.25 -115.51 57.31
N GLN E 135 9.47 -115.78 58.35
CA GLN E 135 9.42 -114.96 59.55
C GLN E 135 9.97 -115.75 60.72
N SER E 136 11.06 -115.27 61.31
CA SER E 136 11.75 -116.03 62.34
C SER E 136 10.84 -116.24 63.54
N LYS E 137 10.78 -117.49 64.01
CA LYS E 137 10.02 -117.79 65.22
C LYS E 137 10.84 -117.49 66.46
N GLY E 138 12.16 -117.46 66.35
CA GLY E 138 12.98 -117.00 67.45
C GLY E 138 12.69 -115.54 67.71
N LEU E 139 11.99 -115.25 68.80
CA LEU E 139 11.51 -113.91 69.10
C LEU E 139 12.44 -113.29 70.13
N ALA E 140 13.35 -112.43 69.67
CA ALA E 140 14.25 -111.72 70.55
C ALA E 140 13.63 -110.40 70.96
N ASN E 141 13.79 -110.06 72.24
CA ASN E 141 13.33 -108.78 72.76
C ASN E 141 14.39 -107.69 72.66
N ASP E 142 15.44 -107.92 71.88
CA ASP E 142 16.50 -106.93 71.69
C ASP E 142 17.13 -107.15 70.33
N SER E 143 17.14 -106.10 69.50
CA SER E 143 17.78 -106.20 68.20
C SER E 143 19.29 -106.39 68.34
N GLY E 144 19.87 -106.03 69.48
CA GLY E 144 21.29 -106.17 69.68
C GLY E 144 21.63 -107.47 70.39
N PHE E 145 20.81 -108.49 70.20
CA PHE E 145 21.09 -109.79 70.80
C PHE E 145 22.37 -110.38 70.23
N VAL E 146 23.29 -110.73 71.13
CA VAL E 146 24.58 -111.30 70.74
C VAL E 146 24.66 -112.70 71.31
N ASN E 147 24.89 -113.68 70.44
CA ASN E 147 25.13 -115.06 70.85
C ASN E 147 26.64 -115.23 71.00
N ALA E 148 27.13 -114.91 72.19
CA ALA E 148 28.58 -114.90 72.43
C ALA E 148 29.20 -116.28 72.32
N ASN E 149 28.40 -117.35 72.42
CA ASN E 149 28.96 -118.69 72.35
C ASN E 149 29.38 -119.09 70.94
N LEU E 150 29.06 -118.29 69.94
CA LEU E 150 29.48 -118.57 68.57
C LEU E 150 30.93 -118.16 68.39
N THR E 151 31.80 -118.84 69.12
CA THR E 151 33.23 -118.57 69.03
C THR E 151 33.75 -119.02 67.67
N GLY E 152 34.66 -118.24 67.10
CA GLY E 152 35.13 -118.49 65.75
C GLY E 152 34.24 -117.80 64.74
N THR E 153 34.33 -118.29 63.51
CA THR E 153 33.55 -117.75 62.40
C THR E 153 32.76 -118.86 61.72
N THR E 154 31.73 -118.44 60.99
CA THR E 154 30.93 -119.33 60.17
C THR E 154 30.48 -118.56 58.95
N ASP E 155 29.86 -119.26 58.00
CA ASP E 155 29.45 -118.65 56.74
C ASP E 155 28.00 -119.01 56.46
N LEU E 156 27.13 -118.00 56.48
CA LEU E 156 25.72 -118.17 56.19
C LEU E 156 25.56 -118.28 54.67
N THR E 157 25.54 -119.51 54.20
CA THR E 157 25.47 -119.79 52.76
C THR E 157 24.01 -119.92 52.34
N PHE E 158 23.59 -119.08 51.41
CA PHE E 158 22.21 -119.04 50.95
C PHE E 158 22.15 -119.42 49.48
N PHE E 159 20.95 -119.82 49.05
CA PHE E 159 20.74 -120.31 47.68
C PHE E 159 19.33 -119.88 47.25
N SER E 160 19.26 -118.85 46.41
CA SER E 160 18.00 -118.31 45.92
C SER E 160 17.98 -118.44 44.41
N ASN E 161 17.00 -119.16 43.90
CA ASN E 161 16.84 -119.32 42.45
C ASN E 161 18.15 -119.74 41.80
N GLY E 162 18.86 -120.66 42.45
CA GLY E 162 20.10 -121.16 41.93
C GLY E 162 21.30 -120.25 42.11
N LYS E 163 21.13 -119.15 42.85
CA LYS E 163 22.21 -118.21 43.08
C LYS E 163 22.66 -118.32 44.53
N GLU E 164 23.95 -118.60 44.72
CA GLU E 164 24.52 -118.77 46.04
C GLU E 164 24.96 -117.43 46.60
N TYR E 165 24.74 -117.25 47.89
CA TYR E 165 25.21 -116.07 48.61
C TYR E 165 25.70 -116.49 49.98
N THR E 166 26.82 -115.92 50.39
CA THR E 166 27.49 -116.31 51.62
C THR E 166 27.71 -115.10 52.50
N VAL E 167 27.53 -115.29 53.80
CA VAL E 167 27.68 -114.21 54.79
C VAL E 167 28.45 -114.78 55.97
N THR E 168 29.55 -114.13 56.32
CA THR E 168 30.35 -114.55 57.46
C THR E 168 29.75 -114.00 58.75
N VAL E 169 29.79 -114.80 59.81
CA VAL E 169 29.24 -114.44 61.10
C VAL E 169 30.28 -114.70 62.17
N ASP E 170 30.35 -113.82 63.15
CA ASP E 170 31.34 -113.89 64.22
C ASP E 170 30.63 -113.91 65.57
N LYS E 171 31.44 -113.85 66.63
CA LYS E 171 30.90 -113.87 67.99
C LYS E 171 30.10 -112.61 68.29
N ASN E 172 30.43 -111.49 67.66
CA ASN E 172 29.76 -110.22 67.91
C ASN E 172 28.47 -110.07 67.12
N THR E 173 27.90 -111.18 66.67
CA THR E 173 26.73 -111.11 65.81
C THR E 173 25.56 -110.43 66.52
N THR E 174 24.91 -109.52 65.81
CA THR E 174 23.66 -108.93 66.24
C THR E 174 22.65 -109.04 65.12
N TYR E 175 21.38 -109.01 65.49
CA TYR E 175 20.33 -109.17 64.50
C TYR E 175 20.40 -108.07 63.45
N ARG E 176 20.69 -106.84 63.88
CA ARG E 176 20.84 -105.75 62.92
C ARG E 176 22.04 -105.98 62.03
N ASP E 177 23.18 -106.32 62.62
CA ASP E 177 24.36 -106.64 61.84
C ASP E 177 24.07 -107.78 60.87
N LEU E 178 23.36 -108.80 61.35
CA LEU E 178 23.03 -109.92 60.48
C LEU E 178 22.21 -109.45 59.29
N ALA E 179 21.12 -108.73 59.55
CA ALA E 179 20.25 -108.29 58.47
C ALA E 179 21.02 -107.46 57.47
N ASP E 180 21.90 -106.57 57.95
CA ASP E 180 22.69 -105.75 57.05
C ASP E 180 23.59 -106.62 56.20
N LYS E 181 24.27 -107.59 56.81
CA LYS E 181 25.17 -108.45 56.07
C LYS E 181 24.42 -109.24 55.02
N ILE E 182 23.22 -109.72 55.36
CA ILE E 182 22.42 -110.47 54.41
C ILE E 182 22.06 -109.58 53.23
N ASN E 183 21.49 -108.41 53.50
CA ASN E 183 21.05 -107.54 52.43
C ASN E 183 22.20 -106.99 51.61
N GLU E 184 23.42 -107.03 52.14
CA GLU E 184 24.57 -106.53 51.39
C GLU E 184 25.22 -107.64 50.56
N ALA E 185 25.55 -108.77 51.19
CA ALA E 185 26.12 -109.88 50.43
C ALA E 185 25.20 -110.30 49.30
N SER E 186 23.94 -110.58 49.61
CA SER E 186 22.92 -110.74 48.59
C SER E 186 22.47 -109.33 48.19
N GLY E 187 22.91 -108.90 47.01
CA GLY E 187 22.70 -107.53 46.61
C GLY E 187 21.25 -107.24 46.30
N GLY E 188 20.41 -107.27 47.33
CA GLY E 188 18.99 -107.04 47.16
C GLY E 188 18.21 -108.28 46.81
N GLU E 189 18.87 -109.36 46.41
CA GLU E 189 18.14 -110.57 46.05
C GLU E 189 17.41 -111.14 47.25
N ILE E 190 18.05 -111.12 48.42
CA ILE E 190 17.47 -111.61 49.66
C ILE E 190 17.18 -110.40 50.54
N VAL E 191 15.91 -110.25 50.91
CA VAL E 191 15.48 -109.14 51.73
C VAL E 191 15.58 -109.55 53.19
N ALA E 192 16.22 -108.69 53.99
CA ALA E 192 16.34 -108.90 55.43
C ALA E 192 15.91 -107.63 56.15
N LYS E 193 15.03 -107.78 57.12
CA LYS E 193 14.55 -106.62 57.86
C LYS E 193 14.00 -107.08 59.20
N ILE E 194 14.20 -106.24 60.20
CA ILE E 194 13.74 -106.50 61.56
C ILE E 194 12.44 -105.73 61.78
N VAL E 195 11.44 -106.41 62.32
CA VAL E 195 10.14 -105.82 62.59
C VAL E 195 9.90 -105.87 64.09
N ASN E 196 9.58 -104.72 64.67
CA ASN E 196 9.26 -104.65 66.09
C ASN E 196 7.85 -105.18 66.28
N THR E 197 7.75 -106.46 66.62
CA THR E 197 6.44 -107.08 66.81
C THR E 197 5.64 -106.30 67.84
N GLY E 198 4.38 -106.05 67.52
CA GLY E 198 3.52 -105.26 68.38
C GLY E 198 2.96 -106.04 69.56
N GLU E 199 3.84 -106.60 70.37
CA GLU E 199 3.43 -107.39 71.53
C GLU E 199 4.12 -106.83 72.78
N LYS E 200 3.89 -107.50 73.91
CA LYS E 200 4.30 -106.93 75.19
C LYS E 200 5.81 -106.98 75.39
N GLY E 201 6.45 -108.04 74.90
CA GLY E 201 7.88 -108.18 75.05
C GLY E 201 8.71 -107.71 73.89
N THR E 202 8.16 -106.89 73.00
CA THR E 202 8.79 -106.46 71.77
C THR E 202 9.51 -107.66 71.13
N PRO E 203 8.79 -108.74 70.88
CA PRO E 203 9.43 -109.96 70.36
C PRO E 203 9.88 -109.79 68.90
N TYR E 204 11.02 -109.13 68.74
CA TYR E 204 11.54 -108.89 67.40
C TYR E 204 11.78 -110.21 66.68
N ARG E 205 11.40 -110.24 65.41
CA ARG E 205 11.69 -111.37 64.55
C ARG E 205 12.23 -110.85 63.22
N LEU E 206 13.19 -111.57 62.68
CA LEU E 206 13.83 -111.19 61.42
C LEU E 206 13.02 -111.74 60.28
N THR E 207 12.65 -110.87 59.34
CA THR E 207 11.85 -111.24 58.18
C THR E 207 12.76 -111.40 56.98
N LEU E 208 12.66 -112.55 56.31
CA LEU E 208 13.49 -112.86 55.15
C LEU E 208 12.58 -113.28 54.01
N THR E 209 12.63 -112.53 52.91
CA THR E 209 11.80 -112.80 51.74
C THR E 209 12.64 -112.69 50.49
N SER E 210 12.12 -113.27 49.41
CA SER E 210 12.77 -113.21 48.12
C SER E 210 12.37 -111.93 47.39
N LYS E 211 13.32 -111.37 46.65
CA LYS E 211 13.03 -110.18 45.87
C LYS E 211 12.15 -110.50 44.67
N GLU E 212 12.23 -111.71 44.15
CA GLU E 212 11.46 -112.12 43.00
C GLU E 212 10.28 -112.98 43.42
N THR E 213 9.37 -113.19 42.46
CA THR E 213 8.19 -114.03 42.66
C THR E 213 8.28 -115.24 41.76
N GLY E 214 7.57 -116.28 42.15
CA GLY E 214 7.62 -117.55 41.46
C GLY E 214 8.33 -118.60 42.30
N GLU E 215 7.88 -119.83 42.17
CA GLU E 215 8.41 -120.91 43.00
C GLU E 215 9.92 -121.05 42.83
N ASP E 216 10.44 -120.76 41.64
CA ASP E 216 11.87 -120.90 41.41
C ASP E 216 12.70 -120.02 42.33
N SER E 217 12.10 -118.96 42.87
CA SER E 217 12.80 -118.04 43.75
C SER E 217 12.93 -118.57 45.17
N ALA E 218 12.68 -119.86 45.39
CA ALA E 218 12.78 -120.42 46.72
C ALA E 218 14.18 -120.21 47.28
N ILE E 219 14.24 -119.91 48.57
CA ILE E 219 15.50 -119.63 49.24
C ILE E 219 15.67 -120.59 50.41
N SER E 220 16.89 -121.07 50.59
CA SER E 220 17.27 -121.89 51.74
C SER E 220 18.43 -121.22 52.44
N PHE E 221 18.23 -120.87 53.71
CA PHE E 221 19.26 -120.23 54.50
C PHE E 221 20.02 -121.33 55.23
N TYR E 222 21.21 -121.63 54.73
CA TYR E 222 21.95 -122.83 55.11
C TYR E 222 23.16 -122.46 55.94
N ALA E 223 23.31 -123.13 57.08
CA ALA E 223 24.46 -122.94 57.97
C ALA E 223 25.45 -124.06 57.68
N GLY E 224 26.43 -123.77 56.81
CA GLY E 224 27.36 -124.80 56.38
C GLY E 224 28.82 -124.41 56.38
N LYS E 225 29.11 -123.12 56.62
CA LYS E 225 30.49 -122.62 56.55
C LYS E 225 31.09 -122.90 55.17
N LYS E 226 30.36 -122.48 54.13
CA LYS E 226 30.75 -122.75 52.75
C LYS E 226 30.79 -124.25 52.48
N ASP E 227 29.90 -125.00 53.14
CA ASP E 227 29.78 -126.43 52.87
C ASP E 227 29.24 -126.69 51.47
N ALA E 228 28.70 -125.66 50.81
CA ALA E 228 27.97 -125.88 49.57
C ALA E 228 28.92 -126.16 48.42
N GLN E 229 29.76 -125.20 48.06
CA GLN E 229 30.76 -125.43 47.01
C GLN E 229 32.12 -124.81 47.30
N GLY E 230 32.30 -124.05 48.38
CA GLY E 230 33.61 -123.57 48.73
C GLY E 230 34.49 -124.75 49.11
N GLN E 231 33.99 -125.54 50.05
CA GLN E 231 34.62 -126.80 50.43
C GLN E 231 33.64 -127.55 51.32
N TYR E 232 33.50 -128.85 51.07
CA TYR E 232 32.51 -129.64 51.79
C TYR E 232 32.82 -129.65 53.28
N GLN E 233 31.90 -129.10 54.07
CA GLN E 233 32.01 -129.11 55.53
C GLN E 233 30.98 -130.02 56.19
N SER E 234 30.07 -130.60 55.41
CA SER E 234 29.07 -131.53 55.92
C SER E 234 28.23 -130.87 57.02
N ASP E 235 27.75 -129.66 56.73
CA ASP E 235 26.79 -128.96 57.59
C ASP E 235 27.28 -128.84 59.03
N PRO E 236 28.32 -128.04 59.28
CA PRO E 236 28.73 -127.80 60.67
C PRO E 236 27.65 -127.07 61.44
N GLU E 237 27.60 -127.36 62.75
CA GLU E 237 26.56 -126.80 63.61
C GLU E 237 27.07 -125.50 64.26
N ALA E 238 27.09 -124.45 63.45
CA ALA E 238 27.34 -123.12 63.97
C ALA E 238 26.21 -122.76 64.92
N GLU E 239 26.54 -122.62 66.21
CA GLU E 239 25.52 -122.61 67.25
C GLU E 239 24.42 -121.59 66.97
N ASN E 240 24.80 -120.31 66.86
CA ASN E 240 23.80 -119.25 66.83
C ASN E 240 22.84 -119.40 65.65
N ILE E 241 23.38 -119.48 64.43
CA ILE E 241 22.51 -119.55 63.27
C ILE E 241 21.77 -120.88 63.24
N PHE E 242 22.46 -121.97 63.55
CA PHE E 242 21.82 -123.28 63.58
C PHE E 242 20.72 -123.36 64.62
N SER E 243 20.73 -122.46 65.61
CA SER E 243 19.80 -122.51 66.72
C SER E 243 18.72 -121.43 66.65
N ASN E 244 18.89 -120.42 65.79
CA ASN E 244 17.90 -119.36 65.74
C ASN E 244 17.39 -119.06 64.34
N LEU E 245 18.24 -119.23 63.30
CA LEU E 245 17.89 -118.71 61.99
C LEU E 245 18.20 -119.70 60.87
N GLY E 246 17.93 -120.98 61.09
CA GLY E 246 17.99 -121.94 60.01
C GLY E 246 16.63 -122.09 59.36
N TRP E 247 16.64 -122.23 58.03
CA TRP E 247 15.43 -122.02 57.23
C TRP E 247 15.22 -123.12 56.19
N GLU E 248 15.29 -124.37 56.63
CA GLU E 248 14.65 -125.47 55.90
C GLU E 248 13.57 -126.03 56.81
N LEU E 249 12.32 -125.89 56.38
CA LEU E 249 11.18 -125.93 57.28
C LEU E 249 11.34 -126.94 58.42
N ASP E 250 11.65 -128.18 58.08
CA ASP E 250 11.70 -129.24 59.09
C ASP E 250 12.87 -130.18 58.84
N LYS E 251 14.03 -129.62 58.49
CA LYS E 251 15.20 -130.43 58.14
C LYS E 251 16.28 -130.28 59.21
N THR E 252 16.36 -131.28 60.08
CA THR E 252 17.59 -131.61 60.78
C THR E 252 18.24 -132.85 60.18
N THR E 253 17.41 -133.76 59.66
CA THR E 253 17.90 -134.90 58.91
C THR E 253 18.35 -134.43 57.53
N GLN E 254 19.44 -135.03 57.04
CA GLN E 254 20.02 -134.64 55.76
C GLN E 254 19.20 -135.23 54.63
N THR E 255 18.04 -134.62 54.39
CA THR E 255 17.21 -135.00 53.24
C THR E 255 17.81 -134.47 51.95
N ILE E 256 18.11 -133.18 51.91
CA ILE E 256 18.72 -132.54 50.75
C ILE E 256 20.22 -132.49 51.00
N ASP E 257 20.95 -133.35 50.31
CA ASP E 257 22.40 -133.31 50.42
C ASP E 257 22.92 -132.01 49.81
N PRO E 258 23.89 -131.34 50.44
CA PRO E 258 24.43 -130.11 49.87
C PRO E 258 25.24 -130.38 48.62
N ALA E 259 24.55 -130.78 47.55
CA ALA E 259 25.20 -131.09 46.30
C ALA E 259 25.82 -129.84 45.69
N LYS E 260 26.40 -130.00 44.50
CA LYS E 260 26.97 -128.86 43.80
C LYS E 260 25.89 -128.00 43.16
N ASP E 261 24.87 -128.63 42.60
CA ASP E 261 23.79 -127.93 41.91
C ASP E 261 22.56 -127.84 42.79
N LYS E 262 21.93 -126.68 42.80
CA LYS E 262 20.74 -126.43 43.60
C LYS E 262 21.00 -126.87 45.05
N LYS E 263 21.91 -126.12 45.66
CA LYS E 263 22.50 -126.44 46.94
C LYS E 263 21.60 -126.09 48.11
N GLY E 264 20.30 -125.98 47.85
CA GLY E 264 19.36 -125.43 48.80
C GLY E 264 18.94 -126.36 49.93
N TYR E 265 19.85 -126.66 50.84
CA TYR E 265 19.51 -127.29 52.11
C TYR E 265 19.41 -126.23 53.19
N GLY E 266 19.00 -126.65 54.38
CA GLY E 266 19.01 -125.76 55.52
C GLY E 266 18.72 -126.51 56.80
N ILE E 267 18.14 -125.79 57.75
CA ILE E 267 17.89 -126.30 59.10
C ILE E 267 16.42 -126.17 59.44
N LYS E 268 15.97 -127.05 60.33
CA LYS E 268 14.63 -127.04 60.90
C LYS E 268 14.43 -125.91 61.90
N ASP E 269 15.39 -124.99 62.02
CA ASP E 269 15.66 -124.28 63.26
C ASP E 269 14.45 -123.79 64.04
N ALA E 270 13.71 -122.82 63.50
CA ALA E 270 12.78 -122.04 64.33
C ALA E 270 11.34 -122.11 63.86
N SER E 271 11.05 -121.75 62.60
CA SER E 271 9.73 -121.28 62.22
C SER E 271 9.00 -122.29 61.34
N LEU E 272 7.72 -122.00 61.14
CA LEU E 272 6.93 -122.61 60.07
C LEU E 272 6.87 -121.63 58.92
N HIS E 273 7.04 -122.13 57.70
CA HIS E 273 7.09 -121.27 56.52
C HIS E 273 5.79 -120.48 56.41
N ILE E 274 5.93 -119.19 56.13
CA ILE E 274 4.81 -118.26 56.23
C ILE E 274 4.03 -118.21 54.93
N GLN E 275 4.67 -117.76 53.86
CA GLN E 275 4.02 -117.58 52.58
C GLN E 275 4.87 -118.23 51.49
N THR E 276 4.22 -119.05 50.68
CA THR E 276 4.91 -119.81 49.65
C THR E 276 4.91 -119.03 48.34
N ALA E 277 6.07 -118.95 47.71
CA ALA E 277 6.16 -118.35 46.39
C ALA E 277 5.30 -119.13 45.40
N GLN E 278 4.72 -118.43 44.45
CA GLN E 278 3.79 -119.04 43.51
C GLN E 278 4.00 -118.47 42.12
N ASN E 279 3.64 -119.27 41.12
CA ASN E 279 3.59 -118.81 39.75
C ASN E 279 2.15 -118.46 39.40
N ALA E 280 1.96 -117.29 38.83
CA ALA E 280 0.63 -116.86 38.43
C ALA E 280 0.03 -117.87 37.46
N GLU E 281 -1.27 -118.10 37.60
CA GLU E 281 -1.98 -119.11 36.82
C GLU E 281 -3.01 -118.43 35.94
N PHE E 282 -2.87 -118.60 34.63
CA PHE E 282 -3.77 -118.03 33.65
C PHE E 282 -4.43 -119.12 32.84
N THR E 283 -5.52 -118.75 32.19
CA THR E 283 -6.24 -119.63 31.28
C THR E 283 -6.66 -118.81 30.07
N LEU E 284 -5.91 -118.94 28.99
CA LEU E 284 -6.17 -118.22 27.75
C LEU E 284 -6.86 -119.16 26.79
N ASP E 285 -8.16 -118.98 26.61
CA ASP E 285 -8.93 -119.78 25.67
C ASP E 285 -8.84 -121.25 26.00
N GLY E 286 -8.83 -121.57 27.29
CA GLY E 286 -8.73 -122.94 27.73
C GLY E 286 -7.32 -123.48 27.84
N ILE E 287 -6.32 -122.63 27.64
CA ILE E 287 -4.92 -123.04 27.73
C ILE E 287 -4.38 -122.61 29.07
N LYS E 288 -3.95 -123.57 29.87
CA LYS E 288 -3.35 -123.27 31.15
C LYS E 288 -1.98 -122.63 30.93
N MET E 289 -1.82 -121.41 31.41
CA MET E 289 -0.59 -120.65 31.24
C MET E 289 -0.08 -120.21 32.60
N PHE E 290 1.22 -120.28 32.78
CA PHE E 290 1.85 -119.94 34.04
C PHE E 290 3.10 -119.12 33.76
N ARG E 291 3.36 -118.16 34.64
CA ARG E 291 4.52 -117.30 34.50
C ARG E 291 5.14 -117.08 35.87
N SER E 292 6.32 -116.46 35.87
CA SER E 292 6.98 -116.17 37.12
C SER E 292 6.30 -115.02 37.85
N SER E 293 6.05 -113.92 37.16
CA SER E 293 5.51 -112.72 37.77
C SER E 293 4.08 -112.47 37.32
N ASN E 294 3.40 -111.59 38.06
CA ASN E 294 2.06 -111.18 37.70
C ASN E 294 2.03 -110.45 36.37
N THR E 295 3.15 -109.87 35.97
CA THR E 295 3.24 -109.11 34.72
C THR E 295 3.53 -110.08 33.59
N VAL E 296 2.59 -110.18 32.65
CA VAL E 296 2.76 -111.02 31.46
C VAL E 296 2.97 -110.09 30.29
N THR E 297 4.18 -110.14 29.71
CA THR E 297 4.55 -109.29 28.60
C THR E 297 4.58 -110.04 27.27
N ASP E 298 4.44 -111.36 27.28
CA ASP E 298 4.54 -112.17 26.08
C ASP E 298 3.20 -112.77 25.67
N LEU E 299 2.10 -112.23 26.19
CA LEU E 299 0.80 -112.74 25.82
C LEU E 299 0.58 -112.67 24.32
N GLY E 300 1.01 -111.58 23.70
CA GLY E 300 0.89 -111.41 22.27
C GLY E 300 1.79 -110.29 21.80
N VAL E 301 1.74 -110.03 20.50
CA VAL E 301 2.59 -109.00 19.92
C VAL E 301 2.05 -107.63 20.30
N GLY E 302 2.89 -106.83 20.96
CA GLY E 302 2.50 -105.49 21.31
C GLY E 302 1.44 -105.39 22.38
N MET E 303 1.25 -106.45 23.16
CA MET E 303 0.27 -106.46 24.22
C MET E 303 0.96 -106.80 25.54
N THR E 304 0.47 -106.20 26.62
CA THR E 304 1.01 -106.43 27.95
C THR E 304 -0.14 -106.64 28.91
N LEU E 305 -0.07 -107.72 29.69
CA LEU E 305 -1.10 -108.06 30.66
C LEU E 305 -0.55 -107.87 32.06
N THR E 306 -1.32 -107.20 32.90
CA THR E 306 -0.99 -107.00 34.30
C THR E 306 -2.09 -107.62 35.16
N LEU E 307 -1.68 -108.35 36.18
CA LEU E 307 -2.61 -109.11 37.00
C LEU E 307 -2.89 -108.38 38.30
N ASN E 308 -4.15 -108.41 38.73
CA ASN E 308 -4.57 -107.83 39.99
C ASN E 308 -5.20 -108.85 40.92
N LYS E 309 -6.16 -109.64 40.43
CA LYS E 309 -6.78 -110.69 41.22
C LYS E 309 -7.29 -111.76 40.27
N THR E 310 -7.84 -112.84 40.84
CA THR E 310 -8.31 -113.96 40.04
C THR E 310 -9.72 -113.68 39.52
N GLY E 311 -10.15 -114.51 38.57
CA GLY E 311 -11.48 -114.44 38.04
C GLY E 311 -11.48 -114.68 36.56
N GLU E 312 -12.61 -114.33 35.94
CA GLU E 312 -12.82 -114.47 34.51
C GLU E 312 -12.95 -113.09 33.89
N ILE E 313 -12.30 -112.89 32.74
CA ILE E 313 -12.34 -111.63 32.03
C ILE E 313 -12.48 -111.91 30.54
N ASN E 314 -13.13 -111.00 29.83
CA ASN E 314 -13.28 -111.09 28.38
C ASN E 314 -12.91 -109.74 27.78
N PHE E 315 -11.69 -109.64 27.29
CA PHE E 315 -11.22 -108.43 26.63
C PHE E 315 -11.59 -108.46 25.16
N ASP E 316 -11.67 -107.27 24.57
CA ASP E 316 -11.98 -107.14 23.15
C ASP E 316 -11.19 -105.96 22.60
N VAL E 317 -10.35 -106.24 21.60
CA VAL E 317 -9.53 -105.22 20.96
C VAL E 317 -10.31 -104.65 19.79
N GLN E 318 -10.59 -103.36 19.84
CA GLN E 318 -11.22 -102.65 18.75
C GLN E 318 -10.30 -101.54 18.27
N GLN E 319 -10.42 -101.21 16.98
CA GLN E 319 -9.64 -100.13 16.40
C GLN E 319 -10.19 -98.80 16.87
N ASP E 320 -9.33 -97.97 17.44
CA ASP E 320 -9.72 -96.65 17.91
C ASP E 320 -9.45 -95.64 16.80
N PHE E 321 -10.53 -95.09 16.23
CA PHE E 321 -10.44 -94.13 15.14
C PHE E 321 -11.21 -92.86 15.46
N GLU E 322 -11.25 -92.47 16.74
CA GLU E 322 -11.97 -91.27 17.12
C GLU E 322 -11.30 -90.00 16.62
N GLY E 323 -10.00 -90.03 16.37
CA GLY E 323 -9.29 -88.82 15.96
C GLY E 323 -9.69 -88.31 14.59
N VAL E 324 -10.39 -89.12 13.80
CA VAL E 324 -10.77 -88.68 12.47
C VAL E 324 -11.73 -87.51 12.56
N THR E 325 -12.60 -87.49 13.56
CA THR E 325 -13.53 -86.39 13.73
C THR E 325 -12.78 -85.10 13.98
N LYS E 326 -11.82 -85.14 14.91
CA LYS E 326 -11.00 -83.95 15.18
C LYS E 326 -10.25 -83.53 13.93
N ALA E 327 -9.74 -84.51 13.17
CA ALA E 327 -9.02 -84.20 11.95
C ALA E 327 -9.91 -83.41 10.99
N MET E 328 -11.08 -83.95 10.68
CA MET E 328 -11.99 -83.28 9.75
C MET E 328 -12.37 -81.90 10.27
N GLN E 329 -12.62 -81.80 11.57
CA GLN E 329 -13.02 -80.51 12.13
C GLN E 329 -11.91 -79.48 11.96
N ASP E 330 -10.67 -79.87 12.28
CA ASP E 330 -9.56 -78.95 12.12
C ASP E 330 -9.39 -78.55 10.67
N LEU E 331 -9.53 -79.51 9.76
CA LEU E 331 -9.35 -79.21 8.34
C LEU E 331 -10.40 -78.21 7.87
N VAL E 332 -11.66 -78.46 8.21
CA VAL E 332 -12.71 -77.56 7.75
C VAL E 332 -12.55 -76.19 8.37
N ASP E 333 -12.12 -76.13 9.63
CA ASP E 333 -11.94 -74.85 10.29
C ASP E 333 -10.83 -74.04 9.61
N ALA E 334 -9.69 -74.68 9.39
CA ALA E 334 -8.58 -73.99 8.74
C ALA E 334 -8.98 -73.53 7.35
N TYR E 335 -9.68 -74.37 6.60
CA TYR E 335 -10.07 -73.98 5.25
C TYR E 335 -11.04 -72.82 5.30
N ASN E 336 -11.99 -72.85 6.23
CA ASN E 336 -12.94 -71.77 6.35
C ASN E 336 -12.22 -70.46 6.63
N ASP E 337 -11.29 -70.48 7.58
CA ASP E 337 -10.58 -69.25 7.91
C ASP E 337 -9.74 -68.76 6.74
N LEU E 338 -9.07 -69.69 6.05
CA LEU E 338 -8.20 -69.29 4.95
C LEU E 338 -9.02 -68.70 3.81
N VAL E 339 -10.13 -69.33 3.45
CA VAL E 339 -10.92 -68.84 2.35
C VAL E 339 -11.60 -67.53 2.73
N THR E 340 -11.95 -67.38 4.02
CA THR E 340 -12.47 -66.09 4.46
C THR E 340 -11.43 -65.00 4.31
N ASN E 341 -10.19 -65.29 4.71
CA ASN E 341 -9.13 -64.31 4.54
C ASN E 341 -8.92 -63.98 3.07
N LEU E 342 -8.98 -64.98 2.20
CA LEU E 342 -8.77 -64.74 0.78
C LEU E 342 -9.88 -63.88 0.20
N ASN E 343 -11.13 -64.21 0.51
CA ASN E 343 -12.25 -63.40 0.06
C ASN E 343 -12.09 -61.97 0.55
N ALA E 344 -11.85 -61.80 1.84
CA ALA E 344 -11.62 -60.47 2.39
C ALA E 344 -10.47 -59.77 1.67
N ALA E 345 -9.52 -60.54 1.16
CA ALA E 345 -8.41 -59.96 0.41
C ALA E 345 -8.89 -59.44 -0.94
N THR E 346 -9.78 -60.17 -1.59
CA THR E 346 -10.31 -59.76 -2.89
C THR E 346 -11.82 -59.63 -2.86
N ASP E 347 -12.37 -59.14 -1.75
CA ASP E 347 -13.78 -58.84 -1.67
C ASP E 347 -14.03 -57.40 -2.14
N TYR E 348 -15.07 -57.23 -2.95
CA TYR E 348 -15.49 -55.90 -3.36
C TYR E 348 -16.27 -55.25 -2.23
N ASN E 349 -15.76 -54.14 -1.73
CA ASN E 349 -16.34 -53.44 -0.59
C ASN E 349 -17.01 -52.17 -1.09
N SER E 350 -18.33 -52.10 -0.94
CA SER E 350 -19.05 -50.91 -1.38
C SER E 350 -18.52 -49.65 -0.72
N GLU E 351 -17.84 -49.77 0.42
CA GLU E 351 -17.13 -48.63 0.98
C GLU E 351 -15.98 -48.20 0.09
N THR E 352 -15.51 -49.07 -0.79
CA THR E 352 -14.47 -48.78 -1.77
C THR E 352 -13.10 -48.56 -1.14
N GLY E 353 -12.99 -48.72 0.18
CA GLY E 353 -11.70 -48.56 0.82
C GLY E 353 -10.77 -49.73 0.51
N THR E 354 -11.32 -50.93 0.39
CA THR E 354 -10.55 -52.12 0.08
C THR E 354 -11.24 -52.96 -1.00
N LYS E 355 -11.99 -52.30 -1.88
CA LYS E 355 -12.72 -52.99 -2.94
C LYS E 355 -11.72 -53.61 -3.92
N GLY E 356 -11.58 -54.93 -3.86
CA GLY E 356 -10.66 -55.63 -4.72
C GLY E 356 -9.22 -55.19 -4.51
N THR E 357 -8.74 -55.33 -3.27
CA THR E 357 -7.39 -54.93 -2.96
C THR E 357 -6.39 -55.63 -3.86
N LEU E 358 -6.39 -56.96 -3.83
CA LEU E 358 -5.53 -57.77 -4.68
C LEU E 358 -6.24 -58.25 -5.93
N GLN E 359 -7.30 -57.56 -6.32
CA GLN E 359 -8.04 -57.96 -7.50
C GLN E 359 -7.14 -57.91 -8.73
N GLY E 360 -7.36 -58.83 -9.66
CA GLY E 360 -6.49 -58.99 -10.80
C GLY E 360 -5.41 -60.04 -10.59
N ILE E 361 -5.14 -60.40 -9.35
CA ILE E 361 -4.18 -61.46 -9.03
C ILE E 361 -4.91 -62.78 -9.14
N SER E 362 -4.61 -63.55 -10.18
CA SER E 362 -5.25 -64.84 -10.39
C SER E 362 -4.88 -65.86 -9.33
N GLU E 363 -3.87 -65.59 -8.52
CA GLU E 363 -3.41 -66.55 -7.53
C GLU E 363 -4.53 -66.92 -6.58
N VAL E 364 -5.22 -65.93 -6.03
CA VAL E 364 -6.24 -66.20 -5.01
C VAL E 364 -7.38 -67.01 -5.58
N ASN E 365 -7.87 -66.60 -6.76
CA ASN E 365 -8.99 -67.29 -7.37
C ASN E 365 -8.60 -68.70 -7.76
N SER E 366 -7.41 -68.87 -8.34
CA SER E 366 -6.92 -70.19 -8.67
C SER E 366 -6.86 -71.08 -7.43
N ILE E 367 -6.32 -70.55 -6.34
CA ILE E 367 -6.22 -71.32 -5.11
C ILE E 367 -7.60 -71.78 -4.65
N ARG E 368 -8.51 -70.81 -4.49
CA ARG E 368 -9.84 -71.14 -4.00
C ARG E 368 -10.51 -72.20 -4.86
N SER E 369 -10.52 -71.96 -6.18
CA SER E 369 -11.19 -72.89 -7.08
C SER E 369 -10.52 -74.25 -7.05
N SER E 370 -9.19 -74.29 -6.98
CA SER E 370 -8.49 -75.57 -7.05
C SER E 370 -8.73 -76.39 -5.80
N ILE E 371 -8.71 -75.76 -4.63
CA ILE E 371 -8.98 -76.51 -3.41
C ILE E 371 -10.43 -76.96 -3.38
N LEU E 372 -11.35 -76.11 -3.86
CA LEU E 372 -12.74 -76.54 -3.92
C LEU E 372 -12.89 -77.74 -4.83
N ALA E 373 -12.17 -77.75 -5.95
CA ALA E 373 -12.24 -78.86 -6.88
C ALA E 373 -11.69 -80.13 -6.25
N ASP E 374 -10.46 -80.06 -5.76
CA ASP E 374 -9.84 -81.23 -5.14
C ASP E 374 -10.70 -81.78 -4.02
N LEU E 375 -11.38 -80.91 -3.27
CA LEU E 375 -12.28 -81.38 -2.23
C LEU E 375 -13.52 -82.03 -2.83
N PHE E 376 -14.13 -81.34 -3.79
CA PHE E 376 -15.25 -81.93 -4.50
C PHE E 376 -14.81 -83.07 -5.42
N ASP E 377 -13.51 -83.27 -5.58
CA ASP E 377 -13.01 -84.34 -6.44
C ASP E 377 -13.24 -85.71 -5.78
N SER E 378 -13.27 -86.74 -6.62
CA SER E 378 -13.46 -88.10 -6.15
C SER E 378 -13.00 -89.07 -7.24
N GLN E 379 -13.11 -90.35 -6.95
CA GLN E 379 -12.74 -91.41 -7.88
C GLN E 379 -13.93 -92.32 -8.13
N VAL E 380 -13.84 -93.08 -9.21
CA VAL E 380 -14.92 -93.97 -9.61
C VAL E 380 -14.80 -95.29 -8.85
N VAL E 381 -15.94 -95.84 -8.46
CA VAL E 381 -15.96 -97.10 -7.73
C VAL E 381 -15.62 -98.24 -8.68
N VAL E 397 -14.70 -96.75 -2.53
CA VAL E 397 -14.40 -95.55 -3.29
C VAL E 397 -15.50 -94.52 -3.07
N MET E 398 -15.10 -93.32 -2.66
CA MET E 398 -16.06 -92.26 -2.38
C MET E 398 -16.49 -91.60 -3.68
N LEU E 399 -17.81 -91.43 -3.84
CA LEU E 399 -18.31 -90.65 -4.96
C LEU E 399 -18.10 -89.16 -4.72
N SER E 400 -18.07 -88.74 -3.47
CA SER E 400 -17.84 -87.35 -3.11
C SER E 400 -17.61 -87.31 -1.60
N MET E 401 -17.00 -86.21 -1.15
CA MET E 401 -16.73 -86.06 0.28
C MET E 401 -18.01 -86.12 1.10
N GLN E 402 -19.14 -85.70 0.51
CA GLN E 402 -20.40 -85.74 1.21
C GLN E 402 -20.86 -87.17 1.48
N ASP E 403 -20.16 -88.16 0.93
CA ASP E 403 -20.52 -89.55 1.21
C ASP E 403 -20.36 -89.87 2.69
N PHE E 404 -19.38 -89.27 3.36
CA PHE E 404 -19.11 -89.50 4.77
C PHE E 404 -19.44 -88.27 5.61
N GLY E 405 -20.49 -87.55 5.23
CA GLY E 405 -20.97 -86.45 6.03
C GLY E 405 -20.24 -85.15 5.85
N LEU E 406 -19.16 -85.12 5.08
CA LEU E 406 -18.46 -83.86 4.86
C LEU E 406 -19.29 -83.00 3.91
N SER E 407 -20.18 -82.18 4.47
CA SER E 407 -21.10 -81.41 3.67
C SER E 407 -20.37 -80.27 2.98
N LEU E 408 -19.88 -80.52 1.76
CA LEU E 408 -19.13 -79.53 1.03
C LEU E 408 -20.06 -78.43 0.54
N ASN E 409 -20.21 -77.38 1.33
CA ASN E 409 -21.11 -76.28 1.01
C ASN E 409 -20.35 -75.21 0.24
N ASP E 410 -20.95 -74.03 0.10
CA ASP E 410 -20.28 -72.92 -0.56
C ASP E 410 -18.98 -72.58 0.16
N ALA E 411 -18.17 -71.74 -0.50
CA ALA E 411 -16.90 -71.35 0.07
C ALA E 411 -17.12 -70.67 1.42
N GLY E 412 -16.47 -71.20 2.46
CA GLY E 412 -16.57 -70.65 3.79
C GLY E 412 -17.74 -71.16 4.61
N THR E 413 -18.68 -71.89 3.99
CA THR E 413 -19.83 -72.43 4.69
C THR E 413 -19.75 -73.95 4.82
N LEU E 414 -18.57 -74.53 4.65
CA LEU E 414 -18.42 -75.96 4.77
C LEU E 414 -18.77 -76.41 6.18
N SER E 415 -19.40 -77.58 6.28
CA SER E 415 -19.76 -78.17 7.56
C SER E 415 -19.41 -79.64 7.56
N PHE E 416 -19.09 -80.15 8.74
CA PHE E 416 -18.69 -81.55 8.92
C PHE E 416 -19.77 -82.26 9.73
N ASP E 417 -20.57 -83.08 9.06
CA ASP E 417 -21.63 -83.83 9.72
C ASP E 417 -20.99 -85.04 10.40
N SER E 418 -20.64 -84.87 11.68
CA SER E 418 -19.96 -85.93 12.41
C SER E 418 -20.77 -87.22 12.42
N SER E 419 -22.10 -87.11 12.48
CA SER E 419 -22.94 -88.29 12.56
C SER E 419 -22.70 -89.21 11.36
N LYS E 420 -22.79 -88.66 10.16
CA LYS E 420 -22.68 -89.48 8.96
C LYS E 420 -21.29 -90.09 8.85
N PHE E 421 -20.26 -89.29 9.10
CA PHE E 421 -18.89 -89.81 9.03
C PHE E 421 -18.70 -90.97 10.01
N GLU E 422 -19.04 -90.74 11.27
CA GLU E 422 -18.88 -91.77 12.28
C GLU E 422 -19.66 -93.02 11.92
N GLN E 423 -20.90 -92.85 11.46
CA GLN E 423 -21.74 -93.99 11.15
C GLN E 423 -21.15 -94.79 10.00
N LYS E 424 -20.86 -94.12 8.88
CA LYS E 424 -20.35 -94.80 7.71
C LYS E 424 -18.97 -95.39 7.93
N VAL E 425 -18.21 -94.88 8.90
CA VAL E 425 -16.92 -95.47 9.20
C VAL E 425 -17.08 -96.68 10.09
N LYS E 426 -17.95 -96.59 11.10
CA LYS E 426 -18.20 -97.73 11.97
C LYS E 426 -18.84 -98.87 11.19
N GLU E 427 -19.62 -98.55 10.16
CA GLU E 427 -20.24 -99.60 9.35
C GLU E 427 -19.19 -100.37 8.57
N ASP E 428 -18.22 -99.67 7.98
CA ASP E 428 -17.17 -100.31 7.19
C ASP E 428 -15.92 -99.45 7.28
N PRO E 429 -15.12 -99.64 8.33
CA PRO E 429 -13.87 -98.87 8.42
C PRO E 429 -12.82 -99.29 7.40
N ASP E 430 -12.96 -100.46 6.79
CA ASP E 430 -11.93 -100.96 5.89
C ASP E 430 -11.93 -100.20 4.57
N SER E 431 -13.10 -100.05 3.95
CA SER E 431 -13.17 -99.28 2.71
C SER E 431 -12.70 -97.86 2.92
N THR E 432 -13.13 -97.24 4.02
CA THR E 432 -12.70 -95.87 4.31
C THR E 432 -11.20 -95.80 4.49
N GLU E 433 -10.64 -96.70 5.29
CA GLU E 433 -9.20 -96.69 5.52
C GLU E 433 -8.46 -96.90 4.21
N SER E 434 -8.96 -97.76 3.34
CA SER E 434 -8.30 -97.99 2.06
C SER E 434 -8.32 -96.74 1.20
N PHE E 435 -9.50 -96.12 1.06
CA PHE E 435 -9.61 -94.96 0.19
C PHE E 435 -8.82 -93.78 0.73
N PHE E 436 -8.68 -93.67 2.05
CA PHE E 436 -7.94 -92.57 2.64
C PHE E 436 -6.47 -92.89 2.85
N SER E 437 -6.08 -94.16 2.70
CA SER E 437 -4.68 -94.52 2.68
C SER E 437 -4.10 -94.51 1.27
N ASN E 438 -4.96 -94.61 0.26
CA ASN E 438 -4.52 -94.29 -1.09
C ASN E 438 -3.83 -92.94 -1.13
N ILE E 439 -4.17 -92.05 -0.19
CA ILE E 439 -3.43 -90.80 -0.04
C ILE E 439 -1.97 -91.12 0.22
N THR E 440 -1.09 -90.47 -0.53
CA THR E 440 0.35 -90.65 -0.36
C THR E 440 1.05 -89.29 -0.44
N GLU E 576 -2.16 -96.62 -8.95
CA GLU E 576 -2.02 -96.04 -7.62
C GLU E 576 -3.34 -95.47 -7.14
N GLY E 577 -3.95 -94.61 -7.96
CA GLY E 577 -5.19 -93.97 -7.59
C GLY E 577 -5.01 -93.18 -6.31
N LYS E 578 -4.10 -92.21 -6.33
CA LYS E 578 -3.79 -91.47 -5.12
C LYS E 578 -5.06 -90.86 -4.54
N GLY E 579 -5.17 -90.93 -3.22
CA GLY E 579 -6.41 -90.62 -2.55
C GLY E 579 -6.74 -89.14 -2.62
N ILE E 580 -7.66 -88.76 -1.74
CA ILE E 580 -8.24 -87.42 -1.78
C ILE E 580 -7.20 -86.39 -1.36
N PHE E 581 -6.74 -86.48 -0.11
CA PHE E 581 -5.87 -85.46 0.44
C PHE E 581 -4.49 -85.45 -0.16
N SER E 582 -4.10 -86.51 -0.89
CA SER E 582 -2.83 -86.48 -1.60
C SER E 582 -2.84 -85.41 -2.68
N LYS E 583 -3.96 -85.26 -3.38
CA LYS E 583 -4.05 -84.22 -4.40
C LYS E 583 -3.89 -82.84 -3.77
N LEU E 584 -4.43 -82.65 -2.58
CA LEU E 584 -4.23 -81.38 -1.89
C LEU E 584 -2.77 -81.21 -1.50
N LYS E 585 -2.15 -82.26 -0.97
CA LYS E 585 -0.74 -82.17 -0.61
C LYS E 585 0.12 -81.80 -1.82
N ALA E 586 -0.31 -82.22 -3.00
CA ALA E 586 0.43 -81.87 -4.20
C ALA E 586 0.14 -80.44 -4.64
N THR E 587 -1.14 -80.07 -4.66
CA THR E 587 -1.54 -78.75 -5.15
C THR E 587 -0.99 -77.64 -4.26
N LEU E 588 -1.27 -77.72 -2.97
CA LEU E 588 -0.72 -76.76 -2.03
C LEU E 588 0.80 -76.73 -2.06
N GLN E 589 1.42 -77.88 -2.36
CA GLN E 589 2.87 -77.90 -2.48
C GLN E 589 3.33 -77.08 -3.66
N GLU E 590 2.68 -77.26 -4.80
CA GLU E 590 3.04 -76.46 -5.98
C GLU E 590 2.83 -74.98 -5.73
N MET E 591 1.79 -74.64 -4.97
CA MET E 591 1.52 -73.23 -4.71
C MET E 591 2.55 -72.65 -3.76
N THR E 592 2.66 -73.20 -2.56
CA THR E 592 3.57 -72.70 -1.54
C THR E 592 5.02 -73.07 -1.81
N GLY E 593 5.29 -73.81 -2.88
CA GLY E 593 6.66 -74.17 -3.20
C GLY E 593 7.52 -72.93 -3.42
N LYS E 594 8.83 -73.13 -3.24
CA LYS E 594 9.75 -72.01 -3.41
C LYS E 594 9.72 -71.48 -4.84
N ASP E 595 9.38 -72.34 -5.80
CA ASP E 595 9.20 -71.95 -7.19
C ASP E 595 7.73 -71.89 -7.57
N GLY E 596 6.86 -71.68 -6.58
CA GLY E 596 5.43 -71.63 -6.83
C GLY E 596 4.95 -70.23 -7.16
N SER E 597 3.67 -70.18 -7.55
CA SER E 597 3.09 -68.93 -8.02
C SER E 597 3.12 -67.85 -6.96
N ILE E 598 2.88 -68.22 -5.70
CA ILE E 598 2.93 -67.27 -4.62
C ILE E 598 4.25 -66.52 -4.64
N THR E 599 5.35 -67.25 -4.80
CA THR E 599 6.65 -66.62 -4.89
C THR E 599 6.81 -65.80 -6.14
N LYS E 600 6.12 -66.15 -7.23
CA LYS E 600 6.21 -65.33 -8.43
C LYS E 600 5.62 -63.95 -8.20
N TYR E 601 4.39 -63.89 -7.70
CA TYR E 601 3.80 -62.60 -7.40
C TYR E 601 4.62 -61.86 -6.36
N ASP E 602 5.09 -62.57 -5.33
CA ASP E 602 5.88 -61.93 -4.29
C ASP E 602 7.14 -61.30 -4.87
N GLU E 603 7.84 -62.04 -5.73
CA GLU E 603 9.10 -61.55 -6.28
C GLU E 603 8.87 -60.39 -7.22
N SER E 604 7.81 -60.47 -8.04
CA SER E 604 7.48 -59.35 -8.89
C SER E 604 7.25 -58.09 -8.06
N LEU E 605 6.43 -58.20 -7.02
CA LEU E 605 6.14 -57.04 -6.20
C LEU E 605 7.36 -56.55 -5.45
N THR E 606 8.26 -57.48 -5.12
CA THR E 606 9.47 -57.11 -4.38
C THR E 606 10.45 -56.37 -5.27
N ASN E 607 10.55 -56.77 -6.54
CA ASN E 607 11.44 -56.08 -7.46
C ASN E 607 10.85 -54.74 -7.88
N ASP E 608 9.51 -54.65 -7.90
CA ASP E 608 8.87 -53.40 -8.30
C ASP E 608 9.32 -52.26 -7.41
N ILE E 609 9.38 -52.49 -6.10
CA ILE E 609 9.76 -51.42 -5.20
C ILE E 609 11.22 -51.06 -5.37
N LYS E 610 12.07 -52.03 -5.69
CA LYS E 610 13.45 -51.71 -6.00
C LYS E 610 13.53 -50.71 -7.14
N SER E 611 12.90 -51.05 -8.27
CA SER E 611 12.95 -50.17 -9.42
C SER E 611 12.33 -48.82 -9.10
N LEU E 612 11.26 -48.83 -8.31
CA LEU E 612 10.58 -47.58 -7.99
C LEU E 612 11.49 -46.67 -7.17
N ASN E 613 12.11 -47.21 -6.12
CA ASN E 613 13.03 -46.43 -5.32
C ASN E 613 14.17 -45.91 -6.17
N THR E 614 14.68 -46.74 -7.08
CA THR E 614 15.80 -46.31 -7.91
C THR E 614 15.40 -45.11 -8.77
N SER E 615 14.27 -45.23 -9.47
CA SER E 615 13.83 -44.14 -10.34
C SER E 615 13.55 -42.88 -9.54
N LYS E 616 12.88 -43.05 -8.39
CA LYS E 616 12.60 -41.90 -7.54
C LYS E 616 13.89 -41.22 -7.11
N ASP E 617 14.91 -42.00 -6.79
CA ASP E 617 16.18 -41.42 -6.38
C ASP E 617 16.87 -40.70 -7.53
N SER E 618 16.76 -41.23 -8.74
CA SER E 618 17.32 -40.54 -9.89
C SER E 618 16.70 -39.16 -10.05
N THR E 619 15.37 -39.12 -10.07
CA THR E 619 14.71 -37.82 -10.22
C THR E 619 15.01 -36.92 -9.03
N GLN E 620 15.16 -37.50 -7.84
CA GLN E 620 15.54 -36.71 -6.67
C GLN E 620 16.88 -36.04 -6.89
N ALA E 621 17.84 -36.79 -7.40
CA ALA E 621 19.12 -36.20 -7.76
C ALA E 621 18.94 -35.03 -8.72
N MET E 622 18.18 -35.25 -9.79
CA MET E 622 17.96 -34.18 -10.75
C MET E 622 17.36 -32.96 -10.08
N ILE E 623 16.51 -33.17 -9.07
CA ILE E 623 15.86 -32.05 -8.41
C ILE E 623 16.90 -31.12 -7.81
N ASP E 624 17.68 -31.63 -6.85
CA ASP E 624 18.63 -30.76 -6.17
C ASP E 624 19.73 -30.32 -7.10
N THR E 625 19.95 -31.03 -8.20
CA THR E 625 20.96 -30.60 -9.15
C THR E 625 20.71 -29.15 -9.59
N ARG E 626 19.48 -28.82 -9.94
CA ARG E 626 19.16 -27.47 -10.37
C ARG E 626 19.35 -26.47 -9.23
N TYR E 627 18.76 -26.77 -8.08
CA TYR E 627 18.71 -25.78 -7.01
C TYR E 627 20.08 -25.54 -6.41
N ASP E 628 21.02 -26.47 -6.56
CA ASP E 628 22.38 -26.21 -6.13
C ASP E 628 22.99 -25.07 -6.95
N THR E 629 22.89 -25.17 -8.26
CA THR E 629 23.34 -24.09 -9.12
C THR E 629 22.60 -22.80 -8.80
N MET E 630 21.31 -22.91 -8.50
CA MET E 630 20.55 -21.71 -8.17
C MET E 630 21.09 -21.06 -6.90
N ALA E 631 21.48 -21.87 -5.92
CA ALA E 631 22.10 -21.34 -4.71
C ALA E 631 23.39 -20.63 -5.05
N ASN E 632 24.18 -21.23 -5.93
CA ASN E 632 25.40 -20.57 -6.37
C ASN E 632 25.09 -19.23 -7.02
N GLN E 633 24.01 -19.17 -7.80
CA GLN E 633 23.63 -17.91 -8.41
C GLN E 633 23.22 -16.88 -7.36
N TRP E 634 22.51 -17.35 -6.33
CA TRP E 634 22.08 -16.43 -5.28
C TRP E 634 23.27 -15.79 -4.61
N LEU E 635 24.22 -16.62 -4.17
CA LEU E 635 25.42 -16.05 -3.57
C LEU E 635 26.20 -15.22 -4.57
N GLN E 636 26.12 -15.58 -5.85
CA GLN E 636 26.81 -14.83 -6.88
C GLN E 636 26.32 -13.40 -6.91
N TYR E 637 25.01 -13.23 -7.02
CA TYR E 637 24.48 -11.87 -7.06
C TYR E 637 24.56 -11.23 -5.70
N GLU E 638 24.66 -12.00 -4.63
CA GLU E 638 24.95 -11.39 -3.35
C GLU E 638 26.29 -10.69 -3.40
N SER E 639 27.28 -11.37 -3.98
CA SER E 639 28.60 -10.77 -4.12
C SER E 639 28.56 -9.58 -5.07
N ILE E 640 27.77 -9.69 -6.13
CA ILE E 640 27.73 -8.61 -7.13
C ILE E 640 27.04 -7.39 -6.53
N LEU E 641 25.95 -7.61 -5.81
CA LEU E 641 25.26 -6.50 -5.17
C LEU E 641 26.07 -5.96 -4.02
N ASN E 642 26.95 -6.78 -3.44
CA ASN E 642 27.89 -6.24 -2.48
C ASN E 642 28.91 -5.37 -3.18
N LYS E 643 29.37 -5.79 -4.35
CA LYS E 643 30.27 -4.95 -5.11
C LYS E 643 29.61 -3.63 -5.46
N LEU E 644 28.37 -3.68 -5.92
CA LEU E 644 27.70 -2.45 -6.33
C LEU E 644 27.31 -1.60 -5.13
N ASN E 645 26.94 -2.23 -4.01
CA ASN E 645 26.59 -1.47 -2.83
C ASN E 645 27.83 -0.82 -2.24
N GLN E 646 28.93 -1.56 -2.21
CA GLN E 646 30.19 -1.00 -1.74
C GLN E 646 30.68 0.08 -2.68
N GLN E 647 30.38 -0.05 -3.97
CA GLN E 647 30.84 0.96 -4.93
C GLN E 647 29.92 2.16 -4.93
N LEU E 648 28.64 1.95 -4.62
CA LEU E 648 27.76 3.07 -4.38
C LEU E 648 28.18 3.81 -3.14
N ASN E 649 28.55 3.08 -2.09
CA ASN E 649 29.13 3.68 -0.92
C ASN E 649 30.49 4.29 -1.24
N THR E 650 31.16 3.79 -2.27
CA THR E 650 32.46 4.34 -2.64
C THR E 650 32.30 5.67 -3.34
N VAL E 651 31.40 5.73 -4.30
CA VAL E 651 31.09 7.00 -4.96
C VAL E 651 30.43 7.94 -3.95
N THR E 652 29.74 7.40 -2.96
CA THR E 652 29.16 8.25 -1.92
C THR E 652 30.24 8.75 -0.97
N ASN E 653 31.28 7.94 -0.75
CA ASN E 653 32.42 8.36 0.04
C ASN E 653 33.21 9.44 -0.69
N MET E 654 33.25 9.35 -2.02
CA MET E 654 33.87 10.38 -2.82
C MET E 654 33.00 11.63 -2.90
N ILE E 655 31.68 11.43 -2.93
CA ILE E 655 30.73 12.54 -2.90
C ILE E 655 30.89 13.33 -1.60
N ASN E 656 31.02 12.61 -0.49
CA ASN E 656 31.22 13.26 0.80
C ASN E 656 32.63 13.84 0.90
N ALA E 657 33.62 13.07 0.43
CA ALA E 657 35.01 13.51 0.48
C ALA E 657 35.29 14.53 -0.63
N ALA E 658 35.08 14.12 -1.87
CA ALA E 658 35.30 15.00 -3.01
C ALA E 658 34.03 15.76 -3.36
N MET F 21 17.86 -3.69 -21.56
CA MET F 21 16.54 -3.90 -22.22
C MET F 21 16.18 -5.37 -22.27
N ALA F 22 17.17 -6.23 -22.06
CA ALA F 22 16.89 -7.66 -22.00
C ALA F 22 15.79 -7.97 -21.01
N PHE F 23 15.60 -7.10 -20.02
CA PHE F 23 14.54 -7.23 -19.04
C PHE F 23 13.50 -6.14 -19.18
N GLY F 24 13.67 -5.23 -20.12
CA GLY F 24 12.67 -4.23 -20.36
C GLY F 24 11.34 -4.90 -20.64
N SER F 25 10.43 -4.83 -19.67
CA SER F 25 9.17 -5.53 -19.80
C SER F 25 8.18 -4.88 -18.86
N LEU F 26 6.91 -5.14 -19.12
CA LEU F 26 5.83 -4.65 -18.30
C LEU F 26 4.97 -5.83 -17.89
N SER F 27 4.27 -5.66 -16.78
CA SER F 27 3.62 -6.77 -16.12
C SER F 27 2.19 -7.03 -16.60
N SER F 28 1.45 -5.97 -16.92
CA SER F 28 0.02 -6.15 -17.12
C SER F 28 -0.53 -5.09 -18.05
N LEU F 29 -1.81 -5.23 -18.36
CA LEU F 29 -2.60 -4.24 -19.07
C LEU F 29 -3.87 -4.00 -18.28
N GLY F 30 -4.14 -2.74 -17.95
CA GLY F 30 -5.20 -2.44 -17.00
C GLY F 30 -6.08 -1.30 -17.45
N PHE F 31 -7.20 -1.19 -16.77
CA PHE F 31 -8.14 -0.10 -16.97
C PHE F 31 -8.84 0.20 -15.66
N GLY F 32 -9.59 1.30 -15.66
CA GLY F 32 -10.54 1.60 -14.61
C GLY F 32 -10.02 1.46 -13.19
N SER F 33 -8.71 1.44 -13.02
CA SER F 33 -8.12 1.27 -11.70
C SER F 33 -8.41 2.49 -10.84
N GLY F 34 -9.33 2.34 -9.90
CA GLY F 34 -9.66 3.43 -9.01
C GLY F 34 -11.12 3.52 -8.65
N VAL F 35 -11.50 4.65 -8.07
CA VAL F 35 -12.86 4.90 -7.61
C VAL F 35 -13.33 6.22 -8.16
N LEU F 36 -14.61 6.30 -8.50
CA LEU F 36 -15.18 7.54 -8.99
C LEU F 36 -15.26 8.56 -7.87
N THR F 37 -14.91 9.80 -8.20
CA THR F 37 -15.13 10.94 -7.33
C THR F 37 -15.56 12.13 -8.16
N GLN F 38 -16.32 13.01 -7.52
CA GLN F 38 -16.73 14.23 -8.22
C GLN F 38 -15.52 14.97 -8.77
N ASP F 39 -14.37 14.86 -8.11
CA ASP F 39 -13.18 15.51 -8.60
C ASP F 39 -12.77 14.95 -9.96
N THR F 40 -12.85 13.63 -10.09
CA THR F 40 -12.56 13.02 -11.39
C THR F 40 -13.56 13.50 -12.42
N ILE F 41 -14.80 13.67 -12.01
CA ILE F 41 -15.82 14.18 -12.92
C ILE F 41 -15.41 15.55 -13.41
N ASP F 42 -14.93 16.39 -12.49
CA ASP F 42 -14.54 17.74 -12.87
C ASP F 42 -13.36 17.70 -13.82
N LYS F 43 -12.41 16.82 -13.57
CA LYS F 43 -11.26 16.71 -14.46
C LYS F 43 -11.70 16.32 -15.85
N LEU F 44 -12.59 15.34 -15.94
CA LEU F 44 -13.08 14.93 -17.24
C LEU F 44 -13.82 16.07 -17.92
N LYS F 45 -14.59 16.82 -17.14
CA LYS F 45 -15.30 17.96 -17.71
C LYS F 45 -14.32 18.96 -18.29
N GLU F 46 -13.23 19.21 -17.57
CA GLU F 46 -12.23 20.16 -18.07
C GLU F 46 -11.59 19.66 -19.35
N ALA F 47 -11.26 18.37 -19.37
CA ALA F 47 -10.63 17.81 -20.56
C ALA F 47 -11.54 17.94 -21.76
N GLU F 48 -12.82 17.59 -21.57
CA GLU F 48 -13.78 17.72 -22.66
C GLU F 48 -13.88 19.15 -23.11
N GLN F 49 -14.02 20.07 -22.15
CA GLN F 49 -14.09 21.48 -22.47
C GLN F 49 -12.93 21.87 -23.36
N LYS F 50 -11.72 21.52 -22.95
CA LYS F 50 -10.57 21.86 -23.75
C LYS F 50 -10.75 21.33 -25.16
N ALA F 51 -10.80 20.00 -25.26
CA ALA F 51 -10.76 19.36 -26.56
C ALA F 51 -11.93 19.73 -27.45
N ARG F 52 -12.96 20.34 -26.90
CA ARG F 52 -14.15 20.68 -27.69
C ARG F 52 -14.23 22.16 -28.04
N ILE F 53 -13.79 23.06 -27.17
CA ILE F 53 -14.01 24.49 -27.37
C ILE F 53 -12.70 25.27 -27.47
N ASP F 54 -11.56 24.61 -27.52
CA ASP F 54 -10.33 25.37 -27.74
C ASP F 54 -10.25 25.94 -29.15
N PRO F 55 -10.55 25.19 -30.21
CA PRO F 55 -10.49 25.77 -31.57
C PRO F 55 -11.34 27.01 -31.72
N TYR F 56 -12.51 27.04 -31.08
CA TYR F 56 -13.35 28.23 -31.14
C TYR F 56 -12.60 29.43 -30.59
N THR F 57 -12.00 29.27 -29.43
CA THR F 57 -11.22 30.36 -28.84
C THR F 57 -10.10 30.78 -29.78
N LYS F 58 -9.41 29.82 -30.37
CA LYS F 58 -8.28 30.16 -31.22
C LYS F 58 -8.72 30.95 -32.43
N LYS F 59 -9.80 30.51 -33.08
CA LYS F 59 -10.30 31.23 -34.23
C LYS F 59 -10.78 32.62 -33.84
N ILE F 60 -11.36 32.73 -32.64
CA ILE F 60 -11.81 34.03 -32.17
C ILE F 60 -10.62 34.97 -32.04
N GLU F 61 -9.55 34.49 -31.44
CA GLU F 61 -8.36 35.33 -31.29
C GLU F 61 -7.79 35.70 -32.65
N GLU F 62 -7.76 34.75 -33.57
CA GLU F 62 -7.27 35.04 -34.91
C GLU F 62 -8.06 36.18 -35.54
N ASN F 63 -9.39 36.06 -35.49
CA ASN F 63 -10.24 37.08 -36.11
C ASN F 63 -10.05 38.42 -35.44
N THR F 64 -9.90 38.42 -34.11
CA THR F 64 -9.72 39.69 -33.40
C THR F 64 -8.42 40.36 -33.80
N THR F 65 -7.34 39.58 -33.89
CA THR F 65 -6.07 40.13 -34.34
C THR F 65 -6.20 40.70 -35.74
N LYS F 66 -6.84 39.95 -36.64
CA LYS F 66 -7.03 40.44 -37.98
C LYS F 66 -7.79 41.76 -37.98
N GLN F 67 -8.82 41.86 -37.14
CA GLN F 67 -9.63 43.07 -37.13
C GLN F 67 -8.85 44.25 -36.59
N LYS F 68 -8.04 44.02 -35.56
CA LYS F 68 -7.18 45.09 -35.05
C LYS F 68 -6.28 45.62 -36.16
N ASP F 69 -5.61 44.70 -36.86
CA ASP F 69 -4.68 45.13 -37.90
C ASP F 69 -5.41 45.87 -39.01
N LEU F 70 -6.59 45.38 -39.41
CA LEU F 70 -7.33 46.04 -40.46
C LEU F 70 -7.75 47.43 -40.02
N THR F 71 -8.16 47.58 -38.76
CA THR F 71 -8.52 48.89 -38.26
C THR F 71 -7.34 49.83 -38.31
N GLU F 72 -6.16 49.36 -37.92
CA GLU F 72 -4.98 50.21 -37.96
C GLU F 72 -4.71 50.69 -39.38
N ILE F 73 -4.66 49.75 -40.32
CA ILE F 73 -4.33 50.15 -41.68
C ILE F 73 -5.45 51.01 -42.25
N LYS F 74 -6.67 50.84 -41.76
CA LYS F 74 -7.77 51.68 -42.21
C LYS F 74 -7.55 53.12 -41.76
N THR F 75 -7.16 53.30 -40.50
CA THR F 75 -6.87 54.65 -40.02
C THR F 75 -5.75 55.27 -40.84
N LYS F 76 -4.71 54.50 -41.13
CA LYS F 76 -3.61 55.04 -41.92
C LYS F 76 -4.07 55.43 -43.31
N LEU F 77 -4.85 54.56 -43.95
CA LEU F 77 -5.34 54.85 -45.28
C LEU F 77 -6.22 56.08 -45.27
N LEU F 78 -7.00 56.25 -44.22
CA LEU F 78 -7.88 57.42 -44.14
C LEU F 78 -7.08 58.69 -43.99
N SER F 79 -6.03 58.64 -43.16
CA SER F 79 -5.17 59.80 -43.03
C SER F 79 -4.52 60.16 -44.37
N PHE F 80 -4.05 59.15 -45.09
CA PHE F 80 -3.42 59.40 -46.37
C PHE F 80 -4.43 59.98 -47.36
N GLN F 81 -5.64 59.43 -47.37
CA GLN F 81 -6.67 59.95 -48.26
C GLN F 81 -7.00 61.38 -47.90
N THR F 82 -7.01 61.68 -46.61
CA THR F 82 -7.23 63.06 -46.18
C THR F 82 -6.17 63.97 -46.76
N ALA F 83 -4.91 63.58 -46.63
CA ALA F 83 -3.82 64.39 -47.17
C ALA F 83 -3.99 64.60 -48.66
N VAL F 84 -4.25 63.51 -49.39
CA VAL F 84 -4.33 63.61 -50.84
C VAL F 84 -5.50 64.47 -51.26
N SER F 85 -6.66 64.27 -50.64
CA SER F 85 -7.83 65.05 -51.00
C SER F 85 -7.66 66.51 -50.64
N SER F 86 -6.87 66.79 -49.61
CA SER F 86 -6.65 68.18 -49.21
C SER F 86 -5.72 68.88 -50.18
N LEU F 87 -4.66 68.20 -50.62
CA LEU F 87 -3.66 68.81 -51.47
C LEU F 87 -3.76 68.36 -52.92
N ALA F 88 -4.93 67.89 -53.33
CA ALA F 88 -5.12 67.48 -54.72
C ALA F 88 -5.58 68.65 -55.58
N ASP F 89 -6.35 69.57 -55.01
CA ASP F 89 -6.86 70.71 -55.74
C ASP F 89 -5.75 71.76 -55.85
N ALA F 90 -5.09 71.81 -57.01
CA ALA F 90 -4.00 72.75 -57.20
C ALA F 90 -4.46 74.20 -57.13
N THR F 91 -5.77 74.44 -57.28
CA THR F 91 -6.28 75.81 -57.22
C THR F 91 -6.08 76.43 -55.84
N VAL F 92 -5.78 75.62 -54.82
CA VAL F 92 -5.52 76.18 -53.51
C VAL F 92 -4.31 77.09 -53.55
N PHE F 93 -3.40 76.88 -54.49
CA PHE F 93 -2.20 77.70 -54.60
C PHE F 93 -2.47 78.98 -55.37
N ALA F 94 -3.51 79.69 -54.96
CA ALA F 94 -3.83 81.00 -55.50
C ALA F 94 -3.14 82.12 -54.75
N LYS F 95 -2.28 81.79 -53.79
CA LYS F 95 -1.62 82.80 -52.99
C LYS F 95 -0.78 83.71 -53.88
N ARG F 96 -0.61 84.94 -53.43
CA ARG F 96 0.22 85.92 -54.11
C ARG F 96 1.13 86.58 -53.10
N LYS F 97 2.35 86.87 -53.52
CA LYS F 97 3.33 87.53 -52.67
C LYS F 97 3.81 88.80 -53.35
N VAL F 98 3.97 89.85 -52.55
CA VAL F 98 4.32 91.17 -53.05
C VAL F 98 5.82 91.35 -52.90
N VAL F 99 6.49 91.62 -54.00
CA VAL F 99 7.91 91.90 -54.02
C VAL F 99 8.16 93.12 -54.90
N GLY F 100 9.41 93.52 -55.00
CA GLY F 100 9.79 94.65 -55.82
C GLY F 100 11.04 95.30 -55.27
N SER F 101 11.30 96.52 -55.76
CA SER F 101 12.45 97.31 -55.35
C SER F 101 12.08 98.17 -54.15
N ILE F 102 11.83 97.51 -53.03
CA ILE F 102 11.47 98.15 -51.79
C ILE F 102 12.69 98.09 -50.87
N SER F 103 13.11 99.25 -50.38
CA SER F 103 14.29 99.36 -49.56
C SER F 103 13.91 99.25 -48.09
N ASP F 104 14.85 99.60 -47.21
CA ASP F 104 14.65 99.51 -45.77
C ASP F 104 13.28 99.99 -45.34
N ASN F 105 12.95 101.24 -45.65
CA ASN F 105 11.70 101.84 -45.23
C ASN F 105 10.74 101.93 -46.40
N PRO F 106 9.70 101.10 -46.46
CA PRO F 106 8.70 101.24 -47.52
C PRO F 106 7.90 102.51 -47.34
N PRO F 107 8.00 103.46 -48.26
CA PRO F 107 7.18 104.67 -48.14
C PRO F 107 5.70 104.39 -48.18
N ALA F 108 5.29 103.31 -48.86
CA ALA F 108 3.91 102.87 -48.85
C ALA F 108 3.90 101.35 -48.86
N SER F 109 2.84 100.78 -48.30
CA SER F 109 2.69 99.33 -48.18
C SER F 109 1.49 98.87 -48.96
N LEU F 110 1.70 97.94 -49.87
CA LEU F 110 0.65 97.39 -50.73
C LEU F 110 0.37 95.97 -50.28
N THR F 111 -0.86 95.72 -49.85
CA THR F 111 -1.30 94.39 -49.45
C THR F 111 -2.26 93.86 -50.50
N VAL F 112 -2.03 92.62 -50.93
CA VAL F 112 -2.80 92.00 -51.99
C VAL F 112 -3.37 90.70 -51.45
N ASN F 113 -4.64 90.46 -51.73
CA ASN F 113 -5.29 89.23 -51.33
C ASN F 113 -5.00 88.13 -52.34
N SER F 114 -5.70 87.00 -52.20
CA SER F 114 -5.48 85.87 -53.08
C SER F 114 -6.31 85.99 -54.36
N GLY F 115 -5.84 85.32 -55.40
CA GLY F 115 -6.54 85.26 -56.66
C GLY F 115 -6.25 86.40 -57.60
N VAL F 116 -5.65 87.49 -57.12
CA VAL F 116 -5.39 88.63 -57.98
C VAL F 116 -4.34 88.25 -59.02
N ALA F 117 -4.54 88.75 -60.23
CA ALA F 117 -3.59 88.47 -61.31
C ALA F 117 -2.25 89.12 -61.03
N LEU F 118 -1.22 88.63 -61.73
CA LEU F 118 0.12 89.15 -61.54
C LEU F 118 0.29 90.47 -62.27
N GLN F 119 1.07 91.37 -61.67
CA GLN F 119 1.27 92.70 -62.22
C GLN F 119 2.42 93.37 -61.47
N SER F 120 2.78 94.55 -61.93
CA SER F 120 3.77 95.38 -61.26
C SER F 120 3.28 96.83 -61.26
N MET F 121 3.58 97.54 -60.19
CA MET F 121 3.04 98.88 -59.98
C MET F 121 4.20 99.86 -59.84
N ASN F 122 4.22 100.88 -60.69
CA ASN F 122 5.15 101.99 -60.59
C ASN F 122 4.44 103.12 -59.87
N ILE F 123 4.67 103.21 -58.57
CA ILE F 123 3.94 104.14 -57.72
C ILE F 123 4.90 105.21 -57.22
N ASN F 124 4.45 106.46 -57.26
CA ASN F 124 5.19 107.57 -56.69
C ASN F 124 4.26 108.38 -55.82
N VAL F 125 4.73 108.71 -54.62
CA VAL F 125 3.97 109.52 -53.68
C VAL F 125 4.64 110.87 -53.57
N THR F 126 3.83 111.92 -53.48
CA THR F 126 4.34 113.28 -53.41
C THR F 126 3.81 114.06 -52.23
N GLN F 127 2.70 113.65 -51.63
CA GLN F 127 2.21 114.36 -50.45
C GLN F 127 1.30 113.42 -49.66
N LEU F 128 1.40 113.52 -48.34
CA LEU F 128 0.57 112.73 -47.46
C LEU F 128 -0.75 113.45 -47.20
N ALA F 129 -1.77 112.67 -46.88
CA ALA F 129 -3.03 113.24 -46.43
C ALA F 129 -2.87 113.79 -45.03
N GLN F 130 -3.57 114.89 -44.76
CA GLN F 130 -3.44 115.59 -43.49
C GLN F 130 -4.82 115.95 -42.98
N LYS F 131 -4.85 116.43 -41.74
CA LYS F 131 -6.03 116.98 -41.13
C LYS F 131 -5.78 118.43 -40.77
N ASP F 132 -6.87 119.16 -40.55
CA ASP F 132 -6.77 120.57 -40.21
C ASP F 132 -6.61 120.73 -38.70
N VAL F 133 -5.62 121.50 -38.29
CA VAL F 133 -5.28 121.68 -36.88
C VAL F 133 -5.47 123.15 -36.52
N TYR F 134 -6.07 123.40 -35.37
CA TYR F 134 -6.28 124.74 -34.85
C TYR F 134 -5.84 124.76 -33.40
N GLN F 135 -4.81 125.56 -33.10
CA GLN F 135 -4.29 125.72 -31.74
C GLN F 135 -4.55 127.15 -31.29
N SER F 136 -5.34 127.31 -30.24
CA SER F 136 -5.77 128.63 -29.82
C SER F 136 -4.57 129.47 -29.41
N LYS F 137 -4.52 130.69 -29.93
CA LYS F 137 -3.47 131.62 -29.52
C LYS F 137 -3.82 132.32 -28.21
N GLY F 138 -5.11 132.39 -27.87
CA GLY F 138 -5.48 132.86 -26.55
C GLY F 138 -4.97 131.90 -25.50
N LEU F 139 -3.93 132.32 -24.78
CA LEU F 139 -3.23 131.46 -23.84
C LEU F 139 -3.71 131.78 -22.43
N ALA F 140 -4.61 130.96 -21.91
CA ALA F 140 -5.11 131.11 -20.56
C ALA F 140 -4.24 130.33 -19.60
N ASN F 141 -3.97 130.92 -18.45
CA ASN F 141 -3.22 130.27 -17.39
C ASN F 141 -4.12 129.51 -16.42
N ASP F 142 -5.38 129.29 -16.79
CA ASP F 142 -6.31 128.56 -15.94
C ASP F 142 -7.35 127.91 -16.83
N SER F 143 -7.48 126.58 -16.71
CA SER F 143 -8.51 125.88 -17.47
C SER F 143 -9.91 126.28 -17.04
N GLY F 144 -10.06 126.84 -15.84
CA GLY F 144 -11.36 127.25 -15.36
C GLY F 144 -11.63 128.72 -15.61
N PHE F 145 -11.03 129.25 -16.68
CA PHE F 145 -11.25 130.65 -17.03
C PHE F 145 -12.70 130.87 -17.41
N VAL F 146 -13.36 131.83 -16.75
CA VAL F 146 -14.76 132.15 -16.99
C VAL F 146 -14.83 133.58 -17.49
N ASN F 147 -15.43 133.75 -18.67
CA ASN F 147 -15.69 135.08 -19.21
C ASN F 147 -17.09 135.49 -18.76
N ALA F 148 -17.16 136.10 -17.58
CA ALA F 148 -18.44 136.42 -16.97
C ALA F 148 -19.23 137.45 -17.76
N ASN F 149 -18.57 138.21 -18.64
CA ASN F 149 -19.29 139.23 -19.39
C ASN F 149 -20.16 138.65 -20.49
N LEU F 150 -20.07 137.36 -20.77
CA LEU F 150 -20.91 136.72 -21.77
C LEU F 150 -22.29 136.46 -21.17
N THR F 151 -22.97 137.56 -20.84
CA THR F 151 -24.31 137.46 -20.30
C THR F 151 -25.27 136.97 -21.37
N GLY F 152 -26.21 136.12 -20.97
CA GLY F 152 -27.10 135.48 -21.92
C GLY F 152 -26.50 134.19 -22.43
N THR F 153 -27.01 133.76 -23.58
CA THR F 153 -26.56 132.54 -24.23
C THR F 153 -26.14 132.83 -25.67
N THR F 154 -25.35 131.92 -26.21
CA THR F 154 -24.95 131.95 -27.60
C THR F 154 -24.80 130.51 -28.07
N ASP F 155 -24.59 130.33 -29.37
CA ASP F 155 -24.52 129.00 -29.98
C ASP F 155 -23.28 128.91 -30.85
N LEU F 156 -22.33 128.08 -30.43
CA LEU F 156 -21.10 127.84 -31.18
C LEU F 156 -21.43 126.92 -32.34
N THR F 157 -21.70 127.50 -33.49
CA THR F 157 -22.11 126.77 -34.68
C THR F 157 -20.87 126.41 -35.50
N PHE F 158 -20.67 125.12 -35.73
CA PHE F 158 -19.50 124.64 -36.44
C PHE F 158 -19.93 123.94 -37.72
N PHE F 159 -18.99 123.82 -38.65
CA PHE F 159 -19.26 123.24 -39.97
C PHE F 159 -18.01 122.49 -40.43
N SER F 160 -18.08 121.17 -40.34
CA SER F 160 -16.98 120.29 -40.71
C SER F 160 -17.43 119.38 -41.84
N ASN F 161 -16.75 119.48 -42.98
CA ASN F 161 -17.05 118.62 -44.12
C ASN F 161 -18.54 118.66 -44.45
N GLY F 162 -19.13 119.86 -44.38
CA GLY F 162 -20.52 120.04 -44.69
C GLY F 162 -21.48 119.62 -43.60
N LYS F 163 -20.97 119.26 -42.43
CA LYS F 163 -21.80 118.84 -41.31
C LYS F 163 -21.80 119.93 -40.25
N GLU F 164 -22.99 120.41 -39.91
CA GLU F 164 -23.14 121.48 -38.94
C GLU F 164 -23.23 120.90 -37.54
N TYR F 165 -22.61 121.59 -36.59
CA TYR F 165 -22.70 121.24 -35.19
C TYR F 165 -22.79 122.52 -34.37
N THR F 166 -23.65 122.49 -33.36
CA THR F 166 -23.96 123.68 -32.57
C THR F 166 -23.75 123.37 -31.10
N VAL F 167 -23.19 124.34 -30.38
CA VAL F 167 -22.92 124.21 -28.95
C VAL F 167 -23.34 125.50 -28.27
N THR F 168 -24.20 125.37 -27.27
CA THR F 168 -24.65 126.54 -26.51
C THR F 168 -23.63 126.89 -25.44
N VAL F 169 -23.44 128.19 -25.23
CA VAL F 169 -22.48 128.70 -24.27
C VAL F 169 -23.18 129.73 -23.39
N ASP F 170 -22.84 129.72 -22.10
CA ASP F 170 -23.45 130.60 -21.12
C ASP F 170 -22.37 131.42 -20.41
N LYS F 171 -22.79 132.16 -19.39
CA LYS F 171 -21.88 133.00 -18.63
C LYS F 171 -20.87 132.18 -17.85
N ASN F 172 -21.25 130.95 -17.46
CA ASN F 172 -20.39 130.10 -16.65
C ASN F 172 -19.40 129.31 -17.48
N THR F 173 -19.13 129.78 -18.70
CA THR F 173 -18.27 129.03 -19.61
C THR F 173 -16.87 128.84 -19.02
N THR F 174 -16.36 127.62 -19.11
CA THR F 174 -14.97 127.32 -18.80
C THR F 174 -14.38 126.54 -19.97
N TYR F 175 -13.06 126.62 -20.08
CA TYR F 175 -12.40 125.96 -21.20
C TYR F 175 -12.65 124.46 -21.17
N ARG F 176 -12.65 123.86 -19.98
CA ARG F 176 -12.95 122.44 -19.87
C ARG F 176 -14.39 122.16 -20.29
N ASP F 177 -15.32 122.94 -19.74
CA ASP F 177 -16.72 122.81 -20.13
C ASP F 177 -16.87 122.98 -21.63
N LEU F 178 -16.18 123.97 -22.19
CA LEU F 178 -16.27 124.20 -23.63
C LEU F 178 -15.80 122.97 -24.40
N ALA F 179 -14.60 122.48 -24.07
CA ALA F 179 -14.06 121.34 -24.79
C ALA F 179 -15.00 120.15 -24.70
N ASP F 180 -15.57 119.92 -23.52
CA ASP F 180 -16.50 118.81 -23.36
C ASP F 180 -17.72 119.00 -24.24
N LYS F 181 -18.28 120.20 -24.24
CA LYS F 181 -19.47 120.46 -25.05
C LYS F 181 -19.17 120.28 -26.52
N ILE F 182 -17.99 120.71 -26.97
CA ILE F 182 -17.62 120.55 -28.36
C ILE F 182 -17.53 119.07 -28.70
N ASN F 183 -16.78 118.31 -27.91
CA ASN F 183 -16.57 116.90 -28.22
C ASN F 183 -17.86 116.09 -28.07
N GLU F 184 -18.85 116.61 -27.36
CA GLU F 184 -20.10 115.90 -27.20
C GLU F 184 -21.10 116.24 -28.29
N ALA F 185 -21.35 117.54 -28.51
CA ALA F 185 -22.26 117.94 -29.58
C ALA F 185 -21.79 117.38 -30.92
N SER F 186 -20.53 117.66 -31.27
CA SER F 186 -19.89 116.99 -32.40
C SER F 186 -19.43 115.62 -31.89
N GLY F 187 -20.15 114.59 -32.28
CA GLY F 187 -19.91 113.27 -31.72
C GLY F 187 -18.61 112.69 -32.20
N GLY F 188 -17.50 113.27 -31.75
CA GLY F 188 -16.18 112.84 -32.15
C GLY F 188 -15.70 113.43 -33.45
N GLU F 189 -16.58 114.04 -34.24
CA GLU F 189 -16.14 114.62 -35.51
C GLU F 189 -15.16 115.76 -35.27
N ILE F 190 -15.41 116.57 -34.25
CA ILE F 190 -14.53 117.68 -33.90
C ILE F 190 -13.84 117.33 -32.59
N VAL F 191 -12.52 117.32 -32.63
CA VAL F 191 -11.72 116.98 -31.46
C VAL F 191 -11.42 118.25 -30.68
N ALA F 192 -11.67 118.21 -29.38
CA ALA F 192 -11.38 119.32 -28.49
C ALA F 192 -10.60 118.81 -27.29
N LYS F 193 -9.48 119.45 -26.99
CA LYS F 193 -8.66 119.02 -25.87
C LYS F 193 -7.79 120.17 -25.40
N ILE F 194 -7.58 120.23 -24.10
CA ILE F 194 -6.74 121.26 -23.49
C ILE F 194 -5.37 120.67 -23.23
N VAL F 195 -4.34 121.42 -23.61
CA VAL F 195 -2.96 121.00 -23.44
C VAL F 195 -2.28 121.99 -22.50
N ASN F 196 -1.67 121.49 -21.44
CA ASN F 196 -0.92 122.33 -20.52
C ASN F 196 0.41 122.69 -21.16
N THR F 197 0.46 123.84 -21.81
CA THR F 197 1.67 124.27 -22.48
C THR F 197 2.84 124.28 -21.51
N GLY F 198 3.96 123.72 -21.95
CA GLY F 198 5.13 123.60 -21.10
C GLY F 198 5.92 124.89 -20.97
N GLU F 199 5.29 125.96 -20.51
CA GLU F 199 5.92 127.25 -20.35
C GLU F 199 5.72 127.73 -18.91
N LYS F 200 6.21 128.95 -18.64
CA LYS F 200 6.29 129.41 -17.26
C LYS F 200 4.91 129.76 -16.71
N GLY F 201 4.03 130.30 -17.53
CA GLY F 201 2.71 130.68 -17.09
C GLY F 201 1.63 129.66 -17.32
N THR F 202 1.97 128.40 -17.57
CA THR F 202 1.04 127.34 -17.94
C THR F 202 0.03 127.90 -18.95
N PRO F 203 0.50 128.47 -20.05
CA PRO F 203 -0.41 129.10 -21.01
C PRO F 203 -1.25 128.08 -21.77
N TYR F 204 -2.29 127.60 -21.09
CA TYR F 204 -3.18 126.61 -21.69
C TYR F 204 -3.78 127.15 -22.98
N ARG F 205 -3.82 126.30 -24.01
CA ARG F 205 -4.49 126.60 -25.25
C ARG F 205 -5.34 125.41 -25.66
N LEU F 206 -6.51 125.70 -26.21
CA LEU F 206 -7.44 124.68 -26.63
C LEU F 206 -7.09 124.23 -28.04
N THR F 207 -6.92 122.92 -28.22
CA THR F 207 -6.56 122.35 -29.51
C THR F 207 -7.82 121.78 -30.16
N LEU F 208 -8.06 122.18 -31.40
CA LEU F 208 -9.23 121.76 -32.15
C LEU F 208 -8.78 121.21 -33.50
N THR F 209 -9.07 119.94 -33.74
CA THR F 209 -8.68 119.28 -34.98
C THR F 209 -9.85 118.46 -35.52
N SER F 210 -9.75 118.14 -36.80
CA SER F 210 -10.75 117.31 -37.45
C SER F 210 -10.44 115.83 -37.23
N LYS F 211 -11.50 115.05 -37.08
CA LYS F 211 -11.32 113.61 -36.93
C LYS F 211 -10.89 112.96 -38.24
N GLU F 212 -11.28 113.53 -39.37
CA GLU F 212 -10.95 112.97 -40.67
C GLU F 212 -9.81 113.75 -41.31
N THR F 213 -9.27 113.19 -42.37
CA THR F 213 -8.20 113.79 -43.14
C THR F 213 -8.69 114.12 -44.54
N GLY F 214 -8.02 115.07 -45.18
CA GLY F 214 -8.45 115.57 -46.47
C GLY F 214 -8.98 116.98 -46.35
N GLU F 215 -8.74 117.76 -47.40
CA GLU F 215 -9.12 119.16 -47.37
C GLU F 215 -10.61 119.34 -47.12
N ASP F 216 -11.42 118.41 -47.58
CA ASP F 216 -12.87 118.53 -47.40
C ASP F 216 -13.27 118.57 -45.94
N SER F 217 -12.41 118.07 -45.05
CA SER F 217 -12.69 118.04 -43.63
C SER F 217 -12.45 119.39 -42.95
N ALA F 218 -12.29 120.45 -43.73
CA ALA F 218 -12.05 121.77 -43.15
C ALA F 218 -13.17 122.14 -42.20
N ILE F 219 -12.81 122.77 -41.08
CA ILE F 219 -13.75 123.16 -40.06
C ILE F 219 -13.67 124.65 -39.84
N SER F 220 -14.83 125.28 -39.65
CA SER F 220 -14.93 126.69 -39.28
C SER F 220 -15.72 126.78 -38.00
N PHE F 221 -15.11 127.33 -36.96
CA PHE F 221 -15.77 127.49 -35.67
C PHE F 221 -16.40 128.88 -35.66
N TYR F 222 -17.70 128.93 -35.84
CA TYR F 222 -18.43 130.15 -36.14
C TYR F 222 -19.29 130.58 -34.96
N ALA F 223 -19.15 131.84 -34.56
CA ALA F 223 -19.93 132.41 -33.47
C ALA F 223 -21.10 133.17 -34.10
N GLY F 224 -22.25 132.51 -34.21
CA GLY F 224 -23.38 133.10 -34.90
C GLY F 224 -24.71 132.98 -34.19
N LYS F 225 -24.77 132.22 -33.10
CA LYS F 225 -26.03 131.96 -32.40
C LYS F 225 -27.05 131.34 -33.35
N LYS F 226 -26.63 130.25 -34.00
CA LYS F 226 -27.45 129.60 -35.03
C LYS F 226 -27.76 130.54 -36.18
N ASP F 227 -26.81 131.43 -36.48
CA ASP F 227 -26.93 132.29 -37.65
C ASP F 227 -26.90 131.50 -38.95
N ALA F 228 -26.47 130.24 -38.90
CA ALA F 228 -26.18 129.51 -40.11
C ALA F 228 -27.46 129.08 -40.81
N GLN F 229 -28.25 128.22 -40.16
CA GLN F 229 -29.53 127.81 -40.73
C GLN F 229 -30.66 127.70 -39.71
N GLY F 230 -30.40 127.88 -38.41
CA GLY F 230 -31.49 127.91 -37.46
C GLY F 230 -32.34 129.13 -37.70
N GLN F 231 -31.68 130.28 -37.73
CA GLN F 231 -32.30 131.54 -38.10
C GLN F 231 -31.20 132.57 -38.27
N TYR F 232 -31.29 133.36 -39.34
CA TYR F 232 -30.23 134.31 -39.66
C TYR F 232 -30.08 135.32 -38.55
N GLN F 233 -28.89 135.33 -37.92
CA GLN F 233 -28.55 136.30 -36.89
C GLN F 233 -27.48 137.29 -37.36
N SER F 234 -26.94 137.11 -38.56
CA SER F 234 -25.93 138.01 -39.12
C SER F 234 -24.73 138.15 -38.18
N ASP F 235 -24.23 136.99 -37.73
CA ASP F 235 -22.98 136.92 -36.98
C ASP F 235 -22.99 137.84 -35.76
N PRO F 236 -23.79 137.53 -34.73
CA PRO F 236 -23.73 138.32 -33.50
C PRO F 236 -22.38 138.16 -32.81
N GLU F 237 -21.97 139.22 -32.12
CA GLU F 237 -20.66 139.25 -31.47
C GLU F 237 -20.79 138.76 -30.02
N ALA F 238 -20.93 137.44 -29.89
CA ALA F 238 -20.85 136.83 -28.57
C ALA F 238 -19.44 137.06 -28.03
N GLU F 239 -19.34 137.84 -26.95
CA GLU F 239 -18.06 138.39 -26.53
C GLU F 239 -16.98 137.32 -26.39
N ASN F 240 -17.23 136.34 -25.52
CA ASN F 240 -16.17 135.40 -25.14
C ASN F 240 -15.64 134.64 -26.34
N ILE F 241 -16.52 133.96 -27.07
CA ILE F 241 -16.07 133.14 -28.19
C ILE F 241 -15.54 134.02 -29.31
N PHE F 242 -16.23 135.12 -29.59
CA PHE F 242 -15.78 136.04 -30.64
C PHE F 242 -14.42 136.65 -30.30
N SER F 243 -14.02 136.64 -29.04
CA SER F 243 -12.81 137.28 -28.58
C SER F 243 -11.69 136.32 -28.25
N ASN F 244 -11.99 135.02 -28.13
CA ASN F 244 -10.94 134.07 -27.78
C ASN F 244 -10.85 132.87 -28.71
N LEU F 245 -11.98 132.42 -29.26
CA LEU F 245 -12.01 131.12 -29.94
C LEU F 245 -12.75 131.17 -31.26
N GLY F 246 -12.59 132.23 -32.03
CA GLY F 246 -13.09 132.25 -33.40
C GLY F 246 -12.01 131.77 -34.36
N TRP F 247 -12.45 130.99 -35.37
CA TRP F 247 -11.52 130.17 -36.15
C TRP F 247 -11.77 130.29 -37.65
N GLU F 248 -11.85 131.51 -38.15
CA GLU F 248 -11.61 131.78 -39.56
C GLU F 248 -10.38 132.66 -39.64
N LEU F 249 -9.31 132.12 -40.23
CA LEU F 249 -7.96 132.62 -39.97
C LEU F 249 -7.89 134.13 -39.81
N ASP F 250 -8.43 134.87 -40.77
CA ASP F 250 -8.29 136.33 -40.75
C ASP F 250 -9.59 137.00 -41.16
N LYS F 251 -10.72 136.49 -40.69
CA LYS F 251 -12.03 137.01 -41.10
C LYS F 251 -12.71 137.72 -39.94
N THR F 252 -12.64 139.05 -39.97
CA THR F 252 -13.63 139.90 -39.34
C THR F 252 -14.57 140.51 -40.37
N THR F 253 -14.05 140.75 -41.57
CA THR F 253 -14.89 141.15 -42.68
C THR F 253 -15.69 139.96 -43.19
N GLN F 254 -16.93 140.21 -43.60
CA GLN F 254 -17.82 139.14 -44.04
C GLN F 254 -17.45 138.75 -45.46
N THR F 255 -16.36 138.00 -45.58
CA THR F 255 -15.98 137.43 -46.87
C THR F 255 -16.88 136.26 -47.24
N ILE F 256 -17.01 135.30 -46.33
CA ILE F 256 -17.87 134.14 -46.51
C ILE F 256 -19.20 134.43 -45.84
N ASP F 257 -20.21 134.72 -46.65
CA ASP F 257 -21.54 134.92 -46.12
C ASP F 257 -22.07 133.62 -45.53
N PRO F 258 -22.70 133.66 -44.35
CA PRO F 258 -23.25 132.42 -43.77
C PRO F 258 -24.43 131.91 -44.57
N ALA F 259 -24.15 131.42 -45.77
CA ALA F 259 -25.19 130.91 -46.65
C ALA F 259 -25.81 129.65 -46.04
N LYS F 260 -26.73 129.05 -46.80
CA LYS F 260 -27.35 127.82 -46.35
C LYS F 260 -26.42 126.63 -46.56
N ASP F 261 -25.71 126.61 -47.67
CA ASP F 261 -24.82 125.50 -48.02
C ASP F 261 -23.38 125.88 -47.73
N LYS F 262 -22.64 124.93 -47.16
CA LYS F 262 -21.24 125.14 -46.80
C LYS F 262 -21.09 126.44 -46.01
N LYS F 263 -21.68 126.39 -44.83
CA LYS F 263 -21.89 127.55 -43.97
C LYS F 263 -20.63 127.94 -43.21
N GLY F 264 -19.46 127.54 -43.72
CA GLY F 264 -18.23 127.65 -42.99
C GLY F 264 -17.58 129.01 -42.95
N TYR F 265 -18.21 129.96 -42.24
CA TYR F 265 -17.58 131.22 -41.89
C TYR F 265 -17.02 131.14 -40.47
N GLY F 266 -16.32 132.18 -40.06
CA GLY F 266 -15.87 132.26 -38.69
C GLY F 266 -15.30 133.62 -38.38
N ILE F 267 -14.37 133.65 -37.42
CA ILE F 267 -13.80 134.88 -36.91
C ILE F 267 -12.28 134.84 -37.05
N LYS F 268 -11.69 136.02 -37.14
CA LYS F 268 -10.25 136.22 -37.15
C LYS F 268 -9.61 136.02 -35.78
N ASP F 269 -10.38 135.53 -34.81
CA ASP F 269 -10.17 135.84 -33.41
C ASP F 269 -8.72 135.84 -32.91
N ALA F 270 -8.07 134.67 -32.88
CA ALA F 270 -6.86 134.53 -32.08
C ALA F 270 -5.64 134.10 -32.88
N SER F 271 -5.72 132.98 -33.60
CA SER F 271 -4.53 132.22 -33.96
C SER F 271 -4.22 132.30 -35.45
N LEU F 272 -3.04 131.81 -35.80
CA LEU F 272 -2.70 131.47 -37.17
C LEU F 272 -2.88 129.97 -37.34
N HIS F 273 -3.48 129.57 -38.46
CA HIS F 273 -3.77 128.16 -38.69
C HIS F 273 -2.49 127.34 -38.65
N ILE F 274 -2.55 126.21 -37.94
CA ILE F 274 -1.36 125.46 -37.61
C ILE F 274 -1.00 124.47 -38.72
N GLN F 275 -1.89 123.50 -38.95
CA GLN F 275 -1.64 122.46 -39.93
C GLN F 275 -2.84 122.33 -40.84
N THR F 276 -2.59 122.33 -42.14
CA THR F 276 -3.65 122.29 -43.14
C THR F 276 -3.95 120.86 -43.53
N ALA F 277 -5.24 120.52 -43.56
CA ALA F 277 -5.66 119.22 -44.05
C ALA F 277 -5.24 119.06 -45.50
N GLN F 278 -4.90 117.83 -45.88
CA GLN F 278 -4.38 117.57 -47.21
C GLN F 278 -4.93 116.25 -47.72
N ASN F 279 -5.00 116.15 -49.05
CA ASN F 279 -5.30 114.89 -49.70
C ASN F 279 -4.02 114.24 -50.17
N ALA F 280 -3.87 112.96 -49.83
CA ALA F 280 -2.69 112.23 -50.25
C ALA F 280 -2.53 112.28 -51.76
N GLU F 281 -1.29 112.38 -52.21
CA GLU F 281 -0.98 112.53 -53.62
C GLU F 281 -0.19 111.32 -54.10
N PHE F 282 -0.76 110.61 -55.08
CA PHE F 282 -0.14 109.43 -55.64
C PHE F 282 0.11 109.63 -57.13
N THR F 283 1.00 108.81 -57.66
CA THR F 283 1.29 108.78 -59.10
C THR F 283 1.41 107.32 -59.51
N LEU F 284 0.35 106.80 -60.12
CA LEU F 284 0.32 105.41 -60.58
C LEU F 284 0.56 105.40 -62.07
N ASP F 285 1.76 105.00 -62.47
CA ASP F 285 2.10 104.88 -63.89
C ASP F 285 1.94 106.21 -64.60
N GLY F 286 2.28 107.30 -63.91
CA GLY F 286 2.16 108.61 -64.48
C GLY F 286 0.79 109.25 -64.33
N ILE F 287 -0.11 108.61 -63.60
CA ILE F 287 -1.46 109.14 -63.38
C ILE F 287 -1.50 109.77 -61.99
N LYS F 288 -1.78 111.06 -61.95
CA LYS F 288 -1.92 111.75 -60.69
C LYS F 288 -3.20 111.29 -60.00
N MET F 289 -3.05 110.71 -58.82
CA MET F 289 -4.18 110.19 -58.07
C MET F 289 -4.19 110.81 -56.68
N PHE F 290 -5.39 111.14 -56.21
CA PHE F 290 -5.55 111.78 -54.92
C PHE F 290 -6.71 111.13 -54.19
N ARG F 291 -6.58 111.02 -52.87
CA ARG F 291 -7.61 110.43 -52.05
C ARG F 291 -7.75 111.24 -50.77
N SER F 292 -8.79 110.91 -50.01
CA SER F 292 -9.01 111.59 -48.75
C SER F 292 -8.00 111.15 -47.70
N SER F 293 -7.84 109.85 -47.52
CA SER F 293 -7.00 109.29 -46.48
C SER F 293 -5.76 108.64 -47.07
N ASN F 294 -4.79 108.40 -46.18
CA ASN F 294 -3.58 107.69 -46.58
C ASN F 294 -3.87 106.26 -47.03
N THR F 295 -4.98 105.71 -46.58
CA THR F 295 -5.35 104.33 -46.92
C THR F 295 -6.09 104.33 -48.24
N VAL F 296 -5.51 103.68 -49.24
CA VAL F 296 -6.13 103.55 -50.56
C VAL F 296 -6.59 102.11 -50.70
N THR F 297 -7.90 101.92 -50.75
CA THR F 297 -8.49 100.60 -50.85
C THR F 297 -9.02 100.28 -52.25
N ASP F 298 -9.03 101.26 -53.15
CA ASP F 298 -9.60 101.08 -54.48
C ASP F 298 -8.54 101.10 -55.56
N LEU F 299 -7.27 100.92 -55.18
CA LEU F 299 -6.21 100.90 -56.18
C LEU F 299 -6.46 99.83 -57.23
N GLY F 300 -6.93 98.66 -56.81
CA GLY F 300 -7.22 97.59 -57.73
C GLY F 300 -8.09 96.56 -57.03
N VAL F 301 -8.40 95.50 -57.77
CA VAL F 301 -9.26 94.44 -57.24
C VAL F 301 -8.47 93.62 -56.24
N GLY F 302 -8.97 93.56 -55.01
CA GLY F 302 -8.34 92.74 -54.00
C GLY F 302 -7.00 93.24 -53.52
N MET F 303 -6.70 94.51 -53.74
CA MET F 303 -5.45 95.10 -53.31
C MET F 303 -5.74 96.31 -52.42
N THR F 304 -4.88 96.51 -51.44
CA THR F 304 -5.00 97.62 -50.50
C THR F 304 -3.65 98.27 -50.33
N LEU F 305 -3.61 99.59 -50.48
CA LEU F 305 -2.38 100.36 -50.35
C LEU F 305 -2.45 101.21 -49.08
N THR F 306 -1.38 101.18 -48.30
CA THR F 306 -1.24 101.98 -47.10
C THR F 306 -0.02 102.86 -47.26
N LEU F 307 -0.18 104.13 -46.92
CA LEU F 307 0.86 105.13 -47.13
C LEU F 307 1.62 105.41 -45.84
N ASN F 308 2.93 105.56 -45.95
CA ASN F 308 3.79 105.91 -44.83
C ASN F 308 4.54 107.21 -45.05
N LYS F 309 5.20 107.36 -46.20
CA LYS F 309 5.91 108.59 -46.54
C LYS F 309 5.97 108.70 -48.06
N THR F 310 6.53 109.81 -48.54
CA THR F 310 6.60 110.06 -49.96
C THR F 310 7.80 109.35 -50.57
N GLY F 311 7.81 109.30 -51.90
CA GLY F 311 8.92 108.73 -52.63
C GLY F 311 8.44 107.93 -53.81
N GLU F 312 9.37 107.14 -54.36
CA GLU F 312 9.11 106.28 -55.49
C GLU F 312 9.20 104.82 -55.06
N ILE F 313 8.27 104.00 -55.52
CA ILE F 313 8.23 102.58 -55.19
C ILE F 313 7.87 101.80 -56.44
N ASN F 314 8.38 100.58 -56.54
CA ASN F 314 8.07 99.68 -57.64
C ASN F 314 7.69 98.32 -57.06
N PHE F 315 6.39 98.08 -56.95
CA PHE F 315 5.90 96.79 -56.46
C PHE F 315 5.79 95.80 -57.61
N ASP F 316 5.83 94.52 -57.27
CA ASP F 316 5.71 93.45 -58.25
C ASP F 316 4.93 92.31 -57.62
N VAL F 317 3.81 91.97 -58.22
CA VAL F 317 2.95 90.88 -57.75
C VAL F 317 3.40 89.59 -58.42
N GLN F 318 3.83 88.63 -57.62
CA GLN F 318 4.18 87.31 -58.11
C GLN F 318 3.30 86.28 -57.43
N GLN F 319 3.06 85.17 -58.13
CA GLN F 319 2.27 84.09 -57.58
C GLN F 319 3.09 83.33 -56.55
N ASP F 320 2.55 83.19 -55.35
CA ASP F 320 3.22 82.47 -54.28
C ASP F 320 2.75 81.02 -54.30
N PHE F 321 3.66 80.12 -54.66
CA PHE F 321 3.36 78.69 -54.75
C PHE F 321 4.34 77.86 -53.94
N GLU F 322 4.81 78.41 -52.81
CA GLU F 322 5.75 77.68 -51.99
C GLU F 322 5.13 76.48 -51.28
N GLY F 323 3.80 76.49 -51.08
CA GLY F 323 3.15 75.42 -50.36
C GLY F 323 3.18 74.08 -51.08
N VAL F 324 3.49 74.09 -52.38
CA VAL F 324 3.50 72.83 -53.12
C VAL F 324 4.57 71.90 -52.58
N THR F 325 5.71 72.46 -52.15
CA THR F 325 6.77 71.63 -51.59
C THR F 325 6.29 70.92 -50.33
N LYS F 326 5.67 71.67 -49.43
CA LYS F 326 5.12 71.07 -48.22
C LYS F 326 4.07 70.04 -48.57
N ALA F 327 3.24 70.31 -49.58
CA ALA F 327 2.24 69.37 -50.01
C ALA F 327 2.87 68.04 -50.41
N MET F 328 3.82 68.10 -51.35
CA MET F 328 4.46 66.89 -51.82
C MET F 328 5.15 66.15 -50.68
N GLN F 329 5.79 66.90 -49.79
CA GLN F 329 6.49 66.27 -48.67
C GLN F 329 5.52 65.52 -47.78
N ASP F 330 4.41 66.17 -47.44
CA ASP F 330 3.40 65.51 -46.60
C ASP F 330 2.86 64.28 -47.29
N LEU F 331 2.59 64.37 -48.59
CA LEU F 331 2.03 63.24 -49.31
C LEU F 331 2.99 62.07 -49.30
N VAL F 332 4.26 62.32 -49.61
CA VAL F 332 5.22 61.23 -49.67
C VAL F 332 5.42 60.63 -48.28
N ASP F 333 5.41 61.47 -47.24
CA ASP F 333 5.59 60.96 -45.90
C ASP F 333 4.43 60.05 -45.49
N ALA F 334 3.20 60.52 -45.72
CA ALA F 334 2.05 59.71 -45.37
C ALA F 334 2.05 58.40 -46.15
N TYR F 335 2.37 58.46 -47.44
CA TYR F 335 2.38 57.23 -48.23
C TYR F 335 3.46 56.29 -47.73
N ASN F 336 4.63 56.81 -47.41
CA ASN F 336 5.70 55.96 -46.90
C ASN F 336 5.25 55.26 -45.63
N ASP F 337 4.67 56.01 -44.69
CA ASP F 337 4.25 55.41 -43.44
C ASP F 337 3.15 54.36 -43.68
N LEU F 338 2.20 54.68 -44.55
CA LEU F 338 1.09 53.76 -44.78
C LEU F 338 1.57 52.48 -45.43
N VAL F 339 2.45 52.58 -46.43
CA VAL F 339 2.92 51.39 -47.10
C VAL F 339 3.83 50.59 -46.20
N THR F 340 4.57 51.27 -45.31
CA THR F 340 5.36 50.56 -44.33
C THR F 340 4.46 49.76 -43.40
N ASN F 341 3.37 50.38 -42.94
CA ASN F 341 2.43 49.67 -42.08
C ASN F 341 1.82 48.49 -42.81
N LEU F 342 1.50 48.66 -44.09
CA LEU F 342 0.89 47.57 -44.84
C LEU F 342 1.86 46.41 -45.02
N ASN F 343 3.10 46.72 -45.40
CA ASN F 343 4.11 45.68 -45.53
C ASN F 343 4.29 44.96 -44.20
N ALA F 344 4.48 45.71 -43.12
CA ALA F 344 4.58 45.11 -41.81
C ALA F 344 3.36 44.25 -41.48
N ALA F 345 2.22 44.60 -42.05
CA ALA F 345 1.01 43.81 -41.85
C ALA F 345 1.11 42.48 -42.58
N THR F 346 1.67 42.50 -43.78
CA THR F 346 1.82 41.28 -44.57
C THR F 346 3.27 41.02 -44.93
N ASP F 347 4.18 41.32 -44.01
CA ASP F 347 5.58 40.96 -44.18
C ASP F 347 5.84 39.57 -43.65
N TYR F 348 6.60 38.78 -44.41
CA TYR F 348 7.02 37.47 -43.95
C TYR F 348 8.18 37.64 -42.98
N ASN F 349 7.99 37.20 -41.74
CA ASN F 349 8.97 37.35 -40.68
C ASN F 349 9.60 36.00 -40.40
N SER F 350 10.90 35.89 -40.65
CA SER F 350 11.59 34.63 -40.40
C SER F 350 11.44 34.18 -38.95
N GLU F 351 11.14 35.11 -38.04
CA GLU F 351 10.78 34.72 -36.69
C GLU F 351 9.47 33.95 -36.66
N THR F 352 8.65 34.06 -37.70
CA THR F 352 7.40 33.33 -37.86
C THR F 352 6.33 33.75 -36.87
N GLY F 353 6.61 34.75 -36.03
CA GLY F 353 5.59 35.20 -35.09
C GLY F 353 4.49 35.98 -35.79
N THR F 354 4.83 36.73 -36.83
CA THR F 354 3.86 37.51 -37.59
C THR F 354 4.09 37.33 -39.09
N LYS F 355 4.60 36.18 -39.49
CA LYS F 355 4.89 35.90 -40.89
C LYS F 355 3.57 35.84 -41.67
N GLY F 356 3.31 36.88 -42.46
CA GLY F 356 2.08 36.95 -43.23
C GLY F 356 0.84 36.94 -42.36
N THR F 357 0.76 37.90 -41.45
CA THR F 357 -0.40 37.97 -40.55
C THR F 357 -1.69 38.02 -41.33
N LEU F 358 -1.83 39.04 -42.18
CA LEU F 358 -3.01 39.18 -43.03
C LEU F 358 -2.78 38.63 -44.43
N GLN F 359 -1.81 37.73 -44.57
CA GLN F 359 -1.52 37.17 -45.88
C GLN F 359 -2.74 36.43 -46.40
N GLY F 360 -2.93 36.48 -47.72
CA GLY F 360 -4.12 35.96 -48.35
C GLY F 360 -5.20 37.00 -48.56
N ILE F 361 -5.13 38.12 -47.86
CA ILE F 361 -6.06 39.22 -48.04
C ILE F 361 -5.55 40.06 -49.22
N SER F 362 -6.26 39.98 -50.34
CA SER F 362 -5.85 40.73 -51.53
C SER F 362 -6.01 42.22 -51.36
N GLU F 363 -6.69 42.67 -50.31
CA GLU F 363 -6.93 44.10 -50.11
C GLU F 363 -5.62 44.87 -50.05
N VAL F 364 -4.69 44.41 -49.23
CA VAL F 364 -3.45 45.15 -49.00
C VAL F 364 -2.64 45.24 -50.30
N ASN F 365 -2.49 44.11 -50.98
CA ASN F 365 -1.69 44.10 -52.20
C ASN F 365 -2.35 44.94 -53.29
N SER F 366 -3.67 44.82 -53.42
CA SER F 366 -4.40 45.64 -54.37
C SER F 366 -4.19 47.12 -54.08
N ILE F 367 -4.29 47.51 -52.81
CA ILE F 367 -4.10 48.92 -52.44
C ILE F 367 -2.71 49.37 -52.85
N ARG F 368 -1.69 48.66 -52.39
CA ARG F 368 -0.32 49.07 -52.66
C ARG F 368 -0.09 49.21 -54.16
N SER F 369 -0.44 48.17 -54.91
CA SER F 369 -0.21 48.18 -56.35
C SER F 369 -0.99 49.30 -57.03
N SER F 370 -2.22 49.53 -56.60
CA SER F 370 -3.06 50.52 -57.26
C SER F 370 -2.56 51.93 -57.02
N ILE F 371 -2.13 52.23 -55.78
CA ILE F 371 -1.59 53.55 -55.52
C ILE F 371 -0.27 53.73 -56.25
N LEU F 372 0.55 52.69 -56.30
CA LEU F 372 1.80 52.80 -57.05
C LEU F 372 1.52 53.07 -58.51
N ALA F 373 0.49 52.43 -59.06
CA ALA F 373 0.14 52.65 -60.46
C ALA F 373 -0.34 54.07 -60.69
N ASP F 374 -1.34 54.49 -59.92
CA ASP F 374 -1.87 55.84 -60.09
C ASP F 374 -0.78 56.88 -59.94
N LEU F 375 0.18 56.64 -59.05
CA LEU F 375 1.29 57.57 -58.92
C LEU F 375 2.21 57.51 -60.13
N PHE F 376 2.57 56.30 -60.54
CA PHE F 376 3.34 56.13 -61.76
C PHE F 376 2.52 56.43 -63.00
N ASP F 377 1.21 56.63 -62.85
CA ASP F 377 0.36 56.93 -63.99
C ASP F 377 0.60 58.34 -64.50
N SER F 378 0.25 58.56 -65.77
CA SER F 378 0.42 59.86 -66.40
C SER F 378 -0.47 59.91 -67.63
N GLN F 379 -0.43 61.05 -68.32
CA GLN F 379 -1.19 61.27 -69.53
C GLN F 379 -0.25 61.63 -70.67
N VAL F 380 -0.76 61.51 -71.90
CA VAL F 380 0.04 61.79 -73.08
C VAL F 380 -0.01 63.27 -73.39
N VAL F 381 1.12 63.81 -73.82
CA VAL F 381 1.22 65.22 -74.16
C VAL F 381 0.47 65.50 -75.46
N VAL F 397 1.66 68.53 -69.97
CA VAL F 397 1.29 67.17 -69.60
C VAL F 397 2.51 66.41 -69.11
N MET F 398 2.41 65.84 -67.91
CA MET F 398 3.53 65.12 -67.33
C MET F 398 3.61 63.72 -67.92
N LEU F 399 4.83 63.33 -68.32
CA LEU F 399 5.05 61.96 -68.73
C LEU F 399 5.11 61.03 -67.53
N SER F 400 5.51 61.55 -66.38
CA SER F 400 5.58 60.78 -65.14
C SER F 400 5.82 61.75 -64.01
N MET F 401 5.50 61.31 -62.80
CA MET F 401 5.72 62.17 -61.63
C MET F 401 7.17 62.60 -61.49
N GLN F 402 8.10 61.77 -61.97
CA GLN F 402 9.51 62.11 -61.91
C GLN F 402 9.85 63.29 -62.79
N ASP F 403 8.91 63.77 -63.61
CA ASP F 403 9.16 64.93 -64.43
C ASP F 403 9.43 66.16 -63.58
N PHE F 404 8.78 66.26 -62.41
CA PHE F 404 8.92 67.40 -61.52
C PHE F 404 9.64 67.00 -60.23
N GLY F 405 10.60 66.09 -60.33
CA GLY F 405 11.44 65.74 -59.21
C GLY F 405 10.85 64.73 -58.26
N LEU F 406 9.59 64.34 -58.45
CA LEU F 406 9.02 63.33 -57.56
C LEU F 406 9.61 61.98 -57.90
N SER F 407 10.71 61.64 -57.25
CA SER F 407 11.43 60.41 -57.58
C SER F 407 10.66 59.20 -57.08
N LEU F 408 9.81 58.65 -57.94
CA LEU F 408 8.99 57.51 -57.55
C LEU F 408 9.85 56.27 -57.46
N ASN F 409 10.36 55.99 -56.26
CA ASN F 409 11.24 54.85 -56.04
C ASN F 409 10.41 53.64 -55.63
N ASP F 410 11.08 52.60 -55.14
CA ASP F 410 10.38 51.41 -54.67
C ASP F 410 9.41 51.79 -53.55
N ALA F 411 8.54 50.83 -53.20
CA ALA F 411 7.57 51.07 -52.15
C ALA F 411 8.26 51.41 -50.85
N GLY F 412 7.90 52.57 -50.29
CA GLY F 412 8.48 53.02 -49.03
C GLY F 412 9.77 53.80 -49.18
N THR F 413 10.38 53.83 -50.36
CA THR F 413 11.62 54.56 -50.59
C THR F 413 11.40 55.77 -51.47
N LEU F 414 10.16 56.23 -51.60
CA LEU F 414 9.88 57.41 -52.42
C LEU F 414 10.60 58.63 -51.85
N SER F 415 11.07 59.49 -52.75
CA SER F 415 11.74 60.72 -52.35
C SER F 415 11.25 61.86 -53.22
N PHE F 416 11.25 63.05 -52.65
CA PHE F 416 10.75 64.25 -53.31
C PHE F 416 11.93 65.19 -53.54
N ASP F 417 12.37 65.26 -54.79
CA ASP F 417 13.49 66.13 -55.16
C ASP F 417 12.95 67.55 -55.28
N SER F 418 13.03 68.31 -54.18
CA SER F 418 12.49 69.66 -54.17
C SER F 418 13.11 70.53 -55.26
N SER F 419 14.40 70.33 -55.55
CA SER F 419 15.07 71.16 -56.54
C SER F 419 14.37 71.09 -57.88
N LYS F 420 14.15 69.88 -58.39
CA LYS F 420 13.58 69.72 -59.71
C LYS F 420 12.17 70.26 -59.76
N PHE F 421 11.35 69.95 -58.75
CA PHE F 421 9.99 70.46 -58.73
C PHE F 421 9.97 71.97 -58.75
N GLU F 422 10.71 72.59 -57.82
CA GLU F 422 10.73 74.05 -57.75
C GLU F 422 11.21 74.65 -59.07
N GLN F 423 12.27 74.08 -59.65
CA GLN F 423 12.83 74.63 -60.88
C GLN F 423 11.82 74.53 -62.01
N LYS F 424 11.28 73.34 -62.25
CA LYS F 424 10.36 73.14 -63.35
C LYS F 424 9.06 73.89 -63.16
N VAL F 425 8.70 74.23 -61.93
CA VAL F 425 7.50 75.01 -61.72
C VAL F 425 7.78 76.48 -61.95
N LYS F 426 8.92 76.97 -61.46
CA LYS F 426 9.29 78.35 -61.69
C LYS F 426 9.51 78.63 -63.17
N GLU F 427 9.97 77.62 -63.91
CA GLU F 427 10.18 77.80 -65.34
C GLU F 427 8.86 77.98 -66.07
N ASP F 428 7.85 77.19 -65.71
CA ASP F 428 6.54 77.27 -66.35
C ASP F 428 5.50 76.83 -65.35
N PRO F 429 5.03 77.76 -64.50
CA PRO F 429 3.97 77.40 -63.55
C PRO F 429 2.63 77.16 -64.20
N ASP F 430 2.43 77.63 -65.44
CA ASP F 430 1.11 77.52 -66.08
C ASP F 430 0.80 76.09 -66.49
N SER F 431 1.74 75.43 -67.17
CA SER F 431 1.52 74.04 -67.55
C SER F 431 1.30 73.17 -66.32
N THR F 432 2.11 73.39 -65.29
CA THR F 432 1.98 72.61 -64.06
C THR F 432 0.62 72.84 -63.43
N GLU F 433 0.22 74.11 -63.30
CA GLU F 433 -1.07 74.43 -62.69
C GLU F 433 -2.20 73.81 -63.50
N SER F 434 -2.08 73.82 -64.83
CA SER F 434 -3.12 73.23 -65.66
C SER F 434 -3.21 71.73 -65.43
N PHE F 435 -2.07 71.04 -65.47
CA PHE F 435 -2.10 69.59 -65.35
C PHE F 435 -2.54 69.15 -63.96
N PHE F 436 -2.25 69.95 -62.95
CA PHE F 436 -2.64 69.61 -61.59
C PHE F 436 -4.01 70.16 -61.21
N SER F 437 -4.57 71.04 -62.01
CA SER F 437 -5.95 71.48 -61.84
C SER F 437 -6.92 70.62 -62.62
N ASN F 438 -6.43 69.91 -63.65
CA ASN F 438 -7.22 68.84 -64.23
C ASN F 438 -7.72 67.89 -63.15
N ILE F 439 -7.01 67.82 -62.03
CA ILE F 439 -7.50 67.07 -60.89
C ILE F 439 -8.85 67.65 -60.47
N THR F 440 -9.83 66.78 -60.29
CA THR F 440 -11.16 67.20 -59.85
C THR F 440 -11.68 66.22 -58.81
N GLU F 576 -12.14 65.70 -70.47
CA GLU F 576 -11.79 66.16 -69.12
C GLU F 576 -10.32 65.89 -68.81
N GLY F 577 -9.90 64.64 -69.01
CA GLY F 577 -8.54 64.26 -68.71
C GLY F 577 -8.22 64.54 -67.26
N LYS F 578 -8.97 63.91 -66.36
CA LYS F 578 -8.80 64.18 -64.94
C LYS F 578 -7.36 63.97 -64.53
N GLY F 579 -6.86 64.87 -63.69
CA GLY F 579 -5.45 64.93 -63.40
C GLY F 579 -4.98 63.74 -62.58
N ILE F 580 -3.79 63.93 -62.01
CA ILE F 580 -3.10 62.83 -61.33
C ILE F 580 -3.83 62.47 -60.05
N PHE F 581 -3.89 63.41 -59.11
CA PHE F 581 -4.42 63.12 -57.79
C PHE F 581 -5.92 62.88 -57.78
N SER F 582 -6.62 63.24 -58.85
CA SER F 582 -8.03 62.90 -58.94
C SER F 582 -8.23 61.39 -58.98
N LYS F 583 -7.38 60.69 -59.71
CA LYS F 583 -7.47 59.24 -59.76
C LYS F 583 -7.28 58.64 -58.38
N LEU F 584 -6.38 59.22 -57.59
CA LEU F 584 -6.19 58.75 -56.23
C LEU F 584 -7.44 59.05 -55.39
N LYS F 585 -7.99 60.26 -55.53
CA LYS F 585 -9.20 60.58 -54.79
C LYS F 585 -10.32 59.63 -55.12
N ALA F 586 -10.35 59.11 -56.34
CA ALA F 586 -11.37 58.14 -56.70
C ALA F 586 -11.05 56.76 -56.16
N THR F 587 -9.80 56.32 -56.32
CA THR F 587 -9.42 54.97 -55.92
C THR F 587 -9.54 54.79 -54.41
N LEU F 588 -8.89 55.67 -53.65
CA LEU F 588 -9.00 55.62 -52.20
C LEU F 588 -10.44 55.78 -51.75
N GLN F 589 -11.26 56.50 -52.51
CA GLN F 589 -12.67 56.61 -52.16
C GLN F 589 -13.37 55.27 -52.30
N GLU F 590 -13.13 54.58 -53.41
CA GLU F 590 -13.73 53.26 -53.59
C GLU F 590 -13.27 52.30 -52.50
N MET F 591 -12.02 52.41 -52.08
CA MET F 591 -11.52 51.51 -51.05
C MET F 591 -12.13 51.82 -49.69
N THR F 592 -11.93 53.04 -49.20
CA THR F 592 -12.43 53.43 -47.89
C THR F 592 -13.93 53.70 -47.88
N GLY F 593 -14.59 53.59 -49.02
CA GLY F 593 -16.03 53.81 -49.04
C GLY F 593 -16.76 52.85 -48.13
N LYS F 594 -17.96 53.26 -47.73
CA LYS F 594 -18.75 52.43 -46.84
C LYS F 594 -19.09 51.10 -47.49
N ASP F 595 -19.17 51.06 -48.81
CA ASP F 595 -19.38 49.84 -49.56
C ASP F 595 -18.10 49.37 -50.25
N GLY F 596 -16.96 49.76 -49.69
CA GLY F 596 -15.68 49.39 -50.26
C GLY F 596 -15.14 48.07 -49.72
N SER F 597 -14.05 47.63 -50.34
CA SER F 597 -13.50 46.31 -50.03
C SER F 597 -13.08 46.21 -48.56
N ILE F 598 -12.50 47.29 -48.03
CA ILE F 598 -12.11 47.30 -46.64
C ILE F 598 -13.28 46.88 -45.76
N THR F 599 -14.45 47.44 -46.00
CA THR F 599 -15.64 47.08 -45.27
C THR F 599 -16.07 45.65 -45.53
N LYS F 600 -15.79 45.12 -46.73
CA LYS F 600 -16.14 43.74 -47.00
C LYS F 600 -15.36 42.80 -46.10
N TYR F 601 -14.03 42.94 -46.10
CA TYR F 601 -13.23 42.09 -45.22
C TYR F 601 -13.59 42.33 -43.77
N ASP F 602 -13.81 43.58 -43.39
CA ASP F 602 -14.16 43.88 -42.00
C ASP F 602 -15.46 43.19 -41.60
N GLU F 603 -16.47 43.25 -42.46
CA GLU F 603 -17.76 42.68 -42.13
C GLU F 603 -17.70 41.16 -42.10
N SER F 604 -16.96 40.57 -43.03
CA SER F 604 -16.77 39.12 -42.99
C SER F 604 -16.15 38.71 -41.66
N LEU F 605 -15.07 39.38 -41.27
CA LEU F 605 -14.40 39.01 -40.03
C LEU F 605 -15.28 39.30 -38.83
N THR F 606 -16.14 40.31 -38.92
CA THR F 606 -17.01 40.67 -37.80
C THR F 606 -18.12 39.65 -37.63
N ASN F 607 -18.65 39.13 -38.74
CA ASN F 607 -19.68 38.10 -38.64
C ASN F 607 -19.10 36.76 -38.24
N ASP F 608 -17.83 36.52 -38.60
CA ASP F 608 -17.19 35.26 -38.25
C ASP F 608 -17.22 35.04 -36.75
N ILE F 609 -16.89 36.09 -35.99
CA ILE F 609 -16.85 35.92 -34.54
C ILE F 609 -18.24 35.71 -33.98
N LYS F 610 -19.26 36.32 -34.58
CA LYS F 610 -20.63 36.06 -34.15
C LYS F 610 -20.92 34.57 -34.26
N SER F 611 -20.71 34.01 -35.45
CA SER F 611 -21.01 32.60 -35.66
C SER F 611 -20.16 31.73 -34.74
N LEU F 612 -18.91 32.13 -34.52
CA LEU F 612 -18.02 31.33 -33.68
C LEU F 612 -18.52 31.30 -32.25
N ASN F 613 -18.86 32.47 -31.70
CA ASN F 613 -19.38 32.52 -30.35
C ASN F 613 -20.66 31.71 -30.25
N THR F 614 -21.52 31.79 -31.26
CA THR F 614 -22.77 31.05 -31.20
C THR F 614 -22.52 29.55 -31.14
N SER F 615 -21.68 29.04 -32.04
CA SER F 615 -21.41 27.61 -32.05
C SER F 615 -20.73 27.17 -30.76
N LYS F 616 -19.78 27.96 -30.28
CA LYS F 616 -19.11 27.63 -29.04
C LYS F 616 -20.12 27.56 -27.90
N ASP F 617 -21.08 28.47 -27.88
CA ASP F 617 -22.08 28.46 -26.82
C ASP F 617 -22.99 27.25 -26.93
N SER F 618 -23.33 26.84 -28.15
CA SER F 618 -24.13 25.64 -28.31
C SER F 618 -23.43 24.43 -27.71
N THR F 619 -22.17 24.23 -28.09
CA THR F 619 -21.45 23.09 -27.55
C THR F 619 -21.25 23.23 -26.05
N GLN F 620 -21.10 24.47 -25.57
CA GLN F 620 -21.01 24.68 -24.14
C GLN F 620 -22.25 24.20 -23.43
N ALA F 621 -23.42 24.54 -23.98
CA ALA F 621 -24.66 24.02 -23.44
C ALA F 621 -24.64 22.50 -23.40
N MET F 622 -24.28 21.87 -24.52
CA MET F 622 -24.23 20.41 -24.53
C MET F 622 -23.31 19.87 -23.46
N ILE F 623 -22.23 20.59 -23.16
CA ILE F 623 -21.29 20.11 -22.17
C ILE F 623 -21.97 19.93 -20.82
N ASP F 624 -22.47 21.03 -20.26
CA ASP F 624 -23.06 20.96 -18.92
C ASP F 624 -24.34 20.14 -18.94
N THR F 625 -24.96 19.97 -20.11
CA THR F 625 -26.16 19.14 -20.17
C THR F 625 -25.89 17.77 -19.58
N ARG F 626 -24.78 17.13 -19.99
CA ARG F 626 -24.46 15.80 -19.50
C ARG F 626 -24.17 15.83 -18.00
N TYR F 627 -23.28 16.74 -17.58
CA TYR F 627 -22.81 16.71 -16.22
C TYR F 627 -23.88 17.09 -15.22
N ASP F 628 -24.92 17.79 -15.65
CA ASP F 628 -26.05 18.04 -14.75
C ASP F 628 -26.74 16.73 -14.39
N THR F 629 -27.06 15.92 -15.40
CA THR F 629 -27.62 14.61 -15.13
C THR F 629 -26.67 13.78 -14.30
N MET F 630 -25.37 13.90 -14.55
CA MET F 630 -24.40 13.13 -13.78
C MET F 630 -24.45 13.55 -12.31
N ALA F 631 -24.62 14.84 -12.05
CA ALA F 631 -24.76 15.31 -10.68
C ALA F 631 -26.01 14.71 -10.04
N ASN F 632 -27.10 14.67 -10.80
CA ASN F 632 -28.30 14.04 -10.30
C ASN F 632 -28.04 12.58 -9.96
N GLN F 633 -27.26 11.89 -10.78
CA GLN F 633 -26.93 10.50 -10.51
C GLN F 633 -26.10 10.38 -9.24
N TRP F 634 -25.18 11.32 -9.04
CA TRP F 634 -24.33 11.27 -7.85
C TRP F 634 -25.19 11.39 -6.60
N LEU F 635 -26.05 12.40 -6.55
CA LEU F 635 -26.92 12.52 -5.39
C LEU F 635 -27.87 11.33 -5.31
N GLN F 636 -28.23 10.75 -6.44
CA GLN F 636 -29.11 9.60 -6.44
C GLN F 636 -28.48 8.45 -5.68
N TYR F 637 -27.26 8.09 -6.05
CA TYR F 637 -26.60 7.00 -5.35
C TYR F 637 -26.19 7.42 -3.96
N GLU F 638 -26.05 8.71 -3.70
CA GLU F 638 -25.85 9.13 -2.32
C GLU F 638 -27.06 8.74 -1.50
N SER F 639 -28.25 8.98 -2.04
CA SER F 639 -29.46 8.59 -1.34
C SER F 639 -29.57 7.09 -1.22
N ILE F 640 -29.17 6.38 -2.26
CA ILE F 640 -29.31 4.91 -2.25
C ILE F 640 -28.33 4.31 -1.25
N LEU F 641 -27.11 4.82 -1.23
CA LEU F 641 -26.13 4.33 -0.28
C LEU F 641 -26.47 4.79 1.12
N ASN F 642 -27.23 5.87 1.24
CA ASN F 642 -27.75 6.22 2.54
C ASN F 642 -28.83 5.24 2.96
N LYS F 643 -29.66 4.83 2.01
CA LYS F 643 -30.65 3.82 2.31
C LYS F 643 -29.99 2.53 2.74
N LEU F 644 -28.95 2.11 2.02
CA LEU F 644 -28.30 0.85 2.33
C LEU F 644 -27.46 0.96 3.60
N ASN F 645 -26.86 2.12 3.84
CA ASN F 645 -26.07 2.28 5.05
C ASN F 645 -26.98 2.34 6.26
N GLN F 646 -28.10 3.03 6.13
CA GLN F 646 -29.07 3.07 7.21
C GLN F 646 -29.70 1.71 7.41
N GLN F 647 -29.82 0.93 6.35
CA GLN F 647 -30.43 -0.40 6.49
C GLN F 647 -29.42 -1.41 7.00
N LEU F 648 -28.15 -1.20 6.69
CA LEU F 648 -27.10 -1.98 7.31
C LEU F 648 -27.03 -1.67 8.79
N ASN F 649 -27.14 -0.40 9.13
CA ASN F 649 -27.27 0.01 10.53
C ASN F 649 -28.57 -0.50 11.12
N THR F 650 -29.58 -0.73 10.29
CA THR F 650 -30.85 -1.21 10.79
C THR F 650 -30.76 -2.69 11.14
N VAL F 651 -30.19 -3.48 10.23
CA VAL F 651 -29.95 -4.88 10.53
C VAL F 651 -28.92 -5.01 11.63
N THR F 652 -28.01 -4.03 11.75
CA THR F 652 -27.06 -4.05 12.84
C THR F 652 -27.73 -3.67 14.16
N ASN F 653 -28.73 -2.80 14.10
CA ASN F 653 -29.52 -2.46 15.27
C ASN F 653 -30.36 -3.65 15.71
N MET F 654 -30.81 -4.45 14.75
CA MET F 654 -31.53 -5.67 15.07
C MET F 654 -30.57 -6.75 15.57
N ILE F 655 -29.37 -6.79 15.01
CA ILE F 655 -28.33 -7.70 15.46
C ILE F 655 -27.97 -7.42 16.93
N ASN F 656 -27.85 -6.14 17.26
CA ASN F 656 -27.57 -5.76 18.64
C ASN F 656 -28.80 -5.95 19.52
N ALA F 657 -29.97 -5.57 19.00
CA ALA F 657 -31.22 -5.70 19.75
C ALA F 657 -31.69 -7.15 19.73
N ALA F 658 -31.92 -7.70 18.54
CA ALA F 658 -32.38 -9.07 18.41
C ALA F 658 -31.19 -10.02 18.27
N MET G 21 24.61 -13.32 4.32
CA MET G 21 24.46 -12.53 5.57
C MET G 21 25.20 -11.21 5.47
N ALA G 22 26.10 -11.09 4.49
CA ALA G 22 26.78 -9.83 4.26
C ALA G 22 25.79 -8.69 4.11
N PHE G 23 24.56 -9.00 3.70
CA PHE G 23 23.50 -8.01 3.57
C PHE G 23 22.40 -8.24 4.58
N GLY G 24 22.51 -9.28 5.42
CA GLY G 24 21.54 -9.49 6.46
C GLY G 24 21.44 -8.24 7.31
N SER G 25 20.34 -7.51 7.15
CA SER G 25 20.18 -6.25 7.86
C SER G 25 18.71 -5.92 7.91
N LEU G 26 18.39 -5.01 8.82
CA LEU G 26 17.03 -4.53 8.97
C LEU G 26 17.05 -3.02 8.91
N SER G 27 15.91 -2.45 8.54
CA SER G 27 15.85 -1.05 8.17
C SER G 27 15.57 -0.13 9.33
N SER G 28 14.76 -0.54 10.29
CA SER G 28 14.25 0.41 11.27
C SER G 28 13.91 -0.30 12.57
N LEU G 29 13.52 0.51 13.55
CA LEU G 29 12.96 0.06 14.82
C LEU G 29 11.67 0.84 15.05
N GLY G 30 10.57 0.13 15.28
CA GLY G 30 9.27 0.77 15.28
C GLY G 30 8.41 0.33 16.44
N PHE G 31 7.34 1.09 16.65
CA PHE G 31 6.34 0.78 17.64
C PHE G 31 5.00 1.29 17.15
N GLY G 32 3.95 0.91 17.87
CA GLY G 32 2.63 1.52 17.74
C GLY G 32 2.11 1.65 16.32
N SER G 33 2.70 0.92 15.38
CA SER G 33 2.29 1.01 13.98
C SER G 33 0.88 0.46 13.82
N GLY G 34 -0.08 1.36 13.63
CA GLY G 34 -1.45 0.94 13.43
C GLY G 34 -2.47 1.85 14.08
N VAL G 35 -3.70 1.37 14.16
CA VAL G 35 -4.82 2.12 14.70
C VAL G 35 -5.53 1.25 15.73
N LEU G 36 -6.02 1.89 16.78
CA LEU G 36 -6.76 1.17 17.81
C LEU G 36 -8.10 0.71 17.26
N THR G 37 -8.47 -0.52 17.58
CA THR G 37 -9.81 -1.04 17.35
C THR G 37 -10.23 -1.88 18.53
N GLN G 38 -11.54 -1.95 18.74
CA GLN G 38 -12.05 -2.78 19.82
C GLN G 38 -11.55 -4.21 19.67
N ASP G 39 -11.31 -4.65 18.44
CA ASP G 39 -10.78 -6.00 18.24
C ASP G 39 -9.40 -6.14 18.87
N THR G 40 -8.56 -5.14 18.70
CA THR G 40 -7.27 -5.16 19.35
C THR G 40 -7.43 -5.17 20.85
N ILE G 41 -8.42 -4.44 21.36
CA ILE G 41 -8.68 -4.44 22.78
C ILE G 41 -9.02 -5.84 23.24
N ASP G 42 -9.82 -6.55 22.46
CA ASP G 42 -10.21 -7.90 22.83
C ASP G 42 -9.01 -8.82 22.82
N LYS G 43 -8.14 -8.66 21.83
CA LYS G 43 -6.94 -9.50 21.77
C LYS G 43 -6.07 -9.27 22.99
N LEU G 44 -5.89 -8.00 23.37
CA LEU G 44 -5.10 -7.70 24.54
C LEU G 44 -5.74 -8.29 25.79
N LYS G 45 -7.07 -8.21 25.86
CA LYS G 45 -7.77 -8.78 27.00
C LYS G 45 -7.52 -10.28 27.08
N GLU G 46 -7.54 -10.95 25.93
CA GLU G 46 -7.32 -12.40 25.93
C GLU G 46 -5.90 -12.71 26.37
N ALA G 47 -4.93 -11.94 25.88
CA ALA G 47 -3.55 -12.18 26.25
C ALA G 47 -3.36 -12.02 27.74
N GLU G 48 -3.92 -10.95 28.29
CA GLU G 48 -3.82 -10.72 29.73
C GLU G 48 -4.46 -11.85 30.48
N GLN G 49 -5.67 -12.23 30.08
CA GLN G 49 -6.36 -13.34 30.71
C GLN G 49 -5.46 -14.55 30.76
N LYS G 50 -4.88 -14.91 29.63
CA LYS G 50 -4.00 -16.07 29.61
C LYS G 50 -2.92 -15.90 30.65
N ALA G 51 -2.08 -14.89 30.43
CA ALA G 51 -0.87 -14.73 31.23
C ALA G 51 -1.15 -14.53 32.70
N ARG G 52 -2.39 -14.23 33.08
CA ARG G 52 -2.72 -13.97 34.46
C ARG G 52 -3.44 -15.12 35.15
N ILE G 53 -4.28 -15.86 34.44
CA ILE G 53 -5.13 -16.87 35.07
C ILE G 53 -4.88 -18.27 34.55
N ASP G 54 -3.86 -18.47 33.73
CA ASP G 54 -3.55 -19.85 33.34
C ASP G 54 -3.00 -20.67 34.49
N PRO G 55 -2.06 -20.17 35.28
CA PRO G 55 -1.54 -20.99 36.40
C PRO G 55 -2.63 -21.44 37.34
N TYR G 56 -3.64 -20.61 37.58
CA TYR G 56 -4.74 -21.02 38.44
C TYR G 56 -5.42 -22.25 37.86
N THR G 57 -5.74 -22.21 36.57
CA THR G 57 -6.35 -23.36 35.92
C THR G 57 -5.47 -24.58 36.06
N LYS G 58 -4.17 -24.41 35.84
CA LYS G 58 -3.27 -25.56 35.86
C LYS G 58 -3.23 -26.18 37.25
N LYS G 59 -3.12 -25.36 38.28
CA LYS G 59 -3.11 -25.89 39.64
C LYS G 59 -4.43 -26.55 39.97
N ILE G 60 -5.53 -26.00 39.46
CA ILE G 60 -6.84 -26.60 39.69
C ILE G 60 -6.87 -28.00 39.11
N GLU G 61 -6.39 -28.14 37.87
CA GLU G 61 -6.38 -29.45 37.25
C GLU G 61 -5.49 -30.42 38.01
N GLU G 62 -4.33 -29.93 38.45
CA GLU G 62 -3.43 -30.77 39.23
C GLU G 62 -4.14 -31.31 40.47
N ASN G 63 -4.78 -30.41 41.22
CA ASN G 63 -5.45 -30.83 42.44
C ASN G 63 -6.57 -31.80 42.15
N THR G 64 -7.31 -31.56 41.07
CA THR G 64 -8.42 -32.45 40.73
C THR G 64 -7.91 -33.85 40.40
N THR G 65 -6.83 -33.92 39.62
CA THR G 65 -6.24 -35.22 39.32
C THR G 65 -5.80 -35.92 40.59
N LYS G 66 -5.13 -35.18 41.48
CA LYS G 66 -4.69 -35.76 42.73
C LYS G 66 -5.87 -36.30 43.52
N GLN G 67 -6.98 -35.56 43.53
CA GLN G 67 -8.12 -35.98 44.31
C GLN G 67 -8.77 -37.22 43.73
N LYS G 68 -8.86 -37.28 42.39
CA LYS G 68 -9.37 -38.49 41.76
C LYS G 68 -8.54 -39.70 42.17
N ASP G 69 -7.22 -39.58 42.06
CA ASP G 69 -6.37 -40.72 42.38
C ASP G 69 -6.51 -41.11 43.84
N LEU G 70 -6.58 -40.12 44.73
CA LEU G 70 -6.71 -40.43 46.15
C LEU G 70 -8.03 -41.12 46.42
N THR G 71 -9.10 -40.69 45.75
CA THR G 71 -10.38 -41.34 45.91
C THR G 71 -10.31 -42.79 45.47
N GLU G 72 -9.66 -43.04 44.33
CA GLU G 72 -9.55 -44.41 43.86
C GLU G 72 -8.83 -45.28 44.87
N ILE G 73 -7.66 -44.83 45.32
CA ILE G 73 -6.90 -45.66 46.25
C ILE G 73 -7.65 -45.78 47.57
N LYS G 74 -8.48 -44.79 47.90
CA LYS G 74 -9.27 -44.88 49.12
C LYS G 74 -10.29 -45.99 49.00
N THR G 75 -10.98 -46.06 47.86
CA THR G 75 -11.93 -47.14 47.64
C THR G 75 -11.23 -48.49 47.73
N LYS G 76 -10.06 -48.60 47.12
CA LYS G 76 -9.33 -49.87 47.17
C LYS G 76 -8.96 -50.22 48.60
N LEU G 77 -8.44 -49.25 49.35
CA LEU G 77 -8.05 -49.50 50.73
C LEU G 77 -9.24 -49.89 51.57
N LEU G 78 -10.40 -49.29 51.28
CA LEU G 78 -11.60 -49.62 52.05
C LEU G 78 -12.05 -51.04 51.74
N SER G 79 -11.99 -51.44 50.48
CA SER G 79 -12.33 -52.81 50.14
C SER G 79 -11.39 -53.79 50.84
N PHE G 80 -10.10 -53.48 50.83
CA PHE G 80 -9.15 -54.37 51.49
C PHE G 80 -9.41 -54.44 52.98
N GLN G 81 -9.69 -53.29 53.61
CA GLN G 81 -9.98 -53.29 55.03
C GLN G 81 -11.24 -54.08 55.32
N THR G 82 -12.22 -53.99 54.42
CA THR G 82 -13.42 -54.80 54.56
C THR G 82 -13.07 -56.27 54.58
N ALA G 83 -12.27 -56.70 53.61
CA ALA G 83 -11.88 -58.11 53.56
C ALA G 83 -11.17 -58.53 54.84
N VAL G 84 -10.20 -57.73 55.28
CA VAL G 84 -9.41 -58.11 56.44
C VAL G 84 -10.28 -58.15 57.68
N SER G 85 -11.14 -57.14 57.87
CA SER G 85 -11.97 -57.11 59.06
C SER G 85 -12.99 -58.24 59.03
N SER G 86 -13.39 -58.68 57.84
CA SER G 86 -14.36 -59.77 57.75
C SER G 86 -13.71 -61.10 58.08
N LEU G 87 -12.50 -61.33 57.60
CA LEU G 87 -11.82 -62.62 57.78
C LEU G 87 -10.72 -62.55 58.82
N ALA G 88 -10.77 -61.59 59.74
CA ALA G 88 -9.78 -61.51 60.79
C ALA G 88 -10.19 -62.32 62.01
N ASP G 89 -11.49 -62.41 62.27
CA ASP G 89 -12.00 -63.16 63.42
C ASP G 89 -11.99 -64.64 63.08
N ALA G 90 -10.98 -65.36 63.56
CA ALA G 90 -10.86 -66.79 63.28
C ALA G 90 -12.03 -67.59 63.86
N THR G 91 -12.75 -67.02 64.83
CA THR G 91 -13.86 -67.72 65.42
C THR G 91 -14.97 -67.99 64.43
N VAL G 92 -14.97 -67.31 63.27
CA VAL G 92 -15.97 -67.57 62.27
C VAL G 92 -15.88 -69.00 61.77
N PHE G 93 -14.71 -69.62 61.87
CA PHE G 93 -14.52 -70.99 61.43
C PHE G 93 -14.96 -71.99 62.49
N ALA G 94 -16.18 -71.80 62.98
CA ALA G 94 -16.80 -72.73 63.91
C ALA G 94 -17.57 -73.82 63.20
N LYS G 95 -17.53 -73.84 61.87
CA LYS G 95 -18.30 -74.83 61.12
C LYS G 95 -17.86 -76.23 61.49
N ARG G 96 -18.80 -77.17 61.35
CA ARG G 96 -18.54 -78.56 61.60
C ARG G 96 -19.10 -79.38 60.44
N LYS G 97 -18.38 -80.44 60.09
CA LYS G 97 -18.80 -81.33 59.01
C LYS G 97 -18.91 -82.74 59.54
N VAL G 98 -19.95 -83.44 59.10
CA VAL G 98 -20.26 -84.78 59.59
C VAL G 98 -19.70 -85.79 58.60
N VAL G 99 -18.83 -86.66 59.09
CA VAL G 99 -18.26 -87.74 58.30
C VAL G 99 -18.35 -89.03 59.11
N GLY G 100 -17.89 -90.11 58.52
CA GLY G 100 -17.88 -91.40 59.17
C GLY G 100 -17.96 -92.51 58.16
N SER G 101 -18.26 -93.71 58.68
CA SER G 101 -18.40 -94.91 57.85
C SER G 101 -19.84 -95.05 57.39
N ILE G 102 -20.26 -94.11 56.54
CA ILE G 102 -21.59 -94.10 55.98
C ILE G 102 -21.49 -94.56 54.54
N SER G 103 -22.27 -95.57 54.20
CA SER G 103 -22.24 -96.17 52.88
C SER G 103 -23.27 -95.50 51.98
N ASP G 104 -23.54 -96.12 50.83
CA ASP G 104 -24.46 -95.58 49.84
C ASP G 104 -25.72 -95.01 50.48
N ASN G 105 -26.45 -95.84 51.22
CA ASN G 105 -27.72 -95.42 51.81
C ASN G 105 -27.53 -95.21 53.30
N PRO G 106 -27.54 -93.96 53.78
CA PRO G 106 -27.48 -93.73 55.22
C PRO G 106 -28.77 -94.15 55.89
N PRO G 107 -28.72 -95.16 56.75
CA PRO G 107 -29.95 -95.56 57.45
C PRO G 107 -30.51 -94.46 58.32
N ALA G 108 -29.65 -93.56 58.81
CA ALA G 108 -30.09 -92.40 59.55
C ALA G 108 -29.18 -91.23 59.19
N SER G 109 -29.72 -90.03 59.28
CA SER G 109 -29.00 -88.81 58.92
C SER G 109 -28.86 -87.92 60.13
N LEU G 110 -27.62 -87.56 60.46
CA LEU G 110 -27.31 -86.72 61.60
C LEU G 110 -26.87 -85.36 61.09
N THR G 111 -27.62 -84.32 61.46
CA THR G 111 -27.28 -82.95 61.11
C THR G 111 -26.81 -82.21 62.35
N VAL G 112 -25.68 -81.53 62.22
CA VAL G 112 -25.05 -80.84 63.34
C VAL G 112 -24.89 -79.38 62.97
N ASN G 113 -25.23 -78.50 63.89
CA ASN G 113 -25.07 -77.08 63.68
C ASN G 113 -23.63 -76.66 64.00
N SER G 114 -23.39 -75.36 64.04
CA SER G 114 -22.06 -74.84 64.29
C SER G 114 -21.77 -74.75 65.79
N GLY G 115 -20.49 -74.78 66.12
CA GLY G 115 -20.04 -74.61 67.49
C GLY G 115 -20.00 -75.88 68.31
N VAL G 116 -20.65 -76.95 67.84
CA VAL G 116 -20.68 -78.18 68.60
C VAL G 116 -19.28 -78.78 68.66
N ALA G 117 -18.93 -79.35 69.81
CA ALA G 117 -17.63 -79.96 69.97
C ALA G 117 -17.50 -81.20 69.09
N LEU G 118 -16.26 -81.61 68.88
CA LEU G 118 -16.01 -82.77 68.04
C LEU G 118 -16.26 -84.05 68.82
N GLN G 119 -16.76 -85.06 68.11
CA GLN G 119 -17.13 -86.33 68.72
C GLN G 119 -17.41 -87.34 67.62
N SER G 120 -17.67 -88.57 68.04
CA SER G 120 -18.06 -89.64 67.13
C SER G 120 -19.17 -90.43 67.79
N MET G 121 -20.12 -90.90 66.98
CA MET G 121 -21.32 -91.55 67.47
C MET G 121 -21.42 -92.95 66.90
N ASN G 122 -21.50 -93.95 67.79
CA ASN G 122 -21.75 -95.33 67.41
C ASN G 122 -23.24 -95.57 67.58
N ILE G 123 -23.98 -95.47 66.49
CA ILE G 123 -25.43 -95.53 66.51
C ILE G 123 -25.88 -96.79 65.81
N ASN G 124 -26.84 -97.48 66.42
CA ASN G 124 -27.47 -98.63 65.82
C ASN G 124 -28.98 -98.48 65.93
N VAL G 125 -29.67 -98.71 64.83
CA VAL G 125 -31.13 -98.64 64.77
C VAL G 125 -31.66 -100.06 64.62
N THR G 126 -32.76 -100.34 65.31
CA THR G 126 -33.37 -101.65 65.27
C THR G 126 -34.84 -101.64 64.90
N GLN G 127 -35.52 -100.51 65.02
CA GLN G 127 -36.91 -100.46 64.61
C GLN G 127 -37.31 -99.02 64.35
N LEU G 128 -38.12 -98.83 63.31
CA LEU G 128 -38.62 -97.52 62.97
C LEU G 128 -39.88 -97.21 63.76
N ALA G 129 -40.12 -95.92 63.94
CA ALA G 129 -41.38 -95.48 64.51
C ALA G 129 -42.49 -95.65 63.50
N GLN G 130 -43.68 -96.00 63.99
CA GLN G 130 -44.81 -96.30 63.12
C GLN G 130 -46.05 -95.62 63.68
N LYS G 131 -47.11 -95.66 62.87
CA LYS G 131 -48.42 -95.21 63.28
C LYS G 131 -49.39 -96.38 63.21
N ASP G 132 -50.52 -96.22 63.89
CA ASP G 132 -51.53 -97.27 63.92
C ASP G 132 -52.47 -97.11 62.73
N VAL G 133 -52.68 -98.21 62.00
CA VAL G 133 -53.48 -98.21 60.79
C VAL G 133 -54.67 -99.12 60.98
N TYR G 134 -55.84 -98.66 60.54
CA TYR G 134 -57.07 -99.43 60.61
C TYR G 134 -57.75 -99.36 59.25
N GLN G 135 -57.88 -100.51 58.59
CA GLN G 135 -58.55 -100.61 57.30
C GLN G 135 -59.82 -101.44 57.47
N SER G 136 -60.96 -100.82 57.20
CA SER G 136 -62.24 -101.47 57.46
C SER G 136 -62.38 -102.73 56.63
N LYS G 137 -62.77 -103.82 57.29
CA LYS G 137 -63.05 -105.06 56.57
C LYS G 137 -64.44 -105.05 55.96
N GLY G 138 -65.36 -104.25 56.51
CA GLY G 138 -66.64 -104.05 55.87
C GLY G 138 -66.44 -103.39 54.53
N LEU G 139 -66.61 -104.15 53.46
CA LEU G 139 -66.30 -103.69 52.10
C LEU G 139 -67.61 -103.32 51.42
N ALA G 140 -67.88 -102.01 51.38
CA ALA G 140 -69.06 -101.50 50.71
C ALA G 140 -68.73 -101.19 49.25
N ASN G 141 -69.66 -101.53 48.37
CA ASN G 141 -69.52 -101.23 46.95
C ASN G 141 -70.12 -99.88 46.59
N ASP G 142 -70.40 -99.04 47.58
CA ASP G 142 -70.97 -97.72 47.33
C ASP G 142 -70.56 -96.81 48.48
N SER G 143 -69.90 -95.69 48.14
CA SER G 143 -69.53 -94.72 49.17
C SER G 143 -70.76 -94.08 49.80
N GLY G 144 -71.90 -94.11 49.12
CA GLY G 144 -73.11 -93.53 49.66
C GLY G 144 -73.97 -94.54 50.38
N PHE G 145 -73.35 -95.57 50.94
CA PHE G 145 -74.09 -96.59 51.68
C PHE G 145 -74.73 -95.96 52.91
N VAL G 146 -76.04 -96.13 53.05
CA VAL G 146 -76.80 -95.59 54.17
C VAL G 146 -77.40 -96.76 54.93
N ASN G 147 -77.09 -96.82 56.23
CA ASN G 147 -77.69 -97.79 57.13
C ASN G 147 -78.93 -97.14 57.74
N ALA G 148 -80.06 -97.28 57.04
CA ALA G 148 -81.29 -96.61 57.44
C ALA G 148 -81.81 -97.10 58.78
N ASN G 149 -81.40 -98.28 59.22
CA ASN G 149 -81.93 -98.82 60.48
C ASN G 149 -81.35 -98.12 61.70
N LEU G 150 -80.35 -97.25 61.53
CA LEU G 150 -79.79 -96.50 62.65
C LEU G 150 -80.71 -95.33 62.96
N THR G 151 -81.91 -95.66 63.40
CA THR G 151 -82.88 -94.65 63.79
C THR G 151 -82.41 -93.96 65.07
N GLY G 152 -82.63 -92.65 65.13
CA GLY G 152 -82.12 -91.86 66.23
C GLY G 152 -80.71 -91.37 65.94
N THR G 153 -80.01 -91.00 67.01
CA THR G 153 -78.65 -90.52 66.91
C THR G 153 -77.73 -91.33 67.82
N THR G 154 -76.44 -91.25 67.51
CA THR G 154 -75.40 -91.85 68.33
C THR G 154 -74.17 -90.97 68.24
N ASP G 155 -73.16 -91.28 69.05
CA ASP G 155 -71.96 -90.46 69.13
C ASP G 155 -70.74 -91.36 69.00
N LEU G 156 -70.01 -91.20 67.91
CA LEU G 156 -68.77 -91.93 67.67
C LEU G 156 -67.67 -91.31 68.51
N THR G 157 -67.47 -91.88 69.69
CA THR G 157 -66.50 -91.37 70.65
C THR G 157 -65.15 -92.04 70.43
N PHE G 158 -64.12 -91.24 70.14
CA PHE G 158 -62.80 -91.75 69.86
C PHE G 158 -61.81 -91.27 70.91
N PHE G 159 -60.69 -91.97 71.01
CA PHE G 159 -59.67 -91.70 72.03
C PHE G 159 -58.30 -91.98 71.42
N SER G 160 -57.59 -90.92 71.06
CA SER G 160 -56.27 -91.01 70.45
C SER G 160 -55.27 -90.32 71.37
N ASN G 161 -54.28 -91.08 71.83
CA ASN G 161 -53.22 -90.53 72.66
C ASN G 161 -53.80 -89.74 73.83
N GLY G 162 -54.86 -90.28 74.43
CA GLY G 162 -55.49 -89.65 75.56
C GLY G 162 -56.40 -88.49 75.22
N LYS G 163 -56.65 -88.24 73.94
CA LYS G 163 -57.51 -87.15 73.50
C LYS G 163 -58.81 -87.71 72.98
N GLU G 164 -59.91 -87.28 73.56
CA GLU G 164 -61.22 -87.76 73.18
C GLU G 164 -61.78 -86.93 72.05
N TYR G 165 -62.46 -87.60 71.12
CA TYR G 165 -63.15 -86.93 70.02
C TYR G 165 -64.47 -87.65 69.79
N THR G 166 -65.51 -86.86 69.54
CA THR G 166 -66.87 -87.38 69.43
C THR G 166 -67.47 -86.92 68.11
N VAL G 167 -68.22 -87.82 67.47
CA VAL G 167 -68.87 -87.54 66.20
C VAL G 167 -70.28 -88.09 66.26
N THR G 168 -71.27 -87.24 66.01
CA THR G 168 -72.66 -87.67 66.00
C THR G 168 -73.00 -88.29 64.65
N VAL G 169 -73.81 -89.35 64.70
CA VAL G 169 -74.23 -90.07 63.51
C VAL G 169 -75.74 -90.22 63.52
N ASP G 170 -76.34 -90.12 62.35
CA ASP G 170 -77.79 -90.17 62.20
C ASP G 170 -78.17 -91.27 61.21
N LYS G 171 -79.46 -91.33 60.89
CA LYS G 171 -79.96 -92.33 59.96
C LYS G 171 -79.42 -92.13 58.55
N ASN G 172 -79.12 -90.88 58.19
CA ASN G 172 -78.66 -90.55 56.85
C ASN G 172 -77.17 -90.76 56.68
N THR G 173 -76.56 -91.56 57.54
CA THR G 173 -75.11 -91.74 57.51
C THR G 173 -74.65 -92.30 56.17
N THR G 174 -73.60 -91.70 55.63
CA THR G 174 -72.89 -92.24 54.48
C THR G 174 -71.41 -92.29 54.80
N TYR G 175 -70.71 -93.17 54.10
CA TYR G 175 -69.29 -93.34 54.36
C TYR G 175 -68.53 -92.05 54.13
N ARG G 176 -68.90 -91.30 53.09
CA ARG G 176 -68.25 -90.01 52.85
C ARG G 176 -68.57 -89.04 53.97
N ASP G 177 -69.86 -88.93 54.32
CA ASP G 177 -70.25 -88.08 55.44
C ASP G 177 -69.52 -88.49 56.70
N LEU G 178 -69.42 -89.79 56.95
CA LEU G 178 -68.72 -90.26 58.13
C LEU G 178 -67.27 -89.80 58.11
N ALA G 179 -66.56 -90.07 57.03
CA ALA G 179 -65.15 -89.71 56.95
C ALA G 179 -64.98 -88.21 57.18
N ASP G 180 -65.84 -87.40 56.57
CA ASP G 180 -65.75 -85.96 56.74
C ASP G 180 -65.95 -85.58 58.21
N LYS G 181 -66.96 -86.16 58.84
CA LYS G 181 -67.23 -85.83 60.23
C LYS G 181 -66.06 -86.24 61.12
N ILE G 182 -65.46 -87.37 60.84
CA ILE G 182 -64.31 -87.82 61.62
C ILE G 182 -63.16 -86.84 61.46
N ASN G 183 -62.80 -86.53 60.22
CA ASN G 183 -61.67 -85.65 59.98
C ASN G 183 -61.93 -84.23 60.46
N GLU G 184 -63.18 -83.85 60.65
CA GLU G 184 -63.49 -82.51 61.12
C GLU G 184 -63.54 -82.43 62.64
N ALA G 185 -64.32 -83.32 63.28
CA ALA G 185 -64.36 -83.34 64.73
C ALA G 185 -62.97 -83.53 65.31
N SER G 186 -62.29 -84.58 64.88
CA SER G 186 -60.86 -84.72 65.16
C SER G 186 -60.11 -83.85 64.18
N GLY G 187 -59.61 -82.72 64.66
CA GLY G 187 -59.05 -81.73 63.77
C GLY G 187 -57.72 -82.19 63.18
N GLY G 188 -57.79 -83.19 62.31
CA GLY G 188 -56.61 -83.75 61.70
C GLY G 188 -55.92 -84.81 62.53
N GLU G 189 -56.26 -84.94 63.81
CA GLU G 189 -55.62 -85.95 64.64
C GLU G 189 -55.93 -87.35 64.14
N ILE G 190 -57.17 -87.58 63.73
CA ILE G 190 -57.62 -88.86 63.20
C ILE G 190 -57.85 -88.69 61.70
N VAL G 191 -57.15 -89.49 60.93
CA VAL G 191 -57.25 -89.43 59.47
C VAL G 191 -58.34 -90.38 59.01
N ALA G 192 -59.23 -89.89 58.18
CA ALA G 192 -60.30 -90.70 57.61
C ALA G 192 -60.33 -90.48 56.10
N LYS G 193 -60.33 -91.57 55.35
CA LYS G 193 -60.33 -91.47 53.90
C LYS G 193 -60.86 -92.76 53.31
N ILE G 194 -61.59 -92.62 52.20
CA ILE G 194 -62.16 -93.74 51.48
C ILE G 194 -61.26 -94.07 50.31
N VAL G 195 -60.96 -95.35 50.15
CA VAL G 195 -60.10 -95.83 49.06
C VAL G 195 -60.93 -96.76 48.20
N ASN G 196 -60.96 -96.49 46.90
CA ASN G 196 -61.64 -97.36 45.96
C ASN G 196 -60.79 -98.59 45.71
N THR G 197 -61.07 -99.65 46.46
CA THR G 197 -60.29 -100.88 46.33
C THR G 197 -60.30 -101.35 44.88
N GLY G 198 -59.11 -101.71 44.39
CA GLY G 198 -58.96 -102.13 43.00
C GLY G 198 -59.41 -103.55 42.74
N GLU G 199 -60.67 -103.85 43.05
CA GLU G 199 -61.21 -105.18 42.85
C GLU G 199 -62.49 -105.08 42.02
N LYS G 200 -63.14 -106.23 41.81
CA LYS G 200 -64.22 -106.29 40.84
C LYS G 200 -65.47 -105.59 41.34
N GLY G 201 -65.75 -105.68 42.64
CA GLY G 201 -66.93 -105.06 43.20
C GLY G 201 -66.72 -103.68 43.79
N THR G 202 -65.64 -103.00 43.45
CA THR G 202 -65.24 -101.72 44.05
C THR G 202 -65.48 -101.78 45.56
N PRO G 203 -64.90 -102.75 46.24
CA PRO G 203 -65.17 -102.92 47.68
C PRO G 203 -64.52 -101.82 48.51
N TYR G 204 -65.17 -100.67 48.53
CA TYR G 204 -64.67 -99.53 49.27
C TYR G 204 -64.50 -99.89 50.74
N ARG G 205 -63.39 -99.47 51.31
CA ARG G 205 -63.15 -99.59 52.75
C ARG G 205 -62.62 -98.27 53.28
N LEU G 206 -63.06 -97.93 54.49
CA LEU G 206 -62.65 -96.68 55.12
C LEU G 206 -61.35 -96.90 55.84
N THR G 207 -60.37 -96.05 55.56
CA THR G 207 -59.05 -96.14 56.17
C THR G 207 -58.95 -95.12 57.29
N LEU G 208 -58.55 -95.58 58.47
CA LEU G 208 -58.43 -94.72 59.64
C LEU G 208 -57.05 -94.91 60.25
N THR G 209 -56.27 -93.83 60.30
CA THR G 209 -54.93 -93.86 60.83
C THR G 209 -54.70 -92.67 61.75
N SER G 210 -53.67 -92.80 62.57
CA SER G 210 -53.28 -91.72 63.46
C SER G 210 -52.37 -90.74 62.75
N LYS G 211 -52.53 -89.46 63.10
CA LYS G 211 -51.67 -88.44 62.52
C LYS G 211 -50.25 -88.53 63.08
N GLU G 212 -50.10 -88.99 64.30
CA GLU G 212 -48.80 -89.10 64.95
C GLU G 212 -48.30 -90.52 64.92
N THR G 213 -47.02 -90.68 65.26
CA THR G 213 -46.37 -91.98 65.34
C THR G 213 -45.96 -92.27 66.77
N GLY G 214 -45.81 -93.54 67.07
CA GLY G 214 -45.54 -93.98 68.42
C GLY G 214 -46.73 -94.70 69.01
N GLU G 215 -46.44 -95.70 69.85
CA GLU G 215 -47.50 -96.52 70.39
C GLU G 215 -48.52 -95.70 71.16
N ASP G 216 -48.09 -94.61 71.78
CA ASP G 216 -49.01 -93.78 72.55
C ASP G 216 -50.13 -93.21 71.70
N SER G 217 -49.94 -93.14 70.39
CA SER G 217 -50.94 -92.60 69.48
C SER G 217 -52.04 -93.61 69.16
N ALA G 218 -52.12 -94.70 69.91
CA ALA G 218 -53.14 -95.71 69.64
C ALA G 218 -54.53 -95.07 69.71
N ILE G 219 -55.41 -95.50 68.80
CA ILE G 219 -56.75 -94.97 68.71
C ILE G 219 -57.75 -96.12 68.85
N SER G 220 -58.84 -95.84 69.57
CA SER G 220 -59.95 -96.76 69.71
C SER G 220 -61.21 -96.04 69.25
N PHE G 221 -61.86 -96.57 68.22
CA PHE G 221 -63.09 -95.99 67.70
C PHE G 221 -64.25 -96.67 68.41
N TYR G 222 -64.83 -95.95 69.36
CA TYR G 222 -65.76 -96.51 70.33
C TYR G 222 -67.18 -96.03 70.07
N ALA G 223 -68.11 -96.97 70.00
CA ALA G 223 -69.53 -96.67 69.80
C ALA G 223 -70.19 -96.70 71.17
N GLY G 224 -70.32 -95.53 71.79
CA GLY G 224 -70.83 -95.45 73.14
C GLY G 224 -71.88 -94.38 73.40
N LYS G 225 -72.11 -93.51 72.42
CA LYS G 225 -73.02 -92.38 72.60
C LYS G 225 -72.60 -91.52 73.79
N LYS G 226 -71.33 -91.11 73.76
CA LYS G 226 -70.71 -90.36 74.86
C LYS G 226 -70.75 -91.18 76.15
N ASP G 227 -70.60 -92.50 76.02
CA ASP G 227 -70.47 -93.36 77.19
C ASP G 227 -69.18 -93.10 77.95
N ALA G 228 -68.24 -92.39 77.33
CA ALA G 228 -66.90 -92.30 77.90
C ALA G 228 -66.87 -91.37 79.10
N GLN G 229 -67.15 -90.08 78.88
CA GLN G 229 -67.23 -89.14 79.99
C GLN G 229 -68.35 -88.13 79.88
N GLY G 230 -69.13 -88.10 78.80
CA GLY G 230 -70.28 -87.23 78.74
C GLY G 230 -71.31 -87.71 79.74
N GLN G 231 -71.64 -88.99 79.65
CA GLN G 231 -72.50 -89.66 80.62
C GLN G 231 -72.45 -91.14 80.33
N TYR G 232 -72.32 -91.94 81.38
CA TYR G 232 -72.15 -93.38 81.21
C TYR G 232 -73.36 -93.99 80.52
N GLN G 233 -73.14 -94.55 79.34
CA GLN G 233 -74.18 -95.25 78.59
C GLN G 233 -73.95 -96.75 78.54
N SER G 234 -72.83 -97.24 79.05
CA SER G 234 -72.52 -98.66 79.08
C SER G 234 -72.56 -99.26 77.68
N ASP G 235 -71.88 -98.58 76.75
CA ASP G 235 -71.66 -99.10 75.40
C ASP G 235 -72.96 -99.49 74.71
N PRO G 236 -73.81 -98.53 74.36
CA PRO G 236 -75.01 -98.87 73.58
C PRO G 236 -74.65 -99.39 72.20
N GLU G 237 -75.50 -100.28 71.70
CA GLU G 237 -75.25 -100.93 70.41
C GLU G 237 -75.90 -100.13 69.28
N ALA G 238 -75.26 -99.01 68.94
CA ALA G 238 -75.65 -98.28 67.75
C ALA G 238 -75.40 -99.17 66.54
N GLU G 239 -76.48 -99.56 65.86
CA GLU G 239 -76.42 -100.65 64.90
C GLU G 239 -75.32 -100.45 63.87
N ASN G 240 -75.38 -99.35 63.12
CA ASN G 240 -74.50 -99.19 61.96
C ASN G 240 -73.03 -99.22 62.35
N ILE G 241 -72.63 -98.34 63.28
CA ILE G 241 -71.22 -98.27 63.64
C ILE G 241 -70.80 -99.53 64.37
N PHE G 242 -71.64 -100.02 65.28
CA PHE G 242 -71.32 -101.24 66.01
C PHE G 242 -71.20 -102.45 65.09
N SER G 243 -71.77 -102.37 63.89
CA SER G 243 -71.81 -103.49 62.96
C SER G 243 -70.85 -103.34 61.79
N ASN G 244 -70.29 -102.15 61.56
CA ASN G 244 -69.42 -101.97 60.42
C ASN G 244 -68.07 -101.35 60.77
N LEU G 245 -68.03 -100.45 61.77
CA LEU G 245 -66.85 -99.62 61.97
C LEU G 245 -66.46 -99.52 63.44
N GLY G 246 -66.54 -100.62 64.18
CA GLY G 246 -65.97 -100.67 65.51
C GLY G 246 -64.54 -101.17 65.47
N TRP G 247 -63.68 -100.58 66.30
CA TRP G 247 -62.24 -100.70 66.12
C TRP G 247 -61.52 -101.00 67.44
N GLU G 248 -61.99 -102.00 68.16
CA GLU G 248 -61.16 -102.69 69.14
C GLU G 248 -61.02 -104.13 68.66
N LEU G 249 -59.79 -104.51 68.32
CA LEU G 249 -59.55 -105.64 67.43
C LEU G 249 -60.53 -106.79 67.63
N ASP G 250 -60.67 -107.26 68.86
CA ASP G 250 -61.48 -108.44 69.13
C ASP G 250 -62.30 -108.26 70.40
N LYS G 251 -62.86 -107.08 70.61
CA LYS G 251 -63.58 -106.78 71.84
C LYS G 251 -65.07 -106.64 71.57
N THR G 252 -65.82 -107.69 71.86
CA THR G 252 -67.22 -107.58 72.20
C THR G 252 -67.44 -107.73 73.70
N THR G 253 -66.58 -108.52 74.35
CA THR G 253 -66.58 -108.59 75.80
C THR G 253 -65.95 -107.33 76.37
N GLN G 254 -66.49 -106.86 77.49
CA GLN G 254 -66.03 -105.61 78.11
C GLN G 254 -64.74 -105.89 78.86
N THR G 255 -63.66 -106.00 78.10
CA THR G 255 -62.34 -106.12 78.69
C THR G 255 -61.86 -104.78 79.23
N ILE G 256 -61.91 -103.75 78.39
CA ILE G 256 -61.53 -102.39 78.77
C ILE G 256 -62.80 -101.65 79.16
N ASP G 257 -62.99 -101.45 80.46
CA ASP G 257 -64.13 -100.68 80.91
C ASP G 257 -63.97 -99.22 80.47
N PRO G 258 -65.04 -98.58 79.98
CA PRO G 258 -64.93 -97.18 79.58
C PRO G 258 -64.73 -96.27 80.77
N ALA G 259 -63.56 -96.35 81.38
CA ALA G 259 -63.25 -95.55 82.55
C ALA G 259 -63.17 -94.08 82.17
N LYS G 260 -62.82 -93.25 83.15
CA LYS G 260 -62.67 -91.83 82.89
C LYS G 260 -61.35 -91.54 82.19
N ASP G 261 -60.28 -92.23 82.59
CA ASP G 261 -58.96 -92.01 82.04
C ASP G 261 -58.62 -93.09 81.03
N LYS G 262 -58.02 -92.68 79.91
CA LYS G 262 -57.66 -93.60 78.84
C LYS G 262 -58.85 -94.49 78.48
N LYS G 263 -59.84 -93.81 77.93
CA LYS G 263 -61.16 -94.35 77.70
C LYS G 263 -61.23 -95.22 76.46
N GLY G 264 -60.07 -95.74 76.03
CA GLY G 264 -59.96 -96.40 74.74
C GLY G 264 -60.48 -97.81 74.66
N TYR G 265 -61.80 -97.97 74.73
CA TYR G 265 -62.45 -99.23 74.40
C TYR G 265 -62.99 -99.15 72.97
N GLY G 266 -63.51 -100.28 72.48
CA GLY G 266 -64.17 -100.26 71.20
C GLY G 266 -64.88 -101.58 70.95
N ILE G 267 -65.00 -101.92 69.67
CA ILE G 267 -65.77 -103.09 69.25
C ILE G 267 -64.88 -103.99 68.41
N LYS G 268 -65.23 -105.28 68.41
CA LYS G 268 -64.62 -106.30 67.58
C LYS G 268 -65.01 -106.20 66.11
N ASP G 269 -65.70 -105.13 65.74
CA ASP G 269 -66.65 -105.15 64.62
C ASP G 269 -66.20 -105.91 63.37
N ALA G 270 -65.20 -105.40 62.65
CA ALA G 270 -64.97 -105.84 61.28
C ALA G 270 -63.59 -106.44 61.04
N SER G 271 -62.52 -105.72 61.34
CA SER G 271 -61.23 -105.95 60.71
C SER G 271 -60.22 -106.56 61.66
N LEU G 272 -59.09 -106.98 61.08
CA LEU G 272 -57.88 -107.26 61.81
C LEU G 272 -56.96 -106.06 61.69
N HIS G 273 -56.33 -105.67 62.80
CA HIS G 273 -55.51 -104.47 62.80
C HIS G 273 -54.38 -104.62 61.79
N ILE G 274 -54.16 -103.55 61.02
CA ILE G 274 -53.29 -103.63 59.85
C ILE G 274 -51.84 -103.35 60.23
N GLN G 275 -51.57 -102.15 60.71
CA GLN G 275 -50.21 -101.72 61.04
C GLN G 275 -50.20 -101.13 62.42
N THR G 276 -49.26 -101.60 63.25
CA THR G 276 -49.18 -101.18 64.64
C THR G 276 -48.23 -99.99 64.77
N ALA G 277 -48.67 -98.97 65.49
CA ALA G 277 -47.79 -97.85 65.79
C ALA G 277 -46.59 -98.34 66.59
N GLN G 278 -45.44 -97.70 66.36
CA GLN G 278 -44.21 -98.14 66.98
C GLN G 278 -43.38 -96.93 67.38
N ASN G 279 -42.55 -97.13 68.39
CA ASN G 279 -41.54 -96.16 68.77
C ASN G 279 -40.20 -96.55 68.17
N ALA G 280 -39.56 -95.59 67.52
CA ALA G 280 -38.26 -95.84 66.93
C ALA G 280 -37.29 -96.33 67.98
N GLU G 281 -36.44 -97.27 67.59
CA GLU G 281 -35.51 -97.93 68.50
C GLU G 281 -34.08 -97.60 68.09
N PHE G 282 -33.34 -96.95 68.98
CA PHE G 282 -31.97 -96.58 68.74
C PHE G 282 -31.05 -97.23 69.76
N THR G 283 -29.77 -97.27 69.43
CA THR G 283 -28.73 -97.78 70.31
C THR G 283 -27.53 -96.84 70.19
N LEU G 284 -27.39 -95.96 71.17
CA LEU G 284 -26.30 -95.00 71.19
C LEU G 284 -25.25 -95.50 72.17
N ASP G 285 -24.15 -96.01 71.64
CA ASP G 285 -23.03 -96.47 72.46
C ASP G 285 -23.48 -97.56 73.43
N GLY G 286 -24.39 -98.42 72.96
CA GLY G 286 -24.90 -99.48 73.79
C GLY G 286 -26.08 -99.10 74.66
N ILE G 287 -26.60 -97.90 74.52
CA ILE G 287 -27.74 -97.44 75.30
C ILE G 287 -28.98 -97.55 74.45
N LYS G 288 -29.92 -98.35 74.90
CA LYS G 288 -31.19 -98.48 74.20
C LYS G 288 -31.99 -97.19 74.35
N MET G 289 -32.29 -96.55 73.23
CA MET G 289 -33.01 -95.29 73.22
C MET G 289 -34.24 -95.42 72.34
N PHE G 290 -35.34 -94.84 72.79
CA PHE G 290 -36.60 -94.90 72.08
C PHE G 290 -37.25 -93.54 72.09
N ARG G 291 -37.92 -93.22 70.99
CA ARG G 291 -38.60 -91.94 70.86
C ARG G 291 -39.93 -92.17 70.17
N SER G 292 -40.74 -91.11 70.15
CA SER G 292 -42.03 -91.18 69.51
C SER G 292 -41.89 -91.20 67.99
N SER G 293 -41.13 -90.26 67.44
CA SER G 293 -41.01 -90.09 66.00
C SER G 293 -39.61 -90.49 65.53
N ASN G 294 -39.51 -90.68 64.21
CA ASN G 294 -38.22 -90.97 63.60
C ASN G 294 -37.24 -89.82 63.76
N THR G 295 -37.75 -88.61 63.96
CA THR G 295 -36.90 -87.43 64.10
C THR G 295 -36.48 -87.31 65.56
N VAL G 296 -35.17 -87.41 65.80
CA VAL G 296 -34.60 -87.25 67.13
C VAL G 296 -33.88 -85.92 67.16
N THR G 297 -34.40 -85.00 67.96
CA THR G 297 -33.84 -83.66 68.08
C THR G 297 -33.08 -83.44 69.37
N ASP G 298 -33.12 -84.39 70.29
CA ASP G 298 -32.49 -84.24 71.60
C ASP G 298 -31.28 -85.16 71.76
N LEU G 299 -30.77 -85.69 70.67
CA LEU G 299 -29.60 -86.56 70.75
C LEU G 299 -28.44 -85.86 71.45
N GLY G 300 -28.24 -84.58 71.13
CA GLY G 300 -27.18 -83.81 71.73
C GLY G 300 -27.42 -82.33 71.49
N VAL G 301 -26.49 -81.52 71.98
CA VAL G 301 -26.62 -80.07 71.85
C VAL G 301 -26.32 -79.68 70.41
N GLY G 302 -27.29 -79.04 69.76
CA GLY G 302 -27.10 -78.55 68.42
C GLY G 302 -27.01 -79.62 67.36
N MET G 303 -27.50 -80.81 67.66
CA MET G 303 -27.48 -81.92 66.72
C MET G 303 -28.88 -82.45 66.52
N THR G 304 -29.17 -82.88 65.29
CA THR G 304 -30.48 -83.42 64.94
C THR G 304 -30.28 -84.70 64.14
N LEU G 305 -30.96 -85.76 64.56
CA LEU G 305 -30.89 -87.05 63.90
C LEU G 305 -32.20 -87.34 63.20
N THR G 306 -32.11 -87.77 61.95
CA THR G 306 -33.27 -88.18 61.16
C THR G 306 -33.08 -89.63 60.75
N LEU G 307 -34.14 -90.41 60.90
CA LEU G 307 -34.08 -91.84 60.66
C LEU G 307 -34.65 -92.20 59.31
N ASN G 308 -34.00 -93.13 58.62
CA ASN G 308 -34.45 -93.65 57.34
C ASN G 308 -34.71 -95.14 57.37
N LYS G 309 -33.77 -95.93 57.88
CA LYS G 309 -33.94 -97.38 57.99
C LYS G 309 -33.05 -97.87 59.12
N THR G 310 -33.14 -99.16 59.41
CA THR G 310 -32.38 -99.73 60.51
C THR G 310 -30.96 -100.08 60.06
N GLY G 311 -30.11 -100.36 61.03
CA GLY G 311 -28.76 -100.78 60.77
C GLY G 311 -27.79 -100.17 61.76
N GLU G 312 -26.52 -100.26 61.40
CA GLU G 312 -25.43 -99.73 62.21
C GLU G 312 -24.77 -98.58 61.46
N ILE G 313 -24.47 -97.50 62.18
CA ILE G 313 -23.83 -96.32 61.61
C ILE G 313 -22.78 -95.82 62.58
N ASN G 314 -21.73 -95.21 62.04
CA ASN G 314 -20.67 -94.62 62.84
C ASN G 314 -20.40 -93.21 62.30
N PHE G 315 -20.97 -92.22 62.94
CA PHE G 315 -20.76 -90.83 62.56
C PHE G 315 -19.51 -90.29 63.26
N ASP G 316 -18.93 -89.26 62.65
CA ASP G 316 -17.75 -88.61 63.20
C ASP G 316 -17.84 -87.12 62.93
N VAL G 317 -17.84 -86.33 63.99
CA VAL G 317 -17.91 -84.88 63.88
C VAL G 317 -16.49 -84.34 63.80
N GLN G 318 -16.18 -83.67 62.70
CA GLN G 318 -14.92 -83.00 62.52
C GLN G 318 -15.15 -81.51 62.31
N GLN G 319 -14.18 -80.70 62.71
CA GLN G 319 -14.27 -79.26 62.51
C GLN G 319 -14.01 -78.93 61.05
N ASP G 320 -14.95 -78.22 60.44
CA ASP G 320 -14.82 -77.81 59.04
C ASP G 320 -14.18 -76.43 58.99
N PHE G 321 -12.94 -76.38 58.48
CA PHE G 321 -12.18 -75.14 58.40
C PHE G 321 -11.68 -74.90 56.97
N GLU G 322 -12.46 -75.33 55.98
CA GLU G 322 -12.04 -75.15 54.59
C GLU G 322 -12.07 -73.69 54.16
N GLY G 323 -12.88 -72.85 54.81
CA GLY G 323 -13.01 -71.46 54.40
C GLY G 323 -11.75 -70.65 54.61
N VAL G 324 -10.79 -71.15 55.39
CA VAL G 324 -9.58 -70.38 55.64
C VAL G 324 -8.80 -70.20 54.35
N THR G 325 -8.82 -71.20 53.46
CA THR G 325 -8.12 -71.08 52.20
C THR G 325 -8.71 -69.94 51.37
N LYS G 326 -10.04 -69.92 51.25
CA LYS G 326 -10.69 -68.83 50.53
C LYS G 326 -10.38 -67.49 51.18
N ALA G 327 -10.35 -67.46 52.51
CA ALA G 327 -10.04 -66.23 53.22
C ALA G 327 -8.67 -65.71 52.82
N MET G 328 -7.65 -66.55 52.94
CA MET G 328 -6.30 -66.13 52.61
C MET G 328 -6.20 -65.72 51.15
N GLN G 329 -6.87 -66.45 50.27
CA GLN G 329 -6.81 -66.13 48.85
C GLN G 329 -7.40 -64.76 48.59
N ASP G 330 -8.57 -64.50 49.16
CA ASP G 330 -9.20 -63.19 48.98
C ASP G 330 -8.31 -62.08 49.54
N LEU G 331 -7.71 -62.32 50.71
CA LEU G 331 -6.88 -61.29 51.31
C LEU G 331 -5.69 -60.98 50.42
N VAL G 332 -4.99 -62.01 49.95
CA VAL G 332 -3.81 -61.78 49.14
C VAL G 332 -4.20 -61.11 47.83
N ASP G 333 -5.35 -61.48 47.27
CA ASP G 333 -5.77 -60.88 46.01
C ASP G 333 -6.06 -59.40 46.19
N ALA G 334 -6.83 -59.06 47.23
CA ALA G 334 -7.15 -57.66 47.47
C ALA G 334 -5.89 -56.86 47.73
N TYR G 335 -4.97 -57.41 48.52
CA TYR G 335 -3.74 -56.68 48.81
C TYR G 335 -2.91 -56.49 47.54
N ASN G 336 -2.83 -57.52 46.71
CA ASN G 336 -2.09 -57.40 45.47
C ASN G 336 -2.67 -56.29 44.61
N ASP G 337 -4.00 -56.28 44.45
CA ASP G 337 -4.61 -55.26 43.62
C ASP G 337 -4.40 -53.87 44.20
N LEU G 338 -4.55 -53.74 45.52
CA LEU G 338 -4.41 -52.44 46.15
C LEU G 338 -2.99 -51.90 46.02
N VAL G 339 -2.00 -52.76 46.27
CA VAL G 339 -0.63 -52.30 46.20
C VAL G 339 -0.24 -52.03 44.76
N THR G 340 -0.81 -52.78 43.81
CA THR G 340 -0.58 -52.47 42.41
C THR G 340 -1.13 -51.09 42.07
N ASN G 341 -2.34 -50.80 42.54
CA ASN G 341 -2.91 -49.48 42.30
C ASN G 341 -2.05 -48.39 42.92
N LEU G 342 -1.55 -48.64 44.13
CA LEU G 342 -0.74 -47.62 44.80
C LEU G 342 0.56 -47.38 44.05
N ASN G 343 1.24 -48.46 43.66
CA ASN G 343 2.46 -48.30 42.88
C ASN G 343 2.17 -47.54 41.60
N ALA G 344 1.16 -47.96 40.85
CA ALA G 344 0.77 -47.25 39.64
C ALA G 344 0.47 -45.79 39.94
N ALA G 345 0.02 -45.49 41.17
CA ALA G 345 -0.24 -44.12 41.54
C ALA G 345 1.05 -43.35 41.72
N THR G 346 2.07 -43.98 42.28
CA THR G 346 3.37 -43.34 42.48
C THR G 346 4.48 -44.12 41.80
N ASP G 347 4.20 -44.67 40.63
CA ASP G 347 5.24 -45.29 39.81
C ASP G 347 5.89 -44.25 38.91
N TYR G 348 7.21 -44.30 38.82
CA TYR G 348 7.94 -43.45 37.90
C TYR G 348 7.84 -44.05 36.50
N ASN G 349 7.25 -43.29 35.59
CA ASN G 349 7.01 -43.75 34.22
C ASN G 349 7.98 -43.03 33.30
N SER G 350 8.86 -43.79 32.66
CA SER G 350 9.82 -43.20 31.74
C SER G 350 9.12 -42.42 30.63
N GLU G 351 7.86 -42.70 30.36
CA GLU G 351 7.07 -41.87 29.46
C GLU G 351 6.85 -40.48 30.05
N THR G 352 7.00 -40.33 31.37
CA THR G 352 6.90 -39.06 32.08
C THR G 352 5.49 -38.49 32.08
N GLY G 353 4.52 -39.21 31.53
CA GLY G 353 3.15 -38.72 31.54
C GLY G 353 2.55 -38.79 32.93
N THR G 354 2.91 -39.83 33.69
CA THR G 354 2.41 -40.03 35.04
C THR G 354 3.55 -40.38 36.00
N LYS G 355 4.76 -39.92 35.70
CA LYS G 355 5.92 -40.23 36.52
C LYS G 355 5.76 -39.58 37.90
N GLY G 356 5.48 -40.40 38.90
CA GLY G 356 5.29 -39.89 40.25
C GLY G 356 4.13 -38.93 40.35
N THR G 357 2.94 -39.38 39.96
CA THR G 357 1.76 -38.52 39.99
C THR G 357 1.54 -37.96 41.39
N LEU G 358 1.39 -38.85 42.37
CA LEU G 358 1.22 -38.46 43.76
C LEU G 358 2.53 -38.53 44.53
N GLN G 359 3.64 -38.46 43.83
CA GLN G 359 4.93 -38.53 44.50
C GLN G 359 5.08 -37.35 45.46
N GLY G 360 5.75 -37.60 46.58
CA GLY G 360 5.85 -36.64 47.65
C GLY G 360 4.80 -36.82 48.72
N ILE G 361 3.73 -37.55 48.42
CA ILE G 361 2.69 -37.87 49.40
C ILE G 361 3.18 -39.10 50.18
N SER G 362 3.54 -38.88 51.44
CA SER G 362 4.02 -39.98 52.27
C SER G 362 2.94 -40.98 52.61
N GLU G 363 1.68 -40.66 52.34
CA GLU G 363 0.58 -41.54 52.70
C GLU G 363 0.74 -42.91 52.03
N VAL G 364 1.00 -42.93 50.73
CA VAL G 364 1.05 -44.18 49.99
C VAL G 364 2.19 -45.05 50.49
N ASN G 365 3.37 -44.46 50.64
CA ASN G 365 4.53 -45.21 51.07
C ASN G 365 4.35 -45.72 52.49
N SER G 366 3.84 -44.86 53.36
CA SER G 366 3.55 -45.29 54.73
C SER G 366 2.59 -46.46 54.74
N ILE G 367 1.51 -46.38 53.95
CA ILE G 367 0.55 -47.48 53.90
C ILE G 367 1.22 -48.76 53.46
N ARG G 368 1.90 -48.73 52.32
CA ARG G 368 2.52 -49.94 51.79
C ARG G 368 3.47 -50.54 52.80
N SER G 369 4.38 -49.72 53.34
CA SER G 369 5.37 -50.22 54.28
C SER G 369 4.71 -50.77 55.53
N SER G 370 3.67 -50.09 56.02
CA SER G 370 3.06 -50.50 57.28
C SER G 370 2.31 -51.81 57.13
N ILE G 371 1.60 -52.00 56.02
CA ILE G 371 0.91 -53.26 55.82
C ILE G 371 1.92 -54.38 55.61
N LEU G 372 3.01 -54.09 54.88
CA LEU G 372 4.03 -55.11 54.71
C LEU G 372 4.63 -55.50 56.06
N ALA G 373 4.82 -54.53 56.94
CA ALA G 373 5.38 -54.82 58.25
C ALA G 373 4.41 -55.66 59.06
N ASP G 374 3.17 -55.19 59.21
CA ASP G 374 2.19 -55.93 59.99
C ASP G 374 2.02 -57.34 59.47
N LEU G 375 2.13 -57.53 58.15
CA LEU G 375 2.04 -58.88 57.60
C LEU G 375 3.30 -59.68 57.94
N PHE G 376 4.46 -59.07 57.73
CA PHE G 376 5.70 -59.71 58.14
C PHE G 376 5.85 -59.74 59.65
N ASP G 377 4.98 -59.06 60.38
CA ASP G 377 5.06 -59.05 61.83
C ASP G 377 4.65 -60.40 62.41
N SER G 378 5.11 -60.67 63.63
CA SER G 378 4.80 -61.90 64.32
C SER G 378 5.06 -61.71 65.81
N GLN G 379 4.83 -62.76 66.58
CA GLN G 379 5.04 -62.76 68.02
C GLN G 379 6.00 -63.88 68.39
N VAL G 380 6.56 -63.78 69.59
CA VAL G 380 7.53 -64.75 70.06
C VAL G 380 6.79 -65.93 70.68
N VAL G 381 7.32 -67.13 70.46
CA VAL G 381 6.72 -68.34 70.99
C VAL G 381 6.97 -68.41 72.50
N VAL G 397 2.39 -70.09 68.38
CA VAL G 397 2.79 -68.75 68.00
C VAL G 397 3.58 -68.80 66.70
N MET G 398 3.14 -68.02 65.72
CA MET G 398 3.78 -68.00 64.42
C MET G 398 5.04 -67.14 64.47
N LEU G 399 6.13 -67.67 63.93
CA LEU G 399 7.34 -66.86 63.77
C LEU G 399 7.18 -65.90 62.60
N SER G 400 6.38 -66.26 61.62
CA SER G 400 6.11 -65.41 60.46
C SER G 400 4.95 -66.03 59.69
N MET G 401 4.31 -65.21 58.86
CA MET G 401 3.19 -65.70 58.06
C MET G 401 3.60 -66.87 57.19
N GLN G 402 4.86 -66.92 56.77
CA GLN G 402 5.34 -68.01 55.94
C GLN G 402 5.34 -69.33 56.69
N ASP G 403 5.07 -69.31 57.99
CA ASP G 403 5.00 -70.56 58.75
C ASP G 403 3.87 -71.44 58.25
N PHE G 404 2.78 -70.84 57.80
CA PHE G 404 1.62 -71.58 57.31
C PHE G 404 1.44 -71.39 55.81
N GLY G 405 2.54 -71.31 55.07
CA GLY G 405 2.48 -71.27 53.63
C GLY G 405 2.20 -69.92 53.03
N LEU G 406 1.92 -68.90 53.84
CA LEU G 406 1.69 -67.58 53.27
C LEU G 406 3.02 -66.99 52.84
N SER G 407 3.40 -67.25 51.58
CA SER G 407 4.70 -66.84 51.10
C SER G 407 4.73 -65.33 50.89
N LEU G 408 5.14 -64.60 51.93
CA LEU G 408 5.18 -63.15 51.86
C LEU G 408 6.32 -62.71 50.96
N ASN G 409 6.02 -62.51 49.68
CA ASN G 409 7.01 -62.12 48.69
C ASN G 409 7.08 -60.61 48.59
N ASP G 410 7.75 -60.10 47.55
CA ASP G 410 7.81 -58.66 47.33
C ASP G 410 6.40 -58.09 47.18
N ALA G 411 6.33 -56.76 47.21
CA ALA G 411 5.04 -56.09 47.09
C ALA G 411 4.39 -56.45 45.76
N GLY G 412 3.17 -56.98 45.83
CA GLY G 412 2.41 -57.37 44.66
C GLY G 412 2.69 -58.77 44.16
N THR G 413 3.71 -59.45 44.69
CA THR G 413 4.05 -60.80 44.28
C THR G 413 3.74 -61.82 45.38
N LEU G 414 2.91 -61.45 46.35
CA LEU G 414 2.57 -62.37 47.41
C LEU G 414 1.84 -63.58 46.86
N SER G 415 2.12 -64.74 47.44
CA SER G 415 1.48 -65.98 47.04
C SER G 415 1.07 -66.76 48.29
N PHE G 416 -0.01 -67.53 48.15
CA PHE G 416 -0.58 -68.30 49.24
C PHE G 416 -0.40 -69.78 48.93
N ASP G 417 0.55 -70.41 49.61
CA ASP G 417 0.82 -71.82 49.42
C ASP G 417 -0.24 -72.61 50.19
N SER G 418 -1.33 -72.97 49.50
CA SER G 418 -2.42 -73.67 50.16
C SER G 418 -1.96 -74.96 50.81
N SER G 419 -1.00 -75.65 50.19
CA SER G 419 -0.57 -76.93 50.73
C SER G 419 -0.05 -76.78 52.15
N LYS G 420 0.88 -75.86 52.36
CA LYS G 420 1.49 -75.71 53.67
C LYS G 420 0.47 -75.28 54.71
N PHE G 421 -0.38 -74.31 54.37
CA PHE G 421 -1.39 -73.86 55.31
C PHE G 421 -2.31 -75.02 55.71
N GLU G 422 -2.88 -75.70 54.72
CA GLU G 422 -3.78 -76.81 55.01
C GLU G 422 -3.09 -77.87 55.85
N GLN G 423 -1.85 -78.22 55.50
CA GLN G 423 -1.14 -79.27 56.22
C GLN G 423 -0.91 -78.86 57.67
N LYS G 424 -0.31 -77.68 57.87
CA LYS G 424 0.01 -77.24 59.22
C LYS G 424 -1.23 -76.98 60.05
N VAL G 425 -2.37 -76.73 59.43
CA VAL G 425 -3.59 -76.54 60.20
C VAL G 425 -4.19 -77.89 60.56
N LYS G 426 -4.20 -78.83 59.61
CA LYS G 426 -4.70 -80.15 59.90
C LYS G 426 -3.85 -80.85 60.95
N GLU G 427 -2.55 -80.55 60.97
CA GLU G 427 -1.68 -81.15 61.96
C GLU G 427 -2.01 -80.67 63.37
N ASP G 428 -2.28 -79.37 63.51
CA ASP G 428 -2.60 -78.80 64.82
C ASP G 428 -3.49 -77.60 64.60
N PRO G 429 -4.80 -77.81 64.48
CA PRO G 429 -5.71 -76.67 64.32
C PRO G 429 -5.85 -75.83 65.58
N ASP G 430 -5.48 -76.36 66.74
CA ASP G 430 -5.70 -75.65 67.99
C ASP G 430 -4.74 -74.48 68.15
N SER G 431 -3.45 -74.70 67.92
CA SER G 431 -2.49 -73.61 68.00
C SER G 431 -2.82 -72.52 66.99
N THR G 432 -3.17 -72.92 65.77
CA THR G 432 -3.53 -71.95 64.74
C THR G 432 -4.76 -71.15 65.16
N GLU G 433 -5.79 -71.85 65.61
CA GLU G 433 -7.01 -71.15 66.02
C GLU G 433 -6.73 -70.21 67.16
N SER G 434 -5.87 -70.60 68.10
CA SER G 434 -5.54 -69.73 69.21
C SER G 434 -4.81 -68.48 68.73
N PHE G 435 -3.78 -68.65 67.90
CA PHE G 435 -3.00 -67.50 67.47
C PHE G 435 -3.82 -66.57 66.58
N PHE G 436 -4.77 -67.10 65.84
CA PHE G 436 -5.59 -66.28 64.97
C PHE G 436 -6.85 -65.79 65.65
N SER G 437 -7.19 -66.32 66.82
CA SER G 437 -8.26 -65.76 67.63
C SER G 437 -7.76 -64.72 68.61
N ASN G 438 -6.45 -64.73 68.91
CA ASN G 438 -5.86 -63.58 69.57
C ASN G 438 -6.19 -62.29 68.83
N ILE G 439 -6.47 -62.39 67.53
CA ILE G 439 -6.98 -61.24 66.79
C ILE G 439 -8.28 -60.77 67.44
N THR G 440 -8.36 -59.48 67.70
CA THR G 440 -9.56 -58.88 68.27
C THR G 440 -9.88 -57.57 67.56
N GLU G 576 -2.66 -59.74 76.49
CA GLU G 576 -3.59 -59.97 75.38
C GLU G 576 -2.87 -60.58 74.19
N GLY G 577 -1.77 -59.94 73.77
CA GLY G 577 -1.03 -60.39 72.62
C GLY G 577 -1.92 -60.44 71.40
N LYS G 578 -2.48 -59.30 71.03
CA LYS G 578 -3.43 -59.26 69.92
C LYS G 578 -2.81 -59.87 68.68
N GLY G 579 -3.61 -60.66 67.97
CA GLY G 579 -3.09 -61.48 66.91
C GLY G 579 -2.64 -60.66 65.71
N ILE G 580 -2.50 -61.38 64.60
CA ILE G 580 -1.90 -60.81 63.40
C ILE G 580 -2.83 -59.77 62.79
N PHE G 581 -4.01 -60.22 62.35
CA PHE G 581 -4.91 -59.36 61.60
C PHE G 581 -5.54 -58.27 62.45
N SER G 582 -5.45 -58.38 63.78
CA SER G 582 -5.93 -57.29 64.63
C SER G 582 -5.09 -56.04 64.41
N LYS G 583 -3.78 -56.20 64.26
CA LYS G 583 -2.92 -55.05 64.00
C LYS G 583 -3.31 -54.38 62.69
N LEU G 584 -3.69 -55.17 61.69
CA LEU G 584 -4.15 -54.59 60.44
C LEU G 584 -5.47 -53.87 60.64
N LYS G 585 -6.39 -54.48 61.39
CA LYS G 585 -7.67 -53.82 61.64
C LYS G 585 -7.47 -52.49 62.34
N ALA G 586 -6.41 -52.38 63.15
CA ALA G 586 -6.13 -51.12 63.81
C ALA G 586 -5.47 -50.12 62.86
N THR G 587 -4.46 -50.58 62.12
CA THR G 587 -3.70 -49.70 61.25
C THR G 587 -4.57 -49.12 60.15
N LEU G 588 -5.24 -50.00 59.39
CA LEU G 588 -6.16 -49.54 58.36
C LEU G 588 -7.26 -48.68 58.94
N GLN G 589 -7.65 -48.92 60.19
CA GLN G 589 -8.65 -48.07 60.81
C GLN G 589 -8.12 -46.66 61.01
N GLU G 590 -6.90 -46.55 61.53
CA GLU G 590 -6.30 -45.23 61.70
C GLU G 590 -6.15 -44.51 60.38
N MET G 591 -5.84 -45.26 59.31
CA MET G 591 -5.67 -44.62 58.02
C MET G 591 -7.00 -44.15 57.45
N THR G 592 -7.93 -45.08 57.25
CA THR G 592 -9.23 -44.78 56.67
C THR G 592 -10.16 -44.06 57.63
N GLY G 593 -9.74 -43.85 58.87
CA GLY G 593 -10.58 -43.16 59.82
C GLY G 593 -10.93 -41.77 59.35
N LYS G 594 -12.05 -41.25 59.88
CA LYS G 594 -12.50 -39.93 59.49
C LYS G 594 -11.48 -38.87 59.85
N ASP G 595 -10.68 -39.11 60.90
CA ASP G 595 -9.59 -38.24 61.29
C ASP G 595 -8.23 -38.83 60.91
N GLY G 596 -8.22 -39.68 59.89
CA GLY G 596 -7.00 -40.31 59.45
C GLY G 596 -6.26 -39.51 58.39
N SER G 597 -5.06 -39.97 58.07
CA SER G 597 -4.17 -39.24 57.18
C SER G 597 -4.79 -39.06 55.81
N ILE G 598 -5.47 -40.09 55.31
CA ILE G 598 -6.13 -40.00 54.02
C ILE G 598 -7.01 -38.76 53.97
N THR G 599 -7.79 -38.54 55.01
CA THR G 599 -8.64 -37.36 55.10
C THR G 599 -7.84 -36.09 55.21
N LYS G 600 -6.65 -36.15 55.80
CA LYS G 600 -5.82 -34.95 55.88
C LYS G 600 -5.41 -34.49 54.50
N TYR G 601 -4.80 -35.39 53.72
CA TYR G 601 -4.42 -35.03 52.36
C TYR G 601 -5.65 -34.63 51.55
N ASP G 602 -6.75 -35.37 51.70
CA ASP G 602 -7.95 -35.04 50.95
C ASP G 602 -8.44 -33.64 51.27
N GLU G 603 -8.47 -33.28 52.55
CA GLU G 603 -8.99 -31.98 52.95
C GLU G 603 -8.07 -30.86 52.51
N SER G 604 -6.76 -31.09 52.62
CA SER G 604 -5.82 -30.09 52.12
C SER G 604 -6.06 -29.83 50.64
N LEU G 605 -6.15 -30.90 49.84
CA LEU G 605 -6.35 -30.72 48.41
C LEU G 605 -7.71 -30.12 48.12
N THR G 606 -8.69 -30.40 48.97
CA THR G 606 -10.04 -29.87 48.74
C THR G 606 -10.10 -28.37 49.04
N ASN G 607 -9.38 -27.93 50.06
CA ASN G 607 -9.35 -26.50 50.38
C ASN G 607 -8.48 -25.75 49.38
N ASP G 608 -7.47 -26.41 48.82
CA ASP G 608 -6.60 -25.75 47.87
C ASP G 608 -7.40 -25.22 46.69
N ILE G 609 -8.34 -26.01 46.17
CA ILE G 609 -9.10 -25.57 45.02
C ILE G 609 -10.03 -24.43 45.40
N LYS G 610 -10.56 -24.43 46.62
CA LYS G 610 -11.34 -23.29 47.07
C LYS G 610 -10.54 -22.01 46.97
N SER G 611 -9.35 -22.00 47.60
CA SER G 611 -8.54 -20.80 47.59
C SER G 611 -8.14 -20.43 46.16
N LEU G 612 -7.87 -21.43 45.34
CA LEU G 612 -7.45 -21.16 43.96
C LEU G 612 -8.57 -20.48 43.19
N ASN G 613 -9.77 -21.04 43.26
CA ASN G 613 -10.90 -20.43 42.58
C ASN G 613 -11.13 -19.02 43.08
N THR G 614 -11.00 -18.81 44.39
CA THR G 614 -11.23 -17.48 44.93
C THR G 614 -10.24 -16.48 44.36
N SER G 615 -8.95 -16.81 44.39
CA SER G 615 -7.93 -15.90 43.89
C SER G 615 -8.11 -15.66 42.40
N LYS G 616 -8.40 -16.72 41.65
CA LYS G 616 -8.63 -16.57 40.22
C LYS G 616 -9.79 -15.62 39.96
N ASP G 617 -10.84 -15.73 40.76
CA ASP G 617 -11.99 -14.86 40.57
C ASP G 617 -11.67 -13.42 40.92
N SER G 618 -10.84 -13.21 41.93
CA SER G 618 -10.43 -11.85 42.26
C SER G 618 -9.70 -11.22 41.08
N THR G 619 -8.70 -11.92 40.55
CA THR G 619 -7.99 -11.35 39.41
C THR G 619 -8.89 -11.22 38.20
N GLN G 620 -9.85 -12.12 38.05
CA GLN G 620 -10.81 -12.00 36.97
C GLN G 620 -11.59 -10.71 37.08
N ALA G 621 -12.05 -10.39 38.28
CA ALA G 621 -12.70 -9.11 38.52
C ALA G 621 -11.81 -7.96 38.09
N MET G 622 -10.56 -7.97 38.56
CA MET G 622 -9.65 -6.90 38.20
C MET G 622 -9.51 -6.78 36.68
N ILE G 623 -9.57 -7.91 35.98
CA ILE G 623 -9.40 -7.88 34.54
C ILE G 623 -10.47 -7.01 33.90
N ASP G 624 -11.73 -7.40 34.04
CA ASP G 624 -12.80 -6.66 33.38
C ASP G 624 -12.96 -5.28 33.97
N THR G 625 -12.45 -5.06 35.19
CA THR G 625 -12.53 -3.72 35.76
C THR G 625 -11.92 -2.69 34.82
N ARG G 626 -10.73 -2.98 34.30
CA ARG G 626 -10.06 -2.05 33.41
C ARG G 626 -10.84 -1.88 32.11
N TYR G 627 -11.20 -3.00 31.48
CA TYR G 627 -11.77 -2.94 30.15
C TYR G 627 -13.16 -2.33 30.15
N ASP G 628 -13.85 -2.34 31.28
CA ASP G 628 -15.12 -1.63 31.36
C ASP G 628 -14.91 -0.13 31.18
N THR G 629 -13.97 0.43 31.93
CA THR G 629 -13.63 1.84 31.76
C THR G 629 -13.14 2.09 30.35
N MET G 630 -12.39 1.15 29.78
CA MET G 630 -11.92 1.33 28.41
C MET G 630 -13.09 1.41 27.44
N ALA G 631 -14.11 0.59 27.66
CA ALA G 631 -15.31 0.66 26.84
C ALA G 631 -15.97 2.02 26.97
N ASN G 632 -16.05 2.52 28.20
CA ASN G 632 -16.59 3.85 28.40
C ASN G 632 -15.78 4.88 27.63
N GLN G 633 -14.46 4.73 27.60
CA GLN G 633 -13.64 5.65 26.85
C GLN G 633 -13.92 5.56 25.35
N TRP G 634 -14.12 4.33 24.88
CA TRP G 634 -14.39 4.15 23.46
C TRP G 634 -15.66 4.88 23.06
N LEU G 635 -16.74 4.64 23.80
CA LEU G 635 -17.97 5.36 23.49
C LEU G 635 -17.79 6.86 23.71
N GLN G 636 -16.92 7.24 24.64
CA GLN G 636 -16.69 8.65 24.90
C GLN G 636 -16.14 9.32 23.66
N TYR G 637 -15.07 8.76 23.10
CA TYR G 637 -14.51 9.37 21.91
C TYR G 637 -15.40 9.13 20.71
N GLU G 638 -16.26 8.13 20.74
CA GLU G 638 -17.26 8.03 19.69
C GLU G 638 -18.14 9.26 19.71
N SER G 639 -18.57 9.66 20.90
CA SER G 639 -19.39 10.85 21.02
C SER G 639 -18.60 12.10 20.63
N ILE G 640 -17.33 12.15 21.00
CA ILE G 640 -16.53 13.33 20.71
C ILE G 640 -16.27 13.44 19.22
N LEU G 641 -15.97 12.33 18.58
CA LEU G 641 -15.76 12.34 17.14
C LEU G 641 -17.06 12.54 16.42
N ASN G 642 -18.18 12.20 17.04
CA ASN G 642 -19.45 12.57 16.47
C ASN G 642 -19.66 14.07 16.58
N LYS G 643 -19.27 14.65 17.70
CA LYS G 643 -19.35 16.10 17.84
C LYS G 643 -18.49 16.78 16.78
N LEU G 644 -17.26 16.29 16.60
CA LEU G 644 -16.36 16.93 15.65
C LEU G 644 -16.78 16.64 14.22
N ASN G 645 -17.31 15.45 13.95
CA ASN G 645 -17.75 15.16 12.59
C ASN G 645 -18.99 15.95 12.26
N GLN G 646 -19.91 16.06 13.20
CA GLN G 646 -21.09 16.89 13.00
C GLN G 646 -20.71 18.35 12.89
N GLN G 647 -19.66 18.77 13.58
CA GLN G 647 -19.24 20.17 13.52
C GLN G 647 -18.43 20.44 12.27
N LEU G 648 -17.72 19.45 11.77
CA LEU G 648 -17.09 19.56 10.48
C LEU G 648 -18.15 19.64 9.40
N ASN G 649 -19.19 18.82 9.52
CA ASN G 649 -20.34 18.93 8.65
C ASN G 649 -21.07 20.25 8.87
N THR G 650 -20.94 20.83 10.06
CA THR G 650 -21.60 22.09 10.34
C THR G 650 -20.88 23.24 9.66
N VAL G 651 -19.56 23.27 9.81
CA VAL G 651 -18.77 24.26 9.09
C VAL G 651 -18.84 24.00 7.59
N THR G 652 -19.04 22.75 7.19
CA THR G 652 -19.21 22.44 5.78
C THR G 652 -20.58 22.89 5.29
N ASN G 653 -21.59 22.81 6.16
CA ASN G 653 -22.91 23.32 5.84
C ASN G 653 -22.90 24.83 5.74
N MET G 654 -22.05 25.48 6.55
CA MET G 654 -21.87 26.92 6.44
C MET G 654 -21.04 27.28 5.21
N ILE G 655 -20.06 26.44 4.89
CA ILE G 655 -19.26 26.62 3.68
C ILE G 655 -20.14 26.55 2.45
N ASN G 656 -21.06 25.59 2.42
CA ASN G 656 -21.99 25.46 1.32
C ASN G 656 -23.04 26.56 1.36
N ALA G 657 -23.54 26.85 2.56
CA ALA G 657 -24.56 27.90 2.72
C ALA G 657 -23.93 29.28 2.67
N ALA G 658 -22.99 29.54 3.57
CA ALA G 658 -22.31 30.82 3.61
C ALA G 658 -21.04 30.80 2.76
N MET H 21 0.72 18.51 21.16
CA MET H 21 2.11 17.98 21.17
C MET H 21 2.26 16.84 22.16
N ALA H 22 1.29 16.72 23.08
CA ALA H 22 1.30 15.60 24.01
C ALA H 22 1.43 14.27 23.28
N PHE H 23 1.00 14.23 22.02
CA PHE H 23 1.11 13.06 21.18
C PHE H 23 2.10 13.26 20.04
N GLY H 24 2.69 14.44 19.94
CA GLY H 24 3.70 14.65 18.93
C GLY H 24 4.80 13.63 19.08
N SER H 25 4.83 12.67 18.17
CA SER H 25 5.77 11.58 18.27
C SER H 25 5.95 10.97 16.89
N LEU H 26 7.03 10.23 16.75
CA LEU H 26 7.34 9.53 15.52
C LEU H 26 7.58 8.07 15.86
N SER H 27 7.37 7.22 14.86
CA SER H 27 7.30 5.80 15.09
C SER H 27 8.65 5.08 14.99
N SER H 28 9.53 5.53 14.10
CA SER H 28 10.69 4.72 13.79
C SER H 28 11.84 5.59 13.30
N LEU H 29 12.97 4.94 13.08
CA LEU H 29 14.14 5.52 12.43
C LEU H 29 14.57 4.56 11.33
N GLY H 30 14.69 5.06 10.11
CA GLY H 30 14.87 4.19 8.97
C GLY H 30 15.94 4.69 8.02
N PHE H 31 16.33 3.77 7.14
CA PHE H 31 17.27 4.08 6.08
C PHE H 31 16.94 3.21 4.88
N GLY H 32 17.62 3.52 3.77
CA GLY H 32 17.65 2.65 2.60
C GLY H 32 16.32 2.11 2.14
N SER H 33 15.22 2.74 2.56
CA SER H 33 13.89 2.27 2.20
C SER H 33 13.67 2.47 0.71
N GLY H 34 13.70 1.39 -0.05
CA GLY H 34 13.46 1.46 -1.47
C GLY H 34 14.32 0.53 -2.29
N VAL H 35 14.34 0.76 -3.59
CA VAL H 35 15.06 -0.08 -4.54
C VAL H 35 15.92 0.82 -5.42
N LEU H 36 17.10 0.32 -5.77
CA LEU H 36 17.98 1.08 -6.66
C LEU H 36 17.40 1.13 -8.06
N THR H 37 17.48 2.31 -8.67
CA THR H 37 17.19 2.47 -10.09
C THR H 37 18.19 3.45 -10.68
N GLN H 38 18.43 3.28 -11.98
CA GLN H 38 19.32 4.20 -12.67
C GLN H 38 18.87 5.64 -12.47
N ASP H 39 17.57 5.86 -12.31
CA ASP H 39 17.08 7.22 -12.07
C ASP H 39 17.62 7.77 -10.76
N THR H 40 17.63 6.93 -9.73
CA THR H 40 18.21 7.35 -8.46
C THR H 40 19.69 7.65 -8.63
N ILE H 41 20.36 6.85 -9.46
CA ILE H 41 21.76 7.09 -9.72
C ILE H 41 21.94 8.46 -10.34
N ASP H 42 21.06 8.81 -11.29
CA ASP H 42 21.16 10.10 -11.93
C ASP H 42 20.92 11.22 -10.95
N LYS H 43 19.96 11.04 -10.06
CA LYS H 43 19.68 12.07 -9.07
C LYS H 43 20.89 12.29 -8.17
N LEU H 44 21.51 11.19 -7.73
CA LEU H 44 22.70 11.31 -6.91
C LEU H 44 23.81 12.00 -7.67
N LYS H 45 23.95 11.66 -8.95
CA LYS H 45 24.97 12.31 -9.76
C LYS H 45 24.73 13.81 -9.83
N GLU H 46 23.48 14.21 -9.98
CA GLU H 46 23.17 15.63 -10.05
C GLU H 46 23.50 16.31 -8.74
N ALA H 47 23.13 15.67 -7.63
CA ALA H 47 23.39 16.27 -6.33
C ALA H 47 24.88 16.46 -6.12
N GLU H 48 25.66 15.43 -6.45
CA GLU H 48 27.11 15.53 -6.32
C GLU H 48 27.63 16.64 -7.19
N GLN H 49 27.20 16.68 -8.44
CA GLN H 49 27.62 17.73 -9.35
C GLN H 49 27.39 19.09 -8.72
N LYS H 50 26.19 19.32 -8.22
CA LYS H 50 25.89 20.59 -7.60
C LYS H 50 26.92 20.86 -6.51
N ALA H 51 26.87 20.01 -5.47
CA ALA H 51 27.64 20.28 -4.27
C ALA H 51 29.14 20.33 -4.52
N ARG H 52 29.61 19.88 -5.67
CA ARG H 52 31.04 19.85 -5.95
C ARG H 52 31.49 20.95 -6.89
N ILE H 53 30.68 21.33 -7.87
CA ILE H 53 31.12 22.25 -8.90
C ILE H 53 30.32 23.54 -8.95
N ASP H 54 29.43 23.77 -7.99
CA ASP H 54 28.75 25.06 -7.96
C ASP H 54 29.69 26.20 -7.60
N PRO H 55 30.54 26.08 -6.58
CA PRO H 55 31.45 27.19 -6.25
C PRO H 55 32.32 27.61 -7.42
N TYR H 56 32.75 26.66 -8.24
CA TYR H 56 33.54 27.00 -9.41
C TYR H 56 32.76 27.92 -10.33
N THR H 57 31.51 27.56 -10.61
CA THR H 57 30.67 28.40 -11.45
C THR H 57 30.51 29.78 -10.83
N LYS H 58 30.30 29.83 -9.52
CA LYS H 58 30.06 31.12 -8.88
C LYS H 58 31.28 32.02 -8.98
N LYS H 59 32.45 31.46 -8.71
CA LYS H 59 33.67 32.25 -8.82
C LYS H 59 33.90 32.68 -10.25
N ILE H 60 33.55 31.83 -11.21
CA ILE H 60 33.71 32.18 -12.61
C ILE H 60 32.84 33.40 -12.93
N GLU H 61 31.60 33.38 -12.49
CA GLU H 61 30.71 34.50 -12.74
C GLU H 61 31.23 35.76 -12.07
N GLU H 62 31.72 35.62 -10.85
CA GLU H 62 32.28 36.77 -10.14
C GLU H 62 33.41 37.39 -10.95
N ASN H 63 34.35 36.57 -11.40
CA ASN H 63 35.48 37.08 -12.15
C ASN H 63 35.04 37.71 -13.44
N THR H 64 34.04 37.12 -14.11
CA THR H 64 33.58 37.68 -15.37
C THR H 64 32.95 39.05 -15.16
N THR H 65 32.14 39.18 -14.12
CA THR H 65 31.55 40.48 -13.81
C THR H 65 32.64 41.50 -13.52
N LYS H 66 33.64 41.12 -12.72
CA LYS H 66 34.73 42.02 -12.42
C LYS H 66 35.42 42.46 -13.70
N GLN H 67 35.63 41.53 -14.62
CA GLN H 67 36.36 41.85 -15.85
C GLN H 67 35.54 42.78 -16.72
N LYS H 68 34.24 42.56 -16.81
CA LYS H 68 33.38 43.48 -17.56
C LYS H 68 33.50 44.89 -17.00
N ASP H 69 33.38 45.02 -15.68
CA ASP H 69 33.43 46.35 -15.08
C ASP H 69 34.78 47.00 -15.31
N LEU H 70 35.86 46.22 -15.18
CA LEU H 70 37.19 46.79 -15.39
C LEU H 70 37.35 47.23 -16.83
N THR H 71 36.82 46.46 -17.77
CA THR H 71 36.90 46.86 -19.17
C THR H 71 36.16 48.17 -19.40
N GLU H 72 34.98 48.31 -18.80
CA GLU H 72 34.22 49.54 -18.97
C GLU H 72 35.01 50.73 -18.45
N ILE H 73 35.51 50.63 -17.21
CA ILE H 73 36.22 51.76 -16.65
C ILE H 73 37.51 52.01 -17.42
N LYS H 74 38.07 50.96 -18.02
CA LYS H 74 39.26 51.14 -18.83
C LYS H 74 38.96 51.97 -20.06
N THR H 75 37.85 51.66 -20.73
CA THR H 75 37.46 52.46 -21.88
C THR H 75 37.25 53.91 -21.48
N LYS H 76 36.59 54.13 -20.35
CA LYS H 76 36.35 55.49 -19.91
C LYS H 76 37.66 56.21 -19.62
N LEU H 77 38.57 55.54 -18.91
CA LEU H 77 39.85 56.14 -18.60
C LEU H 77 40.63 56.45 -19.86
N LEU H 78 40.53 55.58 -20.87
CA LEU H 78 41.25 55.81 -22.10
C LEU H 78 40.68 57.02 -22.84
N SER H 79 39.36 57.15 -22.86
CA SER H 79 38.75 58.33 -23.47
C SER H 79 39.20 59.59 -22.76
N PHE H 80 39.22 59.56 -21.42
CA PHE H 80 39.65 60.73 -20.67
C PHE H 80 41.10 61.06 -20.96
N GLN H 81 41.95 60.04 -21.00
CA GLN H 81 43.36 60.27 -21.30
C GLN H 81 43.52 60.83 -22.70
N THR H 82 42.70 60.37 -23.63
CA THR H 82 42.71 60.92 -24.97
C THR H 82 42.42 62.42 -24.93
N ALA H 83 41.35 62.78 -24.23
CA ALA H 83 40.99 64.19 -24.14
C ALA H 83 42.13 65.01 -23.54
N VAL H 84 42.70 64.52 -22.43
CA VAL H 84 43.73 65.29 -21.74
C VAL H 84 44.96 65.41 -22.62
N SER H 85 45.38 64.32 -23.24
CA SER H 85 46.59 64.37 -24.07
C SER H 85 46.36 65.23 -25.30
N SER H 86 45.12 65.33 -25.77
CA SER H 86 44.85 66.15 -26.94
C SER H 86 44.87 67.62 -26.59
N LEU H 87 44.31 67.98 -25.43
CA LEU H 87 44.20 69.39 -25.04
C LEU H 87 45.19 69.77 -23.96
N ALA H 88 46.29 69.03 -23.82
CA ALA H 88 47.31 69.37 -22.85
C ALA H 88 48.34 70.32 -23.42
N ASP H 89 48.62 70.20 -24.71
CA ASP H 89 49.61 71.05 -25.37
C ASP H 89 48.98 72.40 -25.67
N ALA H 90 49.26 73.40 -24.83
CA ALA H 90 48.69 74.72 -25.01
C ALA H 90 49.13 75.37 -26.31
N THR H 91 50.23 74.88 -26.91
CA THR H 91 50.70 75.46 -28.15
C THR H 91 49.71 75.27 -29.28
N VAL H 92 48.73 74.38 -29.13
CA VAL H 92 47.72 74.23 -30.16
C VAL H 92 46.94 75.51 -30.36
N PHE H 93 46.88 76.37 -29.34
CA PHE H 93 46.15 77.62 -29.44
C PHE H 93 47.00 78.71 -30.08
N ALA H 94 47.57 78.39 -31.24
CA ALA H 94 48.30 79.34 -32.04
C ALA H 94 47.41 80.07 -33.02
N LYS H 95 46.11 79.83 -32.97
CA LYS H 95 45.19 80.46 -33.91
C LYS H 95 45.26 81.97 -33.78
N ARG H 96 44.97 82.64 -34.89
CA ARG H 96 44.91 84.09 -34.93
C ARG H 96 43.63 84.51 -35.64
N LYS H 97 43.03 85.60 -35.15
CA LYS H 97 41.82 86.14 -35.73
C LYS H 97 42.05 87.58 -36.13
N VAL H 98 41.52 87.95 -37.29
CA VAL H 98 41.72 89.26 -37.88
C VAL H 98 40.54 90.13 -37.52
N VAL H 99 40.80 91.25 -36.86
CA VAL H 99 39.79 92.24 -36.52
C VAL H 99 40.33 93.62 -36.87
N GLY H 100 39.50 94.63 -36.65
CA GLY H 100 39.89 96.00 -36.90
C GLY H 100 38.67 96.84 -37.21
N SER H 101 38.94 98.03 -37.75
CA SER H 101 37.89 98.98 -38.12
C SER H 101 37.46 98.73 -39.56
N ILE H 102 36.84 97.57 -39.76
CA ILE H 102 36.33 97.17 -41.07
C ILE H 102 34.83 97.33 -41.05
N SER H 103 34.32 98.07 -42.02
CA SER H 103 32.90 98.38 -42.10
C SER H 103 32.19 97.34 -42.96
N ASP H 104 30.95 97.64 -43.35
CA ASP H 104 30.12 96.72 -44.13
C ASP H 104 30.91 96.05 -45.25
N ASN H 105 31.50 96.86 -46.14
CA ASN H 105 32.20 96.33 -47.30
C ASN H 105 33.70 96.46 -47.09
N PRO H 106 34.41 95.38 -46.85
CA PRO H 106 35.87 95.46 -46.74
C PRO H 106 36.49 95.74 -48.10
N PRO H 107 37.13 96.89 -48.26
CA PRO H 107 37.77 97.17 -49.56
C PRO H 107 38.87 96.19 -49.88
N ALA H 108 39.50 95.61 -48.87
CA ALA H 108 40.48 94.55 -49.06
C ALA H 108 40.33 93.55 -47.93
N SER H 109 40.68 92.31 -48.21
CA SER H 109 40.55 91.21 -47.25
C SER H 109 41.92 90.64 -46.94
N LEU H 110 42.27 90.62 -45.66
CA LEU H 110 43.54 90.11 -45.19
C LEU H 110 43.31 88.79 -44.47
N THR H 111 43.91 87.72 -44.99
CA THR H 111 43.83 86.40 -44.38
C THR H 111 45.18 86.06 -43.78
N VAL H 112 45.16 85.61 -42.53
CA VAL H 112 46.37 85.31 -41.79
C VAL H 112 46.30 83.86 -41.31
N ASN H 113 47.40 83.15 -41.47
CA ASN H 113 47.48 81.77 -41.02
C ASN H 113 47.83 81.74 -39.53
N SER H 114 48.12 80.54 -39.04
CA SER H 114 48.42 80.37 -37.63
C SER H 114 49.89 80.65 -37.35
N GLY H 115 50.18 81.01 -36.09
CA GLY H 115 51.53 81.22 -35.63
C GLY H 115 52.07 82.61 -35.86
N VAL H 116 51.42 83.40 -36.71
CA VAL H 116 51.92 84.75 -37.00
C VAL H 116 51.79 85.61 -35.76
N ALA H 117 52.79 86.45 -35.53
CA ALA H 117 52.78 87.34 -34.39
C ALA H 117 51.67 88.37 -34.51
N LEU H 118 51.32 88.98 -33.38
CA LEU H 118 50.26 89.97 -33.37
C LEU H 118 50.76 91.30 -33.88
N GLN H 119 49.89 92.02 -34.58
CA GLN H 119 50.23 93.28 -35.20
C GLN H 119 48.96 93.96 -35.68
N SER H 120 49.13 95.18 -36.19
CA SER H 120 48.03 95.94 -36.78
C SER H 120 48.55 96.60 -38.03
N MET H 121 47.70 96.68 -39.05
CA MET H 121 48.08 97.17 -40.37
C MET H 121 47.25 98.37 -40.74
N ASN H 122 47.91 99.48 -41.04
CA ASN H 122 47.27 100.68 -41.56
C ASN H 122 47.45 100.65 -43.07
N ILE H 123 46.42 100.17 -43.76
CA ILE H 123 46.48 99.93 -45.19
C ILE H 123 45.56 100.92 -45.89
N ASN H 124 46.04 101.50 -46.98
CA ASN H 124 45.24 102.35 -47.84
C ASN H 124 45.43 101.92 -49.28
N VAL H 125 44.33 101.78 -49.99
CA VAL H 125 44.35 101.41 -51.40
C VAL H 125 43.93 102.61 -52.21
N THR H 126 44.57 102.80 -53.35
CA THR H 126 44.29 103.94 -54.22
C THR H 126 43.98 103.55 -55.64
N GLN H 127 44.36 102.36 -56.09
CA GLN H 127 44.02 101.94 -57.44
C GLN H 127 44.07 100.43 -57.52
N LEU H 128 43.12 99.87 -58.26
CA LEU H 128 43.07 98.44 -58.49
C LEU H 128 43.95 98.05 -59.67
N ALA H 129 44.41 96.80 -59.64
CA ALA H 129 45.10 96.24 -60.78
C ALA H 129 44.10 95.98 -61.90
N GLN H 130 44.56 96.17 -63.13
CA GLN H 130 43.70 96.05 -64.30
C GLN H 130 44.41 95.26 -65.37
N LYS H 131 43.66 94.91 -66.40
CA LYS H 131 44.19 94.30 -67.61
C LYS H 131 43.92 95.22 -68.80
N ASP H 132 44.65 94.98 -69.87
CA ASP H 132 44.51 95.77 -71.08
C ASP H 132 43.40 95.19 -71.95
N VAL H 133 42.48 96.05 -72.38
CA VAL H 133 41.32 95.63 -73.15
C VAL H 133 41.37 96.30 -74.51
N TYR H 134 41.07 95.53 -75.55
CA TYR H 134 41.01 96.03 -76.92
C TYR H 134 39.73 95.55 -77.56
N GLN H 135 38.86 96.49 -77.93
CA GLN H 135 37.59 96.18 -78.59
C GLN H 135 37.64 96.74 -79.99
N SER H 136 37.53 95.87 -80.99
CA SER H 136 37.71 96.29 -82.37
C SER H 136 36.64 97.28 -82.76
N LYS H 137 37.07 98.39 -83.38
CA LYS H 137 36.13 99.36 -83.90
C LYS H 137 35.58 98.95 -85.26
N GLY H 138 36.32 98.12 -85.99
CA GLY H 138 35.78 97.53 -87.19
C GLY H 138 34.59 96.65 -86.86
N LEU H 139 33.40 97.14 -87.16
CA LEU H 139 32.15 96.48 -86.77
C LEU H 139 31.60 95.70 -87.96
N ALA H 140 31.85 94.40 -87.96
CA ALA H 140 31.33 93.53 -89.00
C ALA H 140 29.96 92.99 -88.60
N ASN H 141 29.06 92.95 -89.58
CA ASN H 141 27.73 92.40 -89.37
C ASN H 141 27.68 90.90 -89.68
N ASP H 142 28.82 90.25 -89.79
CA ASP H 142 28.88 88.82 -90.06
C ASP H 142 30.17 88.27 -89.48
N SER H 143 30.04 87.27 -88.61
CA SER H 143 31.23 86.63 -88.06
C SER H 143 32.02 85.89 -89.12
N GLY H 144 31.40 85.55 -90.25
CA GLY H 144 32.08 84.86 -91.32
C GLY H 144 32.60 85.80 -92.38
N PHE H 145 32.93 87.03 -91.98
CA PHE H 145 33.47 88.01 -92.92
C PHE H 145 34.83 87.53 -93.42
N VAL H 146 34.97 87.45 -94.75
CA VAL H 146 36.20 87.02 -95.39
C VAL H 146 36.74 88.17 -96.22
N ASN H 147 37.98 88.57 -95.93
CA ASN H 147 38.68 89.57 -96.73
C ASN H 147 39.45 88.82 -97.82
N ALA H 148 38.78 88.57 -98.94
CA ALA H 148 39.36 87.76 -100.00
C ALA H 148 40.59 88.41 -100.64
N ASN H 149 40.76 89.71 -100.48
CA ASN H 149 41.90 90.38 -101.11
C ASN H 149 43.21 90.08 -100.41
N LEU H 150 43.19 89.42 -99.26
CA LEU H 150 44.41 89.05 -98.56
C LEU H 150 45.00 87.80 -99.22
N THR H 151 45.41 87.98 -100.47
CA THR H 151 46.03 86.89 -101.21
C THR H 151 47.40 86.59 -100.63
N GLY H 152 47.74 85.30 -100.57
CA GLY H 152 48.95 84.88 -99.92
C GLY H 152 48.72 84.64 -98.44
N THR H 153 49.82 84.65 -97.68
CA THR H 153 49.78 84.44 -96.25
C THR H 153 50.46 85.60 -95.52
N THR H 154 50.13 85.71 -94.25
CA THR H 154 50.77 86.68 -93.36
C THR H 154 50.82 86.05 -91.97
N ASP H 155 51.51 86.72 -91.06
CA ASP H 155 51.71 86.21 -89.71
C ASP H 155 51.37 87.28 -88.70
N LEU H 156 50.31 87.04 -87.94
CA LEU H 156 49.88 87.95 -86.88
C LEU H 156 50.79 87.76 -85.67
N THR H 157 51.82 88.59 -85.60
CA THR H 157 52.82 88.49 -84.56
C THR H 157 52.43 89.36 -83.38
N PHE H 158 52.27 88.75 -82.22
CA PHE H 158 51.84 89.45 -81.02
C PHE H 158 52.94 89.40 -79.96
N PHE H 159 52.85 90.32 -79.01
CA PHE H 159 53.87 90.48 -77.97
C PHE H 159 53.16 90.90 -76.68
N SER H 160 53.02 89.95 -75.75
CA SER H 160 52.35 90.18 -74.48
C SER H 160 53.35 89.92 -73.37
N ASN H 161 53.61 90.95 -72.55
CA ASN H 161 54.50 90.80 -71.41
C ASN H 161 55.83 90.17 -71.83
N GLY H 162 56.33 90.59 -72.98
CA GLY H 162 57.60 90.09 -73.48
C GLY H 162 57.53 88.73 -74.13
N LYS H 163 56.35 88.18 -74.31
CA LYS H 163 56.17 86.86 -74.92
C LYS H 163 55.58 87.04 -76.30
N GLU H 164 56.28 86.52 -77.30
CA GLU H 164 55.86 86.63 -78.69
C GLU H 164 54.94 85.48 -79.05
N TYR H 165 53.91 85.80 -79.84
CA TYR H 165 53.01 84.80 -80.37
C TYR H 165 52.68 85.16 -81.80
N THR H 166 52.63 84.15 -82.66
CA THR H 166 52.46 84.35 -84.09
C THR H 166 51.30 83.51 -84.58
N VAL H 167 50.51 84.09 -85.49
CA VAL H 167 49.34 83.42 -86.07
C VAL H 167 49.35 83.68 -87.56
N THR H 168 49.30 82.61 -88.35
CA THR H 168 49.25 82.74 -89.79
C THR H 168 47.82 82.98 -90.26
N VAL H 169 47.68 83.84 -91.27
CA VAL H 169 46.39 84.21 -91.81
C VAL H 169 46.42 84.04 -93.32
N ASP H 170 45.32 83.57 -93.88
CA ASP H 170 45.21 83.30 -95.30
C ASP H 170 44.02 84.07 -95.88
N LYS H 171 43.75 83.80 -97.16
CA LYS H 171 42.64 84.47 -97.85
C LYS H 171 41.30 84.08 -97.28
N ASN H 172 41.18 82.88 -96.71
CA ASN H 172 39.92 82.38 -96.19
C ASN H 172 39.65 82.84 -94.77
N THR H 173 40.32 83.92 -94.35
CA THR H 173 40.20 84.37 -92.97
C THR H 173 38.77 84.72 -92.62
N THR H 174 38.32 84.25 -91.46
CA THR H 174 37.06 84.66 -90.88
C THR H 174 37.31 85.08 -89.44
N TYR H 175 36.41 85.92 -88.93
CA TYR H 175 36.59 86.43 -87.57
C TYR H 175 36.60 85.29 -86.56
N ARG H 176 35.75 84.29 -86.76
CA ARG H 176 35.75 83.14 -85.87
C ARG H 176 37.05 82.37 -85.99
N ASP H 177 37.47 82.08 -87.22
CA ASP H 177 38.74 81.42 -87.45
C ASP H 177 39.88 82.22 -86.82
N LEU H 178 39.85 83.54 -87.00
CA LEU H 178 40.89 84.38 -86.41
C LEU H 178 40.91 84.23 -84.90
N ALA H 179 39.77 84.40 -84.25
CA ALA H 179 39.73 84.33 -82.80
C ALA H 179 40.24 82.98 -82.32
N ASP H 180 39.84 81.90 -83.00
CA ASP H 180 40.30 80.58 -82.61
C ASP H 180 41.82 80.48 -82.74
N LYS H 181 42.36 80.96 -83.86
CA LYS H 181 43.80 80.88 -84.07
C LYS H 181 44.54 81.68 -83.01
N ILE H 182 44.00 82.85 -82.65
CA ILE H 182 44.64 83.67 -81.63
C ILE H 182 44.65 82.92 -80.30
N ASN H 183 43.49 82.44 -79.87
CA ASN H 183 43.39 81.79 -78.58
C ASN H 183 44.15 80.48 -78.54
N GLU H 184 44.47 79.89 -79.69
CA GLU H 184 45.21 78.64 -79.72
C GLU H 184 46.72 78.87 -79.77
N ALA H 185 47.18 79.70 -80.71
CA ALA H 185 48.61 80.01 -80.78
C ALA H 185 49.08 80.59 -79.46
N SER H 186 48.43 81.65 -78.99
CA SER H 186 48.62 82.14 -77.64
C SER H 186 47.80 81.25 -76.72
N GLY H 187 48.49 80.37 -76.00
CA GLY H 187 47.81 79.35 -75.23
C GLY H 187 47.09 79.94 -74.03
N GLY H 188 46.04 80.70 -74.30
CA GLY H 188 45.29 81.35 -73.25
C GLY H 188 45.86 82.68 -72.80
N GLU H 189 47.10 83.00 -73.18
CA GLU H 189 47.67 84.27 -72.75
C GLU H 189 46.91 85.44 -73.35
N ILE H 190 46.50 85.31 -74.61
CA ILE H 190 45.74 86.34 -75.30
C ILE H 190 44.32 85.83 -75.48
N VAL H 191 43.37 86.57 -74.95
CA VAL H 191 41.97 86.19 -75.03
C VAL H 191 41.36 86.79 -76.29
N ALA H 192 40.67 85.96 -77.06
CA ALA H 192 39.99 86.39 -78.26
C ALA H 192 38.56 85.87 -78.23
N LYS H 193 37.60 86.76 -78.44
CA LYS H 193 36.21 86.35 -78.42
C LYS H 193 35.38 87.36 -79.21
N ILE H 194 34.35 86.85 -79.87
CA ILE H 194 33.45 87.66 -80.66
C ILE H 194 32.19 87.91 -79.85
N VAL H 195 31.76 89.16 -79.80
CA VAL H 195 30.58 89.57 -79.05
C VAL H 195 29.56 90.13 -80.05
N ASN H 196 28.35 89.59 -80.00
CA ASN H 196 27.28 90.08 -80.85
C ASN H 196 26.76 91.38 -80.26
N THR H 197 27.27 92.50 -80.76
CA THR H 197 26.86 93.80 -80.26
C THR H 197 25.35 93.95 -80.34
N GLY H 198 24.76 94.44 -79.26
CA GLY H 198 23.32 94.57 -79.19
C GLY H 198 22.79 95.79 -79.91
N GLU H 199 23.06 95.88 -81.21
CA GLU H 199 22.62 97.01 -82.02
C GLU H 199 21.87 96.48 -83.24
N LYS H 200 21.46 97.40 -84.11
CA LYS H 200 20.53 97.04 -85.17
C LYS H 200 21.21 96.22 -86.26
N GLY H 201 22.47 96.52 -86.55
CA GLY H 201 23.19 95.80 -87.59
C GLY H 201 24.05 94.66 -87.10
N THR H 202 23.82 94.15 -85.89
CA THR H 202 24.64 93.13 -85.26
C THR H 202 26.12 93.45 -85.52
N PRO H 203 26.57 94.64 -85.16
CA PRO H 203 27.95 95.05 -85.46
C PRO H 203 28.96 94.30 -84.60
N TYR H 204 29.23 93.07 -85.01
CA TYR H 204 30.18 92.23 -84.28
C TYR H 204 31.53 92.91 -84.21
N ARG H 205 32.15 92.85 -83.03
CA ARG H 205 33.51 93.32 -82.84
C ARG H 205 34.28 92.28 -82.05
N LEU H 206 35.55 92.11 -82.41
CA LEU H 206 36.41 91.13 -81.77
C LEU H 206 37.04 91.75 -80.55
N THR H 207 36.88 91.09 -79.40
CA THR H 207 37.43 91.56 -78.14
C THR H 207 38.72 90.83 -77.84
N LEU H 208 39.77 91.60 -77.55
CA LEU H 208 41.09 91.05 -77.28
C LEU H 208 41.59 91.64 -75.96
N THR H 209 41.84 90.78 -74.99
CA THR H 209 42.30 91.19 -73.68
C THR H 209 43.44 90.29 -73.22
N SER H 210 44.18 90.78 -72.24
CA SER H 210 45.26 90.02 -71.65
C SER H 210 44.74 89.11 -70.55
N LYS H 211 45.34 87.93 -70.44
CA LYS H 211 44.96 87.01 -69.38
C LYS H 211 45.43 87.50 -68.03
N GLU H 212 46.54 88.22 -67.98
CA GLU H 212 47.10 88.71 -66.74
C GLU H 212 46.76 90.19 -66.54
N THR H 213 47.01 90.67 -65.32
CA THR H 213 46.79 92.05 -64.95
C THR H 213 48.13 92.71 -64.62
N GLY H 214 48.16 94.02 -64.74
CA GLY H 214 49.37 94.78 -64.57
C GLY H 214 49.85 95.35 -65.89
N GLU H 215 50.45 96.53 -65.82
CA GLU H 215 50.85 97.22 -67.03
C GLU H 215 51.81 96.39 -67.88
N ASP H 216 52.63 95.55 -67.22
CA ASP H 216 53.58 94.74 -67.96
C ASP H 216 52.90 93.80 -68.93
N SER H 217 51.63 93.49 -68.72
CA SER H 217 50.89 92.59 -69.59
C SER H 217 50.40 93.26 -70.86
N ALA H 218 50.92 94.44 -71.18
CA ALA H 218 50.49 95.13 -72.38
C ALA H 218 50.72 94.28 -73.61
N ILE H 219 49.79 94.32 -74.54
CA ILE H 219 49.84 93.51 -75.75
C ILE H 219 49.79 94.43 -76.97
N SER H 220 50.59 94.10 -77.98
CA SER H 220 50.57 94.77 -79.26
C SER H 220 50.32 93.74 -80.34
N PHE H 221 49.22 93.91 -81.08
CA PHE H 221 48.88 92.99 -82.15
C PHE H 221 49.47 93.55 -83.43
N TYR H 222 50.58 92.94 -83.87
CA TYR H 222 51.43 93.50 -84.90
C TYR H 222 51.32 92.69 -86.18
N ALA H 223 51.10 93.38 -87.29
CA ALA H 223 51.02 92.78 -88.62
C ALA H 223 52.38 92.95 -89.28
N GLY H 224 53.23 91.93 -89.16
CA GLY H 224 54.59 92.05 -89.66
C GLY H 224 55.09 90.86 -90.46
N LYS H 225 54.32 89.77 -90.52
CA LYS H 225 54.76 88.55 -91.17
C LYS H 225 56.08 88.05 -90.58
N LYS H 226 56.09 87.91 -89.27
CA LYS H 226 57.30 87.55 -88.52
C LYS H 226 58.40 88.59 -88.72
N ASP H 227 57.99 89.86 -88.86
CA ASP H 227 58.96 90.95 -88.92
C ASP H 227 59.70 91.12 -87.61
N ALA H 228 59.22 90.50 -86.53
CA ALA H 228 59.73 90.81 -85.21
C ALA H 228 61.10 90.17 -85.00
N GLN H 229 61.17 88.84 -85.00
CA GLN H 229 62.45 88.15 -84.89
C GLN H 229 62.60 86.93 -85.79
N GLY H 230 61.56 86.52 -86.53
CA GLY H 230 61.73 85.45 -87.48
C GLY H 230 62.64 85.90 -88.59
N GLN H 231 62.30 87.04 -89.18
CA GLN H 231 63.14 87.70 -90.16
C GLN H 231 62.55 89.09 -90.41
N TYR H 232 63.42 90.09 -90.46
CA TYR H 232 62.94 91.47 -90.59
C TYR H 232 62.19 91.65 -91.90
N GLN H 233 60.91 91.99 -91.79
CA GLN H 233 60.07 92.29 -92.94
C GLN H 233 59.70 93.76 -93.03
N SER H 234 60.07 94.56 -92.04
CA SER H 234 59.79 96.00 -92.03
C SER H 234 58.30 96.28 -92.18
N ASP H 235 57.50 95.57 -91.36
CA ASP H 235 56.07 95.84 -91.24
C ASP H 235 55.37 95.79 -92.59
N PRO H 236 55.25 94.63 -93.23
CA PRO H 236 54.46 94.55 -94.46
C PRO H 236 53.00 94.83 -94.20
N GLU H 237 52.34 95.41 -95.21
CA GLU H 237 50.94 95.82 -95.10
C GLU H 237 50.02 94.69 -95.57
N ALA H 238 49.89 93.68 -94.70
CA ALA H 238 48.90 92.65 -94.92
C ALA H 238 47.52 93.29 -94.85
N GLU H 239 46.81 93.31 -95.98
CA GLU H 239 45.65 94.17 -96.14
C GLU H 239 44.64 93.98 -95.01
N ASN H 240 44.14 92.76 -94.83
CA ASN H 240 43.01 92.55 -93.94
C ASN H 240 43.33 92.95 -92.51
N ILE H 241 44.40 92.40 -91.95
CA ILE H 241 44.73 92.68 -90.56
C ILE H 241 45.16 94.13 -90.40
N PHE H 242 45.99 94.61 -91.33
CA PHE H 242 46.44 96.00 -91.28
C PHE H 242 45.28 96.98 -91.40
N SER H 243 44.14 96.54 -91.93
CA SER H 243 43.01 97.42 -92.19
C SER H 243 41.86 97.23 -91.22
N ASN H 244 41.86 96.15 -90.43
CA ASN H 244 40.75 95.93 -89.52
C ASN H 244 41.18 95.67 -88.08
N LEU H 245 42.34 95.03 -87.87
CA LEU H 245 42.66 94.51 -86.55
C LEU H 245 44.10 94.81 -86.14
N GLY H 246 44.60 95.99 -86.46
CA GLY H 246 45.88 96.42 -85.92
C GLY H 246 45.68 97.20 -84.62
N TRP H 247 46.58 96.98 -83.67
CA TRP H 247 46.33 97.35 -82.28
C TRP H 247 47.53 98.05 -81.65
N GLU H 248 48.05 99.07 -82.32
CA GLU H 248 48.85 100.10 -81.67
C GLU H 248 48.07 101.40 -81.81
N LEU H 249 47.63 101.94 -80.68
CA LEU H 249 46.51 102.89 -80.67
C LEU H 249 46.50 103.82 -81.86
N ASP H 250 47.62 104.51 -82.11
CA ASP H 250 47.66 105.53 -83.15
C ASP H 250 48.97 105.46 -83.93
N LYS H 251 49.44 104.25 -84.24
CA LYS H 251 50.73 104.08 -84.89
C LYS H 251 50.54 103.58 -86.32
N THR H 252 50.64 104.50 -87.27
CA THR H 252 51.05 104.19 -88.63
C THR H 252 52.49 104.59 -88.87
N THR H 253 52.93 105.64 -88.21
CA THR H 253 54.34 106.02 -88.22
C THR H 253 55.13 105.06 -87.35
N GLN H 254 56.35 104.74 -87.80
CA GLN H 254 57.19 103.77 -87.10
C GLN H 254 57.83 104.44 -85.89
N THR H 255 57.02 104.62 -84.85
CA THR H 255 57.54 105.13 -83.59
C THR H 255 58.30 104.04 -82.84
N ILE H 256 57.70 102.87 -82.68
CA ILE H 256 58.34 101.74 -82.03
C ILE H 256 58.91 100.85 -83.12
N ASP H 257 60.23 100.89 -83.28
CA ASP H 257 60.88 100.01 -84.24
C ASP H 257 60.73 98.56 -83.78
N PRO H 258 60.42 97.63 -84.69
CA PRO H 258 60.31 96.23 -84.29
C PRO H 258 61.66 95.65 -83.92
N ALA H 259 62.20 96.09 -82.79
CA ALA H 259 63.50 95.62 -82.34
C ALA H 259 63.42 94.15 -81.96
N LYS H 260 64.54 93.63 -81.45
CA LYS H 260 64.58 92.25 -81.00
C LYS H 260 63.90 92.09 -79.65
N ASP H 261 64.10 93.06 -78.75
CA ASP H 261 63.57 93.00 -77.40
C ASP H 261 62.35 93.89 -77.30
N LYS H 262 61.32 93.39 -76.61
CA LYS H 262 60.07 94.12 -76.43
C LYS H 262 59.57 94.65 -77.77
N LYS H 263 59.22 93.69 -78.60
CA LYS H 263 58.93 93.88 -80.01
C LYS H 263 57.53 94.46 -80.24
N GLY H 264 56.96 95.09 -79.22
CA GLY H 264 55.57 95.48 -79.23
C GLY H 264 55.22 96.71 -80.03
N TYR H 265 55.30 96.61 -81.36
CA TYR H 265 54.74 97.62 -82.24
C TYR H 265 53.38 97.14 -82.75
N GLY H 266 52.69 98.00 -83.48
CA GLY H 266 51.46 97.60 -84.12
C GLY H 266 50.98 98.66 -85.08
N ILE H 267 49.66 98.70 -85.26
CA ILE H 267 49.02 99.56 -86.26
C ILE H 267 47.99 100.44 -85.56
N LYS H 268 47.74 101.60 -86.17
CA LYS H 268 46.70 102.53 -85.78
C LYS H 268 45.30 102.05 -86.12
N ASP H 269 45.17 100.80 -86.58
CA ASP H 269 44.11 100.40 -87.50
C ASP H 269 42.72 100.95 -87.20
N ALA H 270 42.09 100.53 -86.11
CA ALA H 270 40.65 100.70 -85.97
C ALA H 270 40.23 101.51 -84.75
N SER H 271 40.65 101.11 -83.55
CA SER H 271 39.92 101.45 -82.33
C SER H 271 40.71 102.44 -81.48
N LEU H 272 40.01 102.94 -80.46
CA LEU H 272 40.63 103.62 -79.33
C LEU H 272 40.72 102.62 -78.18
N HIS H 273 41.86 102.61 -77.50
CA HIS H 273 42.09 101.63 -76.44
C HIS H 273 41.02 101.79 -75.36
N ILE H 274 40.48 100.66 -74.92
CA ILE H 274 39.28 100.65 -74.08
C ILE H 274 39.66 100.76 -72.61
N GLN H 275 40.37 99.77 -72.10
CA GLN H 275 40.73 99.71 -70.69
C GLN H 275 42.21 99.43 -70.55
N THR H 276 42.88 100.24 -69.75
CA THR H 276 44.33 100.14 -69.59
C THR H 276 44.66 99.23 -68.40
N ALA H 277 45.60 98.31 -68.64
CA ALA H 277 46.10 97.48 -67.56
C ALA H 277 46.72 98.35 -66.48
N GLN H 278 46.60 97.93 -65.23
CA GLN H 278 47.07 98.73 -64.11
C GLN H 278 47.68 97.83 -63.06
N ASN H 279 48.60 98.39 -62.29
CA ASN H 279 49.14 97.75 -61.11
C ASN H 279 48.42 98.27 -59.88
N ALA H 280 47.95 97.34 -59.05
CA ALA H 280 47.27 97.72 -57.83
C ALA H 280 48.17 98.61 -56.98
N GLU H 281 47.56 99.61 -56.34
CA GLU H 281 48.29 100.60 -55.57
C GLU H 281 47.90 100.50 -54.10
N PHE H 282 48.88 100.21 -53.26
CA PHE H 282 48.68 100.08 -51.83
C PHE H 282 49.51 101.11 -51.08
N THR H 283 49.12 101.34 -49.83
CA THR H 283 49.85 102.21 -48.93
C THR H 283 49.89 101.54 -47.56
N LEU H 284 51.01 100.93 -47.24
CA LEU H 284 51.20 100.23 -45.97
C LEU H 284 52.02 101.12 -45.06
N ASP H 285 51.35 101.73 -44.08
CA ASP H 285 52.03 102.56 -43.10
C ASP H 285 52.76 103.71 -43.77
N GLY H 286 52.17 104.26 -44.82
CA GLY H 286 52.77 105.35 -45.56
C GLY H 286 53.74 104.93 -46.63
N ILE H 287 53.87 103.63 -46.89
CA ILE H 287 54.76 103.13 -47.91
C ILE H 287 53.95 102.80 -49.15
N LYS H 288 54.26 103.47 -50.25
CA LYS H 288 53.60 103.19 -51.51
C LYS H 288 54.04 101.83 -52.02
N MET H 289 53.08 100.92 -52.17
CA MET H 289 53.36 99.57 -52.62
C MET H 289 52.51 99.26 -53.84
N PHE H 290 53.11 98.57 -54.80
CA PHE H 290 52.45 98.24 -56.05
C PHE H 290 52.75 96.79 -56.40
N ARG H 291 51.77 96.12 -56.98
CA ARG H 291 51.92 94.74 -57.38
C ARG H 291 51.27 94.54 -58.73
N SER H 292 51.49 93.36 -59.29
CA SER H 292 50.88 93.04 -60.58
C SER H 292 49.40 92.77 -60.43
N SER H 293 49.03 91.90 -59.48
CA SER H 293 47.64 91.47 -59.32
C SER H 293 47.06 92.03 -58.04
N ASN H 294 45.72 91.97 -57.96
CA ASN H 294 45.01 92.39 -56.76
C ASN H 294 45.38 91.51 -55.57
N THR H 295 45.84 90.30 -55.81
CA THR H 295 46.20 89.37 -54.75
C THR H 295 47.62 89.64 -54.31
N VAL H 296 47.79 90.05 -53.06
CA VAL H 296 49.10 90.29 -52.48
C VAL H 296 49.38 89.17 -51.50
N THR H 297 50.37 88.34 -51.82
CA THR H 297 50.73 87.20 -51.00
C THR H 297 52.02 87.42 -50.21
N ASP H 298 52.73 88.51 -50.46
CA ASP H 298 54.01 88.76 -49.82
C ASP H 298 53.96 89.92 -48.84
N LEU H 299 52.75 90.30 -48.43
CA LEU H 299 52.61 91.39 -47.47
C LEU H 299 53.40 91.10 -46.19
N GLY H 300 53.34 89.86 -45.74
CA GLY H 300 54.05 89.45 -44.54
C GLY H 300 54.12 87.95 -44.46
N VAL H 301 54.73 87.46 -43.39
CA VAL H 301 54.90 86.01 -43.23
C VAL H 301 53.56 85.40 -42.85
N GLY H 302 53.11 84.46 -43.66
CA GLY H 302 51.88 83.75 -43.35
C GLY H 302 50.63 84.58 -43.48
N MET H 303 50.69 85.69 -44.20
CA MET H 303 49.54 86.55 -44.40
C MET H 303 49.29 86.72 -45.89
N THR H 304 48.01 86.83 -46.25
CA THR H 304 47.60 87.00 -47.64
C THR H 304 46.56 88.10 -47.70
N LEU H 305 46.77 89.06 -48.59
CA LEU H 305 45.85 90.18 -48.77
C LEU H 305 45.16 90.05 -50.12
N THR H 306 43.85 90.21 -50.11
CA THR H 306 43.03 90.21 -51.31
C THR H 306 42.32 91.54 -51.43
N LEU H 307 42.34 92.12 -52.62
CA LEU H 307 41.82 93.45 -52.85
C LEU H 307 40.44 93.39 -53.49
N ASN H 308 39.56 94.28 -53.03
CA ASN H 308 38.21 94.41 -53.57
C ASN H 308 37.95 95.79 -54.13
N LYS H 309 38.25 96.84 -53.37
CA LYS H 309 38.06 98.21 -53.84
C LYS H 309 39.04 99.10 -53.07
N THR H 310 39.06 100.38 -53.44
CA THR H 310 39.99 101.32 -52.82
C THR H 310 39.43 101.84 -51.49
N GLY H 311 40.29 102.48 -50.73
CA GLY H 311 39.90 103.11 -49.49
C GLY H 311 40.96 102.92 -48.43
N GLU H 312 40.56 103.19 -47.19
CA GLU H 312 41.41 103.07 -46.02
C GLU H 312 40.90 101.95 -45.14
N ILE H 313 41.80 101.13 -44.64
CA ILE H 313 41.46 100.01 -43.76
C ILE H 313 42.49 99.94 -42.64
N ASN H 314 42.04 99.47 -41.47
CA ASN H 314 42.90 99.28 -40.32
C ASN H 314 42.65 97.88 -39.77
N PHE H 315 43.51 96.93 -40.13
CA PHE H 315 43.43 95.58 -39.63
C PHE H 315 44.17 95.46 -38.30
N ASP H 316 43.76 94.46 -37.52
CA ASP H 316 44.39 94.19 -36.23
C ASP H 316 44.43 92.69 -36.01
N VAL H 317 45.63 92.15 -35.86
CA VAL H 317 45.83 90.73 -35.63
C VAL H 317 45.80 90.48 -34.13
N GLN H 318 44.85 89.68 -33.69
CA GLN H 318 44.77 89.25 -32.30
C GLN H 318 44.88 87.73 -32.23
N GLN H 319 45.41 87.25 -31.12
CA GLN H 319 45.50 85.81 -30.90
C GLN H 319 44.13 85.25 -30.57
N ASP H 320 43.72 84.24 -31.33
CA ASP H 320 42.43 83.59 -31.12
C ASP H 320 42.64 82.38 -30.20
N PHE H 321 42.11 82.48 -28.98
CA PHE H 321 42.25 81.43 -27.99
C PHE H 321 40.90 81.02 -27.43
N GLU H 322 39.86 81.05 -28.26
CA GLU H 322 38.52 80.68 -27.82
C GLU H 322 38.40 79.18 -27.53
N GLY H 323 39.24 78.36 -28.16
CA GLY H 323 39.13 76.92 -27.99
C GLY H 323 39.44 76.44 -26.60
N VAL H 324 40.07 77.27 -25.78
CA VAL H 324 40.43 76.83 -24.44
C VAL H 324 39.19 76.55 -23.62
N THR H 325 38.12 77.32 -23.84
CA THR H 325 36.88 77.08 -23.11
C THR H 325 36.31 75.70 -23.45
N LYS H 326 36.25 75.39 -24.74
CA LYS H 326 35.80 74.07 -25.15
C LYS H 326 36.69 72.99 -24.59
N ALA H 327 38.00 73.24 -24.56
CA ALA H 327 38.93 72.26 -24.01
C ALA H 327 38.60 71.96 -22.56
N MET H 328 38.52 73.01 -21.74
CA MET H 328 38.22 72.80 -20.32
C MET H 328 36.89 72.13 -20.13
N GLN H 329 35.90 72.51 -20.93
CA GLN H 329 34.57 71.92 -20.80
C GLN H 329 34.62 70.43 -21.09
N ASP H 330 35.28 70.06 -22.18
CA ASP H 330 35.39 68.65 -22.53
C ASP H 330 36.12 67.89 -21.44
N LEU H 331 37.19 68.47 -20.91
CA LEU H 331 37.97 67.79 -19.88
C LEU H 331 37.12 67.54 -18.64
N VAL H 332 36.42 68.57 -18.18
CA VAL H 332 35.64 68.42 -16.97
C VAL H 332 34.51 67.43 -17.20
N ASP H 333 33.92 67.44 -18.39
CA ASP H 333 32.83 66.51 -18.67
C ASP H 333 33.32 65.08 -18.65
N ALA H 334 34.43 64.81 -19.35
CA ALA H 334 34.97 63.47 -19.37
C ALA H 334 35.33 63.01 -17.97
N TYR H 335 35.97 63.89 -17.19
CA TYR H 335 36.35 63.49 -15.84
C TYR H 335 35.13 63.21 -14.99
N ASN H 336 34.10 64.04 -15.12
CA ASN H 336 32.89 63.82 -14.35
C ASN H 336 32.29 62.46 -14.68
N ASP H 337 32.18 62.15 -15.97
CA ASP H 337 31.60 60.87 -16.36
C ASP H 337 32.46 59.71 -15.87
N LEU H 338 33.77 59.83 -16.00
CA LEU H 338 34.65 58.74 -15.61
C LEU H 338 34.58 58.50 -14.11
N VAL H 339 34.61 59.57 -13.31
CA VAL H 339 34.59 59.39 -11.87
C VAL H 339 33.22 58.91 -11.43
N THR H 340 32.17 59.31 -12.13
CA THR H 340 30.85 58.77 -11.84
C THR H 340 30.82 57.27 -12.08
N ASN H 341 31.38 56.84 -13.21
CA ASN H 341 31.43 55.41 -13.50
C ASN H 341 32.24 54.67 -12.45
N LEU H 342 33.34 55.27 -12.01
CA LEU H 342 34.18 54.60 -11.02
C LEU H 342 33.45 54.47 -9.68
N ASN H 343 32.82 55.56 -9.24
CA ASN H 343 32.05 55.49 -8.01
C ASN H 343 30.96 54.45 -8.12
N ALA H 344 30.19 54.49 -9.20
CA ALA H 344 29.16 53.48 -9.41
C ALA H 344 29.77 52.08 -9.41
N ALA H 345 31.04 51.96 -9.81
CA ALA H 345 31.70 50.67 -9.78
C ALA H 345 31.98 50.23 -8.36
N THR H 346 32.36 51.17 -7.50
CA THR H 346 32.65 50.86 -6.10
C THR H 346 31.78 51.68 -5.15
N ASP H 347 30.53 51.91 -5.54
CA ASP H 347 29.58 52.54 -4.64
C ASP H 347 28.87 51.50 -3.79
N TYR H 348 28.74 51.79 -2.50
CA TYR H 348 27.98 50.93 -1.61
C TYR H 348 26.50 51.19 -1.81
N ASN H 349 25.77 50.16 -2.23
CA ASN H 349 24.36 50.27 -2.56
C ASN H 349 23.56 49.58 -1.45
N SER H 350 22.75 50.36 -0.74
CA SER H 350 21.94 49.79 0.33
C SER H 350 21.05 48.67 -0.17
N GLU H 351 20.76 48.64 -1.48
CA GLU H 351 20.09 47.49 -2.06
C GLU H 351 20.95 46.24 -1.99
N THR H 352 22.26 46.40 -1.83
CA THR H 352 23.22 45.31 -1.67
C THR H 352 23.39 44.48 -2.93
N GLY H 353 22.73 44.86 -4.03
CA GLY H 353 22.90 44.11 -5.27
C GLY H 353 24.27 44.36 -5.89
N THR H 354 24.78 45.58 -5.76
CA THR H 354 26.09 45.94 -6.29
C THR H 354 26.90 46.72 -5.27
N LYS H 355 26.67 46.44 -3.98
CA LYS H 355 27.37 47.15 -2.91
C LYS H 355 28.85 46.78 -2.94
N GLY H 356 29.68 47.72 -3.39
CA GLY H 356 31.10 47.48 -3.49
C GLY H 356 31.43 46.34 -4.43
N THR H 357 31.00 46.45 -5.68
CA THR H 357 31.26 45.40 -6.65
C THR H 357 32.75 45.11 -6.77
N LEU H 358 33.52 46.13 -7.12
CA LEU H 358 34.97 46.01 -7.20
C LEU H 358 35.68 46.51 -5.95
N GLN H 359 34.97 46.52 -4.83
CA GLN H 359 35.55 46.98 -3.59
C GLN H 359 36.73 46.09 -3.21
N GLY H 360 37.75 46.69 -2.61
CA GLY H 360 38.99 46.02 -2.34
C GLY H 360 40.04 46.20 -3.40
N ILE H 361 39.63 46.61 -4.60
CA ILE H 361 40.57 46.92 -5.68
C ILE H 361 41.06 48.34 -5.47
N SER H 362 42.32 48.48 -5.08
CA SER H 362 42.89 49.80 -4.84
C SER H 362 43.05 50.61 -6.11
N GLU H 363 42.90 49.98 -7.27
CA GLU H 363 43.10 50.69 -8.53
C GLU H 363 42.17 51.89 -8.65
N VAL H 364 40.88 51.68 -8.39
CA VAL H 364 39.91 52.75 -8.60
C VAL H 364 40.17 53.91 -7.66
N ASN H 365 40.39 53.61 -6.38
CA ASN H 365 40.62 54.66 -5.40
C ASN H 365 41.91 55.40 -5.70
N SER H 366 42.96 54.66 -6.04
CA SER H 366 44.22 55.29 -6.41
C SER H 366 44.03 56.23 -7.60
N ILE H 367 43.31 55.77 -8.63
CA ILE H 367 43.07 56.60 -9.79
C ILE H 367 42.35 57.89 -9.40
N ARG H 368 41.22 57.75 -8.72
CA ARG H 368 40.44 58.92 -8.35
C ARG H 368 41.28 59.91 -7.55
N SER H 369 41.93 59.41 -6.50
CA SER H 369 42.71 60.29 -5.65
C SER H 369 43.85 60.94 -6.41
N SER H 370 44.50 60.19 -7.29
CA SER H 370 45.67 60.71 -7.99
C SER H 370 45.28 61.79 -8.98
N ILE H 371 44.18 61.59 -9.71
CA ILE H 371 43.75 62.62 -10.64
C ILE H 371 43.28 63.84 -9.88
N LEU H 372 42.60 63.64 -8.75
CA LEU H 372 42.17 64.78 -7.96
C LEU H 372 43.39 65.56 -7.46
N ALA H 373 44.45 64.85 -7.08
CA ALA H 373 45.66 65.51 -6.62
C ALA H 373 46.31 66.30 -7.74
N ASP H 374 46.59 65.62 -8.86
CA ASP H 374 47.24 66.29 -9.98
C ASP H 374 46.44 67.50 -10.42
N LEU H 375 45.11 67.44 -10.35
CA LEU H 375 44.30 68.59 -10.70
C LEU H 375 44.42 69.67 -9.64
N PHE H 376 44.30 69.30 -8.38
CA PHE H 376 44.52 70.24 -7.30
C PHE H 376 45.99 70.62 -7.16
N ASP H 377 46.88 69.94 -7.90
CA ASP H 377 48.30 70.25 -7.82
C ASP H 377 48.60 71.58 -8.50
N SER H 378 49.73 72.18 -8.12
CA SER H 378 50.16 73.45 -8.68
C SER H 378 51.65 73.61 -8.40
N GLN H 379 52.20 74.74 -8.85
CA GLN H 379 53.59 75.08 -8.65
C GLN H 379 53.69 76.42 -7.95
N VAL H 380 54.86 76.69 -7.39
CA VAL H 380 55.09 77.92 -6.64
C VAL H 380 55.49 79.02 -7.62
N VAL H 381 55.00 80.23 -7.34
CA VAL H 381 55.30 81.37 -8.17
C VAL H 381 56.75 81.81 -7.96
N VAL H 397 52.54 81.64 -12.76
CA VAL H 397 52.43 80.36 -12.08
C VAL H 397 51.11 80.28 -11.31
N MET H 398 50.33 79.25 -11.58
CA MET H 398 49.04 79.08 -10.93
C MET H 398 49.22 78.53 -9.53
N LEU H 399 48.55 79.15 -8.57
CA LEU H 399 48.51 78.59 -7.22
C LEU H 399 47.58 77.39 -7.16
N SER H 400 46.57 77.37 -8.01
CA SER H 400 45.61 76.26 -8.09
C SER H 400 44.78 76.46 -9.34
N MET H 401 44.15 75.37 -9.79
CA MET H 401 43.32 75.45 -10.98
C MET H 401 42.20 76.47 -10.82
N GLN H 402 41.74 76.69 -9.60
CA GLN H 402 40.69 77.65 -9.35
C GLN H 402 41.16 79.07 -9.62
N ASP H 403 42.45 79.28 -9.89
CA ASP H 403 42.94 80.60 -10.22
C ASP H 403 42.30 81.12 -11.50
N PHE H 404 42.02 80.23 -12.45
CA PHE H 404 41.43 80.60 -13.73
C PHE H 404 40.00 80.07 -13.86
N GLY H 405 39.27 80.06 -12.76
CA GLY H 405 37.87 79.72 -12.80
C GLY H 405 37.56 78.24 -12.78
N LEU H 406 38.57 77.38 -12.86
CA LEU H 406 38.29 75.95 -12.81
C LEU H 406 37.94 75.56 -11.38
N SER H 407 36.66 75.63 -11.05
CA SER H 407 36.21 75.39 -9.69
C SER H 407 36.33 73.91 -9.35
N LEU H 408 37.47 73.52 -8.81
CA LEU H 408 37.70 72.13 -8.47
C LEU H 408 36.87 71.74 -7.26
N ASN H 409 35.67 71.22 -7.50
CA ASN H 409 34.74 70.85 -6.43
C ASN H 409 34.96 69.39 -6.06
N ASP H 410 34.02 68.82 -5.30
CA ASP H 410 34.10 67.42 -4.94
C ASP H 410 34.11 66.55 -6.20
N ALA H 411 34.43 65.28 -6.00
CA ALA H 411 34.48 64.34 -7.11
C ALA H 411 33.14 64.30 -7.82
N GLY H 412 33.14 64.56 -9.13
CA GLY H 412 31.93 64.53 -9.93
C GLY H 412 31.16 65.83 -9.94
N THR H 413 31.50 66.79 -9.09
CA THR H 413 30.81 68.08 -9.04
C THR H 413 31.68 69.21 -9.56
N LEU H 414 32.73 68.88 -10.29
CA LEU H 414 33.61 69.92 -10.83
C LEU H 414 32.83 70.82 -11.78
N SER H 415 33.16 72.11 -11.76
CA SER H 415 32.54 73.08 -12.64
C SER H 415 33.61 74.00 -13.21
N PHE H 416 33.36 74.49 -14.42
CA PHE H 416 34.29 75.34 -15.14
C PHE H 416 33.67 76.73 -15.27
N ASP H 417 34.18 77.66 -14.48
CA ASP H 417 33.69 79.04 -14.51
C ASP H 417 34.32 79.73 -15.71
N SER H 418 33.61 79.71 -16.84
CA SER H 418 34.15 80.29 -18.07
C SER H 418 34.51 81.76 -17.88
N SER H 419 33.73 82.48 -17.08
CA SER H 419 33.97 83.91 -16.92
C SER H 419 35.38 84.17 -16.40
N LYS H 420 35.74 83.52 -15.30
CA LYS H 420 37.03 83.77 -14.68
C LYS H 420 38.17 83.37 -15.60
N PHE H 421 38.07 82.20 -16.22
CA PHE H 421 39.11 81.76 -17.13
C PHE H 421 39.30 82.75 -18.27
N GLU H 422 38.20 83.09 -18.96
CA GLU H 422 38.29 84.03 -20.07
C GLU H 422 38.88 85.36 -19.61
N GLN H 423 38.43 85.87 -18.48
CA GLN H 423 38.89 87.17 -18.00
C GLN H 423 40.38 87.13 -17.70
N LYS H 424 40.80 86.16 -16.88
CA LYS H 424 42.19 86.09 -16.48
C LYS H 424 43.11 85.76 -17.64
N VAL H 425 42.59 85.16 -18.71
CA VAL H 425 43.42 84.89 -19.86
C VAL H 425 43.53 86.13 -20.73
N LYS H 426 42.41 86.83 -20.93
CA LYS H 426 42.43 88.06 -21.70
C LYS H 426 43.29 89.12 -21.02
N GLU H 427 43.33 89.10 -19.69
CA GLU H 427 44.14 90.06 -18.96
C GLU H 427 45.63 89.83 -19.20
N ASP H 428 46.05 88.56 -19.19
CA ASP H 428 47.45 88.22 -19.41
C ASP H 428 47.51 86.84 -20.03
N PRO H 429 47.39 86.75 -21.35
CA PRO H 429 47.50 85.44 -22.00
C PRO H 429 48.91 84.87 -21.98
N ASP H 430 49.93 85.69 -21.73
CA ASP H 430 51.30 85.23 -21.82
C ASP H 430 51.67 84.33 -20.64
N SER H 431 51.35 84.76 -19.42
CA SER H 431 51.62 83.93 -18.25
C SER H 431 50.86 82.61 -18.35
N THR H 432 49.60 82.66 -18.76
CA THR H 432 48.81 81.45 -18.90
C THR H 432 49.42 80.52 -19.93
N GLU H 433 49.76 81.08 -21.11
CA GLU H 433 50.34 80.25 -22.16
C GLU H 433 51.65 79.63 -21.70
N SER H 434 52.45 80.39 -20.94
CA SER H 434 53.71 79.85 -20.44
C SER H 434 53.47 78.70 -19.48
N PHE H 435 52.58 78.90 -18.50
CA PHE H 435 52.37 77.87 -17.50
C PHE H 435 51.72 76.63 -18.08
N PHE H 436 50.92 76.79 -19.14
CA PHE H 436 50.26 75.67 -19.76
C PHE H 436 51.07 75.07 -20.90
N SER H 437 52.12 75.74 -21.34
CA SER H 437 53.07 75.17 -22.28
C SER H 437 54.21 74.48 -21.58
N ASN H 438 54.46 74.81 -20.32
CA ASN H 438 55.32 73.97 -19.49
C ASN H 438 54.88 72.52 -19.56
N ILE H 439 53.60 72.29 -19.84
CA ILE H 439 53.12 70.93 -20.10
C ILE H 439 53.90 70.36 -21.27
N THR H 440 54.42 69.15 -21.09
CA THR H 440 55.15 68.46 -22.14
C THR H 440 54.73 67.00 -22.19
N GLU H 576 62.77 72.38 -15.64
CA GLU H 576 61.67 72.18 -16.57
C GLU H 576 60.35 72.66 -15.99
N GLY H 577 60.04 72.19 -14.78
CA GLY H 577 58.79 72.53 -14.14
C GLY H 577 57.62 72.15 -15.01
N LYS H 578 57.51 70.86 -15.33
CA LYS H 578 56.47 70.40 -16.23
C LYS H 578 55.11 70.86 -15.74
N GLY H 579 54.28 71.30 -16.68
CA GLY H 579 53.05 71.97 -16.34
C GLY H 579 52.04 71.04 -15.72
N ILE H 580 50.79 71.52 -15.71
CA ILE H 580 49.71 70.84 -15.00
C ILE H 580 49.36 69.54 -15.70
N PHE H 581 48.88 69.63 -16.94
CA PHE H 581 48.36 68.48 -17.64
C PHE H 581 49.44 67.48 -18.04
N SER H 582 50.71 67.87 -18.00
CA SER H 582 51.78 66.91 -18.22
C SER H 582 51.79 65.83 -17.16
N LYS H 583 51.58 66.23 -15.91
CA LYS H 583 51.52 65.25 -14.84
C LYS H 583 50.39 64.26 -15.06
N LEU H 584 49.26 64.74 -15.58
CA LEU H 584 48.18 63.82 -15.90
C LEU H 584 48.56 62.91 -17.05
N LYS H 585 49.20 63.46 -18.08
CA LYS H 585 49.63 62.63 -19.20
C LYS H 585 50.58 61.53 -18.74
N ALA H 586 51.35 61.81 -17.69
CA ALA H 586 52.26 60.80 -17.15
C ALA H 586 51.51 59.79 -16.29
N THR H 587 50.65 60.28 -15.41
CA THR H 587 49.96 59.40 -14.47
C THR H 587 49.02 58.45 -15.19
N LEU H 588 48.13 58.99 -16.02
CA LEU H 588 47.25 58.16 -16.82
C LEU H 588 48.02 57.22 -17.72
N GLN H 589 49.21 57.63 -18.16
CA GLN H 589 50.03 56.75 -18.98
C GLN H 589 50.50 55.55 -18.16
N GLU H 590 50.98 55.80 -16.95
CA GLU H 590 51.40 54.70 -16.10
C GLU H 590 50.26 53.76 -15.80
N MET H 591 49.05 54.32 -15.63
CA MET H 591 47.90 53.48 -15.32
C MET H 591 47.48 52.63 -16.53
N THR H 592 47.13 53.30 -17.63
CA THR H 592 46.67 52.62 -18.82
C THR H 592 47.80 51.94 -19.60
N GLY H 593 49.04 52.09 -19.15
CA GLY H 593 50.14 51.44 -19.84
C GLY H 593 49.97 49.95 -19.90
N LYS H 594 50.64 49.34 -20.89
CA LYS H 594 50.54 47.90 -21.05
C LYS H 594 51.08 47.17 -19.83
N ASP H 595 52.02 47.79 -19.12
CA ASP H 595 52.55 47.25 -17.87
C ASP H 595 52.00 48.00 -16.67
N GLY H 596 50.82 48.61 -16.81
CA GLY H 596 50.22 49.38 -15.75
C GLY H 596 49.33 48.53 -14.85
N SER H 597 48.89 49.16 -13.77
CA SER H 597 48.13 48.45 -12.75
C SER H 597 46.85 47.86 -13.29
N ILE H 598 46.17 48.61 -14.18
CA ILE H 598 44.96 48.12 -14.79
C ILE H 598 45.19 46.75 -15.40
N THR H 599 46.28 46.60 -16.13
CA THR H 599 46.63 45.32 -16.72
C THR H 599 46.98 44.28 -15.66
N LYS H 600 47.50 44.70 -14.52
CA LYS H 600 47.79 43.74 -13.46
C LYS H 600 46.52 43.10 -12.95
N TYR H 601 45.56 43.93 -12.55
CA TYR H 601 44.29 43.38 -12.09
C TYR H 601 43.62 42.58 -13.20
N ASP H 602 43.66 43.09 -14.42
CA ASP H 602 43.03 42.37 -15.53
C ASP H 602 43.65 41.00 -15.73
N GLU H 603 44.98 40.91 -15.69
CA GLU H 603 45.65 39.65 -15.93
C GLU H 603 45.42 38.68 -14.80
N SER H 604 45.43 39.18 -13.56
CA SER H 604 45.11 38.31 -12.44
C SER H 604 43.72 37.70 -12.61
N LEU H 605 42.73 38.54 -12.91
CA LEU H 605 41.38 38.04 -13.06
C LEU H 605 41.26 37.13 -14.27
N THR H 606 42.06 37.36 -15.29
CA THR H 606 42.00 36.54 -16.49
C THR H 606 42.60 35.16 -16.25
N ASN H 607 43.67 35.09 -15.46
CA ASN H 607 44.26 33.80 -15.14
C ASN H 607 43.42 33.04 -14.12
N ASP H 608 42.71 33.77 -13.27
CA ASP H 608 41.86 33.12 -12.27
C ASP H 608 40.86 32.20 -12.93
N ILE H 609 40.22 32.66 -14.01
CA ILE H 609 39.21 31.84 -14.66
C ILE H 609 39.84 30.64 -15.34
N LYS H 610 41.06 30.79 -15.86
CA LYS H 610 41.75 29.63 -16.40
C LYS H 610 41.89 28.55 -15.35
N SER H 611 42.47 28.92 -14.20
CA SER H 611 42.68 27.93 -13.15
C SER H 611 41.35 27.36 -12.67
N LEU H 612 40.32 28.20 -12.61
CA LEU H 612 39.03 27.74 -12.14
C LEU H 612 38.43 26.71 -13.08
N ASN H 613 38.44 27.00 -14.37
CA ASN H 613 37.93 26.05 -15.35
C ASN H 613 38.72 24.76 -15.28
N THR H 614 40.04 24.86 -15.12
CA THR H 614 40.86 23.66 -15.08
C THR H 614 40.47 22.77 -13.90
N SER H 615 40.39 23.37 -12.71
CA SER H 615 40.04 22.59 -11.52
C SER H 615 38.64 22.01 -11.64
N LYS H 616 37.69 22.82 -12.12
CA LYS H 616 36.34 22.33 -12.31
C LYS H 616 36.32 21.15 -13.24
N ASP H 617 37.12 21.20 -14.31
CA ASP H 617 37.15 20.09 -15.26
C ASP H 617 37.77 18.85 -14.65
N SER H 618 38.78 19.02 -13.80
CA SER H 618 39.36 17.87 -13.12
C SER H 618 38.31 17.17 -12.27
N THR H 619 37.62 17.93 -11.42
CA THR H 619 36.59 17.30 -10.59
C THR H 619 35.47 16.74 -11.45
N GLN H 620 35.18 17.38 -12.58
CA GLN H 620 34.17 16.84 -13.48
C GLN H 620 34.58 15.47 -13.97
N ALA H 621 35.84 15.33 -14.37
CA ALA H 621 36.35 14.02 -14.75
C ALA H 621 36.14 13.01 -13.63
N MET H 622 36.55 13.37 -12.42
CA MET H 622 36.38 12.45 -11.30
C MET H 622 34.92 12.05 -11.13
N ILE H 623 34.00 12.97 -11.42
CA ILE H 623 32.59 12.68 -11.24
C ILE H 623 32.18 11.49 -12.10
N ASP H 624 32.29 11.65 -13.41
CA ASP H 624 31.83 10.59 -14.30
C ASP H 624 32.69 9.35 -14.17
N THR H 625 33.92 9.49 -13.65
CA THR H 625 34.74 8.32 -13.45
C THR H 625 34.02 7.26 -12.63
N ARG H 626 33.41 7.67 -11.52
CA ARG H 626 32.70 6.73 -10.67
C ARG H 626 31.49 6.15 -11.39
N TYR H 627 30.66 7.01 -11.97
CA TYR H 627 29.39 6.56 -12.50
C TYR H 627 29.56 5.69 -13.74
N ASP H 628 30.70 5.79 -14.43
CA ASP H 628 30.96 4.88 -15.52
C ASP H 628 31.09 3.44 -15.01
N THR H 629 31.91 3.26 -13.97
CA THR H 629 32.01 1.95 -13.35
C THR H 629 30.66 1.50 -12.81
N MET H 630 29.89 2.44 -12.27
CA MET H 630 28.58 2.08 -11.76
C MET H 630 27.68 1.57 -12.88
N ALA H 631 27.76 2.19 -14.05
CA ALA H 631 27.01 1.71 -15.21
C ALA H 631 27.44 0.30 -15.58
N ASN H 632 28.75 0.06 -15.55
CA ASN H 632 29.24 -1.28 -15.81
C ASN H 632 28.66 -2.26 -14.80
N GLN H 633 28.57 -1.86 -13.54
CA GLN H 633 27.98 -2.73 -12.53
C GLN H 633 26.51 -2.99 -12.81
N TRP H 634 25.81 -1.97 -13.27
CA TRP H 634 24.38 -2.15 -13.56
C TRP H 634 24.19 -3.18 -14.65
N LEU H 635 24.90 -3.02 -15.76
CA LEU H 635 24.80 -4.03 -16.81
C LEU H 635 25.32 -5.37 -16.34
N GLN H 636 26.27 -5.37 -15.42
CA GLN H 636 26.80 -6.62 -14.89
C GLN H 636 25.71 -7.41 -14.20
N TYR H 637 25.01 -6.77 -13.27
CA TYR H 637 23.95 -7.49 -12.59
C TYR H 637 22.76 -7.70 -13.50
N GLU H 638 22.62 -6.89 -14.55
CA GLU H 638 21.60 -7.22 -15.53
C GLU H 638 21.90 -8.57 -16.15
N SER H 639 23.17 -8.80 -16.48
CA SER H 639 23.56 -10.09 -17.05
C SER H 639 23.41 -11.19 -16.02
N ILE H 640 23.72 -10.90 -14.76
CA ILE H 640 23.66 -11.94 -13.74
C ILE H 640 22.21 -12.30 -13.45
N LEU H 641 21.35 -11.30 -13.39
CA LEU H 641 19.94 -11.56 -13.16
C LEU H 641 19.32 -12.18 -14.39
N ASN H 642 19.90 -11.94 -15.55
CA ASN H 642 19.46 -12.68 -16.73
C ASN H 642 19.87 -14.13 -16.62
N LYS H 643 21.08 -14.38 -16.12
CA LYS H 643 21.51 -15.75 -15.91
C LYS H 643 20.59 -16.44 -14.92
N LEU H 644 20.27 -15.77 -13.82
CA LEU H 644 19.44 -16.39 -12.80
C LEU H 644 17.99 -16.50 -13.25
N ASN H 645 17.50 -15.53 -14.01
CA ASN H 645 16.14 -15.62 -14.49
C ASN H 645 16.02 -16.70 -15.54
N GLN H 646 17.00 -16.80 -16.43
CA GLN H 646 17.00 -17.86 -17.40
C GLN H 646 17.19 -19.21 -16.74
N GLN H 647 17.90 -19.26 -15.62
CA GLN H 647 18.12 -20.52 -14.94
C GLN H 647 16.92 -20.88 -14.07
N LEU H 648 16.21 -19.88 -13.57
CA LEU H 648 14.94 -20.13 -12.92
C LEU H 648 13.94 -20.64 -13.93
N ASN H 649 13.93 -20.05 -15.12
CA ASN H 649 13.14 -20.58 -16.22
C ASN H 649 13.65 -21.94 -16.66
N THR H 650 14.93 -22.21 -16.43
CA THR H 650 15.49 -23.50 -16.82
C THR H 650 15.03 -24.60 -15.87
N VAL H 651 15.13 -24.33 -14.58
CA VAL H 651 14.60 -25.27 -13.59
C VAL H 651 13.09 -25.34 -13.70
N THR H 652 12.45 -24.26 -14.15
CA THR H 652 11.01 -24.29 -14.37
C THR H 652 10.68 -25.11 -15.62
N ASN H 653 11.55 -25.06 -16.63
CA ASN H 653 11.39 -25.87 -17.81
C ASN H 653 11.60 -27.34 -17.48
N MET H 654 12.48 -27.62 -16.53
CA MET H 654 12.67 -28.99 -16.06
C MET H 654 11.51 -29.42 -15.17
N ILE H 655 10.99 -28.49 -14.37
CA ILE H 655 9.81 -28.74 -13.54
C ILE H 655 8.63 -29.11 -14.41
N ASN H 656 8.44 -28.38 -15.51
CA ASN H 656 7.36 -28.67 -16.44
C ASN H 656 7.66 -29.93 -17.23
N ALA H 657 8.91 -30.07 -17.69
CA ALA H 657 9.33 -31.23 -18.46
C ALA H 657 9.54 -32.43 -17.56
N ALA H 658 10.43 -32.32 -16.58
CA ALA H 658 10.71 -33.41 -15.66
C ALA H 658 9.83 -33.30 -14.43
N MET I 21 5.17 -19.38 -19.98
CA MET I 21 6.52 -19.20 -19.38
C MET I 21 7.34 -18.18 -20.15
N ALA I 22 6.91 -17.88 -21.38
CA ALA I 22 7.58 -16.85 -22.15
C ALA I 22 7.69 -15.55 -21.36
N PHE I 23 6.79 -15.35 -20.41
CA PHE I 23 6.82 -14.19 -19.54
C PHE I 23 7.15 -14.55 -18.10
N GLY I 24 7.34 -15.83 -17.82
CA GLY I 24 7.75 -16.23 -16.50
C GLY I 24 9.02 -15.50 -16.11
N SER I 25 8.88 -14.54 -15.22
CA SER I 25 10.01 -13.70 -14.84
C SER I 25 9.73 -13.09 -13.49
N LEU I 26 10.79 -12.61 -12.86
CA LEU I 26 10.69 -11.94 -11.60
C LEU I 26 11.40 -10.60 -11.72
N SER I 27 11.00 -9.68 -10.85
CA SER I 27 11.37 -8.28 -11.02
C SER I 27 12.67 -7.91 -10.32
N SER I 28 12.95 -8.50 -9.16
CA SER I 28 14.04 -7.98 -8.34
C SER I 28 14.62 -9.08 -7.46
N LEU I 29 15.67 -8.69 -6.75
CA LEU I 29 16.28 -9.49 -5.70
C LEU I 29 16.42 -8.61 -4.47
N GLY I 30 15.88 -9.06 -3.34
CA GLY I 30 15.76 -8.20 -2.19
C GLY I 30 16.18 -8.88 -0.90
N PHE I 31 16.37 -8.05 0.11
CA PHE I 31 16.67 -8.50 1.45
C PHE I 31 16.07 -7.52 2.45
N GLY I 32 16.12 -7.92 3.72
CA GLY I 32 15.86 -7.02 4.83
C GLY I 32 14.62 -6.16 4.71
N SER I 33 13.70 -6.54 3.84
CA SER I 33 12.49 -5.74 3.63
C SER I 33 11.61 -5.81 4.87
N GLY I 34 11.59 -4.72 5.62
CA GLY I 34 10.75 -4.66 6.80
C GLY I 34 11.38 -3.91 7.96
N VAL I 35 10.79 -4.06 9.14
CA VAL I 35 11.22 -3.37 10.35
C VAL I 35 11.37 -4.40 11.45
N LEU I 36 12.37 -4.19 12.29
CA LEU I 36 12.59 -5.08 13.42
C LEU I 36 11.47 -4.92 14.45
N THR I 37 11.00 -6.04 14.97
CA THR I 37 10.11 -6.06 16.12
C THR I 37 10.50 -7.20 17.03
N GLN I 38 10.19 -7.04 18.32
CA GLN I 38 10.46 -8.11 19.26
C GLN I 38 9.83 -9.41 18.81
N ASP I 39 8.70 -9.32 18.10
CA ASP I 39 8.05 -10.53 17.61
C ASP I 39 8.95 -11.26 16.62
N THR I 40 9.59 -10.51 15.74
CA THR I 40 10.53 -11.12 14.82
C THR I 40 11.69 -11.75 15.59
N ILE I 41 12.11 -11.09 16.66
CA ILE I 41 13.17 -11.64 17.49
C ILE I 41 12.72 -12.98 18.05
N ASP I 42 11.48 -13.06 18.50
CA ASP I 42 10.98 -14.30 19.07
C ASP I 42 10.92 -15.39 18.01
N LYS I 43 10.51 -15.03 16.80
CA LYS I 43 10.45 -16.01 15.73
C LYS I 43 11.83 -16.56 15.43
N LEU I 44 12.81 -15.67 15.35
CA LEU I 44 14.17 -16.11 15.10
C LEU I 44 14.66 -17.00 16.23
N LYS I 45 14.32 -16.64 17.47
CA LYS I 45 14.71 -17.47 18.60
C LYS I 45 14.13 -18.86 18.47
N GLU I 46 12.86 -18.95 18.06
CA GLU I 46 12.22 -20.25 17.91
C GLU I 46 12.90 -21.05 16.83
N ALA I 47 13.21 -20.40 15.70
CA ALA I 47 13.85 -21.11 14.60
C ALA I 47 15.20 -21.66 15.04
N GLU I 48 15.98 -20.83 15.72
CA GLU I 48 17.27 -21.28 16.21
C GLU I 48 17.10 -22.44 17.17
N GLN I 49 16.18 -22.30 18.11
CA GLN I 49 15.91 -23.37 19.06
C GLN I 49 15.66 -24.67 18.32
N LYS I 50 14.77 -24.63 17.34
CA LYS I 50 14.48 -25.83 16.59
C LYS I 50 15.76 -26.39 16.02
N ALA I 51 16.37 -25.63 15.11
CA ALA I 51 17.49 -26.12 14.33
C ALA I 51 18.68 -26.51 15.19
N ARG I 52 18.70 -26.13 16.46
CA ARG I 52 19.84 -26.43 17.32
C ARG I 52 19.58 -27.55 18.30
N ILE I 53 18.36 -27.68 18.82
CA ILE I 53 18.09 -28.62 19.89
C ILE I 53 17.06 -29.67 19.53
N ASP I 54 16.63 -29.74 18.27
CA ASP I 54 15.75 -30.83 17.89
C ASP I 54 16.45 -32.17 17.89
N PRO I 55 17.66 -32.33 17.35
CA PRO I 55 18.33 -33.63 17.37
C PRO I 55 18.49 -34.18 18.78
N TYR I 56 18.75 -33.31 19.74
CA TYR I 56 18.86 -33.78 21.13
C TYR I 56 17.57 -34.43 21.57
N THR I 57 16.44 -33.76 21.32
CA THR I 57 15.16 -34.33 21.66
C THR I 57 14.95 -35.67 20.97
N LYS I 58 15.31 -35.75 19.69
CA LYS I 58 15.06 -36.96 18.94
C LYS I 58 15.87 -38.12 19.51
N LYS I 59 17.15 -37.87 19.79
CA LYS I 59 17.98 -38.91 20.36
C LYS I 59 17.47 -39.32 21.73
N ILE I 60 16.96 -38.36 22.49
CA ILE I 60 16.42 -38.67 23.81
C ILE I 60 15.24 -39.62 23.67
N GLU I 61 14.34 -39.32 22.74
CA GLU I 61 13.19 -40.19 22.53
C GLU I 61 13.63 -41.57 22.07
N GLU I 62 14.62 -41.62 21.18
CA GLU I 62 15.13 -42.91 20.72
C GLU I 62 15.62 -43.74 21.90
N ASN I 63 16.45 -43.14 22.75
CA ASN I 63 17.00 -43.86 23.88
C ASN I 63 15.91 -44.30 24.83
N THR I 64 14.90 -43.45 25.04
CA THR I 64 13.83 -43.82 25.95
C THR I 64 13.05 -45.00 25.43
N THR I 65 12.74 -44.99 24.12
CA THR I 65 12.05 -46.13 23.53
C THR I 65 12.88 -47.40 23.68
N LYS I 66 14.18 -47.30 23.40
CA LYS I 66 15.05 -48.46 23.54
C LYS I 66 15.01 -48.98 24.97
N GLN I 67 15.02 -48.08 25.94
CA GLN I 67 15.06 -48.50 27.34
C GLN I 67 13.76 -49.16 27.73
N LYS I 68 12.63 -48.63 27.27
CA LYS I 68 11.35 -49.27 27.53
C LYS I 68 11.35 -50.70 27.01
N ASP I 69 11.78 -50.87 25.76
CA ASP I 69 11.76 -52.20 25.17
C ASP I 69 12.69 -53.15 25.90
N LEU I 70 13.86 -52.65 26.29
CA LEU I 70 14.80 -53.50 27.00
C LEU I 70 14.23 -53.90 28.36
N THR I 71 13.55 -52.97 29.03
CA THR I 71 12.93 -53.31 30.30
C THR I 71 11.89 -54.39 30.12
N GLU I 72 11.07 -54.27 29.09
CA GLU I 72 10.04 -55.28 28.84
C GLU I 72 10.67 -56.65 28.65
N ILE I 73 11.66 -56.74 27.74
CA ILE I 73 12.24 -58.03 27.47
C ILE I 73 12.99 -58.53 28.69
N LYS I 74 13.48 -57.62 29.54
CA LYS I 74 14.13 -58.03 30.76
C LYS I 74 13.14 -58.70 31.70
N THR I 75 11.97 -58.10 31.86
CA THR I 75 10.94 -58.72 32.69
C THR I 75 10.59 -60.10 32.16
N LYS I 76 10.43 -60.21 30.84
CA LYS I 76 10.09 -61.51 30.26
C LYS I 76 11.18 -62.53 30.53
N LEU I 77 12.44 -62.13 30.31
CA LEU I 77 13.55 -63.04 30.53
C LEU I 77 13.63 -63.45 31.99
N LEU I 78 13.31 -62.53 32.90
CA LEU I 78 13.35 -62.86 34.32
C LEU I 78 12.26 -63.86 34.68
N SER I 79 11.07 -63.66 34.11
CA SER I 79 10.01 -64.63 34.36
C SER I 79 10.40 -66.01 33.83
N PHE I 80 10.99 -66.05 32.65
CA PHE I 80 11.40 -67.33 32.08
C PHE I 80 12.47 -67.98 32.94
N GLN I 81 13.44 -67.18 33.39
CA GLN I 81 14.49 -67.73 34.25
C GLN I 81 13.90 -68.23 35.55
N THR I 82 12.89 -67.54 36.07
CA THR I 82 12.22 -68.01 37.26
C THR I 82 11.61 -69.39 37.02
N ALA I 83 10.89 -69.53 35.91
CA ALA I 83 10.29 -70.82 35.60
C ALA I 83 11.35 -71.91 35.50
N VAL I 84 12.42 -71.63 34.76
CA VAL I 84 13.44 -72.66 34.54
C VAL I 84 14.11 -73.03 35.84
N SER I 85 14.47 -72.04 36.64
CA SER I 85 15.16 -72.32 37.90
C SER I 85 14.24 -73.04 38.87
N SER I 86 12.93 -72.81 38.76
CA SER I 86 12.00 -73.48 39.65
C SER I 86 11.83 -74.94 39.27
N LEU I 87 11.73 -75.22 37.97
CA LEU I 87 11.47 -76.57 37.50
C LEU I 87 12.70 -77.23 36.91
N ALA I 88 13.90 -76.78 37.30
CA ALA I 88 15.12 -77.41 36.83
C ALA I 88 15.55 -78.54 37.74
N ASP I 89 15.28 -78.43 39.03
CA ASP I 89 15.66 -79.45 40.00
C ASP I 89 14.66 -80.59 39.92
N ALA I 90 15.03 -81.67 39.23
CA ALA I 90 14.13 -82.81 39.08
C ALA I 90 13.82 -83.47 40.41
N THR I 91 14.64 -83.23 41.44
CA THR I 91 14.39 -83.83 42.74
C THR I 91 13.09 -83.36 43.36
N VAL I 92 12.51 -82.27 42.84
CA VAL I 92 11.22 -81.82 43.36
C VAL I 92 10.15 -82.88 43.14
N PHE I 93 10.32 -83.74 42.14
CA PHE I 93 9.36 -84.79 41.84
C PHE I 93 9.57 -86.01 42.74
N ALA I 94 9.64 -85.76 44.04
CA ALA I 94 9.72 -86.82 45.02
C ALA I 94 8.34 -87.26 45.50
N LYS I 95 7.29 -86.72 44.90
CA LYS I 95 5.94 -87.06 45.34
C LYS I 95 5.70 -88.56 45.17
N ARG I 96 4.81 -89.08 46.00
CA ARG I 96 4.40 -90.47 45.95
C ARG I 96 2.88 -90.53 46.01
N LYS I 97 2.31 -91.48 45.26
CA LYS I 97 0.88 -91.67 45.24
C LYS I 97 0.56 -93.11 45.63
N VAL I 98 -0.48 -93.28 46.43
CA VAL I 98 -0.86 -94.57 46.98
C VAL I 98 -1.96 -95.15 46.10
N VAL I 99 -1.71 -96.34 45.56
CA VAL I 99 -2.68 -97.06 44.77
C VAL I 99 -2.70 -98.51 45.24
N GLY I 100 -3.56 -99.31 44.62
CA GLY I 100 -3.65 -100.71 44.95
C GLY I 100 -5.05 -101.23 44.66
N SER I 101 -5.32 -102.42 45.20
CA SER I 101 -6.63 -103.07 45.04
C SER I 101 -7.55 -102.64 46.18
N ILE I 102 -7.91 -101.37 46.16
CA ILE I 102 -8.80 -100.78 47.14
C ILE I 102 -10.15 -100.58 46.48
N SER I 103 -11.18 -101.12 47.10
CA SER I 103 -12.52 -101.09 46.56
C SER I 103 -13.27 -99.86 47.09
N ASP I 104 -14.58 -99.84 46.89
CA ASP I 104 -15.42 -98.72 47.30
C ASP I 104 -15.05 -98.20 48.68
N ASN I 105 -15.12 -99.06 49.69
CA ASN I 105 -14.86 -98.65 51.06
C ASN I 105 -13.50 -99.15 51.51
N PRO I 106 -12.51 -98.28 51.65
CA PRO I 106 -11.22 -98.71 52.17
C PRO I 106 -11.32 -99.06 53.64
N PRO I 107 -11.10 -100.32 54.00
CA PRO I 107 -11.15 -100.67 55.43
C PRO I 107 -10.09 -99.96 56.24
N ALA I 108 -8.98 -99.60 55.63
CA ALA I 108 -7.96 -98.80 56.27
C ALA I 108 -7.37 -97.86 55.23
N SER I 109 -6.88 -96.72 55.71
CA SER I 109 -6.33 -95.68 54.85
C SER I 109 -4.86 -95.47 55.17
N LEU I 110 -4.02 -95.60 54.17
CA LEU I 110 -2.58 -95.43 54.31
C LEU I 110 -2.17 -94.14 53.63
N THR I 111 -1.61 -93.22 54.41
CA THR I 111 -1.11 -91.95 53.90
C THR I 111 0.41 -91.97 53.95
N VAL I 112 1.03 -91.58 52.84
CA VAL I 112 2.48 -91.63 52.69
C VAL I 112 2.96 -90.23 52.31
N ASN I 113 4.02 -89.79 52.96
CA ASN I 113 4.61 -88.50 52.66
C ASN I 113 5.56 -88.63 51.47
N SER I 114 6.31 -87.57 51.21
CA SER I 114 7.21 -87.55 50.07
C SER I 114 8.55 -88.19 50.43
N GLY I 115 9.25 -88.66 49.39
CA GLY I 115 10.57 -89.21 49.54
C GLY I 115 10.61 -90.68 49.91
N VAL I 116 9.49 -91.26 50.35
CA VAL I 116 9.49 -92.65 50.75
C VAL I 116 9.71 -93.53 49.53
N ALA I 117 10.47 -94.60 49.70
CA ALA I 117 10.74 -95.52 48.61
C ALA I 117 9.47 -96.25 48.20
N LEU I 118 9.50 -96.81 46.99
CA LEU I 118 8.34 -97.52 46.48
C LEU I 118 8.24 -98.91 47.10
N GLN I 119 7.01 -99.35 47.30
CA GLN I 119 6.75 -100.64 47.95
C GLN I 119 5.28 -100.96 47.80
N SER I 120 4.92 -102.15 48.27
CA SER I 120 3.54 -102.60 48.31
C SER I 120 3.30 -103.31 49.62
N MET I 121 2.09 -103.13 50.17
CA MET I 121 1.76 -103.61 51.50
C MET I 121 0.59 -104.56 51.42
N ASN I 122 0.77 -105.78 51.90
CA ASN I 122 -0.29 -106.76 52.04
C ASN I 122 -0.78 -106.69 53.48
N ILE I 123 -1.85 -105.96 53.70
CA ILE I 123 -2.34 -105.66 55.03
C ILE I 123 -3.68 -106.36 55.22
N ASN I 124 -3.86 -106.98 56.38
CA ASN I 124 -5.13 -107.56 56.76
C ASN I 124 -5.46 -107.12 58.17
N VAL I 125 -6.70 -106.69 58.36
CA VAL I 125 -7.20 -106.24 59.65
C VAL I 125 -8.19 -107.28 60.14
N THR I 126 -8.16 -107.55 61.44
CA THR I 126 -9.04 -108.53 62.03
C THR I 126 -9.83 -108.01 63.22
N GLN I 127 -9.41 -106.92 63.84
CA GLN I 127 -10.17 -106.36 64.94
C GLN I 127 -9.80 -104.90 65.13
N LEU I 128 -10.82 -104.10 65.42
CA LEU I 128 -10.62 -102.68 65.68
C LEU I 128 -10.25 -102.45 67.13
N ALA I 129 -9.54 -101.35 67.37
CA ALA I 129 -9.29 -100.91 68.73
C ALA I 129 -10.57 -100.35 69.34
N GLN I 130 -10.75 -100.59 70.64
CA GLN I 130 -11.97 -100.20 71.32
C GLN I 130 -11.61 -99.55 72.64
N LYS I 131 -12.63 -98.98 73.27
CA LYS I 131 -12.53 -98.45 74.63
C LYS I 131 -13.48 -99.20 75.53
N ASP I 132 -13.23 -99.09 76.83
CA ASP I 132 -14.07 -99.75 77.81
C ASP I 132 -15.26 -98.89 78.17
N VAL I 133 -16.46 -99.48 78.11
CA VAL I 133 -17.70 -98.75 78.34
C VAL I 133 -18.40 -99.34 79.55
N TYR I 134 -18.92 -98.47 80.41
CA TYR I 134 -19.66 -98.87 81.59
C TYR I 134 -20.95 -98.06 81.65
N GLN I 135 -22.08 -98.74 81.56
CA GLN I 135 -23.39 -98.11 81.65
C GLN I 135 -24.10 -98.59 82.90
N SER I 136 -24.39 -97.66 83.80
CA SER I 136 -24.92 -98.04 85.11
C SER I 136 -26.27 -98.73 84.96
N LYS I 137 -26.41 -99.87 85.63
CA LYS I 137 -27.69 -100.56 85.64
C LYS I 137 -28.64 -99.96 86.67
N GLY I 138 -28.11 -99.28 87.69
CA GLY I 138 -28.96 -98.53 88.58
C GLY I 138 -29.64 -97.41 87.81
N LEU I 139 -30.93 -97.57 87.56
CA LEU I 139 -31.69 -96.67 86.72
C LEU I 139 -32.48 -95.72 87.60
N ALA I 140 -31.97 -94.51 87.77
CA ALA I 140 -32.66 -93.49 88.54
C ALA I 140 -33.56 -92.67 87.63
N ASN I 141 -34.75 -92.36 88.12
CA ASN I 141 -35.70 -91.52 87.41
C ASN I 141 -35.52 -90.04 87.74
N ASP I 142 -34.40 -89.67 88.36
CA ASP I 142 -34.13 -88.28 88.71
C ASP I 142 -32.63 -88.09 88.77
N SER I 143 -32.13 -87.14 87.98
CA SER I 143 -30.71 -86.82 88.01
C SER I 143 -30.29 -86.24 89.36
N GLY I 144 -31.23 -85.71 90.12
CA GLY I 144 -30.93 -85.13 91.42
C GLY I 144 -31.14 -86.12 92.55
N PHE I 145 -30.98 -87.41 92.26
CA PHE I 145 -31.13 -88.43 93.29
C PHE I 145 -30.05 -88.27 94.34
N VAL I 146 -30.48 -88.15 95.61
CA VAL I 146 -29.57 -87.99 96.72
C VAL I 146 -29.72 -89.19 97.64
N ASN I 147 -28.61 -89.89 97.90
CA ASN I 147 -28.57 -90.97 98.87
C ASN I 147 -28.19 -90.37 100.21
N ALA I 148 -29.19 -89.92 100.96
CA ALA I 148 -28.95 -89.21 102.21
C ALA I 148 -28.30 -90.09 103.26
N ASN I 149 -28.38 -91.41 103.13
CA ASN I 149 -27.82 -92.29 104.14
C ASN I 149 -26.30 -92.35 104.09
N LEU I 150 -25.68 -91.77 103.06
CA LEU I 150 -24.22 -91.74 102.97
C LEU I 150 -23.69 -90.63 103.89
N THR I 151 -23.91 -90.83 105.18
CA THR I 151 -23.42 -89.89 106.18
C THR I 151 -21.91 -89.94 106.25
N GLY I 152 -21.28 -88.79 106.40
CA GLY I 152 -19.85 -88.70 106.35
C GLY I 152 -19.36 -88.49 104.93
N THR I 153 -18.08 -88.80 104.72
CA THR I 153 -17.46 -88.66 103.41
C THR I 153 -16.84 -89.98 102.99
N THR I 154 -16.60 -90.10 101.68
CA THR I 154 -15.90 -91.23 101.10
C THR I 154 -15.12 -90.71 99.90
N ASP I 155 -14.28 -91.57 99.33
CA ASP I 155 -13.40 -91.19 98.23
C ASP I 155 -13.53 -92.20 97.11
N LEU I 156 -14.08 -91.76 95.98
CA LEU I 156 -14.24 -92.60 94.79
C LEU I 156 -12.88 -92.69 94.11
N THR I 157 -12.14 -93.74 94.43
CA THR I 157 -10.80 -93.94 93.92
C THR I 157 -10.85 -94.76 92.63
N PHE I 158 -10.33 -94.19 91.55
CA PHE I 158 -10.37 -94.83 90.25
C PHE I 158 -8.96 -95.10 89.77
N PHE I 159 -8.86 -96.03 88.81
CA PHE I 159 -7.56 -96.47 88.29
C PHE I 159 -7.72 -96.79 86.81
N SER I 160 -7.24 -95.89 85.96
CA SER I 160 -7.33 -96.02 84.52
C SER I 160 -5.93 -96.06 83.95
N ASN I 161 -5.60 -97.16 83.27
CA ASN I 161 -4.30 -97.29 82.63
C ASN I 161 -3.17 -96.97 83.60
N GLY I 162 -3.31 -97.44 84.84
CA GLY I 162 -2.30 -97.24 85.86
C GLY I 162 -2.31 -95.87 86.48
N LYS I 163 -3.29 -95.04 86.16
CA LYS I 163 -3.40 -93.69 86.71
C LYS I 163 -4.54 -93.64 87.71
N GLU I 164 -4.23 -93.25 88.94
CA GLU I 164 -5.21 -93.18 90.00
C GLU I 164 -5.90 -91.83 89.99
N TYR I 165 -7.20 -91.86 90.26
CA TYR I 165 -7.98 -90.64 90.41
C TYR I 165 -8.97 -90.83 91.55
N THR I 166 -9.13 -89.80 92.36
CA THR I 166 -9.93 -89.88 93.57
C THR I 166 -10.96 -88.76 93.56
N VAL I 167 -12.17 -89.08 94.02
CA VAL I 167 -13.27 -88.13 94.07
C VAL I 167 -13.97 -88.30 95.42
N THR I 168 -14.09 -87.21 96.16
CA THR I 168 -14.77 -87.24 97.44
C THR I 168 -16.28 -87.12 97.24
N VAL I 169 -17.03 -87.85 98.05
CA VAL I 169 -18.48 -87.87 97.97
C VAL I 169 -19.05 -87.64 99.35
N ASP I 170 -20.14 -86.89 99.42
CA ASP I 170 -20.78 -86.53 100.67
C ASP I 170 -22.25 -86.96 100.66
N LYS I 171 -22.96 -86.56 101.71
CA LYS I 171 -24.38 -86.91 101.83
C LYS I 171 -25.22 -86.25 100.76
N ASN I 172 -24.80 -85.09 100.27
CA ASN I 172 -25.55 -84.33 99.29
C ASN I 172 -25.30 -84.80 97.86
N THR I 173 -24.80 -86.01 97.70
CA THR I 173 -24.42 -86.50 96.39
C THR I 173 -25.61 -86.52 95.45
N THR I 174 -25.39 -86.02 94.23
CA THR I 174 -26.34 -86.15 93.14
C THR I 174 -25.61 -86.69 91.93
N TYR I 175 -26.38 -87.33 91.04
CA TYR I 175 -25.77 -87.93 89.87
C TYR I 175 -25.06 -86.89 89.02
N ARG I 176 -25.66 -85.69 88.89
CA ARG I 176 -25.00 -84.63 88.14
C ARG I 176 -23.73 -84.19 88.85
N ASP I 177 -23.82 -83.94 90.16
CA ASP I 177 -22.65 -83.60 90.93
C ASP I 177 -21.58 -84.67 90.80
N LEU I 178 -22.00 -85.93 90.88
CA LEU I 178 -21.04 -87.03 90.75
C LEU I 178 -20.34 -86.97 89.41
N ALA I 179 -21.10 -86.90 88.32
CA ALA I 179 -20.50 -86.89 86.99
C ALA I 179 -19.54 -85.73 86.85
N ASP I 180 -19.91 -84.56 87.36
CA ASP I 180 -19.03 -83.40 87.27
C ASP I 180 -17.74 -83.66 88.03
N LYS I 181 -17.85 -84.20 89.25
CA LYS I 181 -16.67 -84.46 90.05
C LYS I 181 -15.76 -85.46 89.37
N ILE I 182 -16.35 -86.48 88.75
CA ILE I 182 -15.55 -87.49 88.05
C ILE I 182 -14.81 -86.84 86.90
N ASN I 183 -15.54 -86.12 86.05
CA ASN I 183 -14.91 -85.53 84.87
C ASN I 183 -13.91 -84.43 85.23
N GLU I 184 -13.99 -83.88 86.44
CA GLU I 184 -13.05 -82.85 86.85
C GLU I 184 -11.81 -83.43 87.52
N ALA I 185 -12.00 -84.29 88.52
CA ALA I 185 -10.86 -84.92 89.17
C ALA I 185 -10.02 -85.68 88.15
N SER I 186 -10.66 -86.56 87.39
CA SER I 186 -10.02 -87.16 86.22
C SER I 186 -10.13 -86.15 85.09
N GLY I 187 -9.02 -85.50 84.78
CA GLY I 187 -9.05 -84.39 83.85
C GLY I 187 -9.30 -84.86 82.44
N GLY I 188 -10.51 -85.34 82.19
CA GLY I 188 -10.88 -85.84 80.89
C GLY I 188 -10.51 -87.28 80.65
N GLU I 189 -9.67 -87.87 81.49
CA GLU I 189 -9.28 -89.26 81.29
C GLU I 189 -10.48 -90.18 81.45
N ILE I 190 -11.34 -89.90 82.41
CA ILE I 190 -12.54 -90.68 82.66
C ILE I 190 -13.74 -89.84 82.25
N VAL I 191 -14.53 -90.36 81.33
CA VAL I 191 -15.68 -89.65 80.81
C VAL I 191 -16.89 -90.02 81.67
N ALA I 192 -17.63 -89.01 82.11
CA ALA I 192 -18.84 -89.20 82.89
C ALA I 192 -19.94 -88.36 82.28
N LYS I 193 -21.10 -88.98 82.03
CA LYS I 193 -22.20 -88.26 81.44
C LYS I 193 -23.50 -88.99 81.73
N ILE I 194 -24.56 -88.22 81.93
CA ILE I 194 -25.88 -88.75 82.22
C ILE I 194 -26.68 -88.74 80.93
N VAL I 195 -27.34 -89.85 80.64
CA VAL I 195 -28.16 -90.01 79.45
C VAL I 195 -29.59 -90.25 79.88
N ASN I 196 -30.50 -89.44 79.36
CA ASN I 196 -31.92 -89.62 79.63
C ASN I 196 -32.44 -90.80 78.81
N THR I 197 -32.46 -91.97 79.43
CA THR I 197 -32.91 -93.16 78.73
C THR I 197 -34.31 -92.95 78.15
N GLY I 198 -34.48 -93.33 76.90
CA GLY I 198 -35.75 -93.13 76.21
C GLY I 198 -36.80 -94.14 76.57
N GLU I 199 -37.14 -94.23 77.87
CA GLU I 199 -38.13 -95.18 78.35
C GLU I 199 -39.18 -94.42 79.15
N LYS I 200 -40.13 -95.16 79.72
CA LYS I 200 -41.30 -94.55 80.31
C LYS I 200 -40.98 -93.85 81.62
N GLY I 201 -40.07 -94.41 82.41
CA GLY I 201 -39.71 -93.84 83.69
C GLY I 201 -38.49 -92.95 83.67
N THR I 202 -38.05 -92.47 82.51
CA THR I 202 -36.82 -91.72 82.34
C THR I 202 -35.72 -92.36 83.18
N PRO I 203 -35.45 -93.64 82.98
CA PRO I 203 -34.47 -94.36 83.82
C PRO I 203 -33.05 -93.92 83.52
N TYR I 204 -32.69 -92.76 84.07
CA TYR I 204 -31.36 -92.21 83.85
C TYR I 204 -30.30 -93.20 84.33
N ARG I 205 -29.25 -93.35 83.53
CA ARG I 205 -28.09 -94.14 83.91
C ARG I 205 -26.83 -93.35 83.58
N LEU I 206 -25.84 -93.47 84.45
CA LEU I 206 -24.59 -92.76 84.30
C LEU I 206 -23.66 -93.58 83.41
N THR I 207 -23.15 -92.96 82.35
CA THR I 207 -22.25 -93.62 81.41
C THR I 207 -20.82 -93.24 81.74
N LEU I 208 -19.96 -94.25 81.88
CA LEU I 208 -18.56 -94.04 82.22
C LEU I 208 -17.70 -94.80 81.22
N THR I 209 -16.87 -94.07 80.49
CA THR I 209 -16.01 -94.65 79.47
C THR I 209 -14.61 -94.07 79.59
N SER I 210 -13.66 -94.78 78.99
CA SER I 210 -12.29 -94.33 78.96
C SER I 210 -12.07 -93.38 77.79
N LYS I 211 -11.21 -92.39 78.02
CA LYS I 211 -10.88 -91.46 76.95
C LYS I 211 -10.00 -92.12 75.89
N GLU I 212 -9.19 -93.09 76.28
CA GLU I 212 -8.28 -93.77 75.37
C GLU I 212 -8.85 -95.12 74.97
N THR I 213 -8.23 -95.71 73.95
CA THR I 213 -8.59 -97.02 73.45
C THR I 213 -7.45 -98.00 73.68
N GLY I 214 -7.78 -99.27 73.73
CA GLY I 214 -6.82 -100.30 74.05
C GLY I 214 -7.10 -100.89 75.42
N GLU I 215 -6.83 -102.19 75.54
CA GLU I 215 -7.15 -102.90 76.77
C GLU I 215 -6.48 -102.26 77.97
N ASP I 216 -5.30 -101.69 77.79
CA ASP I 216 -4.57 -101.08 78.90
C ASP I 216 -5.36 -99.95 79.54
N SER I 217 -6.31 -99.37 78.83
CA SER I 217 -7.11 -98.27 79.34
C SER I 217 -8.23 -98.74 80.25
N ALA I 218 -8.20 -99.99 80.69
CA ALA I 218 -9.25 -100.50 81.56
C ALA I 218 -9.36 -99.65 82.82
N ILE I 219 -10.58 -99.42 83.26
CA ILE I 219 -10.86 -98.59 84.43
C ILE I 219 -11.63 -99.40 85.45
N SER I 220 -11.29 -99.21 86.72
CA SER I 220 -12.01 -99.80 87.84
C SER I 220 -12.45 -98.67 88.76
N PHE I 221 -13.75 -98.54 88.95
CA PHE I 221 -14.29 -97.50 89.83
C PHE I 221 -14.44 -98.12 91.21
N TYR I 222 -13.53 -97.76 92.10
CA TYR I 222 -13.34 -98.46 93.37
C TYR I 222 -13.79 -97.57 94.53
N ALA I 223 -14.62 -98.14 95.39
CA ALA I 223 -15.11 -97.45 96.58
C ALA I 223 -14.25 -97.92 97.76
N GLY I 224 -13.21 -97.13 98.07
CA GLY I 224 -12.27 -97.54 99.09
C GLY I 224 -11.89 -96.46 100.09
N LYS I 225 -12.32 -95.23 99.87
CA LYS I 225 -11.93 -94.11 100.72
C LYS I 225 -10.41 -93.97 100.77
N LYS I 226 -9.79 -93.91 99.59
CA LYS I 226 -8.34 -93.89 99.45
C LYS I 226 -7.71 -95.14 100.05
N ASP I 227 -8.43 -96.27 99.92
CA ASP I 227 -7.87 -97.55 100.34
C ASP I 227 -6.71 -97.97 99.45
N ALA I 228 -6.53 -97.31 98.30
CA ALA I 228 -5.58 -97.81 97.32
C ALA I 228 -4.15 -97.52 97.74
N GLN I 229 -3.78 -96.24 97.85
CA GLN I 229 -2.45 -95.89 98.33
C GLN I 229 -2.42 -94.70 99.26
N GLY I 230 -3.53 -94.02 99.51
CA GLY I 230 -3.54 -92.95 100.51
C GLY I 230 -3.32 -93.55 101.87
N GLN I 231 -4.14 -94.55 102.20
CA GLN I 231 -3.97 -95.34 103.41
C GLN I 231 -4.92 -96.52 103.31
N TYR I 232 -4.43 -97.70 103.66
CA TYR I 232 -5.22 -98.91 103.51
C TYR I 232 -6.48 -98.85 104.36
N GLN I 233 -7.64 -98.87 103.70
CA GLN I 233 -8.93 -98.90 104.37
C GLN I 233 -9.63 -100.24 104.21
N SER I 234 -9.08 -101.16 103.43
CA SER I 234 -9.66 -102.49 103.22
C SER I 234 -11.09 -102.39 102.70
N ASP I 235 -11.28 -101.56 101.67
CA ASP I 235 -12.55 -101.48 100.94
C ASP I 235 -13.73 -101.20 101.86
N PRO I 236 -13.82 -100.02 102.45
CA PRO I 236 -15.00 -99.68 103.24
C PRO I 236 -16.25 -99.63 102.36
N GLU I 237 -17.39 -99.97 102.97
CA GLU I 237 -18.65 -100.04 102.24
C GLU I 237 -19.38 -98.71 102.34
N ALA I 238 -18.89 -97.74 101.57
CA ALA I 238 -19.61 -96.49 101.39
C ALA I 238 -20.94 -96.79 100.71
N GLU I 239 -22.03 -96.58 101.43
CA GLU I 239 -23.33 -97.13 101.03
C GLU I 239 -23.68 -96.77 99.59
N ASN I 240 -23.76 -95.48 99.29
CA ASN I 240 -24.32 -95.05 98.01
C ASN I 240 -23.52 -95.60 96.84
N ILE I 241 -22.22 -95.34 96.81
CA ILE I 241 -21.41 -95.77 95.67
C ILE I 241 -21.30 -97.29 95.65
N PHE I 242 -21.09 -97.91 96.81
CA PHE I 242 -21.01 -99.35 96.88
C PHE I 242 -22.31 -100.02 96.44
N SER I 243 -23.42 -99.30 96.46
CA SER I 243 -24.73 -99.86 96.18
C SER I 243 -25.28 -99.46 94.82
N ASN I 244 -24.69 -98.46 94.16
CA ASN I 244 -25.21 -98.03 92.88
C ASN I 244 -24.17 -97.95 91.77
N LEU I 245 -22.91 -97.62 92.11
CA LEU I 245 -21.95 -97.27 91.08
C LEU I 245 -20.58 -97.91 91.31
N GLY I 246 -20.57 -99.17 91.75
CA GLY I 246 -19.33 -99.92 91.78
C GLY I 246 -19.13 -100.70 90.48
N TRP I 247 -17.88 -100.74 90.01
CA TRP I 247 -17.60 -101.12 88.62
C TRP I 247 -16.45 -102.11 88.53
N GLU I 248 -16.53 -103.20 89.30
CA GLU I 248 -15.80 -104.42 88.99
C GLU I 248 -16.85 -105.49 88.73
N LEU I 249 -16.89 -105.97 87.48
CA LEU I 249 -18.09 -106.62 86.95
C LEU I 249 -18.82 -107.46 87.98
N ASP I 250 -18.12 -108.38 88.64
CA ASP I 250 -18.75 -109.33 89.54
C ASP I 250 -17.93 -109.53 90.80
N LYS I 251 -17.36 -108.46 91.34
CA LYS I 251 -16.47 -108.56 92.49
C LYS I 251 -17.12 -107.94 93.73
N THR I 252 -17.66 -108.81 94.58
CA THR I 252 -17.80 -108.53 96.00
C THR I 252 -16.74 -109.25 96.81
N THR I 253 -16.32 -110.42 96.33
CA THR I 253 -15.20 -111.12 96.93
C THR I 253 -13.90 -110.41 96.53
N GLN I 254 -12.96 -110.37 97.47
CA GLN I 254 -11.69 -109.67 97.25
C GLN I 254 -10.78 -110.54 96.39
N THR I 255 -11.09 -110.57 95.09
CA THR I 255 -10.22 -111.25 94.15
C THR I 255 -8.97 -110.43 93.87
N ILE I 256 -9.15 -109.16 93.52
CA ILE I 256 -8.05 -108.24 93.27
C ILE I 256 -7.80 -107.46 94.55
N ASP I 257 -6.72 -107.80 95.23
CA ASP I 257 -6.36 -107.05 96.43
C ASP I 257 -5.95 -105.63 96.04
N PRO I 258 -6.38 -104.61 96.77
CA PRO I 258 -5.98 -103.24 96.44
C PRO I 258 -4.50 -103.02 96.72
N ALA I 259 -3.65 -103.63 95.89
CA ALA I 259 -2.22 -103.52 96.06
C ALA I 259 -1.77 -102.10 95.76
N LYS I 260 -0.46 -101.88 95.81
CA LYS I 260 0.09 -100.58 95.49
C LYS I 260 0.11 -100.34 93.99
N ASP I 261 0.45 -101.37 93.22
CA ASP I 261 0.56 -101.26 91.77
C ASP I 261 -0.67 -101.84 91.11
N LYS I 262 -1.16 -101.15 90.08
CA LYS I 262 -2.35 -101.57 89.35
C LYS I 262 -3.48 -101.89 90.32
N LYS I 263 -3.92 -100.83 90.98
CA LYS I 263 -4.82 -100.88 92.11
C LYS I 263 -6.26 -101.08 91.70
N GLY I 264 -6.48 -101.63 90.50
CA GLY I 264 -7.79 -101.67 89.89
C GLY I 264 -8.74 -102.74 90.40
N TYR I 265 -9.20 -102.59 91.64
CA TYR I 265 -10.31 -103.38 92.15
C TYR I 265 -11.59 -102.56 92.05
N GLY I 266 -12.71 -103.19 92.38
CA GLY I 266 -13.96 -102.48 92.45
C GLY I 266 -15.05 -103.34 93.06
N ILE I 267 -16.29 -103.06 92.66
CA ILE I 267 -17.46 -103.69 93.24
C ILE I 267 -18.29 -104.33 92.14
N LYS I 268 -19.03 -105.37 92.52
CA LYS I 268 -19.99 -106.05 91.66
C LYS I 268 -21.25 -105.22 91.40
N ASP I 269 -21.27 -103.97 91.83
CA ASP I 269 -22.49 -103.28 92.23
C ASP I 269 -23.71 -103.49 91.35
N ALA I 270 -23.69 -102.99 90.12
CA ALA I 270 -24.94 -102.83 89.37
C ALA I 270 -24.97 -103.57 88.04
N SER I 271 -24.01 -103.34 87.16
CA SER I 271 -24.20 -103.58 85.73
C SER I 271 -23.38 -104.76 85.23
N LEU I 272 -23.68 -105.15 84.00
CA LEU I 272 -22.82 -106.00 83.20
C LEU I 272 -22.02 -105.12 82.26
N HIS I 273 -20.73 -105.42 82.12
CA HIS I 273 -19.85 -104.58 81.32
C HIS I 273 -20.35 -104.54 79.88
N ILE I 274 -20.38 -103.33 79.31
CA ILE I 274 -21.06 -103.09 78.04
C ILE I 274 -20.14 -103.37 76.87
N GLN I 275 -19.06 -102.59 76.75
CA GLN I 275 -18.14 -102.70 75.64
C GLN I 275 -16.72 -102.80 76.17
N THR I 276 -15.99 -103.78 75.69
CA THR I 276 -14.63 -104.04 76.15
C THR I 276 -13.62 -103.29 75.29
N ALA I 277 -12.69 -102.61 75.94
CA ALA I 277 -11.60 -101.98 75.21
C ALA I 277 -10.79 -103.04 74.47
N GLN I 278 -10.28 -102.67 73.30
CA GLN I 278 -9.58 -103.61 72.44
C GLN I 278 -8.38 -102.94 71.80
N ASN I 279 -7.39 -103.75 71.47
CA ASN I 279 -6.26 -103.31 70.66
C ASN I 279 -6.49 -103.71 69.22
N ALA I 280 -6.32 -102.75 68.32
CA ALA I 280 -6.49 -103.01 66.90
C ALA I 280 -5.56 -104.14 66.48
N GLU I 281 -6.06 -105.00 65.58
CA GLU I 281 -5.33 -106.18 65.14
C GLU I 281 -5.02 -106.06 63.66
N PHE I 282 -3.74 -106.07 63.32
CA PHE I 282 -3.29 -105.96 61.95
C PHE I 282 -2.49 -107.20 61.58
N THR I 283 -2.33 -107.40 60.27
CA THR I 283 -1.52 -108.47 59.72
C THR I 283 -0.75 -107.90 58.53
N LEU I 284 0.51 -107.59 58.75
CA LEU I 284 1.37 -107.01 57.72
C LEU I 284 2.26 -108.13 57.19
N ASP I 285 1.95 -108.62 56.00
CA ASP I 285 2.76 -109.63 55.34
C ASP I 285 2.85 -110.88 56.21
N GLY I 286 1.75 -111.22 56.88
CA GLY I 286 1.71 -112.38 57.73
C GLY I 286 2.20 -112.15 59.14
N ILE I 287 2.51 -110.91 59.50
CA ILE I 287 2.98 -110.57 60.84
C ILE I 287 1.82 -110.00 61.62
N LYS I 288 1.47 -110.66 62.71
CA LYS I 288 0.42 -110.16 63.58
C LYS I 288 0.91 -108.93 64.31
N MET I 289 0.22 -107.81 64.09
CA MET I 289 0.59 -106.54 64.69
C MET I 289 -0.59 -105.97 65.44
N PHE I 290 -0.30 -105.40 66.60
CA PHE I 290 -1.33 -104.85 67.47
C PHE I 290 -0.87 -103.50 68.00
N ARG I 291 -1.82 -102.59 68.13
CA ARG I 291 -1.53 -101.26 68.64
C ARG I 291 -2.64 -100.83 69.59
N SER I 292 -2.39 -99.71 70.26
CA SER I 292 -3.40 -99.18 71.18
C SER I 292 -4.56 -98.57 70.43
N SER I 293 -4.29 -97.71 69.45
CA SER I 293 -5.31 -96.97 68.74
C SER I 293 -5.42 -97.44 67.31
N ASN I 294 -6.54 -97.06 66.68
CA ASN I 294 -6.74 -97.36 65.27
C ASN I 294 -5.72 -96.67 64.39
N THR I 295 -5.12 -95.58 64.88
CA THR I 295 -4.15 -94.83 64.11
C THR I 295 -2.78 -95.46 64.30
N VAL I 296 -2.20 -95.96 63.23
CA VAL I 296 -0.86 -96.54 63.25
C VAL I 296 0.07 -95.56 62.54
N THR I 297 0.99 -94.98 63.30
CA THR I 297 1.93 -94.00 62.78
C THR I 297 3.33 -94.56 62.59
N ASP I 298 3.59 -95.78 63.06
CA ASP I 298 4.93 -96.36 63.02
C ASP I 298 5.01 -97.52 62.03
N LEU I 299 4.04 -97.63 61.13
CA LEU I 299 4.08 -98.71 60.15
C LEU I 299 5.37 -98.67 59.34
N GLY I 300 5.81 -97.48 58.97
CA GLY I 300 7.03 -97.32 58.21
C GLY I 300 7.48 -95.88 58.26
N VAL I 301 8.59 -95.61 57.58
CA VAL I 301 9.15 -94.27 57.57
C VAL I 301 8.29 -93.37 56.70
N GLY I 302 7.77 -92.30 57.29
CA GLY I 302 7.00 -91.34 56.53
C GLY I 302 5.65 -91.84 56.07
N MET I 303 5.13 -92.89 56.69
CA MET I 303 3.83 -93.45 56.34
C MET I 303 2.95 -93.47 57.56
N THR I 304 1.65 -93.25 57.35
CA THR I 304 0.67 -93.26 58.41
C THR I 304 -0.53 -94.07 57.97
N LEU I 305 -0.96 -95.00 58.81
CA LEU I 305 -2.10 -95.85 58.52
C LEU I 305 -3.25 -95.49 59.45
N THR I 306 -4.43 -95.34 58.88
CA THR I 306 -5.65 -95.07 59.62
C THR I 306 -6.63 -96.20 59.35
N LEU I 307 -7.25 -96.70 60.41
CA LEU I 307 -8.13 -97.85 60.32
C LEU I 307 -9.59 -97.44 60.31
N ASN I 308 -10.38 -98.10 59.47
CA ASN I 308 -11.82 -97.88 59.39
C ASN I 308 -12.62 -99.13 59.71
N LYS I 309 -12.29 -100.27 59.10
CA LYS I 309 -12.96 -101.52 59.37
C LYS I 309 -12.00 -102.66 59.04
N THR I 310 -12.43 -103.89 59.31
CA THR I 310 -11.59 -105.05 59.10
C THR I 310 -11.63 -105.49 57.63
N GLY I 311 -10.71 -106.36 57.27
CA GLY I 311 -10.68 -106.94 55.96
C GLY I 311 -9.26 -107.07 55.45
N GLU I 312 -9.15 -107.30 54.16
CA GLU I 312 -7.87 -107.44 53.47
C GLU I 312 -7.69 -106.29 52.50
N ILE I 313 -6.47 -105.73 52.47
CA ILE I 313 -6.14 -104.61 51.60
C ILE I 313 -4.76 -104.86 51.02
N ASN I 314 -4.54 -104.35 49.81
CA ASN I 314 -3.24 -104.43 49.15
C ASN I 314 -2.90 -103.05 48.61
N PHE I 315 -2.08 -102.31 49.36
CA PHE I 315 -1.62 -101.01 48.94
C PHE I 315 -0.38 -101.14 48.06
N ASP I 316 -0.16 -100.12 47.23
CA ASP I 316 0.99 -100.08 46.35
C ASP I 316 1.48 -98.64 46.25
N VAL I 317 2.73 -98.41 46.65
CA VAL I 317 3.33 -97.09 46.60
C VAL I 317 4.01 -96.92 45.25
N GLN I 318 3.55 -95.94 44.49
CA GLN I 318 4.18 -95.58 43.23
C GLN I 318 4.65 -94.14 43.29
N GLN I 319 5.70 -93.85 42.52
CA GLN I 319 6.22 -92.49 42.46
C GLN I 319 5.30 -91.64 41.61
N ASP I 320 4.85 -90.52 42.17
CA ASP I 320 3.97 -89.60 41.47
C ASP I 320 4.83 -88.53 40.80
N PHE I 321 4.86 -88.56 39.46
CA PHE I 321 5.65 -87.63 38.68
C PHE I 321 4.80 -86.94 37.62
N GLU I 322 3.54 -86.68 37.94
CA GLU I 322 2.66 -86.02 36.99
C GLU I 322 3.02 -84.56 36.75
N GLY I 323 3.68 -83.93 37.73
CA GLY I 323 4.00 -82.52 37.60
C GLY I 323 4.98 -82.19 36.50
N VAL I 324 5.68 -83.20 35.99
CA VAL I 324 6.67 -82.94 34.94
C VAL I 324 5.99 -82.40 33.69
N THR I 325 4.78 -82.89 33.40
CA THR I 325 4.06 -82.39 32.23
C THR I 325 3.76 -80.91 32.37
N LYS I 326 3.23 -80.52 33.54
CA LYS I 326 2.97 -79.10 33.78
C LYS I 326 4.24 -78.30 33.71
N ALA I 327 5.35 -78.86 34.22
CA ALA I 327 6.63 -78.16 34.17
C ALA I 327 7.02 -77.87 32.73
N MET I 328 7.05 -78.91 31.90
CA MET I 328 7.44 -78.72 30.51
C MET I 328 6.51 -77.75 29.79
N GLN I 329 5.21 -77.85 30.08
CA GLN I 329 4.25 -76.97 29.43
C GLN I 329 4.53 -75.52 29.79
N ASP I 330 4.73 -75.25 31.08
CA ASP I 330 5.01 -73.90 31.52
C ASP I 330 6.29 -73.39 30.89
N LEU I 331 7.32 -74.24 30.83
CA LEU I 331 8.60 -73.82 30.27
C LEU I 331 8.44 -73.45 28.81
N VAL I 332 7.78 -74.30 28.04
CA VAL I 332 7.64 -74.04 26.61
C VAL I 332 6.79 -72.80 26.40
N ASP I 333 5.77 -72.60 27.22
CA ASP I 333 4.92 -71.43 27.07
C ASP I 333 5.70 -70.15 27.34
N ALA I 334 6.44 -70.12 28.45
CA ALA I 334 7.22 -68.94 28.77
C ALA I 334 8.24 -68.66 27.68
N TYR I 335 8.92 -69.70 27.20
CA TYR I 335 9.92 -69.49 26.17
C TYR I 335 9.28 -68.97 24.89
N ASN I 336 8.12 -69.51 24.52
CA ASN I 336 7.44 -69.06 23.32
C ASN I 336 7.11 -67.58 23.45
N ASP I 337 6.54 -67.18 24.59
CA ASP I 337 6.17 -65.78 24.76
C ASP I 337 7.39 -64.89 24.74
N LEU I 338 8.46 -65.31 25.41
CA LEU I 338 9.66 -64.48 25.49
C LEU I 338 10.29 -64.31 24.12
N VAL I 339 10.40 -65.39 23.36
CA VAL I 339 11.04 -65.30 22.05
C VAL I 339 10.14 -64.54 21.09
N THR I 340 8.83 -64.64 21.26
CA THR I 340 7.93 -63.81 20.46
C THR I 340 8.16 -62.34 20.76
N ASN I 341 8.27 -61.99 22.03
CA ASN I 341 8.53 -60.60 22.40
C ASN I 341 9.86 -60.14 21.82
N LEU I 342 10.88 -61.00 21.86
CA LEU I 342 12.18 -60.60 21.36
C LEU I 342 12.14 -60.38 19.86
N ASN I 343 11.53 -61.30 19.12
CA ASN I 343 11.38 -61.13 17.69
C ASN I 343 10.64 -59.84 17.38
N ALA I 344 9.49 -59.65 18.03
CA ALA I 344 8.75 -58.41 17.85
C ALA I 344 9.60 -57.20 18.18
N ALA I 345 10.57 -57.37 19.07
CA ALA I 345 11.47 -56.27 19.41
C ALA I 345 12.42 -55.98 18.26
N THR I 346 12.91 -57.03 17.59
CA THR I 346 13.82 -56.87 16.47
C THR I 346 13.27 -57.51 15.20
N ASP I 347 11.96 -57.42 15.01
CA ASP I 347 11.35 -57.86 13.75
C ASP I 347 11.35 -56.72 12.75
N TYR I 348 11.71 -57.04 11.51
CA TYR I 348 11.63 -56.08 10.42
C TYR I 348 10.18 -55.96 9.96
N ASN I 349 9.62 -54.77 10.09
CA ASN I 349 8.22 -54.52 9.78
C ASN I 349 8.15 -53.73 8.48
N SER I 350 7.56 -54.33 7.45
CA SER I 350 7.44 -53.63 6.17
C SER I 350 6.72 -52.31 6.31
N GLU I 351 5.92 -52.14 7.37
CA GLU I 351 5.36 -50.84 7.66
C GLU I 351 6.44 -49.84 8.04
N THR I 352 7.62 -50.31 8.44
CA THR I 352 8.78 -49.49 8.76
C THR I 352 8.59 -48.66 10.02
N GLY I 353 7.45 -48.80 10.71
CA GLY I 353 7.27 -48.06 11.95
C GLY I 353 8.13 -48.59 13.07
N THR I 354 8.35 -49.90 13.10
CA THR I 354 9.18 -50.54 14.12
C THR I 354 10.14 -51.54 13.49
N LYS I 355 10.54 -51.29 12.25
CA LYS I 355 11.44 -52.19 11.54
C LYS I 355 12.80 -52.18 12.22
N GLY I 356 13.12 -53.26 12.93
CA GLY I 356 14.38 -53.36 13.64
C GLY I 356 14.55 -52.29 14.68
N THR I 357 13.60 -52.24 15.63
CA THR I 357 13.66 -51.22 16.67
C THR I 357 14.98 -51.29 17.42
N LEU I 358 15.28 -52.45 18.01
CA LEU I 358 16.53 -52.67 18.72
C LEU I 358 17.56 -53.38 17.85
N GLN I 359 17.41 -53.28 16.53
CA GLN I 359 18.34 -53.93 15.64
C GLN I 359 19.74 -53.37 15.85
N GLY I 360 20.74 -54.23 15.70
CA GLY I 360 22.11 -53.89 16.02
C GLY I 360 22.52 -54.25 17.42
N ILE I 361 21.57 -54.50 18.31
CA ILE I 361 21.85 -54.96 19.66
C ILE I 361 22.03 -56.47 19.60
N SER I 362 23.26 -56.92 19.78
CA SER I 362 23.55 -58.35 19.73
C SER I 362 22.96 -59.11 20.90
N GLU I 363 22.49 -58.39 21.93
CA GLU I 363 21.96 -59.06 23.11
C GLU I 363 20.81 -60.00 22.76
N VAL I 364 19.85 -59.50 22.00
CA VAL I 364 18.64 -60.29 21.70
C VAL I 364 19.01 -61.53 20.91
N ASN I 365 19.81 -61.36 19.87
CA ASN I 365 20.17 -62.50 19.02
C ASN I 365 21.01 -63.50 19.79
N SER I 366 21.96 -63.02 20.58
CA SER I 366 22.74 -63.91 21.43
C SER I 366 21.85 -64.70 22.36
N ILE I 367 20.89 -64.03 23.01
CA ILE I 367 19.99 -64.72 23.92
C ILE I 367 19.24 -65.82 23.20
N ARG I 368 18.56 -65.45 22.10
CA ARG I 368 17.74 -66.43 21.38
C ARG I 368 18.59 -67.62 20.95
N SER I 369 19.72 -67.35 20.31
CA SER I 369 20.56 -68.44 19.82
C SER I 369 21.08 -69.30 20.96
N SER I 370 21.45 -68.67 22.08
CA SER I 370 22.05 -69.42 23.17
C SER I 370 21.04 -70.32 23.85
N ILE I 371 19.82 -69.83 24.05
CA ILE I 371 18.80 -70.67 24.66
C ILE I 371 18.41 -71.78 23.70
N LEU I 372 18.35 -71.49 22.40
CA LEU I 372 18.05 -72.55 21.44
C LEU I 372 19.13 -73.61 21.48
N ALA I 373 20.39 -73.20 21.61
CA ALA I 373 21.48 -74.15 21.66
C ALA I 373 21.39 -75.00 22.91
N ASP I 374 21.33 -74.37 24.08
CA ASP I 374 21.25 -75.10 25.33
C ASP I 374 20.08 -76.07 25.34
N LEU I 375 18.96 -75.68 24.71
CA LEU I 375 17.83 -76.60 24.62
C LEU I 375 18.13 -77.74 23.66
N PHE I 376 18.64 -77.40 22.48
CA PHE I 376 19.08 -78.43 21.55
C PHE I 376 20.33 -79.15 22.03
N ASP I 377 20.95 -78.67 23.10
CA ASP I 377 22.16 -79.30 23.62
C ASP I 377 21.82 -80.63 24.30
N SER I 378 22.82 -81.49 24.39
CA SER I 378 22.67 -82.80 25.02
C SER I 378 24.03 -83.34 25.38
N GLN I 379 24.06 -84.53 25.96
CA GLN I 379 25.28 -85.20 26.35
C GLN I 379 25.35 -86.57 25.69
N VAL I 380 26.54 -87.13 25.67
CA VAL I 380 26.77 -88.43 25.04
C VAL I 380 26.44 -89.53 26.01
N VAL I 381 25.84 -90.60 25.50
CA VAL I 381 25.48 -91.74 26.32
C VAL I 381 26.74 -92.51 26.71
N VAL I 397 21.06 -91.10 29.28
CA VAL I 397 21.55 -89.85 28.68
C VAL I 397 20.75 -89.52 27.43
N MET I 398 20.20 -88.31 27.40
CA MET I 398 19.38 -87.89 26.27
C MET I 398 20.27 -87.46 25.12
N LEU I 399 19.95 -87.95 23.92
CA LEU I 399 20.62 -87.47 22.73
C LEU I 399 20.11 -86.10 22.33
N SER I 400 18.86 -85.79 22.68
CA SER I 400 18.27 -84.48 22.40
C SER I 400 16.96 -84.41 23.17
N MET I 401 16.48 -83.18 23.38
CA MET I 401 15.22 -83.00 24.09
C MET I 401 14.08 -83.73 23.41
N GLN I 402 14.15 -83.90 22.10
CA GLN I 402 13.10 -84.60 21.38
C GLN I 402 13.06 -86.07 21.74
N ASP I 403 14.02 -86.55 22.52
CA ASP I 403 13.99 -87.95 22.96
C ASP I 403 12.77 -88.23 23.82
N PHE I 404 12.33 -87.25 24.60
CA PHE I 404 11.18 -87.39 25.49
C PHE I 404 10.01 -86.54 25.04
N GLY I 405 9.83 -86.41 23.73
CA GLY I 405 8.68 -85.75 23.17
C GLY I 405 8.78 -84.24 23.11
N LEU I 406 9.83 -83.64 23.66
CA LEU I 406 9.94 -82.19 23.58
C LEU I 406 10.34 -81.81 22.16
N SER I 407 9.34 -81.58 21.31
CA SER I 407 9.58 -81.32 19.90
C SER I 407 10.17 -79.94 19.72
N LEU I 408 11.50 -79.86 19.73
CA LEU I 408 12.17 -78.57 19.61
C LEU I 408 12.05 -78.06 18.18
N ASN I 409 11.03 -77.26 17.91
CA ASN I 409 10.76 -76.75 16.59
C ASN I 409 11.45 -75.40 16.42
N ASP I 410 11.09 -74.67 15.36
CA ASP I 410 11.65 -73.35 15.14
C ASP I 410 11.33 -72.44 16.33
N ALA I 411 11.98 -71.28 16.36
CA ALA I 411 11.78 -70.33 17.44
C ALA I 411 10.32 -69.93 17.51
N GLY I 412 9.71 -70.12 18.68
CA GLY I 412 8.32 -69.77 18.89
C GLY I 412 7.33 -70.83 18.50
N THR I 413 7.76 -71.90 17.83
CA THR I 413 6.88 -72.98 17.42
C THR I 413 7.15 -74.26 18.19
N LEU I 414 7.83 -74.15 19.32
CA LEU I 414 8.12 -75.34 20.12
C LEU I 414 6.82 -75.97 20.61
N SER I 415 6.81 -77.30 20.66
CA SER I 415 5.67 -78.05 21.14
C SER I 415 6.14 -79.17 22.05
N PHE I 416 5.29 -79.51 23.01
CA PHE I 416 5.60 -80.52 24.02
C PHE I 416 4.68 -81.71 23.79
N ASP I 417 5.24 -82.79 23.24
CA ASP I 417 4.47 -84.00 22.98
C ASP I 417 4.34 -84.76 24.31
N SER I 418 3.24 -84.51 25.03
CA SER I 418 3.06 -85.13 26.33
C SER I 418 3.10 -86.65 26.24
N SER I 419 2.59 -87.21 25.15
CA SER I 419 2.53 -88.67 25.03
C SER I 419 3.92 -89.28 25.14
N LYS I 420 4.86 -88.79 24.34
CA LYS I 420 6.19 -89.38 24.31
C LYS I 420 6.90 -89.21 25.64
N PHE I 421 6.81 -88.01 26.23
CA PHE I 421 7.45 -87.78 27.52
C PHE I 421 6.89 -88.73 28.56
N GLU I 422 5.56 -88.77 28.71
CA GLU I 422 4.94 -89.64 29.71
C GLU I 422 5.33 -91.09 29.48
N GLN I 423 5.30 -91.53 28.22
CA GLN I 423 5.60 -92.93 27.92
C GLN I 423 7.03 -93.27 28.28
N LYS I 424 7.98 -92.47 27.77
CA LYS I 424 9.38 -92.75 28.01
C LYS I 424 9.77 -92.59 29.47
N VAL I 425 9.00 -91.83 30.24
CA VAL I 425 9.31 -91.71 31.66
C VAL I 425 8.73 -92.89 32.41
N LYS I 426 7.50 -93.29 32.08
CA LYS I 426 6.91 -94.45 32.72
C LYS I 426 7.69 -95.71 32.41
N GLU I 427 8.30 -95.77 31.22
CA GLU I 427 9.09 -96.94 30.85
C GLU I 427 10.34 -97.05 31.72
N ASP I 428 11.01 -95.92 31.96
CA ASP I 428 12.23 -95.91 32.76
C ASP I 428 12.35 -94.55 33.43
N PRO I 429 11.70 -94.36 34.57
CA PRO I 429 11.83 -93.09 35.28
C PRO I 429 13.20 -92.87 35.90
N ASP I 430 14.00 -93.92 36.06
CA ASP I 430 15.29 -93.80 36.74
C ASP I 430 16.31 -93.07 35.88
N SER I 431 16.46 -93.48 34.61
CA SER I 431 17.37 -92.81 33.72
C SER I 431 17.00 -91.34 33.56
N THR I 432 15.70 -91.07 33.40
CA THR I 432 15.24 -89.70 33.25
C THR I 432 15.55 -88.88 34.50
N GLU I 433 15.22 -89.43 35.66
CA GLU I 433 15.48 -88.72 36.91
C GLU I 433 16.96 -88.46 37.09
N SER I 434 17.80 -89.42 36.69
CA SER I 434 19.25 -89.23 36.81
C SER I 434 19.72 -88.10 35.90
N PHE I 435 19.31 -88.14 34.63
CA PHE I 435 19.79 -87.15 33.68
C PHE I 435 19.28 -85.75 34.02
N PHE I 436 18.09 -85.67 34.61
CA PHE I 436 17.52 -84.38 34.95
C PHE I 436 17.89 -83.94 36.36
N SER I 437 18.46 -84.82 37.17
CA SER I 437 19.02 -84.44 38.46
C SER I 437 20.48 -84.08 38.35
N ASN I 438 21.15 -84.53 37.29
CA ASN I 438 22.46 -83.96 36.95
C ASN I 438 22.39 -82.44 36.90
N ILE I 439 21.20 -81.89 36.62
CA ILE I 439 21.00 -80.46 36.73
C ILE I 439 21.32 -80.02 38.15
N THR I 440 22.13 -78.98 38.27
CA THR I 440 22.49 -78.43 39.57
C THR I 440 22.45 -76.90 39.51
N GLU I 576 30.98 -84.39 36.71
CA GLU I 576 29.66 -83.89 37.11
C GLU I 576 28.65 -84.08 35.98
N GLY I 577 29.00 -83.60 34.79
CA GLY I 577 28.10 -83.67 33.67
C GLY I 577 26.79 -82.98 33.98
N LYS I 578 26.87 -81.69 34.28
CA LYS I 578 25.69 -80.94 34.68
C LYS I 578 24.59 -81.09 33.64
N GLY I 579 23.37 -81.27 34.11
CA GLY I 579 22.28 -81.65 33.25
C GLY I 579 21.88 -80.53 32.30
N ILE I 580 20.68 -80.71 31.75
CA ILE I 580 20.21 -79.83 30.69
C ILE I 580 19.91 -78.45 31.23
N PHE I 581 18.95 -78.36 32.15
CA PHE I 581 18.46 -77.07 32.62
C PHE I 581 19.47 -76.34 33.49
N SER I 582 20.51 -77.03 33.97
CA SER I 582 21.58 -76.34 34.69
C SER I 582 22.29 -75.36 33.78
N LYS I 583 22.54 -75.75 32.53
CA LYS I 583 23.18 -74.85 31.60
C LYS I 583 22.33 -73.61 31.38
N LEU I 584 21.01 -73.77 31.34
CA LEU I 584 20.14 -72.61 31.22
C LEU I 584 20.22 -71.75 32.47
N LYS I 585 20.20 -72.37 33.65
CA LYS I 585 20.30 -71.61 34.88
C LYS I 585 21.58 -70.81 34.92
N ALA I 586 22.64 -71.32 34.29
CA ALA I 586 23.89 -70.57 34.25
C ALA I 586 23.85 -69.46 33.21
N THR I 587 23.37 -69.78 32.01
CA THR I 587 23.36 -68.82 30.91
C THR I 587 22.46 -67.63 31.23
N LEU I 588 21.20 -67.91 31.57
CA LEU I 588 20.29 -66.84 31.96
C LEU I 588 20.81 -66.07 33.16
N GLN I 589 21.56 -66.73 34.03
CA GLN I 589 22.14 -66.03 35.17
C GLN I 589 23.18 -65.02 34.69
N GLU I 590 24.06 -65.44 33.79
CA GLU I 590 25.05 -64.51 33.27
C GLU I 590 24.39 -63.35 32.54
N MET I 591 23.28 -63.62 31.86
CA MET I 591 22.61 -62.54 31.14
C MET I 591 21.94 -61.57 32.09
N THR I 592 21.00 -62.06 32.91
CA THR I 592 20.25 -61.22 33.83
C THR I 592 21.07 -60.81 35.04
N GLY I 593 22.31 -61.26 35.16
CA GLY I 593 23.13 -60.86 36.28
C GLY I 593 23.31 -59.36 36.35
N LYS I 594 23.62 -58.89 37.55
CA LYS I 594 23.80 -57.46 37.74
C LYS I 594 24.97 -56.94 36.91
N ASP I 595 25.95 -57.80 36.62
CA ASP I 595 27.07 -57.46 35.75
C ASP I 595 26.92 -58.14 34.39
N GLY I 596 25.69 -58.44 33.99
CA GLY I 596 25.43 -59.10 32.72
C GLY I 596 25.24 -58.11 31.59
N SER I 597 25.15 -58.67 30.38
CA SER I 597 25.10 -57.85 29.17
C SER I 597 23.88 -56.96 29.17
N ILE I 598 22.74 -57.47 29.63
CA ILE I 598 21.53 -56.68 29.70
C ILE I 598 21.80 -55.38 30.42
N THR I 599 22.49 -55.44 31.56
CA THR I 599 22.84 -54.25 32.30
C THR I 599 23.84 -53.39 31.55
N LYS I 600 24.69 -53.98 30.71
CA LYS I 600 25.62 -53.17 29.94
C LYS I 600 24.87 -52.28 28.97
N TYR I 601 24.01 -52.87 28.15
CA TYR I 601 23.22 -52.05 27.23
C TYR I 601 22.36 -51.06 27.98
N ASP I 602 21.74 -51.50 29.08
CA ASP I 602 20.89 -50.60 29.85
C ASP I 602 21.69 -49.40 30.37
N GLU I 603 22.88 -49.65 30.90
CA GLU I 603 23.67 -48.56 31.48
C GLU I 603 24.17 -47.63 30.41
N SER I 604 24.59 -48.18 29.27
CA SER I 604 24.99 -47.33 28.16
C SER I 604 23.86 -46.40 27.77
N LEU I 605 22.66 -46.96 27.57
CA LEU I 605 21.54 -46.14 27.15
C LEU I 605 21.13 -45.16 28.24
N THR I 606 21.35 -45.52 29.51
CA THR I 606 20.98 -44.65 30.60
C THR I 606 21.93 -43.47 30.72
N ASN I 607 23.22 -43.69 30.45
CA ASN I 607 24.18 -42.60 30.49
C ASN I 607 24.05 -41.72 29.25
N ASP I 608 23.61 -42.31 28.14
CA ASP I 608 23.46 -41.53 26.92
C ASP I 608 22.52 -40.36 27.14
N ILE I 609 21.40 -40.60 27.81
CA ILE I 609 20.44 -39.52 28.01
C ILE I 609 20.99 -38.48 28.95
N LYS I 610 21.79 -38.88 29.94
CA LYS I 610 22.44 -37.89 30.79
C LYS I 610 23.27 -36.94 29.95
N SER I 611 24.17 -37.49 29.14
CA SER I 611 25.03 -36.63 28.33
C SER I 611 24.21 -35.80 27.36
N LEU I 612 23.14 -36.37 26.83
CA LEU I 612 22.32 -35.64 25.87
C LEU I 612 21.65 -34.45 26.53
N ASN I 613 21.03 -34.67 27.69
CA ASN I 613 20.40 -33.58 28.41
C ASN I 613 21.42 -32.51 28.76
N THR I 614 22.62 -32.93 29.16
CA THR I 614 23.63 -31.96 29.54
C THR I 614 24.01 -31.07 28.35
N SER I 615 24.30 -31.70 27.21
CA SER I 615 24.69 -30.92 26.03
C SER I 615 23.55 -30.03 25.57
N LYS I 616 22.34 -30.55 25.57
CA LYS I 616 21.18 -29.75 25.18
C LYS I 616 21.05 -28.54 26.08
N ASP I 617 21.28 -28.72 27.38
CA ASP I 617 21.18 -27.61 28.32
C ASP I 617 22.27 -26.58 28.09
N SER I 618 23.46 -27.04 27.75
CA SER I 618 24.54 -26.10 27.44
C SER I 618 24.15 -25.21 26.26
N THR I 619 23.72 -25.83 25.17
CA THR I 619 23.33 -25.02 24.02
C THR I 619 22.12 -24.17 24.34
N GLN I 620 21.23 -24.65 25.20
CA GLN I 620 20.10 -23.85 25.63
C GLN I 620 20.56 -22.58 26.32
N ALA I 621 21.53 -22.72 27.22
CA ALA I 621 22.13 -21.56 27.84
C ALA I 621 22.66 -20.59 26.80
N MET I 622 23.45 -21.11 25.85
CA MET I 622 23.99 -20.23 24.82
C MET I 622 22.89 -19.51 24.07
N ILE I 623 21.74 -20.16 23.89
CA ILE I 623 20.65 -19.56 23.14
C ILE I 623 20.21 -18.27 23.81
N ASP I 624 19.71 -18.37 25.04
CA ASP I 624 19.19 -17.18 25.70
C ASP I 624 20.29 -16.19 26.02
N THR I 625 21.54 -16.65 26.06
CA THR I 625 22.63 -15.72 26.29
C THR I 625 22.60 -14.56 25.30
N ARG I 626 22.44 -14.88 24.02
CA ARG I 626 22.41 -13.84 23.00
C ARG I 626 21.18 -12.94 23.17
N TYR I 627 20.00 -13.56 23.29
CA TYR I 627 18.78 -12.79 23.25
C TYR I 627 18.61 -11.92 24.50
N ASP I 628 19.28 -12.26 25.59
CA ASP I 628 19.27 -11.37 26.74
C ASP I 628 19.94 -10.04 26.41
N THR I 629 21.13 -10.11 25.84
CA THR I 629 21.80 -8.90 25.39
C THR I 629 20.96 -8.17 24.36
N MET I 630 20.29 -8.93 23.49
CA MET I 630 19.44 -8.29 22.48
C MET I 630 18.31 -7.52 23.15
N ALA I 631 17.73 -8.08 24.20
CA ALA I 631 16.70 -7.37 24.95
C ALA I 631 17.26 -6.10 25.55
N ASN I 632 18.47 -6.18 26.09
CA ASN I 632 19.11 -4.97 26.61
C ASN I 632 19.26 -3.94 25.50
N GLN I 633 19.61 -4.37 24.30
CA GLN I 633 19.75 -3.45 23.19
C GLN I 633 18.40 -2.82 22.83
N TRP I 634 17.34 -3.63 22.88
CA TRP I 634 16.03 -3.10 22.56
C TRP I 634 15.64 -1.99 23.52
N LEU I 635 15.75 -2.26 24.82
CA LEU I 635 15.44 -1.20 25.77
C LEU I 635 16.42 -0.05 25.63
N GLN I 636 17.65 -0.32 25.21
CA GLN I 636 18.63 0.73 25.03
C GLN I 636 18.15 1.72 23.98
N TYR I 637 17.79 1.22 22.81
CA TYR I 637 17.31 2.13 21.78
C TYR I 637 15.95 2.66 22.11
N GLU I 638 15.18 1.98 22.96
CA GLU I 638 13.96 2.59 23.44
C GLU I 638 14.29 3.86 24.19
N SER I 639 15.30 3.79 25.04
CA SER I 639 15.70 4.98 25.79
C SER I 639 16.27 6.04 24.86
N ILE I 640 17.01 5.61 23.84
CA ILE I 640 17.63 6.58 22.94
C ILE I 640 16.58 7.26 22.09
N LEU I 641 15.62 6.49 21.61
CA LEU I 641 14.54 7.07 20.82
C LEU I 641 13.62 7.88 21.70
N ASN I 642 13.58 7.58 22.99
CA ASN I 642 12.87 8.46 23.89
C ASN I 642 13.63 9.76 24.06
N LYS I 643 14.95 9.68 24.13
CA LYS I 643 15.75 10.91 24.19
C LYS I 643 15.52 11.73 22.95
N LEU I 644 15.55 11.11 21.78
CA LEU I 644 15.40 11.85 20.54
C LEU I 644 13.98 12.32 20.34
N ASN I 645 12.99 11.54 20.77
CA ASN I 645 11.62 11.97 20.63
C ASN I 645 11.32 13.11 21.58
N GLN I 646 11.83 13.02 22.81
CA GLN I 646 11.67 14.10 23.75
C GLN I 646 12.43 15.32 23.29
N GLN I 647 13.55 15.14 22.59
CA GLN I 647 14.32 16.29 22.14
C GLN I 647 13.73 16.87 20.87
N LEU I 648 13.08 16.05 20.06
CA LEU I 648 12.31 16.55 18.94
C LEU I 648 11.13 17.34 19.47
N ASN I 649 10.47 16.83 20.50
CA ASN I 649 9.44 17.59 21.18
C ASN I 649 10.03 18.80 21.88
N THR I 650 11.31 18.76 22.22
CA THR I 650 11.93 19.91 22.89
C THR I 650 12.19 21.02 21.89
N VAL I 651 12.77 20.66 20.74
CA VAL I 651 12.95 21.64 19.68
C VAL I 651 11.60 22.09 19.14
N THR I 652 10.59 21.21 19.22
CA THR I 652 9.25 21.61 18.81
C THR I 652 8.62 22.53 19.83
N ASN I 653 8.94 22.33 21.12
CA ASN I 653 8.49 23.23 22.16
C ASN I 653 9.16 24.59 22.04
N MET I 654 10.41 24.59 21.56
CA MET I 654 11.10 25.85 21.29
C MET I 654 10.57 26.49 20.01
N ILE I 655 10.22 25.67 19.02
CA ILE I 655 9.62 26.15 17.79
C ILE I 655 8.29 26.84 18.09
N ASN I 656 7.49 26.24 18.96
CA ASN I 656 6.22 26.83 19.36
C ASN I 656 6.45 28.02 20.28
N ALA I 657 7.39 27.87 21.23
CA ALA I 657 7.69 28.95 22.16
C ALA I 657 8.54 30.02 21.50
N ALA I 658 9.71 29.64 20.99
CA ALA I 658 10.61 30.58 20.34
C ALA I 658 10.34 30.61 18.84
N MET J 21 26.57 6.59 7.02
CA MET J 21 26.78 5.80 5.79
C MET J 21 27.06 4.34 6.11
N ALA J 22 27.42 4.07 7.36
CA ALA J 22 27.61 2.69 7.78
C ALA J 22 26.41 1.83 7.44
N PHE J 23 25.23 2.45 7.32
CA PHE J 23 24.01 1.76 6.94
C PHE J 23 23.52 2.20 5.57
N GLY J 24 24.22 3.13 4.93
CA GLY J 24 23.85 3.51 3.58
C GLY J 24 23.83 2.29 2.70
N SER J 25 22.62 1.86 2.34
CA SER J 25 22.47 0.64 1.57
C SER J 25 21.12 0.67 0.88
N LEU J 26 21.00 -0.17 -0.13
CA LEU J 26 19.75 -0.32 -0.85
C LEU J 26 19.38 -1.79 -0.87
N SER J 27 18.09 -2.03 -1.05
CA SER J 27 17.54 -3.35 -0.81
C SER J 27 17.56 -4.25 -2.04
N SER J 28 17.35 -3.70 -3.23
CA SER J 28 17.08 -4.54 -4.38
C SER J 28 17.50 -3.84 -5.66
N LEU J 29 17.37 -4.58 -6.76
CA LEU J 29 17.52 -4.08 -8.11
C LEU J 29 16.30 -4.54 -8.90
N GLY J 30 15.60 -3.60 -9.53
CA GLY J 30 14.31 -3.89 -10.12
C GLY J 30 14.15 -3.31 -11.49
N PHE J 31 13.12 -3.80 -12.18
CA PHE J 31 12.73 -3.31 -13.47
C PHE J 31 11.23 -3.45 -13.62
N GLY J 32 10.70 -2.87 -14.70
CA GLY J 32 9.35 -3.12 -15.15
C GLY J 32 8.27 -3.06 -14.09
N SER J 33 8.57 -2.44 -12.96
CA SER J 33 7.60 -2.35 -11.87
C SER J 33 6.43 -1.47 -12.28
N GLY J 34 5.30 -2.09 -12.56
CA GLY J 34 4.11 -1.35 -12.92
C GLY J 34 3.27 -2.01 -13.98
N VAL J 35 2.34 -1.25 -14.55
CA VAL J 35 1.41 -1.73 -15.55
C VAL J 35 1.42 -0.77 -16.73
N LEU J 36 1.29 -1.33 -17.92
CA LEU J 36 1.23 -0.51 -19.12
C LEU J 36 -0.06 0.29 -19.17
N THR J 37 0.06 1.56 -19.55
CA THR J 37 -1.08 2.40 -19.85
C THR J 37 -0.76 3.26 -21.06
N GLN J 38 -1.79 3.63 -21.79
CA GLN J 38 -1.59 4.50 -22.93
C GLN J 38 -0.87 5.77 -22.52
N ASP J 39 -1.06 6.21 -21.28
CA ASP J 39 -0.35 7.39 -20.80
C ASP J 39 1.15 7.17 -20.79
N THR J 40 1.57 5.99 -20.34
CA THR J 40 2.99 5.66 -20.38
C THR J 40 3.48 5.64 -21.81
N ILE J 41 2.64 5.14 -22.71
CA ILE J 41 3.01 5.13 -24.12
C ILE J 41 3.25 6.55 -24.60
N ASP J 42 2.38 7.47 -24.19
CA ASP J 42 2.53 8.85 -24.61
C ASP J 42 3.80 9.45 -24.05
N LYS J 43 4.10 9.13 -22.80
CA LYS J 43 5.33 9.66 -22.20
C LYS J 43 6.55 9.16 -22.95
N LEU J 44 6.55 7.87 -23.28
CA LEU J 44 7.68 7.33 -24.04
C LEU J 44 7.77 7.99 -25.40
N LYS J 45 6.62 8.23 -26.04
CA LYS J 45 6.62 8.89 -27.32
C LYS J 45 7.24 10.28 -27.21
N GLU J 46 6.90 11.00 -26.15
CA GLU J 46 7.45 12.33 -25.97
C GLU J 46 8.95 12.27 -25.76
N ALA J 47 9.41 11.33 -24.95
CA ALA J 47 10.83 11.20 -24.69
C ALA J 47 11.59 10.92 -25.98
N GLU J 48 11.07 9.98 -26.77
CA GLU J 48 11.69 9.66 -28.04
C GLU J 48 11.72 10.88 -28.94
N GLN J 49 10.58 11.56 -29.05
CA GLN J 49 10.51 12.76 -29.85
C GLN J 49 11.62 13.73 -29.45
N LYS J 50 11.74 13.99 -28.16
CA LYS J 50 12.78 14.90 -27.71
C LYS J 50 14.13 14.41 -28.21
N ALA J 51 14.53 13.24 -27.73
CA ALA J 51 15.88 12.75 -27.95
C ALA J 51 16.19 12.54 -29.42
N ARG J 52 15.20 12.54 -30.28
CA ARG J 52 15.42 12.30 -31.70
C ARG J 52 15.37 13.55 -32.55
N ILE J 53 14.50 14.51 -32.23
CA ILE J 53 14.27 15.65 -33.09
C ILE J 53 14.61 16.97 -32.44
N ASP J 54 15.20 16.97 -31.25
CA ASP J 54 15.65 18.25 -30.69
C ASP J 54 16.81 18.84 -31.46
N PRO J 55 17.86 18.09 -31.82
CA PRO J 55 18.96 18.69 -32.58
C PRO J 55 18.52 19.35 -33.86
N TYR J 56 17.53 18.78 -34.54
CA TYR J 56 17.03 19.40 -35.75
C TYR J 56 16.49 20.79 -35.45
N THR J 57 15.67 20.89 -34.40
CA THR J 57 15.14 22.19 -34.01
C THR J 57 16.26 23.17 -33.69
N LYS J 58 17.28 22.69 -32.97
CA LYS J 58 18.35 23.57 -32.55
C LYS J 58 19.11 24.11 -33.76
N LYS J 59 19.43 23.22 -34.70
CA LYS J 59 20.15 23.65 -35.88
C LYS J 59 19.29 24.60 -36.70
N ILE J 60 17.98 24.37 -36.72
CA ILE J 60 17.08 25.25 -37.45
C ILE J 60 17.14 26.65 -36.86
N GLU J 61 17.07 26.73 -35.54
CA GLU J 61 17.14 28.03 -34.89
C GLU J 61 18.48 28.71 -35.15
N GLU J 62 19.56 27.93 -35.10
CA GLU J 62 20.88 28.49 -35.38
C GLU J 62 20.90 29.11 -36.77
N ASN J 63 20.45 28.36 -37.77
CA ASN J 63 20.47 28.85 -39.13
C ASN J 63 19.59 30.08 -39.29
N THR J 64 18.44 30.09 -38.62
CA THR J 64 17.55 31.25 -38.73
C THR J 64 18.19 32.49 -38.14
N THR J 65 18.84 32.34 -36.98
CA THR J 65 19.53 33.47 -36.38
C THR J 65 20.63 33.97 -37.32
N LYS J 66 21.40 33.05 -37.88
CA LYS J 66 22.45 33.45 -38.80
C LYS J 66 21.87 34.22 -39.97
N GLN J 67 20.74 33.76 -40.49
CA GLN J 67 20.16 34.40 -41.67
C GLN J 67 19.64 35.79 -41.32
N LYS J 68 19.04 35.95 -40.16
CA LYS J 68 18.62 37.27 -39.72
C LYS J 68 19.80 38.22 -39.68
N ASP J 69 20.88 37.79 -39.04
CA ASP J 69 22.04 38.67 -38.91
C ASP J 69 22.63 39.01 -40.27
N LEU J 70 22.70 38.01 -41.16
CA LEU J 70 23.25 38.27 -42.48
C LEU J 70 22.38 39.25 -43.25
N THR J 71 21.06 39.12 -43.10
CA THR J 71 20.16 40.06 -43.75
C THR J 71 20.38 41.47 -43.25
N GLU J 72 20.53 41.62 -41.93
CA GLU J 72 20.77 42.95 -41.37
C GLU J 72 22.04 43.56 -41.94
N ILE J 73 23.14 42.80 -41.89
CA ILE J 73 24.39 43.37 -42.36
C ILE J 73 24.32 43.60 -43.86
N LYS J 74 23.50 42.83 -44.56
CA LYS J 74 23.33 43.05 -46.00
C LYS J 74 22.66 44.38 -46.26
N THR J 75 21.60 44.67 -45.50
CA THR J 75 20.94 45.96 -45.65
C THR J 75 21.92 47.10 -45.37
N LYS J 76 22.72 46.95 -44.31
CA LYS J 76 23.68 47.99 -43.98
C LYS J 76 24.69 48.17 -45.11
N LEU J 77 25.22 47.07 -45.62
CA LEU J 77 26.20 47.13 -46.68
C LEU J 77 25.59 47.77 -47.94
N LEU J 78 24.32 47.48 -48.19
CA LEU J 78 23.68 48.05 -49.36
C LEU J 78 23.49 49.55 -49.20
N SER J 79 23.12 50.00 -48.00
CA SER J 79 23.01 51.42 -47.76
C SER J 79 24.36 52.11 -47.95
N PHE J 80 25.42 51.49 -47.43
CA PHE J 80 26.74 52.08 -47.57
C PHE J 80 27.16 52.13 -49.03
N GLN J 81 26.90 51.06 -49.78
CA GLN J 81 27.23 51.05 -51.19
C GLN J 81 26.44 52.11 -51.93
N THR J 82 25.19 52.32 -51.53
CA THR J 82 24.39 53.38 -52.12
C THR J 82 25.07 54.72 -51.90
N ALA J 83 25.47 54.99 -50.67
CA ALA J 83 26.12 56.26 -50.37
C ALA J 83 27.38 56.43 -51.22
N VAL J 84 28.21 55.40 -51.26
CA VAL J 84 29.49 55.51 -51.96
C VAL J 84 29.26 55.70 -53.45
N SER J 85 28.35 54.92 -54.04
CA SER J 85 28.10 55.03 -55.46
C SER J 85 27.47 56.37 -55.80
N SER J 86 26.73 56.96 -54.86
CA SER J 86 26.11 58.25 -55.13
C SER J 86 27.14 59.36 -55.09
N LEU J 87 28.06 59.31 -54.12
CA LEU J 87 29.03 60.38 -53.94
C LEU J 87 30.42 60.00 -54.42
N ALA J 88 30.52 59.04 -55.32
CA ALA J 88 31.81 58.65 -55.87
C ALA J 88 32.16 59.48 -57.10
N ASP J 89 31.15 59.88 -57.87
CA ASP J 89 31.37 60.66 -59.09
C ASP J 89 31.60 62.11 -58.70
N ALA J 90 32.86 62.54 -58.67
CA ALA J 90 33.18 63.91 -58.28
C ALA J 90 32.60 64.93 -59.25
N THR J 91 32.24 64.50 -60.46
CA THR J 91 31.69 65.43 -61.43
C THR J 91 30.36 66.00 -60.98
N VAL J 92 29.72 65.40 -59.97
CA VAL J 92 28.49 65.97 -59.46
C VAL J 92 28.71 67.36 -58.90
N PHE J 93 29.92 67.66 -58.46
CA PHE J 93 30.23 68.97 -57.90
C PHE J 93 30.54 69.98 -59.00
N ALA J 94 29.63 70.07 -59.96
CA ALA J 94 29.70 71.07 -61.01
C ALA J 94 28.99 72.35 -60.62
N LYS J 95 28.48 72.43 -59.40
CA LYS J 95 27.73 73.62 -58.98
C LYS J 95 28.61 74.85 -59.07
N ARG J 96 27.96 75.98 -59.28
CA ARG J 96 28.63 77.27 -59.32
C ARG J 96 27.86 78.25 -58.45
N LYS J 97 28.58 79.12 -57.77
CA LYS J 97 27.99 80.14 -56.92
C LYS J 97 28.46 81.52 -57.37
N VAL J 98 27.54 82.46 -57.36
CA VAL J 98 27.79 83.82 -57.86
C VAL J 98 28.11 84.70 -56.67
N VAL J 99 29.29 85.32 -56.71
CA VAL J 99 29.72 86.26 -55.70
C VAL J 99 30.30 87.49 -56.40
N GLY J 100 30.72 88.46 -55.60
CA GLY J 100 31.32 89.65 -56.13
C GLY J 100 31.09 90.82 -55.18
N SER J 101 31.33 92.02 -55.70
CA SER J 101 31.16 93.26 -54.94
C SER J 101 29.74 93.77 -55.12
N ILE J 102 28.80 93.01 -54.58
CA ILE J 102 27.38 93.35 -54.63
C ILE J 102 26.99 93.85 -53.25
N SER J 103 26.40 95.04 -53.21
CA SER J 103 26.03 95.69 -51.97
C SER J 103 24.59 95.33 -51.62
N ASP J 104 24.02 96.06 -50.65
CA ASP J 104 22.66 95.81 -50.17
C ASP J 104 21.69 95.53 -51.31
N ASN J 105 21.57 96.48 -52.23
CA ASN J 105 20.61 96.36 -53.33
C ASN J 105 21.33 96.02 -54.62
N PRO J 106 21.23 94.79 -55.13
CA PRO J 106 21.82 94.47 -56.41
C PRO J 106 21.08 95.16 -57.53
N PRO J 107 21.73 96.08 -58.25
CA PRO J 107 21.04 96.72 -59.37
C PRO J 107 20.65 95.75 -60.45
N ALA J 108 21.39 94.66 -60.59
CA ALA J 108 21.03 93.58 -61.51
C ALA J 108 21.39 92.26 -60.87
N SER J 109 20.66 91.22 -61.24
CA SER J 109 20.85 89.89 -60.68
C SER J 109 21.26 88.92 -61.78
N LEU J 110 22.39 88.27 -61.57
CA LEU J 110 22.94 87.30 -62.53
C LEU J 110 22.77 85.90 -61.96
N THR J 111 22.02 85.06 -62.66
CA THR J 111 21.84 83.67 -62.26
C THR J 111 22.59 82.78 -63.24
N VAL J 112 23.36 81.85 -62.70
CA VAL J 112 24.21 80.97 -63.49
C VAL J 112 23.85 79.54 -63.16
N ASN J 113 23.72 78.72 -64.19
CA ASN J 113 23.43 77.31 -64.01
C ASN J 113 24.72 76.54 -63.72
N SER J 114 24.62 75.22 -63.73
CA SER J 114 25.77 74.38 -63.44
C SER J 114 26.62 74.15 -64.68
N GLY J 115 27.89 73.83 -64.44
CA GLY J 115 28.82 73.49 -65.50
C GLY J 115 29.50 74.67 -66.15
N VAL J 116 29.00 75.89 -65.94
CA VAL J 116 29.59 77.05 -66.59
C VAL J 116 30.98 77.28 -66.01
N ALA J 117 31.91 77.69 -66.88
CA ALA J 117 33.26 77.95 -66.44
C ALA J 117 33.31 79.17 -65.53
N LEU J 118 34.41 79.28 -64.79
CA LEU J 118 34.57 80.38 -63.86
C LEU J 118 34.97 81.65 -64.60
N GLN J 119 34.49 82.78 -64.11
CA GLN J 119 34.73 84.07 -64.75
C GLN J 119 34.26 85.17 -63.81
N SER J 120 34.52 86.40 -64.23
CA SER J 120 34.06 87.59 -63.52
C SER J 120 33.55 88.59 -64.54
N MET J 121 32.50 89.32 -64.16
CA MET J 121 31.80 90.21 -65.08
C MET J 121 31.82 91.62 -64.52
N ASN J 122 32.36 92.55 -65.30
CA ASN J 122 32.32 93.97 -64.99
C ASN J 122 31.16 94.56 -65.75
N ILE J 123 30.02 94.71 -65.08
CA ILE J 123 28.78 95.11 -65.70
C ILE J 123 28.40 96.49 -65.19
N ASN J 124 27.98 97.36 -66.09
CA ASN J 124 27.45 98.66 -65.75
C ASN J 124 26.15 98.86 -66.49
N VAL J 125 25.14 99.33 -65.77
CA VAL J 125 23.82 99.61 -66.34
C VAL J 125 23.64 101.12 -66.34
N THR J 126 23.02 101.62 -67.40
CA THR J 126 22.80 103.04 -67.55
C THR J 126 21.36 103.42 -67.83
N GLN J 127 20.53 102.48 -68.29
CA GLN J 127 19.12 102.80 -68.50
C GLN J 127 18.33 101.51 -68.51
N LEU J 128 17.14 101.58 -67.92
CA LEU J 128 16.23 100.45 -67.88
C LEU J 128 15.38 100.41 -69.15
N ALA J 129 14.94 99.21 -69.49
CA ALA J 129 13.97 99.07 -70.56
C ALA J 129 12.61 99.55 -70.08
N GLN J 130 11.86 100.16 -71.01
CA GLN J 130 10.59 100.77 -70.69
C GLN J 130 9.57 100.38 -71.74
N LYS J 131 8.31 100.72 -71.44
CA LYS J 131 7.23 100.58 -72.39
C LYS J 131 6.63 101.96 -72.67
N ASP J 132 5.90 102.04 -73.77
CA ASP J 132 5.27 103.29 -74.16
C ASP J 132 3.91 103.44 -73.47
N VAL J 133 3.70 104.59 -72.84
CA VAL J 133 2.49 104.85 -72.08
C VAL J 133 1.74 106.01 -72.71
N TYR J 134 0.43 105.89 -72.81
CA TYR J 134 -0.43 106.92 -73.34
C TYR J 134 -1.61 107.09 -72.40
N GLN J 135 -1.73 108.27 -71.79
CA GLN J 135 -2.82 108.60 -70.90
C GLN J 135 -3.66 109.71 -71.54
N SER J 136 -4.93 109.40 -71.80
CA SER J 136 -5.78 110.32 -72.55
C SER J 136 -5.95 111.62 -71.77
N LYS J 137 -5.76 112.74 -72.47
CA LYS J 137 -5.99 114.04 -71.87
C LYS J 137 -7.46 114.41 -71.91
N GLY J 138 -8.23 113.82 -72.82
CA GLY J 138 -9.67 113.98 -72.79
C GLY J 138 -10.22 113.36 -71.52
N LEU J 139 -10.63 114.20 -70.59
CA LEU J 139 -11.04 113.76 -69.26
C LEU J 139 -12.55 113.74 -69.20
N ALA J 140 -13.13 112.54 -69.36
CA ALA J 140 -14.57 112.37 -69.26
C ALA J 140 -14.96 112.07 -67.82
N ASN J 141 -16.06 112.67 -67.38
CA ASN J 141 -16.61 112.43 -66.07
C ASN J 141 -17.61 111.28 -66.06
N ASP J 142 -17.65 110.49 -67.13
CA ASP J 142 -18.56 109.35 -67.21
C ASP J 142 -17.96 108.31 -68.14
N SER J 143 -17.79 107.09 -67.62
CA SER J 143 -17.27 106.00 -68.44
C SER J 143 -18.23 105.65 -69.56
N GLY J 144 -19.51 105.99 -69.43
CA GLY J 144 -20.49 105.70 -70.45
C GLY J 144 -20.70 106.85 -71.40
N PHE J 145 -19.66 107.66 -71.60
CA PHE J 145 -19.76 108.78 -72.53
C PHE J 145 -19.95 108.27 -73.94
N VAL J 146 -21.00 108.75 -74.60
CA VAL J 146 -21.34 108.35 -75.96
C VAL J 146 -21.25 109.59 -76.85
N ASN J 147 -20.42 109.51 -77.89
CA ASN J 147 -20.34 110.55 -78.91
C ASN J 147 -21.32 110.19 -80.01
N ALA J 148 -22.57 110.63 -79.84
CA ALA J 148 -23.64 110.25 -80.75
C ALA J 148 -23.42 110.80 -82.16
N ASN J 149 -22.59 111.82 -82.33
CA ASN J 149 -22.40 112.39 -83.65
C ASN J 149 -21.55 111.51 -84.56
N LEU J 150 -20.96 110.44 -84.03
CA LEU J 150 -20.18 109.52 -84.84
C LEU J 150 -21.14 108.59 -85.59
N THR J 151 -21.93 109.19 -86.48
CA THR J 151 -22.85 108.42 -87.28
C THR J 151 -22.08 107.57 -88.29
N GLY J 152 -22.57 106.35 -88.51
CA GLY J 152 -21.85 105.40 -89.33
C GLY J 152 -20.86 104.60 -88.51
N THR J 153 -19.89 104.02 -89.21
CA THR J 153 -18.86 103.21 -88.59
C THR J 153 -17.47 103.74 -88.96
N THR J 154 -16.50 103.35 -88.16
CA THR J 154 -15.09 103.66 -88.43
C THR J 154 -14.27 102.49 -87.88
N ASP J 155 -12.97 102.51 -88.18
CA ASP J 155 -12.09 101.41 -87.80
C ASP J 155 -10.85 101.99 -87.12
N LEU J 156 -10.70 101.71 -85.84
CA LEU J 156 -9.55 102.14 -85.05
C LEU J 156 -8.38 101.23 -85.39
N THR J 157 -7.57 101.66 -86.34
CA THR J 157 -6.44 100.87 -86.84
C THR J 157 -5.19 101.21 -86.04
N PHE J 158 -4.61 100.21 -85.40
CA PHE J 158 -3.44 100.40 -84.56
C PHE J 158 -2.27 99.63 -85.13
N PHE J 159 -1.07 100.02 -84.71
CA PHE J 159 0.18 99.46 -85.22
C PHE J 159 1.19 99.44 -84.08
N SER J 160 1.41 98.25 -83.52
CA SER J 160 2.33 98.05 -82.41
C SER J 160 3.43 97.09 -82.86
N ASN J 161 4.68 97.56 -82.83
CA ASN J 161 5.81 96.73 -83.17
C ASN J 161 5.60 96.04 -84.52
N GLY J 162 5.05 96.79 -85.47
CA GLY J 162 4.82 96.28 -86.80
C GLY J 162 3.61 95.39 -86.93
N LYS J 163 2.79 95.28 -85.89
CA LYS J 163 1.59 94.45 -85.92
C LYS J 163 0.36 95.35 -85.94
N GLU J 164 -0.46 95.17 -86.96
CA GLU J 164 -1.65 95.96 -87.15
C GLU J 164 -2.82 95.35 -86.38
N TYR J 165 -3.63 96.22 -85.79
CA TYR J 165 -4.86 95.81 -85.13
C TYR J 165 -5.93 96.83 -85.41
N THR J 166 -7.13 96.34 -85.68
CA THR J 166 -8.24 97.17 -86.10
C THR J 166 -9.44 96.95 -85.20
N VAL J 167 -10.15 98.04 -84.89
CA VAL J 167 -11.32 97.99 -84.02
C VAL J 167 -12.39 98.86 -84.63
N THR J 168 -13.57 98.29 -84.86
CA THR J 168 -14.68 99.05 -85.40
C THR J 168 -15.40 99.81 -84.30
N VAL J 169 -15.83 101.02 -84.62
CA VAL J 169 -16.51 101.89 -83.67
C VAL J 169 -17.80 102.40 -84.31
N ASP J 170 -18.84 102.50 -83.50
CA ASP J 170 -20.15 102.92 -83.97
C ASP J 170 -20.63 104.13 -83.16
N LYS J 171 -21.88 104.52 -83.41
CA LYS J 171 -22.46 105.67 -82.72
C LYS J 171 -22.63 105.41 -81.23
N ASN J 172 -22.82 104.15 -80.85
CA ASN J 172 -23.07 103.79 -79.45
C ASN J 172 -21.78 103.63 -78.66
N THR J 173 -20.69 104.22 -79.14
CA THR J 173 -19.39 104.03 -78.51
C THR J 173 -19.41 104.53 -77.07
N THR J 174 -18.86 103.72 -76.17
CA THR J 174 -18.59 104.13 -74.80
C THR J 174 -17.15 103.80 -74.47
N TYR J 175 -16.61 104.53 -73.50
CA TYR J 175 -15.22 104.33 -73.13
C TYR J 175 -14.97 102.90 -72.67
N ARG J 176 -15.91 102.33 -71.92
CA ARG J 176 -15.77 100.94 -71.51
C ARG J 176 -15.82 100.01 -72.71
N ASP J 177 -16.81 100.20 -73.57
CA ASP J 177 -16.90 99.42 -74.80
C ASP J 177 -15.63 99.57 -75.62
N LEU J 178 -15.12 100.78 -75.72
CA LEU J 178 -13.90 101.01 -76.48
C LEU J 178 -12.75 100.21 -75.89
N ALA J 179 -12.51 100.36 -74.59
CA ALA J 179 -11.40 99.66 -73.95
C ALA J 179 -11.52 98.16 -74.16
N ASP J 180 -12.72 97.63 -74.02
CA ASP J 180 -12.93 96.20 -74.23
C ASP J 180 -12.58 95.80 -75.65
N LYS J 181 -13.06 96.57 -76.62
CA LYS J 181 -12.79 96.25 -78.02
C LYS J 181 -11.30 96.31 -78.30
N ILE J 182 -10.61 97.29 -77.73
CA ILE J 182 -9.18 97.39 -77.94
C ILE J 182 -8.47 96.17 -77.37
N ASN J 183 -8.75 95.84 -76.11
CA ASN J 183 -8.07 94.73 -75.46
C ASN J 183 -8.45 93.39 -76.08
N GLU J 184 -9.55 93.32 -76.81
CA GLU J 184 -9.96 92.07 -77.44
C GLU J 184 -9.38 91.93 -78.85
N ALA J 185 -9.58 92.94 -79.69
CA ALA J 185 -9.01 92.90 -81.04
C ALA J 185 -7.50 92.71 -80.96
N SER J 186 -6.82 93.58 -80.23
CA SER J 186 -5.43 93.36 -79.88
C SER J 186 -5.40 92.39 -78.72
N GLY J 187 -5.03 91.14 -79.01
CA GLY J 187 -5.15 90.09 -78.03
C GLY J 187 -4.13 90.24 -76.92
N GLY J 188 -4.30 91.28 -76.10
CA GLY J 188 -3.38 91.57 -75.03
C GLY J 188 -2.18 92.38 -75.43
N GLU J 189 -1.91 92.52 -76.73
CA GLU J 189 -0.75 93.30 -77.16
C GLU J 189 -0.90 94.76 -76.76
N ILE J 190 -2.10 95.30 -76.88
CA ILE J 190 -2.40 96.68 -76.52
C ILE J 190 -3.27 96.65 -75.27
N VAL J 191 -2.79 97.30 -74.22
CA VAL J 191 -3.50 97.34 -72.95
C VAL J 191 -4.41 98.56 -72.94
N ALA J 192 -5.66 98.33 -72.58
CA ALA J 192 -6.65 99.41 -72.46
C ALA J 192 -7.35 99.28 -71.12
N LYS J 193 -7.40 100.38 -70.38
CA LYS J 193 -8.03 100.36 -69.07
C LYS J 193 -8.44 101.77 -68.69
N ILE J 194 -9.56 101.87 -67.99
CA ILE J 194 -10.09 103.14 -67.52
C ILE J 194 -9.72 103.30 -66.06
N VAL J 195 -9.21 104.47 -65.71
CA VAL J 195 -8.80 104.78 -64.35
C VAL J 195 -9.65 105.94 -63.85
N ASN J 196 -10.28 105.74 -62.71
CA ASN J 196 -11.06 106.80 -62.09
C ASN J 196 -10.12 107.79 -61.44
N THR J 197 -9.80 108.86 -62.17
CA THR J 197 -8.88 109.86 -61.66
C THR J 197 -9.37 110.40 -60.32
N GLY J 198 -8.45 110.48 -59.37
CA GLY J 198 -8.80 110.92 -58.03
C GLY J 198 -8.95 112.42 -57.89
N GLU J 199 -9.85 113.00 -58.68
CA GLU J 199 -10.09 114.45 -58.65
C GLU J 199 -11.57 114.70 -58.43
N LYS J 200 -11.95 115.97 -58.46
CA LYS J 200 -13.30 116.36 -58.03
C LYS J 200 -14.35 115.96 -59.05
N GLY J 201 -14.02 116.04 -60.33
CA GLY J 201 -14.97 115.70 -61.37
C GLY J 201 -14.87 114.28 -61.90
N THR J 202 -14.24 113.37 -61.17
CA THR J 202 -13.96 112.01 -61.61
C THR J 202 -13.53 112.04 -63.09
N PRO J 203 -12.50 112.81 -63.41
CA PRO J 203 -12.08 112.97 -64.81
C PRO J 203 -11.43 111.70 -65.36
N TYR J 204 -12.28 110.74 -65.71
CA TYR J 204 -11.80 109.47 -66.24
C TYR J 204 -10.95 109.69 -67.48
N ARG J 205 -9.84 108.99 -67.56
CA ARG J 205 -9.01 108.97 -68.75
C ARG J 205 -8.63 107.54 -69.08
N LEU J 206 -8.60 107.24 -70.37
CA LEU J 206 -8.30 105.91 -70.86
C LEU J 206 -6.79 105.76 -70.96
N THR J 207 -6.25 104.72 -70.34
CA THR J 207 -4.82 104.45 -70.34
C THR J 207 -4.52 103.38 -71.36
N LEU J 208 -3.56 103.66 -72.24
CA LEU J 208 -3.17 102.75 -73.31
C LEU J 208 -1.67 102.56 -73.27
N THR J 209 -1.23 101.32 -73.05
CA THR J 209 0.18 101.00 -72.96
C THR J 209 0.47 99.74 -73.77
N SER J 210 1.75 99.57 -74.08
CA SER J 210 2.20 98.38 -74.79
C SER J 210 2.46 97.24 -73.82
N LYS J 211 2.16 96.02 -74.27
CA LYS J 211 2.42 94.86 -73.44
C LYS J 211 3.91 94.57 -73.35
N GLU J 212 4.67 94.92 -74.37
CA GLU J 212 6.10 94.66 -74.41
C GLU J 212 6.88 95.94 -74.10
N THR J 213 8.18 95.76 -73.86
CA THR J 213 9.09 96.85 -73.58
C THR J 213 10.12 96.95 -74.70
N GLY J 214 10.69 98.13 -74.84
CA GLY J 214 11.60 98.42 -75.91
C GLY J 214 10.98 99.37 -76.91
N GLU J 215 11.83 100.22 -77.50
CA GLU J 215 11.33 101.26 -78.39
C GLU J 215 10.55 100.67 -79.55
N ASP J 216 10.93 99.47 -80.00
CA ASP J 216 10.24 98.85 -81.13
C ASP J 216 8.76 98.63 -80.85
N SER J 217 8.36 98.58 -79.59
CA SER J 217 6.98 98.35 -79.22
C SER J 217 6.14 99.61 -79.33
N ALA J 218 6.63 100.64 -79.99
CA ALA J 218 5.87 101.87 -80.11
C ALA J 218 4.53 101.61 -80.79
N ILE J 219 3.50 102.28 -80.31
CA ILE J 219 2.14 102.11 -80.80
C ILE J 219 1.61 103.44 -81.30
N SER J 220 0.89 103.40 -82.41
CA SER J 220 0.19 104.56 -82.95
C SER J 220 -1.27 104.19 -83.10
N PHE J 221 -2.14 104.92 -82.42
CA PHE J 221 -3.57 104.67 -82.48
C PHE J 221 -4.13 105.58 -83.57
N TYR J 222 -4.42 104.98 -84.72
CA TYR J 222 -4.68 105.70 -85.96
C TYR J 222 -6.16 105.59 -86.34
N ALA J 223 -6.77 106.74 -86.61
CA ALA J 223 -8.17 106.80 -87.05
C ALA J 223 -8.17 106.91 -88.56
N GLY J 224 -8.30 105.77 -89.24
CA GLY J 224 -8.20 105.76 -90.70
C GLY J 224 -9.27 104.96 -91.41
N LYS J 225 -10.10 104.23 -90.68
CA LYS J 225 -11.10 103.35 -91.28
C LYS J 225 -10.43 102.35 -92.23
N LYS J 226 -9.43 101.64 -91.70
CA LYS J 226 -8.62 100.71 -92.48
C LYS J 226 -7.90 101.44 -93.62
N ASP J 227 -7.52 102.69 -93.36
CA ASP J 227 -6.72 103.43 -94.32
C ASP J 227 -5.33 102.83 -94.48
N ALA J 228 -4.93 101.95 -93.57
CA ALA J 228 -3.54 101.50 -93.53
C ALA J 228 -3.24 100.53 -94.66
N GLN J 229 -3.90 99.36 -94.66
CA GLN J 229 -3.72 98.41 -95.74
C GLN J 229 -5.00 97.72 -96.18
N GLY J 230 -6.13 97.93 -95.51
CA GLY J 230 -7.38 97.37 -95.99
C GLY J 230 -7.75 98.03 -97.30
N GLN J 231 -7.77 99.36 -97.29
CA GLN J 231 -7.95 100.17 -98.49
C GLN J 231 -7.66 101.60 -98.12
N TYR J 232 -6.91 102.29 -98.97
CA TYR J 232 -6.48 103.65 -98.66
C TYR J 232 -7.69 104.57 -98.52
N GLN J 233 -7.86 105.12 -97.32
CA GLN J 233 -8.91 106.09 -97.04
C GLN J 233 -8.37 107.49 -96.81
N SER J 234 -7.05 107.66 -96.79
CA SER J 234 -6.42 108.96 -96.60
C SER J 234 -6.89 109.64 -95.31
N ASP J 235 -6.86 108.86 -94.22
CA ASP J 235 -7.09 109.38 -92.88
C ASP J 235 -8.44 110.11 -92.77
N PRO J 236 -9.56 109.41 -92.87
CA PRO J 236 -10.86 110.06 -92.65
C PRO J 236 -10.99 110.56 -91.22
N GLU J 237 -11.72 111.65 -91.05
CA GLU J 237 -11.88 112.29 -89.75
C GLU J 237 -13.12 111.74 -89.04
N ALA J 238 -12.97 110.51 -88.53
CA ALA J 238 -13.99 109.96 -87.66
C ALA J 238 -14.07 110.83 -86.40
N GLU J 239 -15.20 111.50 -86.22
CA GLU J 239 -15.28 112.59 -85.26
C GLU J 239 -14.79 112.18 -83.87
N ASN J 240 -15.42 111.17 -83.28
CA ASN J 240 -15.18 110.87 -81.88
C ASN J 240 -13.73 110.52 -81.61
N ILE J 241 -13.20 109.52 -82.33
CA ILE J 241 -11.84 109.09 -82.08
C ILE J 241 -10.85 110.17 -82.49
N PHE J 242 -11.08 110.79 -83.64
CA PHE J 242 -10.21 111.86 -84.11
C PHE J 242 -10.20 113.05 -83.15
N SER J 243 -11.22 113.18 -82.29
CA SER J 243 -11.36 114.32 -81.41
C SER J 243 -11.05 114.01 -79.96
N ASN J 244 -10.95 112.73 -79.59
CA ASN J 244 -10.70 112.41 -78.20
C ASN J 244 -9.53 111.45 -77.98
N LEU J 245 -9.30 110.52 -78.93
CA LEU J 245 -8.38 109.42 -78.67
C LEU J 245 -7.45 109.15 -79.83
N GLY J 246 -6.94 110.19 -80.48
CA GLY J 246 -5.88 110.03 -81.44
C GLY J 246 -4.51 110.18 -80.78
N TRP J 247 -3.56 109.34 -81.21
CA TRP J 247 -2.34 109.12 -80.44
C TRP J 247 -1.09 109.17 -81.30
N GLU J 248 -0.96 110.21 -82.10
CA GLU J 248 0.35 110.64 -82.61
C GLU J 248 0.62 112.01 -82.04
N LEU J 249 1.65 112.09 -81.20
CA LEU J 249 1.76 113.18 -80.22
C LEU J 249 1.26 114.52 -80.75
N ASP J 250 1.77 114.94 -81.90
CA ASP J 250 1.46 116.27 -82.41
C ASP J 250 1.23 116.23 -83.91
N LYS J 251 0.54 115.21 -84.41
CA LYS J 251 0.35 115.04 -85.85
C LYS J 251 -1.11 115.27 -86.22
N THR J 252 -1.37 116.46 -86.75
CA THR J 252 -2.50 116.68 -87.65
C THR J 252 -2.03 116.80 -89.08
N THR J 253 -0.81 117.31 -89.27
CA THR J 253 -0.18 117.30 -90.58
C THR J 253 0.30 115.90 -90.91
N GLN J 254 0.19 115.52 -92.18
CA GLN J 254 0.54 114.18 -92.62
C GLN J 254 2.05 114.08 -92.75
N THR J 255 2.71 113.96 -91.59
CA THR J 255 4.15 113.73 -91.58
C THR J 255 4.47 112.28 -91.94
N ILE J 256 3.81 111.34 -91.25
CA ILE J 256 3.97 109.92 -91.52
C ILE J 256 2.85 109.49 -92.44
N ASP J 257 3.18 109.28 -93.70
CA ASP J 257 2.19 108.78 -94.64
C ASP J 257 1.78 107.36 -94.25
N PRO J 258 0.49 107.02 -94.29
CA PRO J 258 0.07 105.66 -93.95
C PRO J 258 0.52 104.66 -95.01
N ALA J 259 1.83 104.42 -95.06
CA ALA J 259 2.38 103.51 -96.04
C ALA J 259 1.94 102.09 -95.75
N LYS J 260 2.46 101.15 -96.54
CA LYS J 260 2.14 99.75 -96.32
C LYS J 260 2.92 99.18 -95.15
N ASP J 261 4.19 99.57 -95.02
CA ASP J 261 5.08 99.06 -93.98
C ASP J 261 5.21 100.08 -92.86
N LYS J 262 5.17 99.60 -91.62
CA LYS J 262 5.26 100.46 -90.45
C LYS J 262 4.29 101.63 -90.57
N LYS J 263 3.02 101.24 -90.53
CA LYS J 263 1.89 102.09 -90.84
C LYS J 263 1.53 103.02 -89.69
N GLY J 264 2.48 103.26 -88.79
CA GLY J 264 2.21 103.94 -87.54
C GLY J 264 2.07 105.44 -87.61
N TYR J 265 0.98 105.91 -88.22
CA TYR J 265 0.58 107.32 -88.11
C TYR J 265 -0.52 107.44 -87.04
N GLY J 266 -0.90 108.68 -86.77
CA GLY J 266 -2.01 108.90 -85.88
C GLY J 266 -2.42 110.36 -85.88
N ILE J 267 -2.98 110.79 -84.74
CA ILE J 267 -3.55 112.13 -84.61
C ILE J 267 -2.90 112.84 -83.43
N LYS J 268 -2.90 114.16 -83.51
CA LYS J 268 -2.45 115.05 -82.44
C LYS J 268 -3.43 115.13 -81.28
N ASP J 269 -4.46 114.28 -81.29
CA ASP J 269 -5.75 114.59 -80.67
C ASP J 269 -5.69 115.27 -79.30
N ALA J 270 -5.24 114.58 -78.27
CA ALA J 270 -5.51 115.02 -76.91
C ALA J 270 -4.26 115.28 -76.08
N SER J 271 -3.37 114.30 -75.94
CA SER J 271 -2.45 114.24 -74.81
C SER J 271 -1.02 114.54 -75.23
N LEU J 272 -0.18 114.70 -74.21
CA LEU J 272 1.27 114.64 -74.35
C LEU J 272 1.73 113.25 -73.92
N HIS J 273 2.64 112.66 -74.68
CA HIS J 273 3.08 111.30 -74.41
C HIS J 273 3.68 111.22 -73.01
N ILE J 274 3.29 110.18 -72.28
CA ILE J 274 3.57 110.10 -70.85
C ILE J 274 4.94 109.46 -70.61
N GLN J 275 5.08 108.20 -70.99
CA GLN J 275 6.31 107.46 -70.75
C GLN J 275 6.75 106.80 -72.03
N THR J 276 8.03 106.99 -72.36
CA THR J 276 8.58 106.47 -73.61
C THR J 276 9.18 105.10 -73.39
N ALA J 277 8.85 104.17 -74.29
CA ALA J 277 9.47 102.86 -74.27
C ALA J 277 10.97 102.99 -74.45
N GLN J 278 11.73 102.11 -73.81
CA GLN J 278 13.18 102.19 -73.82
C GLN J 278 13.77 100.80 -73.92
N ASN J 279 14.98 100.74 -74.47
CA ASN J 279 15.78 99.53 -74.45
C ASN J 279 16.79 99.62 -73.32
N ALA J 280 16.85 98.56 -72.52
CA ALA J 280 17.79 98.52 -71.42
C ALA J 280 19.20 98.72 -71.94
N GLU J 281 20.02 99.44 -71.18
CA GLU J 281 21.37 99.79 -71.58
C GLU J 281 22.37 99.15 -70.63
N PHE J 282 23.23 98.29 -71.17
CA PHE J 282 24.24 97.61 -70.40
C PHE J 282 25.63 97.97 -70.91
N THR J 283 26.62 97.71 -70.06
CA THR J 283 28.02 97.90 -70.40
C THR J 283 28.80 96.72 -69.86
N LEU J 284 29.11 95.76 -70.72
CA LEU J 284 29.84 94.56 -70.33
C LEU J 284 31.29 94.74 -70.76
N ASP J 285 32.16 95.00 -69.78
CA ASP J 285 33.59 95.13 -70.05
C ASP J 285 33.86 96.24 -71.04
N GLY J 286 33.09 97.32 -70.96
CA GLY J 286 33.25 98.43 -71.86
C GLY J 286 32.49 98.31 -73.16
N ILE J 287 31.67 97.27 -73.32
CA ILE J 287 30.90 97.06 -74.52
C ILE J 287 29.48 97.52 -74.26
N LYS J 288 29.03 98.50 -75.03
CA LYS J 288 27.67 98.97 -74.91
C LYS J 288 26.72 97.92 -75.46
N MET J 289 25.84 97.43 -74.60
CA MET J 289 24.89 96.38 -74.96
C MET J 289 23.47 96.85 -74.67
N PHE J 290 22.56 96.53 -75.57
CA PHE J 290 21.18 96.94 -75.46
C PHE J 290 20.27 95.77 -75.81
N ARG J 291 19.15 95.68 -75.11
CA ARG J 291 18.19 94.62 -75.34
C ARG J 291 16.80 95.21 -75.27
N SER J 292 15.83 94.38 -75.64
CA SER J 292 14.44 94.80 -75.60
C SER J 292 13.94 94.86 -74.16
N SER J 293 14.15 93.79 -73.39
CA SER J 293 13.61 93.67 -72.05
C SER J 293 14.73 93.74 -71.02
N ASN J 294 14.31 93.97 -69.77
CA ASN J 294 15.26 93.98 -68.66
C ASN J 294 15.90 92.62 -68.46
N THR J 295 15.25 91.56 -68.92
CA THR J 295 15.76 90.20 -68.76
C THR J 295 16.72 89.90 -69.91
N VAL J 296 17.98 89.67 -69.58
CA VAL J 296 19.00 89.31 -70.56
C VAL J 296 19.32 87.84 -70.35
N THR J 297 18.97 87.02 -71.35
CA THR J 297 19.18 85.59 -71.29
C THR J 297 20.34 85.12 -72.16
N ASP J 298 20.92 86.00 -72.96
CA ASP J 298 21.98 85.63 -73.89
C ASP J 298 23.33 86.22 -73.49
N LEU J 299 23.45 86.67 -72.25
CA LEU J 299 24.72 87.23 -71.79
C LEU J 299 25.85 86.23 -71.98
N GLY J 300 25.59 84.96 -71.67
CA GLY J 300 26.58 83.92 -71.82
C GLY J 300 25.91 82.56 -71.78
N VAL J 301 26.73 81.53 -71.88
CA VAL J 301 26.21 80.16 -71.89
C VAL J 301 25.77 79.78 -70.49
N GLY J 302 24.49 79.43 -70.35
CA GLY J 302 23.99 78.98 -69.07
C GLY J 302 23.89 80.05 -68.02
N MET J 303 23.87 81.32 -68.43
CA MET J 303 23.77 82.43 -67.51
C MET J 303 22.58 83.30 -67.88
N THR J 304 21.92 83.85 -66.87
CA THR J 304 20.76 84.70 -67.06
C THR J 304 20.91 85.93 -66.19
N LEU J 305 20.74 87.11 -66.79
CA LEU J 305 20.84 88.37 -66.08
C LEU J 305 19.48 89.02 -65.98
N THR J 306 19.14 89.47 -64.79
CA THR J 306 17.89 90.19 -64.53
C THR J 306 18.23 91.57 -64.00
N LEU J 307 17.56 92.58 -64.54
CA LEU J 307 17.87 93.97 -64.22
C LEU J 307 16.88 94.52 -63.21
N ASN J 308 17.40 95.30 -62.26
CA ASN J 308 16.58 95.98 -61.26
C ASN J 308 16.74 97.49 -61.32
N LYS J 309 17.97 98.00 -61.33
CA LYS J 309 18.21 99.42 -61.43
C LYS J 309 19.59 99.63 -62.05
N THR J 310 19.95 100.89 -62.29
CA THR J 310 21.21 101.21 -62.92
C THR J 310 22.34 101.21 -61.90
N GLY J 311 23.56 101.23 -62.41
CA GLY J 311 24.75 101.33 -61.59
C GLY J 311 25.84 100.44 -62.11
N GLU J 312 26.85 100.24 -61.27
CA GLU J 312 28.00 99.40 -61.57
C GLU J 312 27.99 98.18 -60.68
N ILE J 313 28.29 97.02 -61.26
CA ILE J 313 28.31 95.76 -60.55
C ILE J 313 29.52 94.97 -61.01
N ASN J 314 30.07 94.15 -60.12
CA ASN J 314 31.19 93.27 -60.44
C ASN J 314 30.86 91.87 -59.90
N PHE J 315 30.37 91.01 -60.79
CA PHE J 315 30.08 89.64 -60.44
C PHE J 315 31.33 88.78 -60.57
N ASP J 316 31.33 87.67 -59.84
CA ASP J 316 32.43 86.71 -59.89
C ASP J 316 31.88 85.31 -59.75
N VAL J 317 32.13 84.49 -60.76
CA VAL J 317 31.67 83.11 -60.77
C VAL J 317 32.75 82.24 -60.14
N GLN J 318 32.40 81.58 -59.04
CA GLN J 318 33.26 80.62 -58.39
C GLN J 318 32.61 79.26 -58.37
N GLN J 319 33.43 78.21 -58.38
CA GLN J 319 32.92 76.86 -58.31
C GLN J 319 32.45 76.56 -56.90
N ASP J 320 31.20 76.11 -56.78
CA ASP J 320 30.62 75.77 -55.49
C ASP J 320 30.84 74.28 -55.24
N PHE J 321 31.70 73.95 -54.28
CA PHE J 321 32.01 72.57 -53.94
C PHE J 321 31.81 72.31 -52.46
N GLU J 322 30.81 72.94 -51.86
CA GLU J 322 30.55 72.74 -50.44
C GLU J 322 29.99 71.36 -50.14
N GLY J 323 29.35 70.71 -51.11
CA GLY J 323 28.74 69.42 -50.87
C GLY J 323 29.73 68.32 -50.57
N VAL J 324 31.00 68.53 -50.85
CA VAL J 324 31.98 67.48 -50.62
C VAL J 324 32.09 67.18 -49.14
N THR J 325 31.95 68.19 -48.29
CA THR J 325 32.00 67.97 -46.85
C THR J 325 30.86 67.07 -46.41
N LYS J 326 29.64 67.37 -46.86
CA LYS J 326 28.51 66.52 -46.54
C LYS J 326 28.72 65.11 -47.07
N ALA J 327 29.29 65.00 -48.27
CA ALA J 327 29.56 63.69 -48.85
C ALA J 327 30.47 62.88 -47.94
N MET J 328 31.62 63.44 -47.58
CA MET J 328 32.57 62.72 -46.74
C MET J 328 31.93 62.38 -45.40
N GLN J 329 31.16 63.30 -44.84
CA GLN J 329 30.54 63.04 -43.55
C GLN J 329 29.58 61.87 -43.63
N ASP J 330 28.73 61.87 -44.66
CA ASP J 330 27.79 60.77 -44.83
C ASP J 330 28.53 59.45 -45.03
N LEU J 331 29.60 59.47 -45.81
CA LEU J 331 30.34 58.24 -46.08
C LEU J 331 30.93 57.69 -44.79
N VAL J 332 31.58 58.55 -44.01
CA VAL J 332 32.22 58.09 -42.80
C VAL J 332 31.17 57.60 -41.81
N ASP J 333 30.03 58.27 -41.76
CA ASP J 333 28.98 57.85 -40.83
C ASP J 333 28.45 56.48 -41.19
N ALA J 334 28.12 56.28 -42.47
CA ALA J 334 27.61 55.00 -42.91
C ALA J 334 28.63 53.90 -42.66
N TYR J 335 29.90 54.16 -42.96
CA TYR J 335 30.92 53.15 -42.75
C TYR J 335 31.06 52.82 -41.27
N ASN J 336 31.03 53.85 -40.42
CA ASN J 336 31.13 53.61 -38.99
C ASN J 336 30.00 52.72 -38.51
N ASP J 337 28.77 53.05 -38.93
CA ASP J 337 27.63 52.25 -38.49
C ASP J 337 27.73 50.82 -39.01
N LEU J 338 28.12 50.66 -40.27
CA LEU J 338 28.19 49.34 -40.87
C LEU J 338 29.23 48.48 -40.18
N VAL J 339 30.43 49.06 -39.95
CA VAL J 339 31.49 48.28 -39.33
C VAL J 339 31.16 47.99 -37.87
N THR J 340 30.45 48.91 -37.21
CA THR J 340 29.98 48.63 -35.87
C THR J 340 29.03 47.45 -35.86
N ASN J 341 28.09 47.43 -36.81
CA ASN J 341 27.16 46.31 -36.90
C ASN J 341 27.91 45.02 -37.17
N LEU J 342 28.92 45.06 -38.03
CA LEU J 342 29.66 43.85 -38.37
C LEU J 342 30.42 43.34 -37.16
N ASN J 343 31.12 44.23 -36.46
CA ASN J 343 31.82 43.83 -35.25
C ASN J 343 30.85 43.23 -34.25
N ALA J 344 29.75 43.93 -33.98
CA ALA J 344 28.74 43.39 -33.08
C ALA J 344 28.25 42.04 -33.56
N ALA J 345 28.28 41.81 -34.87
CA ALA J 345 27.88 40.51 -35.41
C ALA J 345 28.90 39.43 -35.06
N THR J 346 30.19 39.77 -35.11
CA THR J 346 31.24 38.83 -34.79
C THR J 346 32.13 39.34 -33.66
N ASP J 347 31.52 40.00 -32.68
CA ASP J 347 32.25 40.40 -31.48
C ASP J 347 32.18 39.29 -30.44
N TYR J 348 33.31 39.01 -29.81
CA TYR J 348 33.36 38.06 -28.71
C TYR J 348 32.84 38.72 -27.46
N ASN J 349 31.75 38.20 -26.91
CA ASN J 349 31.08 38.77 -25.76
C ASN J 349 31.36 37.89 -24.55
N SER J 350 32.06 38.45 -23.56
CA SER J 350 32.36 37.68 -22.36
C SER J 350 31.10 37.15 -21.69
N GLU J 351 29.95 37.76 -21.96
CA GLU J 351 28.69 37.18 -21.52
C GLU J 351 28.40 35.86 -22.22
N THR J 352 29.04 35.61 -23.36
CA THR J 352 28.95 34.37 -24.11
C THR J 352 27.58 34.15 -24.74
N GLY J 353 26.66 35.12 -24.60
CA GLY J 353 25.37 34.98 -25.22
C GLY J 353 25.43 35.13 -26.72
N THR J 354 26.31 36.00 -27.21
CA THR J 354 26.49 36.24 -28.63
C THR J 354 27.98 36.27 -29.00
N LYS J 355 28.79 35.53 -28.25
CA LYS J 355 30.23 35.50 -28.49
C LYS J 355 30.51 34.84 -29.83
N GLY J 356 30.88 35.64 -30.83
CA GLY J 356 31.16 35.14 -32.15
C GLY J 356 29.94 34.48 -32.78
N THR J 357 28.86 35.24 -32.89
CA THR J 357 27.63 34.69 -33.47
C THR J 357 27.89 34.12 -34.86
N LEU J 358 28.38 34.97 -35.77
CA LEU J 358 28.71 34.57 -37.12
C LEU J 358 30.19 34.27 -37.28
N GLN J 359 30.87 33.97 -36.17
CA GLN J 359 32.29 33.67 -36.24
C GLN J 359 32.53 32.46 -37.11
N GLY J 360 33.65 32.47 -37.82
CA GLY J 360 33.94 31.46 -38.82
C GLY J 360 33.51 31.84 -40.21
N ILE J 361 32.63 32.82 -40.35
CA ILE J 361 32.22 33.33 -41.65
C ILE J 361 33.26 34.36 -42.08
N SER J 362 34.06 33.99 -43.09
CA SER J 362 35.09 34.90 -43.57
C SER J 362 34.53 36.11 -44.27
N GLU J 363 33.24 36.12 -44.58
CA GLU J 363 32.63 37.23 -45.31
C GLU J 363 32.84 38.54 -44.58
N VAL J 364 32.52 38.57 -43.28
CA VAL J 364 32.55 39.81 -42.52
C VAL J 364 33.98 40.34 -42.44
N ASN J 365 34.93 39.47 -42.12
CA ASN J 365 36.31 39.90 -41.98
C ASN J 365 36.87 40.36 -43.32
N SER J 366 36.57 39.62 -44.38
CA SER J 366 37.00 40.02 -45.70
C SER J 366 36.45 41.40 -46.05
N ILE J 367 35.16 41.62 -45.80
CA ILE J 367 34.56 42.91 -46.10
C ILE J 367 35.28 44.02 -45.34
N ARG J 368 35.38 43.88 -44.03
CA ARG J 368 36.00 44.93 -43.22
C ARG J 368 37.41 45.23 -43.71
N SER J 369 38.22 44.18 -43.85
CA SER J 369 39.61 44.38 -44.27
C SER J 369 39.69 45.00 -45.66
N SER J 370 38.81 44.58 -46.56
CA SER J 370 38.90 45.05 -47.93
C SER J 370 38.51 46.51 -48.04
N ILE J 371 37.46 46.92 -47.32
CA ILE J 371 37.08 48.33 -47.36
C ILE J 371 38.14 49.17 -46.67
N LEU J 372 38.73 48.67 -45.59
CA LEU J 372 39.80 49.41 -44.95
C LEU J 372 40.99 49.58 -45.89
N ALA J 373 41.28 48.54 -46.67
CA ALA J 373 42.39 48.62 -47.61
C ALA J 373 42.09 49.63 -48.71
N ASP J 374 40.95 49.47 -49.38
CA ASP J 374 40.60 50.38 -50.45
C ASP J 374 40.58 51.82 -49.98
N LEU J 375 40.16 52.05 -48.72
CA LEU J 375 40.19 53.40 -48.19
C LEU J 375 41.61 53.85 -47.93
N PHE J 376 42.40 53.00 -47.27
CA PHE J 376 43.81 53.29 -47.09
C PHE J 376 44.59 53.20 -48.40
N ASP J 377 43.96 52.72 -49.47
CA ASP J 377 44.64 52.61 -50.75
C ASP J 377 44.85 53.99 -51.37
N SER J 378 45.83 54.06 -52.27
CA SER J 378 46.15 55.30 -52.97
C SER J 378 46.95 54.97 -54.21
N GLN J 379 47.32 56.01 -54.95
CA GLN J 379 48.11 55.88 -56.16
C GLN J 379 49.38 56.71 -56.04
N VAL J 380 50.34 56.41 -56.89
CA VAL J 380 51.63 57.09 -56.87
C VAL J 380 51.53 58.38 -57.67
N VAL J 381 52.18 59.42 -57.18
CA VAL J 381 52.18 60.71 -57.85
C VAL J 381 53.04 60.64 -59.10
N VAL J 397 47.72 63.61 -57.19
CA VAL J 397 47.60 62.23 -56.75
C VAL J 397 47.75 62.16 -55.24
N MET J 398 46.76 61.55 -54.58
CA MET J 398 46.77 61.44 -53.14
C MET J 398 47.69 60.30 -52.70
N LEU J 399 48.55 60.58 -51.73
CA LEU J 399 49.33 59.51 -51.13
C LEU J 399 48.48 58.68 -50.18
N SER J 400 47.44 59.28 -49.61
CA SER J 400 46.53 58.58 -48.71
C SER J 400 45.35 59.50 -48.47
N MET J 401 44.23 58.90 -48.03
CA MET J 401 43.05 59.70 -47.75
C MET J 401 43.32 60.78 -46.71
N GLN J 402 44.26 60.54 -45.81
CA GLN J 402 44.60 61.53 -44.80
C GLN J 402 45.23 62.76 -45.40
N ASP J 403 45.54 62.75 -46.70
CA ASP J 403 46.10 63.92 -47.34
C ASP J 403 45.11 65.08 -47.31
N PHE J 404 43.82 64.79 -47.39
CA PHE J 404 42.78 65.82 -47.39
C PHE J 404 41.94 65.76 -46.12
N GLY J 405 42.58 65.45 -45.00
CA GLY J 405 41.93 65.51 -43.72
C GLY J 405 41.10 64.29 -43.35
N LEU J 406 40.94 63.34 -44.26
CA LEU J 406 40.18 62.15 -43.92
C LEU J 406 41.02 61.27 -43.01
N SER J 407 40.89 61.49 -41.71
CA SER J 407 41.73 60.80 -40.73
C SER J 407 41.31 59.34 -40.62
N LEU J 408 41.92 58.48 -41.42
CA LEU J 408 41.57 57.08 -41.44
C LEU J 408 42.07 56.41 -40.16
N ASN J 409 41.23 56.36 -39.14
CA ASN J 409 41.60 55.80 -37.85
C ASN J 409 41.24 54.31 -37.82
N ASP J 410 41.27 53.71 -36.63
CA ASP J 410 40.89 52.32 -36.47
C ASP J 410 39.45 52.12 -36.95
N ALA J 411 39.07 50.85 -37.10
CA ALA J 411 37.73 50.52 -37.55
C ALA J 411 36.70 51.11 -36.61
N GLY J 412 35.79 51.91 -37.15
CA GLY J 412 34.74 52.53 -36.38
C GLY J 412 35.11 53.84 -35.73
N THR J 413 36.38 54.22 -35.76
CA THR J 413 36.84 55.48 -35.16
C THR J 413 37.27 56.48 -36.23
N LEU J 414 36.86 56.27 -37.48
CA LEU J 414 37.23 57.19 -38.54
C LEU J 414 36.66 58.57 -38.26
N SER J 415 37.43 59.59 -38.62
CA SER J 415 37.00 60.97 -38.45
C SER J 415 37.35 61.76 -39.71
N PHE J 416 36.54 62.77 -39.99
CA PHE J 416 36.69 63.60 -41.17
C PHE J 416 37.08 65.01 -40.74
N ASP J 417 38.34 65.34 -40.92
CA ASP J 417 38.85 66.67 -40.55
C ASP J 417 38.43 67.65 -41.65
N SER J 418 37.28 68.30 -41.46
CA SER J 418 36.76 69.20 -42.48
C SER J 418 37.74 70.31 -42.81
N SER J 419 38.49 70.78 -41.81
CA SER J 419 39.42 71.88 -42.03
C SER J 419 40.42 71.53 -43.12
N LYS J 420 41.10 70.40 -42.97
CA LYS J 420 42.15 70.05 -43.92
C LYS J 420 41.58 69.81 -45.31
N PHE J 421 40.47 69.10 -45.40
CA PHE J 421 39.86 68.87 -46.71
C PHE J 421 39.51 70.18 -47.39
N GLU J 422 38.76 71.04 -46.68
CA GLU J 422 38.37 72.32 -47.26
C GLU J 422 39.58 73.14 -47.68
N GLN J 423 40.60 73.18 -46.82
CA GLN J 423 41.78 73.99 -47.13
C GLN J 423 42.49 73.46 -48.36
N LYS J 424 42.81 72.17 -48.37
CA LYS J 424 43.55 71.59 -49.47
C LYS J 424 42.75 71.59 -50.77
N VAL J 425 41.43 71.66 -50.70
CA VAL J 425 40.64 71.74 -51.91
C VAL J 425 40.59 73.17 -52.42
N LYS J 426 40.42 74.13 -51.51
CA LYS J 426 40.42 75.52 -51.91
C LYS J 426 41.77 75.94 -52.45
N GLU J 427 42.84 75.33 -51.96
CA GLU J 427 44.17 75.65 -52.46
C GLU J 427 44.35 75.19 -53.89
N ASP J 428 43.86 73.99 -54.22
CA ASP J 428 43.99 73.44 -55.56
C ASP J 428 42.82 72.50 -55.80
N PRO J 429 41.68 73.03 -56.22
CA PRO J 429 40.54 72.16 -56.53
C PRO J 429 40.73 71.32 -57.77
N ASP J 430 41.68 71.68 -58.65
CA ASP J 430 41.83 70.97 -59.91
C ASP J 430 42.45 69.60 -59.72
N SER J 431 43.54 69.52 -58.96
CA SER J 431 44.15 68.22 -58.69
C SER J 431 43.17 67.30 -57.97
N THR J 432 42.45 67.84 -56.99
CA THR J 432 41.47 67.03 -56.26
C THR J 432 40.38 66.54 -57.19
N GLU J 433 39.83 67.44 -58.00
CA GLU J 433 38.76 67.06 -58.92
C GLU J 433 39.26 66.00 -59.90
N SER J 434 40.50 66.13 -60.36
CA SER J 434 41.06 65.14 -61.28
C SER J 434 41.17 63.78 -60.62
N PHE J 435 41.77 63.74 -59.42
CA PHE J 435 42.00 62.46 -58.77
C PHE J 435 40.69 61.80 -58.35
N PHE J 436 39.66 62.60 -58.05
CA PHE J 436 38.39 62.05 -57.64
C PHE J 436 37.44 61.83 -58.81
N SER J 437 37.77 62.35 -59.99
CA SER J 437 37.03 62.05 -61.21
C SER J 437 37.63 60.86 -61.94
N ASN J 438 38.90 60.54 -61.66
CA ASN J 438 39.41 59.24 -62.08
C ASN J 438 38.51 58.12 -61.63
N ILE J 439 37.74 58.35 -60.56
CA ILE J 439 36.70 57.40 -60.16
C ILE J 439 35.73 57.23 -61.32
N THR J 440 35.45 55.98 -61.65
CA THR J 440 34.50 55.67 -62.71
C THR J 440 33.60 54.52 -62.27
N GLU J 576 44.18 54.38 -67.24
CA GLU J 576 42.96 54.89 -66.60
C GLU J 576 43.25 55.36 -65.18
N GLY J 577 43.87 54.50 -64.39
CA GLY J 577 44.15 54.82 -63.00
C GLY J 577 42.87 55.15 -62.27
N LYS J 578 41.94 54.20 -62.23
CA LYS J 578 40.65 54.44 -61.62
C LYS J 578 40.81 54.96 -60.20
N GLY J 579 40.01 55.95 -59.85
CA GLY J 579 40.21 56.68 -58.63
C GLY J 579 39.91 55.84 -57.40
N ILE J 580 39.75 56.56 -56.29
CA ILE J 580 39.63 55.92 -54.98
C ILE J 580 38.30 55.18 -54.88
N PHE J 581 37.20 55.92 -54.95
CA PHE J 581 35.89 55.35 -54.69
C PHE J 581 35.43 54.40 -55.79
N SER J 582 36.09 54.42 -56.95
CA SER J 582 35.76 53.44 -57.98
C SER J 582 36.09 52.03 -57.49
N LYS J 583 37.22 51.88 -56.81
CA LYS J 583 37.58 50.57 -56.28
C LYS J 583 36.54 50.08 -55.29
N LEU J 584 35.98 50.99 -54.50
CA LEU J 584 34.91 50.61 -53.59
C LEU J 584 33.66 50.22 -54.36
N LYS J 585 33.32 51.00 -55.39
CA LYS J 585 32.14 50.65 -56.19
C LYS J 585 32.29 49.28 -56.81
N ALA J 586 33.52 48.87 -57.11
CA ALA J 586 33.74 47.55 -57.67
C ALA J 586 33.68 46.48 -56.59
N THR J 587 34.36 46.72 -55.47
CA THR J 587 34.45 45.72 -54.41
C THR J 587 33.09 45.43 -53.79
N LEU J 588 32.40 46.48 -53.35
CA LEU J 588 31.06 46.32 -52.82
C LEU J 588 30.12 45.72 -53.85
N GLN J 589 30.36 45.99 -55.13
CA GLN J 589 29.54 45.37 -56.17
C GLN J 589 29.75 43.86 -56.20
N GLU J 590 31.00 43.43 -56.17
CA GLU J 590 31.28 42.00 -56.16
C GLU J 590 30.69 41.34 -54.93
N MET J 591 30.69 42.04 -53.80
CA MET J 591 30.14 41.45 -52.58
C MET J 591 28.63 41.35 -52.64
N THR J 592 27.95 42.49 -52.80
CA THR J 592 26.50 42.54 -52.84
C THR J 592 25.92 42.02 -54.14
N GLY J 593 26.76 41.65 -55.10
CA GLY J 593 26.24 41.14 -56.35
C GLY J 593 25.40 39.90 -56.15
N LYS J 594 24.52 39.65 -57.12
CA LYS J 594 23.64 38.50 -57.03
C LYS J 594 24.43 37.20 -57.00
N ASP J 595 25.63 37.19 -57.59
CA ASP J 595 26.53 36.05 -57.54
C ASP J 595 27.70 36.31 -56.60
N GLY J 596 27.49 37.19 -55.62
CA GLY J 596 28.53 37.53 -54.67
C GLY J 596 28.53 36.62 -53.45
N SER J 597 29.57 36.80 -52.63
CA SER J 597 29.79 35.92 -51.50
C SER J 597 28.63 35.97 -50.52
N ILE J 598 28.09 37.16 -50.30
CA ILE J 598 26.95 37.30 -49.41
C ILE J 598 25.85 36.32 -49.80
N THR J 599 25.54 36.25 -51.09
CA THR J 599 24.56 35.31 -51.57
C THR J 599 25.00 33.86 -51.42
N LYS J 600 26.30 33.60 -51.45
CA LYS J 600 26.76 32.23 -51.24
C LYS J 600 26.44 31.76 -49.84
N TYR J 601 26.86 32.54 -48.84
CA TYR J 601 26.54 32.16 -47.47
C TYR J 601 25.03 32.11 -47.25
N ASP J 602 24.31 33.08 -47.82
CA ASP J 602 22.86 33.10 -47.66
C ASP J 602 22.23 31.84 -48.23
N GLU J 603 22.65 31.44 -49.42
CA GLU J 603 22.05 30.29 -50.08
C GLU J 603 22.40 29.00 -49.36
N SER J 604 23.64 28.90 -48.89
CA SER J 604 24.01 27.73 -48.10
C SER J 604 23.12 27.61 -46.88
N LEU J 605 22.97 28.71 -46.14
CA LEU J 605 22.15 28.66 -44.94
C LEU J 605 20.69 28.43 -45.27
N THR J 606 20.24 28.89 -46.43
CA THR J 606 18.85 28.72 -46.82
C THR J 606 18.56 27.27 -47.19
N ASN J 607 19.51 26.61 -47.84
CA ASN J 607 19.32 25.21 -48.19
C ASN J 607 19.47 24.31 -46.98
N ASP J 608 20.29 24.74 -46.01
CA ASP J 608 20.49 23.94 -44.82
C ASP J 608 19.18 23.67 -44.11
N ILE J 609 18.33 24.71 -43.99
CA ILE J 609 17.08 24.52 -43.29
C ILE J 609 16.15 23.63 -44.08
N LYS J 610 16.19 23.69 -45.42
CA LYS J 610 15.41 22.76 -46.21
C LYS J 610 15.77 21.32 -45.85
N SER J 611 17.06 20.99 -45.93
CA SER J 611 17.48 19.63 -45.65
C SER J 611 17.15 19.25 -44.21
N LEU J 612 17.27 20.20 -43.29
CA LEU J 612 17.00 19.91 -41.89
C LEU J 612 15.54 19.57 -41.69
N ASN J 613 14.64 20.39 -42.23
CA ASN J 613 13.23 20.11 -42.12
C ASN J 613 12.89 18.78 -42.74
N THR J 614 13.50 18.47 -43.88
CA THR J 614 13.21 17.22 -44.55
C THR J 614 13.59 16.03 -43.68
N SER J 615 14.81 16.04 -43.15
CA SER J 615 15.27 14.94 -42.32
C SER J 615 14.43 14.82 -41.05
N LYS J 616 14.12 15.96 -40.43
CA LYS J 616 13.30 15.94 -39.24
C LYS J 616 11.94 15.33 -39.54
N ASP J 617 11.37 15.65 -40.71
CA ASP J 617 10.08 15.10 -41.06
C ASP J 617 10.15 13.61 -41.32
N SER J 618 11.25 13.14 -41.90
CA SER J 618 11.42 11.71 -42.10
C SER J 618 11.40 10.98 -40.76
N THR J 619 12.23 11.43 -39.82
CA THR J 619 12.25 10.77 -38.53
C THR J 619 10.91 10.93 -37.82
N GLN J 620 10.23 12.05 -38.04
CA GLN J 620 8.91 12.23 -37.47
C GLN J 620 7.96 11.15 -37.96
N ALA J 621 7.99 10.90 -39.26
CA ALA J 621 7.20 9.80 -39.81
C ALA J 621 7.53 8.50 -39.12
N MET J 622 8.82 8.18 -39.02
CA MET J 622 9.21 6.94 -38.37
C MET J 622 8.66 6.87 -36.95
N ILE J 623 8.59 8.01 -36.27
CA ILE J 623 8.12 8.03 -34.89
C ILE J 623 6.71 7.47 -34.81
N ASP J 624 5.76 8.15 -35.46
CA ASP J 624 4.38 7.74 -35.34
C ASP J 624 4.15 6.39 -36.01
N THR J 625 5.04 6.00 -36.92
CA THR J 625 4.89 4.69 -37.54
C THR J 625 4.78 3.60 -36.49
N ARG J 626 5.68 3.62 -35.51
CA ARG J 626 5.66 2.60 -34.47
C ARG J 626 4.39 2.69 -33.63
N TYR J 627 4.09 3.89 -33.14
CA TYR J 627 3.02 4.04 -32.18
C TYR J 627 1.65 3.79 -32.79
N ASP J 628 1.52 3.91 -34.10
CA ASP J 628 0.27 3.53 -34.75
C ASP J 628 0.01 2.03 -34.59
N THR J 629 1.02 1.22 -34.91
CA THR J 629 0.90 -0.21 -34.69
C THR J 629 0.67 -0.50 -33.21
N MET J 630 1.32 0.26 -32.34
CA MET J 630 1.11 0.04 -30.91
C MET J 630 -0.33 0.30 -30.52
N ALA J 631 -0.94 1.33 -31.10
CA ALA J 631 -2.35 1.60 -30.86
C ALA J 631 -3.20 0.43 -31.33
N ASN J 632 -2.87 -0.09 -32.51
CA ASN J 632 -3.58 -1.27 -32.99
C ASN J 632 -3.46 -2.42 -32.00
N GLN J 633 -2.27 -2.58 -31.42
CA GLN J 633 -2.08 -3.65 -30.44
C GLN J 633 -2.93 -3.41 -29.20
N TRP J 634 -3.02 -2.15 -28.78
CA TRP J 634 -3.80 -1.82 -27.60
C TRP J 634 -5.26 -2.20 -27.81
N LEU J 635 -5.84 -1.75 -28.92
CA LEU J 635 -7.21 -2.13 -29.20
C LEU J 635 -7.33 -3.63 -29.40
N GLN J 636 -6.27 -4.27 -29.90
CA GLN J 636 -6.29 -5.70 -30.12
C GLN J 636 -6.49 -6.42 -28.80
N TYR J 637 -5.66 -6.11 -27.82
CA TYR J 637 -5.82 -6.78 -26.53
C TYR J 637 -7.04 -6.27 -25.81
N GLU J 638 -7.53 -5.08 -26.15
CA GLU J 638 -8.82 -4.69 -25.60
C GLU J 638 -9.89 -5.67 -26.06
N SER J 639 -9.86 -6.01 -27.33
CA SER J 639 -10.83 -6.97 -27.86
C SER J 639 -10.60 -8.35 -27.25
N ILE J 640 -9.34 -8.73 -27.05
CA ILE J 640 -9.06 -10.05 -26.52
C ILE J 640 -9.47 -10.15 -25.07
N LEU J 641 -9.21 -9.10 -24.30
CA LEU J 641 -9.62 -9.09 -22.91
C LEU J 641 -11.12 -8.93 -22.80
N ASN J 642 -11.75 -8.36 -23.82
CA ASN J 642 -13.20 -8.38 -23.85
C ASN J 642 -13.70 -9.78 -24.12
N LYS J 643 -13.02 -10.51 -25.01
CA LYS J 643 -13.39 -11.89 -25.24
C LYS J 643 -13.25 -12.70 -23.97
N LEU J 644 -12.14 -12.52 -23.26
CA LEU J 644 -11.90 -13.31 -22.06
C LEU J 644 -12.78 -12.85 -20.91
N ASN J 645 -13.08 -11.56 -20.83
CA ASN J 645 -13.96 -11.10 -19.77
C ASN J 645 -15.37 -11.55 -20.02
N GLN J 646 -15.81 -11.48 -21.27
CA GLN J 646 -17.13 -11.98 -21.62
C GLN J 646 -17.21 -13.48 -21.45
N GLN J 647 -16.09 -14.18 -21.65
CA GLN J 647 -16.10 -15.63 -21.51
C GLN J 647 -15.98 -16.03 -20.05
N LEU J 648 -15.32 -15.21 -19.26
CA LEU J 648 -15.33 -15.41 -17.82
C LEU J 648 -16.73 -15.16 -17.28
N ASN J 649 -17.40 -14.13 -17.79
CA ASN J 649 -18.80 -13.92 -17.48
C ASN J 649 -19.66 -15.02 -18.06
N THR J 650 -19.19 -15.67 -19.11
CA THR J 650 -19.96 -16.75 -19.72
C THR J 650 -19.89 -18.00 -18.87
N VAL J 651 -18.68 -18.37 -18.45
CA VAL J 651 -18.53 -19.48 -17.52
C VAL J 651 -19.15 -19.14 -16.18
N THR J 652 -19.19 -17.84 -15.83
CA THR J 652 -19.86 -17.43 -14.60
C THR J 652 -21.37 -17.50 -14.76
N ASN J 653 -21.87 -17.23 -15.97
CA ASN J 653 -23.28 -17.38 -16.26
C ASN J 653 -23.68 -18.85 -16.24
N MET J 654 -22.76 -19.72 -16.65
CA MET J 654 -23.00 -21.16 -16.57
C MET J 654 -22.88 -21.65 -15.13
N ILE J 655 -21.95 -21.05 -14.37
CA ILE J 655 -21.80 -21.36 -12.96
C ILE J 655 -23.07 -21.01 -12.20
N ASN J 656 -23.64 -19.85 -12.51
CA ASN J 656 -24.90 -19.44 -11.88
C ASN J 656 -26.06 -20.26 -12.42
N ALA J 657 -26.08 -20.48 -13.74
CA ALA J 657 -27.15 -21.25 -14.37
C ALA J 657 -26.95 -22.73 -14.13
N ALA J 658 -25.81 -23.27 -14.57
CA ALA J 658 -25.52 -24.68 -14.40
C ALA J 658 -24.76 -24.92 -13.10
#